data_9NBD
#
_entry.id   9NBD
#
_cell.length_a   1.00
_cell.length_b   1.00
_cell.length_c   1.00
_cell.angle_alpha   90.00
_cell.angle_beta   90.00
_cell.angle_gamma   90.00
#
_symmetry.space_group_name_H-M   'P 1'
#
loop_
_entity.id
_entity.type
_entity.pdbx_description
1 polymer 'AUGMIN subunit 1'
2 polymer 'AUGMIN subunit 4'
3 polymer 'AUGMIN subunit 5'
4 polymer 'AUGMIN subunit 3'
#
loop_
_entity_poly.entity_id
_entity_poly.type
_entity_poly.pdbx_seq_one_letter_code
_entity_poly.pdbx_strand_id
1 'polypeptide(L)'
;MSDVTGDLAAVSEAKGGSDAARISEVKAWLTSQFEAVGKEVPNFEYTHRSITHLYNLATASQAKSQAATIVANDFRLKAS
EYRAQAARIREILESAGMSQESLPSNVVSSAQVLANVANLLNIRDTELSSFLVAMGDISLRKTGVEEKRAKAQKESNALL
DYTRKAIQRLTYLKKILAQLEDDVVPCESQMENWKTNLEVMAVKEEQYIQQYKKYEMLLNRVGYTPKISHRELVEMAEHR
KELDKMTKPVLDTLRSYQDLPPDKALAALAIEDKKRQFTAAEKYLEEVLQSALETNDE
;
A,M
2 'polypeptide(L)'
;MVKALQGAAQNLPADVNQLIDQLERHCLAPDGSLVTKSVYSDLQLAREEMSRERLRYLEAMAIYCEAVAMVEEYQQAISV
ANHGGIRDVQGLYPQLGLKNSPQVYETLEHRLVVAEAAQKLRLPLISDGGEIHEEEIEKWSILSRSSLDSASTSFTISST
SNSVNYANSSANSVAGGISLSAVDTDVVGGVPNRFLGITPAYLSYVQLQNTISMDMADYQMFLAREIEGRLKEKCDKLAD
AIVDDTDSSTGNRNSSARLPERVKFIIEEIERDEAALREDLYSADRKFAEYYNVLEQILGVLIKLVKDLKLEHQHKYNEM
QKTWLCKRCETMNAKLRVLENVLLLETYTPDSISALHNIRNYLVEATEEASAAYNKAVTRLREYQGVDPHFDTIARQYHD
IVKKLENMQWTIHQVEMDLKSHD
;
D,N
3 'polypeptide(L)'
;MQSLSSSAPTPEAILEWLQKEMGYRQLGPYNGSSKSHVPSIDAIRKICRGNMIPIWNFLINRVKSEKTVERIRRNITVHG
GSSNASIGSSVNPGKEESKSKGRRKDKTVTGESSSYAEDREAALQERELAAKEVERLRNIVRRQRKDLKARMLEVSREEA
ERKRMLDERANYRHKQALLEAYDQQCDEATRIFAEYHKRLQVYVNQANDAQRSVNSSNEVLSSLSANSEREAVYSTVKGT
KSADDVILMETTRERNIRIVCDLLASRMIERIRNSFPAYEGNGICSLPELETAKLGFEYDGEITDEMKTVIVNSLRGPPL
LLQAIAAYTLRIKTLISREMEKIDVRADAEMLRYKFENNRVTDNSSSDVSSPSNNQLLERQKAHVQQFLATEDALNKAAE
ARDLCHKFINRLHGSADTATHSFVGGTTQSGSNLRQFELDVWGKEREAAGLRASLNTLLSEIQRLNKLCAERKEAEDSLK
KKWKKIEEFDARRSELETIYTTLLKANMDAVAFWNQQPLAAREYASATVIPASEVVVDISNSAKDFIEKEVSAFFQSPDN
SLYMLPATPQGLARDPSAIPSICRISAALQYPAGLEGSDASLASVLESLEFCLRVRGSEACVLEDLAKAIDLVHIRQDLV
ESGHSLLDHAFRAQQKYERTTNYCLDLASEQENTISDQWLPELRTAVQNAQASSEHCKYVRGLLDEWWEQPASTVVDWVT
VDGQSVAAWQNHVKQLLAFYDKESLRT
;
E,O
4 'polypeptide(L)'
;MSSARLCSLVAELGYEGAGKLDPDSFEWPFQYDDARPILDWICSSLRPSNVLSLAELSLYEQFQRDGKLLEGDDLDQAYD
SISAFSSRRNNQEAVFGAEESIKEVRDATLAHKAEALELQRQLRRLQTQYDLLTGQSSALIQGRRARVAATSAVSGQITA
IEDSLSARNLQMNGVLGRLASTSQELAHYHSGEEDGIYLAYSDFHAYLAGDSACTKELNQWFAKQLDTGPYRLVAEEGKS
KCSWVSLDDTSNMLRDLEKSQHQRVAELQRLRSIFGTSERQWIEAQVENAKQQAILLTLKSQVTSVEAHIHFDLHSLRRK
HADLVEEISTLYQKEEKLLSETIPELCWELAQLQDTYILQGDYDLKVMRQELYISKQKVFINHLVNQLARHQFLKLACQL
EKKNMLGAFSLLKVIESELQGYLSATRSRVGRCSALIQAASDVQEQGAVDDRDSFLHGVRDLLSIHSNTQAGLSTYVSAP
AIIQQIVALQSDLSSLQSDLENSLPDDRNRCINELCTHIQNLQQLLFASSTTAQPILTPWPLMKELDEMGKINSKLSTAV
EEVTLEHRNKREIVKHHAKDVELQRRVFVDFFCNPERLRNQVRELNALVRARQASSS
;
C,P
#
# COMPACT_ATOMS: atom_id res chain seq x y z
N ASP A 19 -4.44 -26.59 -51.37
CA ASP A 19 -3.51 -27.67 -51.68
C ASP A 19 -2.32 -27.16 -52.49
N ALA A 20 -2.47 -25.96 -53.06
CA ALA A 20 -1.51 -25.47 -54.04
C ALA A 20 -0.10 -25.34 -53.45
N ALA A 21 0.01 -24.81 -52.23
CA ALA A 21 1.32 -24.59 -51.64
C ALA A 21 2.07 -25.91 -51.44
N ARG A 22 1.38 -26.93 -50.95
CA ARG A 22 2.03 -28.21 -50.70
C ARG A 22 2.10 -29.08 -51.95
N ILE A 23 1.05 -29.07 -52.78
CA ILE A 23 1.07 -29.90 -53.98
C ILE A 23 2.21 -29.48 -54.91
N SER A 24 2.61 -28.20 -54.86
CA SER A 24 3.78 -27.78 -55.62
C SER A 24 5.02 -28.53 -55.15
N GLU A 25 5.17 -28.70 -53.84
CA GLU A 25 6.21 -29.57 -53.30
C GLU A 25 5.89 -31.05 -53.47
N VAL A 26 4.66 -31.40 -53.82
CA VAL A 26 4.23 -32.78 -53.91
C VAL A 26 4.08 -33.25 -55.35
N LYS A 27 3.43 -32.46 -56.21
CA LYS A 27 3.11 -32.95 -57.55
C LYS A 27 4.36 -33.33 -58.32
N ALA A 28 5.51 -32.73 -57.99
CA ALA A 28 6.78 -33.23 -58.51
C ALA A 28 7.12 -34.58 -57.89
N TRP A 29 6.98 -34.69 -56.57
CA TRP A 29 7.20 -35.98 -55.91
C TRP A 29 6.05 -36.95 -56.16
N LEU A 30 4.85 -36.42 -56.42
CA LEU A 30 3.68 -37.27 -56.64
C LEU A 30 3.82 -38.11 -57.91
N THR A 31 4.69 -37.71 -58.84
CA THR A 31 4.92 -38.51 -60.02
C THR A 31 5.49 -39.87 -59.67
N SER A 32 6.20 -39.97 -58.54
CA SER A 32 6.72 -41.24 -58.03
C SER A 32 6.09 -41.60 -56.69
N GLN A 33 4.91 -41.05 -56.39
CA GLN A 33 4.25 -41.27 -55.11
C GLN A 33 2.77 -41.56 -55.33
N PHE A 34 2.48 -42.47 -56.26
CA PHE A 34 1.09 -42.81 -56.57
C PHE A 34 0.36 -43.36 -55.36
N GLU A 35 0.95 -44.35 -54.69
CA GLU A 35 0.36 -44.88 -53.47
C GLU A 35 0.52 -43.90 -52.31
N ALA A 36 1.55 -43.06 -52.35
CA ALA A 36 1.77 -42.06 -51.31
C ALA A 36 0.96 -40.79 -51.52
N VAL A 37 0.01 -40.80 -52.45
CA VAL A 37 -0.94 -39.68 -52.54
C VAL A 37 -1.76 -39.60 -51.26
N GLY A 38 -2.18 -40.75 -50.73
CA GLY A 38 -2.98 -40.79 -49.53
C GLY A 38 -2.30 -40.29 -48.28
N LYS A 39 -0.98 -40.11 -48.31
CA LYS A 39 -0.26 -39.52 -47.19
C LYS A 39 0.14 -38.07 -47.45
N GLU A 40 0.27 -37.66 -48.70
CA GLU A 40 0.50 -36.26 -49.03
C GLU A 40 -0.77 -35.46 -49.20
N VAL A 41 -1.91 -36.13 -49.43
CA VAL A 41 -3.20 -35.43 -49.36
C VAL A 41 -3.43 -34.83 -47.99
N PRO A 42 -3.14 -35.52 -46.87
CA PRO A 42 -3.16 -34.82 -45.58
C PRO A 42 -2.21 -33.63 -45.53
N ASN A 43 -1.09 -33.70 -46.25
CA ASN A 43 -0.20 -32.55 -46.34
C ASN A 43 -0.78 -31.42 -47.18
N PHE A 44 -1.75 -31.73 -48.05
CA PHE A 44 -2.33 -30.70 -48.91
C PHE A 44 -3.08 -29.65 -48.11
N GLU A 45 -3.80 -30.06 -47.06
CA GLU A 45 -4.62 -29.10 -46.32
C GLU A 45 -3.78 -28.08 -45.58
N TYR A 46 -2.49 -28.35 -45.35
CA TYR A 46 -1.65 -27.32 -44.76
C TYR A 46 -1.61 -26.07 -45.62
N THR A 47 -1.93 -26.20 -46.91
CA THR A 47 -2.06 -25.02 -47.77
C THR A 47 -3.24 -24.14 -47.34
N HIS A 48 -4.37 -24.74 -46.97
CA HIS A 48 -5.56 -23.93 -46.70
C HIS A 48 -5.37 -23.06 -45.47
N ARG A 49 -4.32 -23.31 -44.68
CA ARG A 49 -3.93 -22.36 -43.64
C ARG A 49 -3.60 -21.01 -44.25
N SER A 50 -2.90 -21.01 -45.38
CA SER A 50 -2.47 -19.79 -46.05
C SER A 50 -3.47 -19.29 -47.09
N ILE A 51 -4.76 -19.59 -46.91
CA ILE A 51 -5.77 -19.09 -47.84
C ILE A 51 -5.82 -17.57 -47.83
N THR A 52 -5.75 -16.97 -46.64
CA THR A 52 -5.71 -15.52 -46.55
C THR A 52 -4.46 -14.97 -47.22
N HIS A 53 -3.31 -15.61 -47.00
CA HIS A 53 -2.10 -15.21 -47.70
C HIS A 53 -2.19 -15.52 -49.19
N LEU A 54 -2.95 -16.54 -49.57
CA LEU A 54 -3.07 -16.93 -50.97
C LEU A 54 -3.66 -15.82 -51.83
N TYR A 55 -4.32 -14.84 -51.21
CA TYR A 55 -4.75 -13.66 -51.94
C TYR A 55 -3.58 -12.98 -52.63
N ASN A 56 -2.39 -13.05 -52.01
CA ASN A 56 -1.16 -12.55 -52.62
C ASN A 56 -0.07 -13.61 -52.66
N LEU A 57 -0.39 -14.89 -52.38
CA LEU A 57 0.58 -15.97 -52.43
C LEU A 57 0.22 -17.02 -53.47
N ALA A 58 -0.86 -16.83 -54.23
CA ALA A 58 -1.24 -17.82 -55.23
C ALA A 58 -0.27 -17.83 -56.41
N THR A 59 0.30 -16.67 -56.76
CA THR A 59 1.22 -16.61 -57.89
C THR A 59 2.47 -17.46 -57.63
N ALA A 60 3.02 -17.38 -56.42
CA ALA A 60 4.22 -18.13 -56.06
C ALA A 60 3.90 -19.44 -55.36
N SER A 61 2.63 -19.79 -55.19
CA SER A 61 2.29 -21.08 -54.60
C SER A 61 2.78 -22.23 -55.47
N GLN A 62 2.41 -22.21 -56.74
CA GLN A 62 2.99 -23.15 -57.70
C GLN A 62 4.40 -22.73 -58.11
N ALA A 63 4.65 -21.42 -58.19
CA ALA A 63 5.98 -20.91 -58.50
C ALA A 63 6.83 -20.90 -57.24
N LYS A 64 6.89 -22.04 -56.56
CA LYS A 64 7.69 -22.21 -55.35
C LYS A 64 8.76 -23.29 -55.51
N SER A 65 8.39 -24.44 -56.06
CA SER A 65 9.34 -25.53 -56.31
C SER A 65 9.46 -25.87 -57.78
N GLN A 66 8.34 -26.16 -58.45
CA GLN A 66 8.39 -26.63 -59.83
C GLN A 66 8.22 -25.49 -60.83
N ALA A 67 7.25 -24.60 -60.61
CA ALA A 67 7.13 -23.42 -61.45
C ALA A 67 8.11 -22.33 -61.05
N ALA A 68 8.85 -22.51 -59.95
CA ALA A 68 9.95 -21.63 -59.61
C ALA A 68 11.26 -22.09 -60.23
N THR A 69 11.41 -23.38 -60.49
CA THR A 69 12.61 -23.91 -61.14
C THR A 69 12.53 -23.83 -62.66
N ILE A 70 11.53 -23.13 -63.20
CA ILE A 70 11.44 -22.91 -64.63
C ILE A 70 11.66 -21.45 -64.99
N VAL A 71 11.12 -20.52 -64.20
CA VAL A 71 11.26 -19.10 -64.48
C VAL A 71 11.68 -18.27 -63.27
N ALA A 72 11.51 -18.75 -62.04
CA ALA A 72 11.66 -17.91 -60.86
C ALA A 72 13.02 -18.06 -60.19
N ASN A 73 13.39 -19.27 -59.79
CA ASN A 73 14.63 -19.48 -59.05
C ASN A 73 15.73 -20.12 -59.89
N ASP A 74 15.43 -21.23 -60.56
CA ASP A 74 16.41 -21.82 -61.46
C ASP A 74 16.77 -20.85 -62.57
N PHE A 75 15.77 -20.15 -63.11
CA PHE A 75 16.04 -19.14 -64.13
C PHE A 75 16.16 -17.74 -63.53
N ARG A 76 15.08 -17.24 -62.93
CA ARG A 76 14.95 -15.80 -62.69
C ARG A 76 15.27 -15.03 -63.98
N LEU A 77 15.02 -15.69 -65.11
CA LEU A 77 15.30 -15.29 -66.49
C LEU A 77 16.77 -15.44 -66.87
N LYS A 78 17.69 -15.77 -65.96
CA LYS A 78 19.10 -15.82 -66.34
C LYS A 78 19.36 -16.95 -67.33
N ALA A 79 18.78 -18.13 -67.08
CA ALA A 79 19.03 -19.27 -67.97
C ALA A 79 18.34 -19.14 -69.30
N SER A 80 17.46 -18.15 -69.47
CA SER A 80 16.76 -17.97 -70.73
C SER A 80 17.73 -17.70 -71.88
N GLU A 81 18.74 -16.86 -71.65
CA GLU A 81 19.72 -16.58 -72.69
C GLU A 81 20.85 -17.59 -72.71
N TYR A 82 21.10 -18.28 -71.61
CA TYR A 82 22.27 -19.15 -71.53
C TYR A 82 22.20 -20.30 -72.53
N ARG A 83 21.00 -20.62 -73.02
CA ARG A 83 20.89 -21.47 -74.19
C ARG A 83 21.19 -20.69 -75.47
N ALA A 84 20.74 -19.44 -75.52
CA ALA A 84 20.69 -18.67 -76.76
C ALA A 84 22.07 -18.43 -77.36
N GLN A 85 23.08 -18.18 -76.54
CA GLN A 85 24.41 -17.89 -77.06
C GLN A 85 24.99 -19.06 -77.83
N ALA A 86 24.98 -20.25 -77.23
CA ALA A 86 25.74 -21.38 -77.76
C ALA A 86 25.45 -21.69 -79.23
N ALA A 87 24.39 -21.09 -79.81
CA ALA A 87 24.06 -21.37 -81.21
C ALA A 87 25.21 -21.05 -82.13
N ARG A 88 25.62 -19.77 -82.19
CA ARG A 88 26.70 -19.37 -83.08
C ARG A 88 28.01 -20.04 -82.69
N ILE A 89 28.26 -20.13 -81.38
CA ILE A 89 29.39 -20.87 -80.82
C ILE A 89 29.47 -22.31 -81.34
N ARG A 90 28.33 -22.92 -81.64
CA ARG A 90 28.36 -24.26 -82.21
C ARG A 90 29.12 -24.30 -83.52
N GLU A 91 29.09 -23.21 -84.29
CA GLU A 91 29.75 -23.19 -85.59
C GLU A 91 31.27 -23.31 -85.43
N ILE A 92 31.86 -22.50 -84.55
CA ILE A 92 33.28 -22.66 -84.26
C ILE A 92 33.55 -24.03 -83.67
N LEU A 93 32.62 -24.52 -82.85
CA LEU A 93 32.74 -25.88 -82.34
C LEU A 93 32.67 -26.90 -83.47
N GLU A 94 31.66 -26.79 -84.33
CA GLU A 94 31.49 -27.78 -85.40
C GLU A 94 32.51 -27.61 -86.51
N SER A 95 33.03 -26.39 -86.70
CA SER A 95 34.14 -26.21 -87.64
C SER A 95 35.33 -27.05 -87.21
N ALA A 96 35.61 -27.10 -85.91
CA ALA A 96 36.50 -28.08 -85.34
C ALA A 96 35.78 -29.37 -84.93
N GLY A 97 34.45 -29.40 -85.07
CA GLY A 97 33.67 -30.59 -84.78
C GLY A 97 33.60 -31.54 -85.96
N MET A 98 33.33 -31.00 -87.15
CA MET A 98 33.54 -31.78 -88.36
C MET A 98 34.99 -32.18 -88.51
N SER A 99 35.89 -31.48 -87.83
CA SER A 99 37.26 -31.94 -87.64
C SER A 99 37.27 -33.08 -86.65
N GLN A 100 37.14 -34.32 -87.15
CA GLN A 100 37.07 -35.48 -86.26
C GLN A 100 38.30 -35.62 -85.38
N GLU A 101 39.43 -35.03 -85.79
CA GLU A 101 40.63 -35.01 -84.98
C GLU A 101 40.74 -33.77 -84.12
N SER A 102 39.75 -32.88 -84.15
CA SER A 102 39.76 -31.67 -83.33
C SER A 102 38.51 -31.48 -82.48
N LEU A 103 37.43 -32.23 -82.73
CA LEU A 103 36.28 -32.15 -81.84
C LEU A 103 36.60 -32.51 -80.39
N PRO A 104 37.23 -33.66 -80.09
CA PRO A 104 37.54 -33.95 -78.68
C PRO A 104 38.80 -33.25 -78.21
N SER A 105 39.72 -32.99 -79.15
CA SER A 105 41.01 -32.42 -78.79
C SER A 105 40.94 -30.93 -78.50
N ASN A 106 40.08 -30.18 -79.21
CA ASN A 106 40.09 -28.73 -79.10
C ASN A 106 38.81 -28.17 -78.50
N VAL A 107 37.65 -28.41 -79.12
CA VAL A 107 36.45 -27.70 -78.69
C VAL A 107 35.80 -28.39 -77.51
N VAL A 108 35.81 -29.73 -77.48
CA VAL A 108 35.33 -30.44 -76.29
C VAL A 108 36.28 -30.23 -75.12
N SER A 109 37.58 -30.19 -75.40
CA SER A 109 38.60 -30.10 -74.36
C SER A 109 38.85 -28.68 -73.89
N SER A 110 38.21 -27.68 -74.47
CA SER A 110 38.38 -26.30 -74.01
C SER A 110 37.08 -25.58 -73.71
N ALA A 111 36.02 -25.83 -74.49
CA ALA A 111 34.76 -25.17 -74.21
C ALA A 111 34.07 -25.79 -73.00
N GLN A 112 34.13 -27.11 -72.87
CA GLN A 112 33.40 -27.83 -71.83
C GLN A 112 34.19 -28.03 -70.54
N VAL A 113 35.49 -27.72 -70.51
CA VAL A 113 36.25 -27.90 -69.28
C VAL A 113 35.81 -26.90 -68.23
N LEU A 114 35.49 -25.67 -68.64
CA LEU A 114 34.92 -24.70 -67.73
C LEU A 114 33.40 -24.71 -67.78
N ALA A 115 32.80 -25.68 -68.47
CA ALA A 115 31.35 -25.79 -68.61
C ALA A 115 30.77 -26.99 -67.89
N ASN A 116 31.60 -27.91 -67.42
CA ASN A 116 31.08 -29.17 -66.87
C ASN A 116 30.62 -29.02 -65.43
N VAL A 117 31.53 -28.65 -64.53
CA VAL A 117 31.24 -28.70 -63.10
C VAL A 117 31.54 -27.36 -62.43
N ALA A 118 32.44 -26.58 -63.01
CA ALA A 118 33.04 -25.47 -62.28
C ALA A 118 32.14 -24.24 -62.22
N ASN A 119 31.81 -23.67 -63.38
CA ASN A 119 31.29 -22.31 -63.46
C ASN A 119 29.77 -22.25 -63.56
N LEU A 120 29.06 -23.23 -63.03
CA LEU A 120 27.61 -23.29 -63.23
C LEU A 120 26.90 -22.17 -62.48
N LEU A 121 27.40 -21.79 -61.30
CA LEU A 121 26.67 -20.86 -60.45
C LEU A 121 27.48 -19.63 -60.07
N ASN A 122 28.64 -19.41 -60.68
CA ASN A 122 29.43 -18.22 -60.39
C ASN A 122 30.00 -17.54 -61.62
N ILE A 123 29.88 -18.13 -62.80
CA ILE A 123 30.25 -17.49 -64.06
C ILE A 123 29.02 -17.60 -64.95
N ARG A 124 28.14 -16.60 -64.88
CA ARG A 124 26.95 -16.50 -65.70
C ARG A 124 27.06 -15.40 -66.74
N ASP A 125 28.20 -14.72 -66.77
CA ASP A 125 28.63 -13.86 -67.86
C ASP A 125 30.06 -14.25 -68.21
N THR A 126 30.74 -13.42 -69.01
CA THR A 126 32.10 -13.77 -69.44
C THR A 126 33.01 -14.15 -68.27
N GLU A 127 33.27 -13.22 -67.36
CA GLU A 127 34.00 -13.55 -66.13
C GLU A 127 33.51 -12.74 -64.94
N LEU A 128 32.35 -12.09 -65.04
CA LEU A 128 31.99 -11.05 -64.09
C LEU A 128 30.97 -11.50 -63.04
N SER A 129 30.24 -12.59 -63.29
CA SER A 129 29.23 -13.02 -62.33
C SER A 129 29.84 -13.31 -60.98
N SER A 130 31.06 -13.84 -60.94
CA SER A 130 31.76 -13.94 -59.67
C SER A 130 32.18 -12.57 -59.15
N PHE A 131 32.48 -11.63 -60.04
CA PHE A 131 33.00 -10.33 -59.62
C PHE A 131 31.98 -9.54 -58.81
N LEU A 132 30.72 -9.51 -59.26
CA LEU A 132 29.74 -8.67 -58.60
C LEU A 132 28.96 -9.40 -57.51
N VAL A 133 28.95 -10.74 -57.54
CA VAL A 133 28.21 -11.49 -56.56
C VAL A 133 29.17 -12.23 -55.64
N ALA A 134 29.96 -13.16 -56.21
CA ALA A 134 30.90 -13.92 -55.40
C ALA A 134 31.98 -13.02 -54.83
N MET A 135 32.76 -12.39 -55.71
CA MET A 135 33.71 -11.36 -55.27
C MET A 135 32.97 -10.17 -54.68
N GLY A 136 31.84 -9.78 -55.28
CA GLY A 136 31.11 -8.61 -54.87
C GLY A 136 30.41 -8.70 -53.53
N ASP A 137 29.38 -9.53 -53.43
CA ASP A 137 28.59 -9.63 -52.21
C ASP A 137 28.83 -10.93 -51.45
N ILE A 138 28.90 -12.07 -52.15
CA ILE A 138 29.13 -13.33 -51.46
C ILE A 138 30.45 -13.29 -50.70
N SER A 139 31.40 -12.48 -51.16
CA SER A 139 32.56 -12.19 -50.34
C SER A 139 32.25 -11.18 -49.24
N LEU A 140 31.25 -10.32 -49.45
CA LEU A 140 31.02 -9.19 -48.57
C LEU A 140 29.67 -9.22 -47.84
N ARG A 141 28.82 -10.21 -48.11
CA ARG A 141 27.51 -10.25 -47.48
C ARG A 141 27.63 -10.38 -45.96
N LYS A 142 28.50 -11.28 -45.51
CA LYS A 142 28.75 -11.38 -44.07
C LYS A 142 29.29 -10.06 -43.54
N THR A 143 30.23 -9.45 -44.26
CA THR A 143 30.82 -8.19 -43.83
C THR A 143 29.79 -7.08 -43.70
N GLY A 144 28.65 -7.21 -44.38
CA GLY A 144 27.65 -6.16 -44.32
C GLY A 144 27.14 -5.89 -42.92
N VAL A 145 26.82 -6.95 -42.19
CA VAL A 145 26.25 -6.81 -40.85
C VAL A 145 27.18 -7.33 -39.76
N GLU A 146 28.01 -8.33 -40.05
CA GLU A 146 28.70 -9.08 -38.99
C GLU A 146 29.66 -8.22 -38.17
N GLU A 147 29.80 -6.94 -38.51
CA GLU A 147 30.44 -5.98 -37.62
C GLU A 147 29.47 -5.01 -36.98
N LYS A 148 28.37 -4.68 -37.66
CA LYS A 148 27.43 -3.70 -37.11
C LYS A 148 26.61 -4.30 -35.96
N ARG A 149 26.08 -5.51 -36.14
CA ARG A 149 25.38 -6.12 -35.01
C ARG A 149 26.36 -6.71 -34.01
N ALA A 150 27.61 -6.90 -34.42
CA ALA A 150 28.64 -7.37 -33.49
C ALA A 150 28.82 -6.39 -32.35
N LYS A 151 28.82 -5.09 -32.65
CA LYS A 151 28.85 -4.09 -31.59
C LYS A 151 27.60 -4.19 -30.72
N ALA A 152 26.43 -4.31 -31.35
CA ALA A 152 25.19 -4.39 -30.59
C ALA A 152 25.09 -5.70 -29.81
N GLN A 153 25.38 -6.82 -30.46
CA GLN A 153 25.32 -8.11 -29.77
C GLN A 153 26.35 -8.22 -28.66
N LYS A 154 27.37 -7.36 -28.67
CA LYS A 154 28.44 -7.46 -27.68
C LYS A 154 28.53 -6.27 -26.74
N GLU A 155 27.91 -5.12 -27.07
CA GLU A 155 27.76 -4.09 -26.05
C GLU A 155 26.91 -4.60 -24.91
N SER A 156 25.92 -5.45 -25.22
CA SER A 156 25.24 -6.22 -24.18
C SER A 156 26.23 -7.15 -23.48
N ASN A 157 27.13 -7.77 -24.24
CA ASN A 157 28.02 -8.79 -23.70
C ASN A 157 29.30 -8.19 -23.13
N ALA A 158 29.72 -7.01 -23.60
CA ALA A 158 30.83 -6.31 -22.96
C ALA A 158 30.48 -5.91 -21.54
N LEU A 159 29.19 -5.92 -21.20
CA LEU A 159 28.73 -5.78 -19.82
C LEU A 159 28.27 -7.11 -19.24
N LEU A 160 27.64 -7.97 -20.05
CA LEU A 160 27.25 -9.29 -19.55
C LEU A 160 28.45 -10.09 -19.08
N ASP A 161 29.67 -9.75 -19.55
CA ASP A 161 30.86 -10.41 -19.04
C ASP A 161 30.93 -10.32 -17.53
N TYR A 162 30.64 -9.15 -16.97
CA TYR A 162 30.57 -9.02 -15.52
C TYR A 162 29.41 -9.82 -14.94
N THR A 163 28.32 -9.97 -15.70
CA THR A 163 27.29 -10.95 -15.33
C THR A 163 27.84 -12.37 -15.44
N ARG A 164 28.65 -12.63 -16.48
CA ARG A 164 29.31 -13.93 -16.61
C ARG A 164 30.42 -14.10 -15.57
N LYS A 165 30.88 -13.01 -14.95
CA LYS A 165 31.83 -13.14 -13.85
C LYS A 165 31.21 -13.77 -12.61
N ALA A 166 29.89 -13.90 -12.57
CA ALA A 166 29.20 -14.51 -11.45
C ALA A 166 29.11 -16.02 -11.54
N ILE A 167 29.57 -16.61 -12.65
CA ILE A 167 29.60 -18.07 -12.75
C ILE A 167 30.57 -18.65 -11.73
N GLN A 168 31.60 -17.89 -11.36
CA GLN A 168 32.46 -18.30 -10.25
C GLN A 168 31.83 -18.03 -8.89
N ARG A 169 30.76 -17.24 -8.85
CA ARG A 169 30.06 -16.95 -7.61
C ARG A 169 28.85 -17.85 -7.39
N LEU A 170 28.52 -18.73 -8.33
CA LEU A 170 27.26 -19.46 -8.22
C LEU A 170 27.36 -20.58 -7.20
N THR A 171 28.52 -21.21 -7.08
CA THR A 171 28.65 -22.41 -6.26
C THR A 171 28.37 -22.12 -4.79
N TYR A 172 29.19 -21.28 -4.16
CA TYR A 172 29.01 -20.99 -2.74
C TYR A 172 27.70 -20.27 -2.48
N LEU A 173 27.29 -19.38 -3.38
CA LEU A 173 26.08 -18.61 -3.20
C LEU A 173 24.82 -19.45 -3.40
N LYS A 174 24.90 -20.53 -4.17
CA LYS A 174 23.80 -21.50 -4.19
C LYS A 174 23.83 -22.37 -2.94
N LYS A 175 25.03 -22.71 -2.46
CA LYS A 175 25.15 -23.51 -1.24
C LYS A 175 24.58 -22.77 -0.04
N ILE A 176 24.84 -21.47 0.06
CA ILE A 176 24.32 -20.71 1.19
C ILE A 176 22.80 -20.62 1.12
N LEU A 177 22.22 -20.71 -0.09
CA LEU A 177 20.76 -20.71 -0.20
C LEU A 177 20.14 -21.88 0.55
N ALA A 178 20.88 -22.98 0.71
CA ALA A 178 20.41 -24.06 1.55
C ALA A 178 20.24 -23.58 3.00
N GLN A 179 21.17 -22.76 3.48
CA GLN A 179 20.99 -22.11 4.77
C GLN A 179 19.79 -21.18 4.74
N LEU A 180 19.59 -20.47 3.63
CA LEU A 180 18.41 -19.62 3.49
C LEU A 180 17.13 -20.41 3.69
N GLU A 181 17.03 -21.57 3.04
CA GLU A 181 15.88 -22.44 3.22
C GLU A 181 15.91 -23.16 4.57
N ASP A 182 17.01 -23.08 5.30
CA ASP A 182 17.14 -23.73 6.60
C ASP A 182 17.21 -22.75 7.77
N ASP A 183 17.80 -21.57 7.58
CA ASP A 183 17.75 -20.56 8.63
C ASP A 183 16.34 -20.01 8.82
N VAL A 184 15.49 -20.10 7.80
CA VAL A 184 14.10 -19.71 7.96
C VAL A 184 13.34 -20.77 8.73
N VAL A 185 13.84 -22.00 8.73
CA VAL A 185 13.13 -23.10 9.41
C VAL A 185 12.85 -22.78 10.88
N PRO A 186 13.81 -22.27 11.68
CA PRO A 186 13.44 -21.76 13.00
C PRO A 186 12.51 -20.57 12.92
N CYS A 187 12.77 -19.64 12.00
CA CYS A 187 11.94 -18.44 11.89
C CYS A 187 10.54 -18.76 11.41
N GLU A 188 10.42 -19.61 10.38
CA GLU A 188 9.09 -19.96 9.88
C GLU A 188 8.34 -20.84 10.86
N SER A 189 9.05 -21.64 11.65
CA SER A 189 8.40 -22.41 12.70
C SER A 189 7.81 -21.50 13.76
N GLN A 190 8.45 -20.36 14.03
CA GLN A 190 7.98 -19.44 15.06
C GLN A 190 6.55 -18.96 14.82
N MET A 191 5.99 -19.18 13.63
CA MET A 191 4.59 -18.90 13.37
C MET A 191 3.76 -20.14 13.11
N GLU A 192 4.37 -21.21 12.62
CA GLU A 192 3.63 -22.38 12.17
C GLU A 192 3.92 -23.63 12.99
N ASN A 193 5.19 -23.95 13.23
CA ASN A 193 5.56 -25.13 13.99
C ASN A 193 5.88 -24.81 15.46
N TRP A 194 6.60 -23.72 15.72
CA TRP A 194 6.88 -23.28 17.07
C TRP A 194 5.71 -22.54 17.70
N LYS A 195 4.64 -22.30 16.93
CA LYS A 195 3.45 -21.66 17.49
C LYS A 195 2.80 -22.55 18.54
N THR A 196 2.98 -23.87 18.44
CA THR A 196 2.50 -24.75 19.49
C THR A 196 3.20 -24.45 20.81
N ASN A 197 4.51 -24.22 20.77
CA ASN A 197 5.23 -23.80 21.96
C ASN A 197 4.80 -22.40 22.39
N LEU A 198 4.35 -21.57 21.46
CA LEU A 198 3.84 -20.25 21.81
C LEU A 198 2.57 -20.36 22.65
N GLU A 199 1.70 -21.32 22.30
CA GLU A 199 0.53 -21.56 23.12
C GLU A 199 0.89 -22.08 24.50
N VAL A 200 2.02 -22.82 24.60
CA VAL A 200 2.53 -23.21 25.91
C VAL A 200 2.97 -22.00 26.70
N MET A 201 3.48 -20.96 26.01
CA MET A 201 3.79 -19.72 26.70
C MET A 201 2.53 -19.07 27.27
N ALA A 202 1.43 -19.11 26.51
CA ALA A 202 0.24 -18.36 26.88
C ALA A 202 -0.32 -18.82 28.23
N VAL A 203 -0.35 -20.14 28.46
CA VAL A 203 -0.83 -20.64 29.75
C VAL A 203 0.08 -20.20 30.88
N LYS A 204 1.35 -19.92 30.59
CA LYS A 204 2.28 -19.39 31.59
C LYS A 204 2.54 -17.89 31.42
N GLU A 205 2.08 -17.29 30.32
CA GLU A 205 2.21 -15.85 30.13
C GLU A 205 1.22 -15.05 30.97
N GLU A 206 0.28 -15.73 31.64
CA GLU A 206 -0.75 -15.08 32.42
C GLU A 206 -0.40 -14.92 33.89
N GLN A 207 0.85 -15.16 34.26
CA GLN A 207 1.29 -14.96 35.64
C GLN A 207 2.16 -13.71 35.81
N TYR A 208 3.23 -13.59 35.02
CA TYR A 208 4.19 -12.51 35.25
C TYR A 208 3.64 -11.15 34.88
N ILE A 209 2.58 -11.09 34.06
CA ILE A 209 2.01 -9.80 33.68
C ILE A 209 1.45 -9.08 34.89
N GLN A 210 0.70 -9.78 35.73
CA GLN A 210 0.17 -9.21 36.96
C GLN A 210 1.13 -9.34 38.13
N GLN A 211 2.20 -10.13 37.99
CA GLN A 211 3.22 -10.20 39.04
C GLN A 211 3.99 -8.90 39.18
N TYR A 212 3.88 -7.98 38.20
CA TYR A 212 4.55 -6.69 38.31
C TYR A 212 4.01 -5.90 39.50
N LYS A 213 2.68 -5.82 39.61
CA LYS A 213 2.08 -5.08 40.72
C LYS A 213 1.99 -5.95 41.97
N LYS A 214 3.10 -6.57 42.35
CA LYS A 214 3.13 -7.41 43.55
C LYS A 214 4.38 -7.28 44.41
N TYR A 215 5.51 -6.84 43.86
CA TYR A 215 6.78 -6.96 44.57
C TYR A 215 7.49 -5.63 44.81
N GLU A 216 7.52 -4.73 43.83
CA GLU A 216 8.38 -3.56 43.94
C GLU A 216 7.80 -2.46 44.81
N MET A 217 6.55 -2.58 45.27
CA MET A 217 5.98 -1.56 46.14
C MET A 217 6.18 -1.84 47.62
N LEU A 218 6.42 -3.10 48.00
CA LEU A 218 6.44 -3.49 49.40
C LEU A 218 7.82 -3.83 49.93
N LEU A 219 8.52 -4.77 49.29
CA LEU A 219 9.78 -5.24 49.84
C LEU A 219 10.85 -4.13 49.84
N ASN A 220 10.91 -3.34 48.78
CA ASN A 220 11.92 -2.30 48.68
C ASN A 220 11.81 -1.25 49.78
N ARG A 221 10.64 -1.13 50.41
CA ARG A 221 10.48 -0.14 51.48
C ARG A 221 11.15 -0.58 52.78
N VAL A 222 11.14 -1.87 53.07
CA VAL A 222 11.37 -2.35 54.45
C VAL A 222 12.88 -2.46 54.62
N GLY A 223 13.52 -1.32 54.81
CA GLY A 223 14.85 -1.24 55.38
C GLY A 223 14.94 -0.15 56.43
N TYR A 224 14.03 0.82 56.36
CA TYR A 224 14.04 1.99 57.21
C TYR A 224 12.99 1.92 58.31
N THR A 225 11.77 1.49 57.98
CA THR A 225 10.81 1.16 59.02
C THR A 225 11.32 0.10 59.99
N PRO A 226 11.98 -1.00 59.56
CA PRO A 226 12.54 -1.95 60.52
C PRO A 226 13.82 -1.41 61.14
N LYS A 227 13.74 -1.07 62.43
CA LYS A 227 14.94 -0.68 63.17
C LYS A 227 15.94 -1.83 63.24
N ILE A 228 15.48 -3.06 63.07
CA ILE A 228 16.36 -4.23 63.04
C ILE A 228 17.25 -4.21 61.81
N SER A 229 16.74 -3.71 60.68
CA SER A 229 17.42 -3.91 59.39
C SER A 229 18.87 -3.43 59.44
N HIS A 230 19.08 -2.19 59.89
CA HIS A 230 20.43 -1.67 60.02
C HIS A 230 20.64 -0.83 61.27
N ARG A 231 19.66 -0.75 62.17
CA ARG A 231 19.78 0.11 63.34
C ARG A 231 19.96 -0.66 64.64
N GLU A 232 19.10 -1.63 64.92
CA GLU A 232 19.16 -2.25 66.23
C GLU A 232 19.64 -3.70 66.19
N LEU A 233 19.14 -4.51 65.24
CA LEU A 233 19.61 -5.89 65.10
C LEU A 233 21.09 -5.96 64.77
N VAL A 234 21.65 -4.93 64.12
CA VAL A 234 23.09 -4.86 63.94
C VAL A 234 23.80 -4.83 65.28
N GLU A 235 23.09 -4.50 66.37
CA GLU A 235 23.66 -4.64 67.70
C GLU A 235 22.69 -5.21 68.75
N MET A 236 21.56 -5.82 68.35
CA MET A 236 20.73 -6.54 69.32
C MET A 236 21.58 -7.47 70.18
N ALA A 237 22.25 -8.42 69.53
CA ALA A 237 23.24 -9.24 70.20
C ALA A 237 24.40 -8.40 70.70
N GLU A 238 24.88 -7.46 69.88
CA GLU A 238 26.05 -6.69 70.22
C GLU A 238 25.84 -5.73 71.39
N HIS A 239 24.59 -5.51 71.83
CA HIS A 239 24.40 -4.86 73.12
C HIS A 239 24.85 -5.79 74.25
N ARG A 240 24.52 -7.08 74.15
CA ARG A 240 24.82 -8.05 75.18
C ARG A 240 25.75 -9.15 74.71
N LYS A 241 25.41 -9.84 73.61
CA LYS A 241 26.10 -11.08 73.27
C LYS A 241 27.57 -10.89 72.93
N GLU A 242 28.03 -9.65 72.71
CA GLU A 242 29.46 -9.41 72.58
C GLU A 242 30.07 -8.90 73.88
N LEU A 243 29.49 -9.27 75.03
CA LEU A 243 30.19 -9.11 76.31
C LEU A 243 31.50 -9.88 76.33
N ASP A 244 31.63 -10.92 75.50
CA ASP A 244 32.87 -11.69 75.46
C ASP A 244 34.06 -10.84 75.07
N LYS A 245 33.82 -9.68 74.45
CA LYS A 245 34.90 -8.73 74.23
C LYS A 245 35.53 -8.26 75.53
N MET A 246 34.80 -8.34 76.65
CA MET A 246 35.37 -8.06 77.96
C MET A 246 35.04 -9.08 79.03
N THR A 247 33.95 -9.85 78.88
CA THR A 247 33.64 -10.90 79.86
C THR A 247 34.60 -12.07 79.73
N LYS A 248 35.08 -12.37 78.52
CA LYS A 248 36.11 -13.40 78.39
C LYS A 248 37.40 -13.02 79.10
N PRO A 249 37.95 -11.80 78.93
CA PRO A 249 39.16 -11.45 79.70
C PRO A 249 38.98 -11.48 81.21
N VAL A 250 37.81 -11.13 81.75
CA VAL A 250 37.65 -11.20 83.19
C VAL A 250 37.62 -12.65 83.65
N LEU A 251 37.07 -13.56 82.83
CA LEU A 251 37.17 -14.98 83.13
C LEU A 251 38.59 -15.49 82.96
N ASP A 252 39.40 -14.85 82.12
CA ASP A 252 40.82 -15.13 82.10
C ASP A 252 41.46 -14.78 83.44
N THR A 253 40.91 -13.78 84.13
CA THR A 253 41.34 -13.47 85.49
C THR A 253 40.64 -14.34 86.52
N LEU A 254 39.33 -14.57 86.35
CA LEU A 254 38.55 -15.31 87.32
C LEU A 254 38.77 -16.81 87.25
N ARG A 255 39.42 -17.32 86.21
CA ARG A 255 39.68 -18.76 86.13
C ARG A 255 40.66 -19.22 87.20
N SER A 256 41.52 -18.33 87.71
CA SER A 256 42.50 -18.67 88.72
C SER A 256 42.21 -18.01 90.06
N TYR A 257 41.00 -17.46 90.23
CA TYR A 257 40.61 -16.81 91.47
C TYR A 257 39.71 -17.69 92.34
N GLN A 258 39.45 -18.93 91.94
CA GLN A 258 38.61 -19.82 92.74
C GLN A 258 39.37 -20.49 93.88
N ASP A 259 40.70 -20.43 93.87
CA ASP A 259 41.49 -20.97 94.97
C ASP A 259 41.64 -19.98 96.12
N LEU A 260 41.15 -18.76 95.97
CA LEU A 260 41.17 -17.75 97.02
C LEU A 260 40.05 -17.94 98.04
N PRO A 261 38.80 -18.15 97.63
CA PRO A 261 37.68 -18.24 98.61
C PRO A 261 37.92 -19.28 99.70
N PRO A 262 38.54 -20.43 99.40
CA PRO A 262 38.89 -21.34 100.50
C PRO A 262 39.85 -20.74 101.51
N ASP A 263 40.61 -19.71 101.13
CA ASP A 263 41.50 -19.01 102.06
C ASP A 263 41.17 -17.53 102.18
N LYS A 264 40.00 -17.10 101.71
CA LYS A 264 39.62 -15.70 101.75
C LYS A 264 38.20 -15.45 102.25
N ALA A 265 37.38 -16.49 102.44
CA ALA A 265 35.96 -16.31 102.70
C ALA A 265 35.69 -15.47 103.94
N LEU A 266 36.63 -15.43 104.90
CA LEU A 266 36.44 -14.58 106.07
C LEU A 266 36.38 -13.11 105.67
N ALA A 267 37.07 -12.73 104.59
CA ALA A 267 37.06 -11.36 104.11
C ALA A 267 36.85 -11.24 102.61
N ALA A 268 36.46 -12.32 101.93
CA ALA A 268 36.32 -12.29 100.47
C ALA A 268 35.28 -11.29 100.00
N LEU A 269 34.37 -10.86 100.88
CA LEU A 269 33.35 -9.90 100.48
C LEU A 269 33.95 -8.57 100.06
N ALA A 270 35.18 -8.26 100.50
CA ALA A 270 35.88 -7.05 100.11
C ALA A 270 36.76 -7.25 98.88
N ILE A 271 36.75 -8.43 98.29
CA ILE A 271 37.57 -8.71 97.11
C ILE A 271 36.67 -9.13 95.95
N GLU A 272 35.89 -10.18 96.17
CA GLU A 272 35.00 -10.69 95.13
C GLU A 272 33.92 -9.68 94.73
N ASP A 273 33.69 -8.64 95.54
CA ASP A 273 32.69 -7.63 95.18
C ASP A 273 33.08 -6.91 93.90
N LYS A 274 34.37 -6.59 93.73
CA LYS A 274 34.79 -5.83 92.57
C LYS A 274 34.71 -6.66 91.28
N LYS A 275 35.02 -7.96 91.36
CA LYS A 275 34.82 -8.79 90.18
C LYS A 275 33.34 -9.06 89.94
N ARG A 276 32.53 -9.07 91.00
CA ARG A 276 31.08 -9.04 90.80
C ARG A 276 30.64 -7.70 90.22
N GLN A 277 31.24 -6.61 90.70
CA GLN A 277 30.94 -5.29 90.15
C GLN A 277 31.31 -5.19 88.67
N PHE A 278 32.18 -6.07 88.19
CA PHE A 278 32.37 -6.23 86.75
C PHE A 278 31.08 -6.70 86.10
N THR A 279 30.40 -7.66 86.74
CA THR A 279 29.25 -8.32 86.16
C THR A 279 27.93 -7.73 86.66
N ALA A 280 27.80 -7.53 87.98
CA ALA A 280 26.56 -7.01 88.56
C ALA A 280 26.21 -5.63 88.00
N ALA A 281 27.22 -4.81 87.68
CA ALA A 281 26.93 -3.52 87.07
C ALA A 281 26.41 -3.64 85.64
N GLU A 282 26.51 -4.83 85.03
CA GLU A 282 26.04 -5.02 83.66
C GLU A 282 24.66 -5.63 83.57
N LYS A 283 24.31 -6.51 84.51
CA LYS A 283 23.01 -7.16 84.55
C LYS A 283 22.02 -6.49 85.49
N TYR A 284 22.36 -5.36 86.11
CA TYR A 284 21.34 -4.63 86.85
C TYR A 284 20.56 -3.71 85.92
N LEU A 285 20.93 -3.67 84.63
CA LEU A 285 20.11 -3.16 83.55
C LEU A 285 19.84 -4.16 82.44
N GLU A 286 20.54 -5.31 82.42
CA GLU A 286 20.39 -6.24 81.31
C GLU A 286 18.94 -6.66 81.12
N GLU A 287 18.19 -6.75 82.22
CA GLU A 287 16.76 -7.02 82.13
C GLU A 287 16.03 -5.88 81.43
N VAL A 288 16.50 -4.64 81.60
CA VAL A 288 15.95 -3.52 80.85
C VAL A 288 16.18 -3.72 79.36
N LEU A 289 17.37 -4.17 78.99
CA LEU A 289 17.67 -4.41 77.58
C LEU A 289 17.06 -5.70 77.06
N GLN A 290 16.55 -6.58 77.93
CA GLN A 290 16.05 -7.90 77.54
C GLN A 290 15.15 -7.82 76.31
N SER A 291 14.48 -6.68 76.13
CA SER A 291 13.67 -6.48 74.94
C SER A 291 14.51 -6.43 73.66
N ALA A 292 15.83 -6.30 73.76
CA ALA A 292 16.70 -6.47 72.60
C ALA A 292 17.45 -7.79 72.62
N LEU A 293 16.96 -8.75 73.41
CA LEU A 293 17.56 -10.07 73.51
C LEU A 293 16.66 -11.16 72.95
N GLU A 294 15.39 -11.20 73.35
CA GLU A 294 14.50 -12.19 72.76
C GLU A 294 14.23 -11.95 71.28
N THR A 295 14.64 -10.78 70.76
CA THR A 295 14.39 -10.48 69.35
C THR A 295 15.15 -11.44 68.43
N ASN A 296 16.42 -11.71 68.72
CA ASN A 296 17.20 -12.61 67.88
C ASN A 296 17.70 -13.85 68.59
N ASP A 297 17.84 -13.83 69.92
CA ASP A 297 18.31 -15.01 70.63
C ASP A 297 17.32 -16.16 70.50
N GLU A 298 16.03 -15.87 70.56
CA GLU A 298 15.00 -16.88 70.42
C GLU A 298 14.12 -16.59 69.21
N GLN B 6 10.00 -1.07 -16.15
CA GLN B 6 10.78 -1.64 -17.25
C GLN B 6 10.25 -3.03 -17.60
N GLY B 7 9.00 -3.29 -17.22
CA GLY B 7 8.42 -4.60 -17.49
C GLY B 7 8.20 -4.85 -18.98
N ALA B 8 7.86 -3.80 -19.73
CA ALA B 8 7.57 -3.93 -21.15
C ALA B 8 8.79 -3.69 -22.03
N ALA B 9 9.95 -3.43 -21.45
CA ALA B 9 11.15 -3.17 -22.24
C ALA B 9 11.73 -4.42 -22.88
N GLN B 10 11.29 -5.61 -22.48
CA GLN B 10 11.78 -6.83 -23.10
C GLN B 10 11.10 -7.10 -24.44
N ASN B 11 9.75 -7.18 -24.42
CA ASN B 11 9.02 -7.55 -25.62
C ASN B 11 8.81 -6.39 -26.58
N LEU B 12 9.04 -5.15 -26.14
CA LEU B 12 8.87 -4.02 -27.06
C LEU B 12 9.80 -4.10 -28.26
N PRO B 13 11.12 -4.29 -28.11
CA PRO B 13 11.95 -4.49 -29.30
C PRO B 13 11.94 -5.93 -29.81
N ALA B 14 11.86 -6.89 -28.90
CA ALA B 14 12.00 -8.29 -29.28
C ALA B 14 10.85 -8.75 -30.17
N ASP B 15 9.61 -8.35 -29.83
CA ASP B 15 8.47 -8.85 -30.58
C ASP B 15 8.33 -8.22 -31.96
N VAL B 16 9.16 -7.23 -32.30
CA VAL B 16 9.10 -6.63 -33.63
C VAL B 16 9.41 -7.67 -34.68
N ASN B 17 10.44 -8.49 -34.45
CA ASN B 17 10.74 -9.61 -35.33
C ASN B 17 10.29 -10.96 -34.76
N GLN B 18 9.99 -11.02 -33.46
CA GLN B 18 9.55 -12.28 -32.87
C GLN B 18 8.18 -12.69 -33.41
N LEU B 19 7.29 -11.71 -33.64
CA LEU B 19 6.01 -12.03 -34.25
C LEU B 19 6.19 -12.62 -35.65
N ILE B 20 7.23 -12.19 -36.36
CA ILE B 20 7.57 -12.81 -37.63
C ILE B 20 8.09 -14.23 -37.42
N ASP B 21 8.82 -14.46 -36.32
CA ASP B 21 9.30 -15.79 -36.00
C ASP B 21 8.16 -16.77 -35.79
N GLN B 22 7.20 -16.42 -34.93
CA GLN B 22 6.02 -17.25 -34.78
C GLN B 22 5.24 -17.33 -36.08
N LEU B 23 5.27 -16.25 -36.88
CA LEU B 23 4.68 -16.29 -38.21
C LEU B 23 5.41 -17.28 -39.11
N GLU B 24 6.75 -17.30 -39.03
CA GLU B 24 7.52 -18.25 -39.83
C GLU B 24 7.18 -19.69 -39.44
N ARG B 25 7.05 -19.96 -38.14
CA ARG B 25 6.54 -21.25 -37.70
C ARG B 25 5.09 -21.43 -38.10
N HIS B 26 4.32 -20.33 -38.09
CA HIS B 26 2.92 -20.36 -38.52
C HIS B 26 2.79 -20.52 -40.03
N CYS B 27 3.79 -20.08 -40.79
CA CYS B 27 3.78 -20.19 -42.25
C CYS B 27 4.77 -21.22 -42.76
N LEU B 28 5.34 -22.05 -41.89
CA LEU B 28 6.38 -23.00 -42.27
C LEU B 28 5.93 -23.95 -43.36
N ALA B 29 4.95 -24.80 -43.05
CA ALA B 29 4.39 -25.73 -44.01
C ALA B 29 3.72 -25.01 -45.18
N PRO B 30 2.87 -23.98 -44.95
CA PRO B 30 2.24 -23.29 -46.08
C PRO B 30 3.21 -22.41 -46.86
N ASP B 31 2.71 -21.77 -47.91
CA ASP B 31 3.55 -21.01 -48.84
C ASP B 31 4.20 -19.80 -48.21
N GLY B 32 3.78 -19.39 -47.01
CA GLY B 32 4.37 -18.22 -46.39
C GLY B 32 5.86 -18.38 -46.14
N SER B 33 6.27 -19.55 -45.63
CA SER B 33 7.68 -19.83 -45.39
C SER B 33 8.22 -20.95 -46.26
N LEU B 34 7.42 -21.47 -47.20
CA LEU B 34 7.98 -22.38 -48.20
C LEU B 34 9.01 -21.67 -49.08
N VAL B 35 8.95 -20.34 -49.15
CA VAL B 35 9.98 -19.62 -49.89
C VAL B 35 11.35 -19.86 -49.26
N THR B 36 11.39 -20.02 -47.94
CA THR B 36 12.62 -20.37 -47.24
C THR B 36 12.85 -21.87 -47.15
N LYS B 37 11.86 -22.68 -47.54
CA LYS B 37 11.96 -24.12 -47.48
C LYS B 37 11.92 -24.80 -48.85
N SER B 38 11.43 -24.14 -49.88
CA SER B 38 11.60 -24.67 -51.23
C SER B 38 12.99 -24.36 -51.77
N VAL B 39 13.53 -23.19 -51.43
CA VAL B 39 14.91 -22.90 -51.75
C VAL B 39 15.85 -23.78 -50.93
N TYR B 40 15.37 -24.32 -49.81
CA TYR B 40 16.11 -25.37 -49.11
C TYR B 40 16.36 -26.55 -50.02
N SER B 41 15.52 -26.75 -51.03
CA SER B 41 15.77 -27.71 -52.10
C SER B 41 16.36 -27.06 -53.35
N ASP B 42 16.25 -25.74 -53.48
CA ASP B 42 16.83 -25.05 -54.64
C ASP B 42 18.35 -25.03 -54.60
N LEU B 43 18.97 -25.52 -53.52
CA LEU B 43 20.39 -25.84 -53.55
C LEU B 43 20.68 -26.76 -54.73
N GLN B 44 19.75 -27.66 -55.05
CA GLN B 44 19.81 -28.48 -56.25
C GLN B 44 18.62 -28.27 -57.18
N LEU B 45 17.48 -27.79 -56.68
CA LEU B 45 16.29 -27.62 -57.51
C LEU B 45 16.40 -26.40 -58.42
N ALA B 46 17.12 -25.35 -58.00
CA ALA B 46 17.37 -24.20 -58.85
C ALA B 46 18.60 -24.38 -59.72
N ARG B 47 19.26 -25.53 -59.65
CA ARG B 47 20.46 -25.81 -60.43
C ARG B 47 20.29 -27.03 -61.32
N GLU B 48 19.05 -27.45 -61.58
CA GLU B 48 18.79 -28.59 -62.44
C GLU B 48 18.59 -28.19 -63.89
N GLU B 49 17.99 -27.02 -64.14
CA GLU B 49 17.67 -26.61 -65.50
C GLU B 49 18.64 -25.57 -66.05
N MET B 50 19.16 -24.67 -65.20
CA MET B 50 20.17 -23.74 -65.67
C MET B 50 21.48 -24.46 -65.98
N SER B 51 21.82 -25.49 -65.21
CA SER B 51 23.13 -26.13 -65.33
C SER B 51 23.33 -26.73 -66.72
N ARG B 52 22.32 -27.42 -67.25
CA ARG B 52 22.40 -27.92 -68.61
C ARG B 52 22.45 -26.80 -69.62
N GLU B 53 21.92 -25.63 -69.27
CA GLU B 53 22.01 -24.44 -70.13
C GLU B 53 23.18 -23.54 -69.75
N ARG B 54 23.70 -23.66 -68.53
CA ARG B 54 24.95 -22.99 -68.18
C ARG B 54 26.08 -23.49 -69.06
N LEU B 55 26.13 -24.81 -69.29
CA LEU B 55 27.15 -25.39 -70.16
C LEU B 55 27.12 -24.76 -71.54
N ARG B 56 25.92 -24.56 -72.09
CA ARG B 56 25.80 -23.87 -73.38
C ARG B 56 26.37 -22.46 -73.28
N TYR B 57 26.06 -21.75 -72.19
CA TYR B 57 26.72 -20.48 -71.94
C TYR B 57 28.21 -20.65 -71.68
N LEU B 58 28.59 -21.74 -71.00
CA LEU B 58 29.98 -21.88 -70.60
C LEU B 58 30.83 -22.56 -71.66
N GLU B 59 30.23 -23.40 -72.53
CA GLU B 59 30.96 -23.80 -73.72
C GLU B 59 31.07 -22.64 -74.70
N ALA B 60 30.20 -21.64 -74.54
CA ALA B 60 30.34 -20.40 -75.30
C ALA B 60 31.52 -19.58 -74.81
N MET B 61 31.82 -19.63 -73.50
CA MET B 61 32.96 -18.91 -72.93
C MET B 61 34.19 -19.01 -73.81
N ALA B 62 34.68 -20.22 -74.05
CA ALA B 62 35.92 -20.41 -74.78
C ALA B 62 35.84 -19.93 -76.22
N ILE B 63 34.64 -19.71 -76.75
CA ILE B 63 34.46 -19.42 -78.17
C ILE B 63 33.98 -17.99 -78.41
N TYR B 64 32.88 -17.58 -77.79
CA TYR B 64 32.40 -16.23 -78.08
C TYR B 64 33.20 -15.15 -77.36
N CYS B 65 34.13 -15.53 -76.48
CA CYS B 65 35.00 -14.57 -75.80
C CYS B 65 36.41 -14.55 -76.36
N GLU B 66 36.98 -15.70 -76.72
CA GLU B 66 38.34 -15.70 -77.24
C GLU B 66 38.48 -16.43 -78.57
N ALA B 67 37.76 -17.54 -78.76
CA ALA B 67 37.87 -18.22 -80.05
C ALA B 67 37.24 -17.42 -81.18
N VAL B 68 36.48 -16.38 -80.86
CA VAL B 68 36.18 -15.35 -81.86
C VAL B 68 37.21 -14.23 -81.82
N ALA B 69 37.86 -14.01 -80.67
CA ALA B 69 38.92 -13.01 -80.59
C ALA B 69 40.12 -13.36 -81.47
N MET B 70 40.08 -14.50 -82.15
CA MET B 70 41.01 -14.75 -83.24
C MET B 70 40.78 -13.81 -84.42
N VAL B 71 39.54 -13.33 -84.57
CA VAL B 71 39.19 -12.56 -85.76
C VAL B 71 39.85 -11.18 -85.77
N GLU B 72 40.44 -10.75 -84.65
CA GLU B 72 41.32 -9.58 -84.72
C GLU B 72 42.48 -9.82 -85.68
N GLU B 73 42.88 -11.09 -85.84
CA GLU B 73 43.83 -11.41 -86.90
C GLU B 73 43.18 -11.34 -88.27
N TYR B 74 41.86 -11.26 -88.33
CA TYR B 74 41.09 -11.19 -89.58
C TYR B 74 40.29 -9.91 -89.74
N GLN B 75 39.74 -9.38 -88.64
CA GLN B 75 38.92 -8.17 -88.69
C GLN B 75 39.73 -6.92 -88.99
N GLN B 76 40.94 -6.81 -88.41
CA GLN B 76 41.73 -5.60 -88.60
C GLN B 76 42.09 -5.40 -90.08
N ALA B 77 42.41 -6.49 -90.79
CA ALA B 77 42.64 -6.38 -92.22
C ALA B 77 41.37 -5.97 -92.95
N ILE B 78 40.22 -6.48 -92.51
CA ILE B 78 38.95 -6.12 -93.15
C ILE B 78 38.59 -4.67 -92.86
N SER B 79 38.80 -4.23 -91.62
CA SER B 79 38.30 -2.93 -91.15
C SER B 79 39.38 -1.87 -91.02
N VAL B 80 40.45 -2.16 -90.28
CA VAL B 80 41.42 -1.12 -89.92
C VAL B 80 42.21 -0.66 -91.15
N ALA B 81 42.31 -1.49 -92.18
CA ALA B 81 43.18 -1.19 -93.31
C ALA B 81 42.84 0.14 -93.97
N ASN B 82 41.59 0.59 -93.86
CA ASN B 82 41.22 1.88 -94.43
C ASN B 82 41.43 3.01 -93.43
N HIS B 83 40.82 2.92 -92.25
CA HIS B 83 40.88 4.00 -91.28
C HIS B 83 42.30 4.22 -90.74
N GLY B 84 43.02 3.14 -90.45
CA GLY B 84 44.35 3.26 -89.88
C GLY B 84 45.41 2.45 -90.59
N GLY B 85 46.41 3.13 -91.13
CA GLY B 85 47.48 2.45 -91.86
C GLY B 85 48.56 1.88 -90.97
N ILE B 86 48.79 2.50 -89.81
CA ILE B 86 49.83 2.03 -88.91
C ILE B 86 49.48 0.66 -88.36
N ARG B 87 48.22 0.44 -88.00
CA ARG B 87 47.78 -0.89 -87.59
C ARG B 87 47.50 -1.79 -88.79
N ASP B 88 47.31 -1.21 -89.98
CA ASP B 88 47.13 -2.01 -91.17
C ASP B 88 48.36 -2.86 -91.48
N VAL B 89 49.55 -2.30 -91.26
CA VAL B 89 50.77 -3.07 -91.43
C VAL B 89 50.85 -4.23 -90.43
N GLN B 90 50.19 -4.09 -89.28
CA GLN B 90 50.11 -5.16 -88.30
C GLN B 90 48.77 -5.88 -88.35
N GLY B 91 47.97 -5.65 -89.39
CA GLY B 91 46.66 -6.28 -89.52
C GLY B 91 46.73 -7.57 -90.33
N LEU B 92 47.21 -7.46 -91.58
CA LEU B 92 47.29 -8.61 -92.47
C LEU B 92 48.58 -9.41 -92.30
N TYR B 93 49.48 -8.98 -91.42
CA TYR B 93 50.74 -9.70 -91.23
C TYR B 93 50.50 -11.04 -90.53
N PRO B 94 49.95 -10.99 -89.31
CA PRO B 94 49.59 -12.22 -88.62
C PRO B 94 48.41 -12.93 -89.28
N GLN B 95 47.69 -12.24 -90.16
CA GLN B 95 46.61 -12.89 -90.91
C GLN B 95 47.17 -13.99 -91.80
N LEU B 96 48.38 -13.81 -92.33
CA LEU B 96 49.01 -14.83 -93.15
C LEU B 96 49.31 -16.10 -92.36
N GLY B 97 49.40 -16.01 -91.04
CA GLY B 97 49.64 -17.18 -90.19
C GLY B 97 48.47 -17.47 -89.27
N LEU B 98 48.05 -16.51 -88.45
CA LEU B 98 46.98 -16.78 -87.48
C LEU B 98 45.61 -16.84 -88.15
N LYS B 99 45.36 -15.98 -89.12
CA LYS B 99 44.09 -15.96 -89.84
C LYS B 99 44.17 -16.66 -91.18
N ASN B 100 45.28 -17.34 -91.47
CA ASN B 100 45.33 -18.19 -92.65
C ASN B 100 44.30 -19.31 -92.56
N SER B 101 44.15 -19.90 -91.37
CA SER B 101 43.08 -20.85 -91.14
C SER B 101 41.71 -20.16 -91.09
N PRO B 102 41.68 -18.87 -90.80
CA PRO B 102 40.42 -18.14 -90.87
C PRO B 102 39.88 -18.10 -92.30
N GLN B 103 40.78 -18.06 -93.29
CA GLN B 103 40.34 -18.26 -94.67
C GLN B 103 39.75 -19.65 -94.85
N VAL B 104 40.39 -20.67 -94.28
CA VAL B 104 39.78 -21.99 -94.22
C VAL B 104 38.53 -21.97 -93.33
N TYR B 105 38.60 -21.25 -92.21
CA TYR B 105 37.43 -21.10 -91.35
C TYR B 105 36.32 -20.34 -92.06
N GLU B 106 36.68 -19.42 -92.96
CA GLU B 106 35.67 -18.74 -93.76
C GLU B 106 34.83 -19.73 -94.54
N THR B 107 35.47 -20.75 -95.12
CA THR B 107 34.73 -21.83 -95.75
C THR B 107 33.91 -22.60 -94.72
N LEU B 108 34.43 -22.69 -93.48
CA LEU B 108 33.68 -23.36 -92.42
C LEU B 108 32.47 -22.54 -92.00
N GLU B 109 32.59 -21.20 -92.06
CA GLU B 109 31.40 -20.37 -91.96
C GLU B 109 30.45 -20.64 -93.12
N HIS B 110 31.01 -20.79 -94.33
CA HIS B 110 30.19 -20.97 -95.52
C HIS B 110 29.37 -22.26 -95.45
N ARG B 111 30.03 -23.38 -95.13
CA ARG B 111 29.37 -24.68 -95.22
C ARG B 111 28.25 -24.83 -94.21
N LEU B 112 28.35 -24.13 -93.06
CA LEU B 112 27.30 -24.24 -92.07
C LEU B 112 26.04 -23.48 -92.46
N VAL B 113 26.19 -22.39 -93.22
CA VAL B 113 25.05 -21.53 -93.55
C VAL B 113 23.94 -22.33 -94.23
N VAL B 114 24.31 -23.21 -95.14
CA VAL B 114 23.34 -23.90 -95.99
C VAL B 114 23.08 -25.31 -95.48
N ALA B 115 24.04 -25.87 -94.74
CA ALA B 115 23.96 -27.26 -94.31
C ALA B 115 23.79 -27.40 -92.80
N GLU B 116 24.70 -26.81 -92.01
CA GLU B 116 24.72 -27.02 -90.58
C GLU B 116 24.10 -25.87 -89.79
N ALA B 117 23.47 -24.91 -90.46
CA ALA B 117 22.79 -23.83 -89.75
C ALA B 117 21.64 -24.38 -88.91
N ALA B 118 20.83 -25.25 -89.50
CA ALA B 118 19.74 -25.90 -88.78
C ALA B 118 20.21 -27.12 -88.00
N GLN B 119 21.48 -27.53 -88.15
CA GLN B 119 22.01 -28.69 -87.46
C GLN B 119 22.95 -28.34 -86.32
N LYS B 120 23.63 -27.19 -86.38
CA LYS B 120 24.55 -26.78 -85.33
C LYS B 120 24.10 -25.51 -84.64
N LEU B 121 23.81 -24.45 -85.40
CA LEU B 121 23.32 -23.20 -84.79
C LEU B 121 21.91 -23.35 -84.22
N ARG B 122 21.33 -24.56 -84.25
CA ARG B 122 20.04 -24.83 -83.66
C ARG B 122 20.09 -25.88 -82.55
N LEU B 123 21.17 -26.65 -82.45
CA LEU B 123 21.22 -27.74 -81.47
C LEU B 123 21.08 -27.29 -80.02
N PRO B 124 21.78 -26.22 -79.54
CA PRO B 124 21.76 -25.96 -78.10
C PRO B 124 20.53 -25.21 -77.64
N LEU B 125 19.50 -25.17 -78.48
CA LEU B 125 18.25 -24.48 -78.20
C LEU B 125 17.06 -25.42 -78.37
N ILE B 126 17.16 -26.61 -77.77
CA ILE B 126 16.07 -27.59 -77.88
C ILE B 126 14.79 -27.04 -77.26
N SER B 127 14.90 -26.43 -76.08
CA SER B 127 13.72 -25.80 -75.48
C SER B 127 13.43 -24.44 -76.10
N ASP B 128 14.48 -23.72 -76.48
CA ASP B 128 14.32 -22.44 -77.18
C ASP B 128 14.23 -22.65 -78.69
N GLY B 129 13.33 -23.53 -79.12
CA GLY B 129 13.19 -23.85 -80.52
C GLY B 129 12.35 -22.88 -81.31
N GLY B 130 11.40 -22.23 -80.64
CA GLY B 130 10.55 -21.28 -81.33
C GLY B 130 11.30 -20.04 -81.79
N GLU B 131 12.16 -19.50 -80.92
CA GLU B 131 12.87 -18.26 -81.25
C GLU B 131 14.02 -18.53 -82.21
N ILE B 132 14.70 -19.66 -82.07
CA ILE B 132 15.80 -19.99 -82.98
C ILE B 132 15.27 -20.17 -84.40
N HIS B 133 14.06 -20.69 -84.57
CA HIS B 133 13.53 -20.96 -85.89
C HIS B 133 13.39 -19.68 -86.69
N GLU B 134 12.90 -18.61 -86.07
CA GLU B 134 12.84 -17.32 -86.74
C GLU B 134 14.25 -16.81 -87.06
N GLU B 135 15.20 -17.03 -86.15
CA GLU B 135 16.60 -16.76 -86.48
C GLU B 135 17.12 -17.77 -87.50
N GLU B 136 16.67 -19.02 -87.41
CA GLU B 136 17.09 -20.02 -88.40
C GLU B 136 16.51 -19.71 -89.77
N ILE B 137 15.20 -19.45 -89.84
CA ILE B 137 14.58 -19.09 -91.11
C ILE B 137 15.17 -17.79 -91.64
N GLU B 138 15.69 -16.95 -90.75
CA GLU B 138 16.49 -15.81 -91.17
C GLU B 138 17.69 -16.33 -91.94
N LYS B 139 18.58 -17.07 -91.27
CA LYS B 139 19.76 -17.60 -91.94
C LYS B 139 19.38 -18.57 -93.06
N TRP B 140 18.23 -19.23 -92.95
CA TRP B 140 17.80 -20.17 -93.98
C TRP B 140 17.30 -19.47 -95.24
N LEU B 196 16.68 -18.30 -95.10
CA LEU B 196 16.21 -17.57 -96.27
C LEU B 196 17.34 -17.09 -97.16
N GLY B 197 18.56 -17.03 -96.63
CA GLY B 197 19.71 -16.69 -97.45
C GLY B 197 20.20 -17.81 -98.35
N ILE B 198 19.63 -19.00 -98.21
CA ILE B 198 19.97 -20.09 -99.10
C ILE B 198 19.17 -20.06 -100.40
N THR B 199 18.07 -19.29 -100.43
CA THR B 199 17.29 -19.17 -101.66
C THR B 199 18.11 -18.67 -102.85
N PRO B 200 19.01 -17.67 -102.72
CA PRO B 200 19.90 -17.38 -103.86
C PRO B 200 21.02 -18.41 -103.95
N ALA B 201 21.39 -19.00 -102.81
CA ALA B 201 22.36 -20.08 -102.80
C ALA B 201 21.84 -21.36 -103.43
N TYR B 202 20.52 -21.45 -103.65
CA TYR B 202 19.97 -22.55 -104.43
C TYR B 202 20.54 -22.58 -105.84
N LEU B 203 21.03 -21.43 -106.33
CA LEU B 203 21.68 -21.35 -107.63
C LEU B 203 23.19 -21.59 -107.56
N SER B 204 23.73 -21.78 -106.35
CA SER B 204 25.16 -22.02 -106.17
C SER B 204 25.39 -23.14 -105.17
N TYR B 205 24.61 -24.23 -105.30
CA TYR B 205 24.73 -25.34 -104.37
C TYR B 205 25.98 -26.18 -104.63
N VAL B 206 26.59 -26.05 -105.80
CA VAL B 206 27.76 -26.87 -106.14
C VAL B 206 28.91 -26.57 -105.19
N GLN B 207 29.16 -25.30 -104.89
CA GLN B 207 30.24 -24.93 -103.98
C GLN B 207 29.94 -25.30 -102.54
N LEU B 208 28.69 -25.58 -102.20
CA LEU B 208 28.28 -25.87 -100.83
C LEU B 208 28.40 -27.33 -100.47
N GLN B 209 28.85 -28.19 -101.39
CA GLN B 209 28.99 -29.61 -101.13
C GLN B 209 30.45 -30.02 -100.98
N ASN B 210 31.28 -29.68 -101.97
CA ASN B 210 32.70 -30.06 -101.92
C ASN B 210 33.52 -29.19 -101.00
N THR B 211 32.94 -28.13 -100.43
CA THR B 211 33.68 -27.27 -99.51
C THR B 211 34.13 -28.03 -98.28
N ILE B 212 33.24 -28.85 -97.71
CA ILE B 212 33.59 -29.64 -96.53
C ILE B 212 34.69 -30.63 -96.87
N SER B 213 34.57 -31.31 -98.01
CA SER B 213 35.56 -32.32 -98.40
C SER B 213 36.94 -31.70 -98.58
N MET B 214 37.00 -30.53 -99.21
CA MET B 214 38.29 -29.84 -99.35
C MET B 214 38.78 -29.38 -97.99
N ASP B 215 37.86 -29.06 -97.08
CA ASP B 215 38.22 -28.62 -95.73
C ASP B 215 38.75 -29.76 -94.86
N MET B 216 38.63 -31.02 -95.30
CA MET B 216 39.23 -32.13 -94.56
C MET B 216 40.71 -31.88 -94.33
N ALA B 217 41.43 -31.51 -95.39
CA ALA B 217 42.86 -31.22 -95.25
C ALA B 217 43.09 -29.89 -94.56
N ASP B 218 42.24 -28.90 -94.83
CA ASP B 218 42.37 -27.61 -94.14
C ASP B 218 42.14 -27.75 -92.64
N TYR B 219 41.37 -28.77 -92.23
CA TYR B 219 41.06 -28.95 -90.81
C TYR B 219 42.33 -29.09 -89.98
N GLN B 220 43.32 -29.82 -90.49
CA GLN B 220 44.57 -29.99 -89.75
C GLN B 220 45.26 -28.64 -89.52
N MET B 221 45.32 -27.82 -90.56
CA MET B 221 45.85 -26.46 -90.43
C MET B 221 44.82 -25.49 -89.89
N PHE B 222 43.54 -25.88 -89.87
CA PHE B 222 42.53 -25.10 -89.18
C PHE B 222 42.63 -25.26 -87.67
N LEU B 223 43.14 -26.40 -87.21
CA LEU B 223 43.27 -26.65 -85.77
C LEU B 223 44.68 -26.39 -85.25
N ALA B 224 45.69 -26.51 -86.11
CA ALA B 224 47.07 -26.33 -85.64
C ALA B 224 47.32 -24.91 -85.17
N ARG B 225 46.81 -23.92 -85.89
CA ARG B 225 47.04 -22.52 -85.58
C ARG B 225 45.80 -21.81 -85.05
N GLU B 226 44.65 -21.98 -85.71
CA GLU B 226 43.47 -21.22 -85.31
C GLU B 226 42.82 -21.83 -84.06
N ILE B 227 42.31 -23.06 -84.17
CA ILE B 227 41.69 -23.68 -83.00
C ILE B 227 42.75 -24.50 -82.29
N GLU B 228 43.71 -23.84 -81.62
CA GLU B 228 44.51 -24.54 -80.64
C GLU B 228 44.81 -23.68 -79.41
N GLY B 229 45.15 -22.42 -79.64
CA GLY B 229 45.71 -21.60 -78.57
C GLY B 229 44.75 -20.71 -77.83
N ARG B 230 44.03 -19.86 -78.55
CA ARG B 230 43.13 -18.91 -77.89
C ARG B 230 41.84 -19.57 -77.44
N LEU B 231 41.49 -20.74 -77.99
CA LEU B 231 40.38 -21.50 -77.44
C LEU B 231 40.65 -21.90 -76.01
N LYS B 232 41.88 -22.30 -75.71
CA LYS B 232 42.29 -22.60 -74.34
C LYS B 232 42.64 -21.36 -73.54
N GLU B 233 42.79 -20.20 -74.19
CA GLU B 233 43.05 -18.98 -73.44
C GLU B 233 41.87 -18.62 -72.56
N LYS B 234 40.65 -18.83 -73.06
CA LYS B 234 39.46 -18.43 -72.33
C LYS B 234 38.96 -19.49 -71.36
N CYS B 235 39.34 -20.75 -71.52
CA CYS B 235 38.87 -21.77 -70.60
C CYS B 235 39.51 -21.62 -69.23
N ASP B 236 40.79 -21.22 -69.19
CA ASP B 236 41.48 -21.03 -67.93
C ASP B 236 41.34 -19.61 -67.37
N LYS B 237 41.20 -18.61 -68.26
CA LYS B 237 41.05 -17.24 -67.80
C LYS B 237 39.78 -17.08 -66.99
N LEU B 238 38.68 -17.66 -67.46
CA LEU B 238 37.41 -17.51 -66.76
C LEU B 238 37.26 -18.50 -65.61
N ALA B 239 38.10 -19.53 -65.56
CA ALA B 239 38.17 -20.37 -64.37
C ALA B 239 38.82 -19.64 -63.20
N ASP B 240 39.50 -18.52 -63.46
CA ASP B 240 40.07 -17.70 -62.40
C ASP B 240 39.02 -16.89 -61.67
N ALA B 241 38.04 -16.35 -62.39
CA ALA B 241 37.10 -15.40 -61.80
C ALA B 241 36.31 -16.04 -60.66
N ILE B 242 35.86 -17.28 -60.84
CA ILE B 242 35.09 -17.96 -59.80
C ILE B 242 35.95 -18.16 -58.56
N VAL B 243 37.21 -18.58 -58.74
CA VAL B 243 38.09 -18.89 -57.62
C VAL B 243 38.33 -17.68 -56.73
N ASP B 244 38.22 -16.47 -57.27
CA ASP B 244 38.64 -15.26 -56.59
C ASP B 244 37.69 -14.83 -55.47
N ASP B 245 36.60 -15.56 -55.22
CA ASP B 245 35.69 -15.17 -54.14
C ASP B 245 36.41 -15.18 -52.80
N THR B 246 36.87 -16.36 -52.36
CA THR B 246 37.57 -16.46 -51.09
C THR B 246 39.06 -16.17 -51.21
N ASP B 247 39.71 -16.72 -52.25
CA ASP B 247 41.14 -16.50 -52.49
C ASP B 247 41.28 -15.87 -53.87
N SER B 248 41.64 -14.58 -53.90
CA SER B 248 41.72 -13.83 -55.14
C SER B 248 43.15 -13.54 -55.59
N SER B 249 44.07 -13.30 -54.65
CA SER B 249 45.42 -12.89 -55.01
C SER B 249 46.16 -13.99 -55.74
N THR B 250 46.11 -15.22 -55.24
CA THR B 250 46.85 -16.33 -55.80
C THR B 250 46.00 -17.26 -56.66
N GLY B 251 44.78 -16.84 -57.02
CA GLY B 251 43.92 -17.69 -57.81
C GLY B 251 44.34 -17.87 -59.24
N ASN B 252 45.17 -16.97 -59.76
CA ASN B 252 45.61 -17.07 -61.16
C ASN B 252 46.43 -18.32 -61.39
N ARG B 253 47.31 -18.67 -60.45
CA ARG B 253 48.03 -19.94 -60.54
C ARG B 253 47.06 -21.11 -60.48
N ASN B 254 46.11 -21.07 -59.55
CA ASN B 254 45.17 -22.17 -59.34
C ASN B 254 43.88 -22.00 -60.12
N SER B 255 43.91 -21.26 -61.22
CA SER B 255 42.73 -21.14 -62.07
C SER B 255 42.37 -22.49 -62.68
N SER B 256 43.38 -23.25 -63.12
CA SER B 256 43.17 -24.56 -63.70
C SER B 256 43.27 -25.69 -62.67
N ALA B 257 43.51 -25.36 -61.41
CA ALA B 257 43.65 -26.37 -60.36
C ALA B 257 42.58 -26.27 -59.28
N ARG B 258 42.10 -25.07 -58.96
CA ARG B 258 41.06 -24.89 -57.94
C ARG B 258 39.74 -24.41 -58.54
N LEU B 259 39.55 -24.62 -59.84
CA LEU B 259 38.29 -24.24 -60.47
C LEU B 259 37.07 -24.99 -59.94
N PRO B 260 37.09 -26.33 -59.71
CA PRO B 260 35.83 -27.00 -59.37
C PRO B 260 35.44 -26.88 -57.90
N GLU B 261 36.42 -26.70 -57.02
CA GLU B 261 36.16 -26.71 -55.59
C GLU B 261 35.67 -25.38 -55.05
N ARG B 262 35.65 -24.33 -55.85
CA ARG B 262 35.28 -23.02 -55.33
C ARG B 262 33.77 -22.78 -55.38
N VAL B 263 33.10 -23.28 -56.42
CA VAL B 263 31.66 -23.07 -56.53
C VAL B 263 30.94 -23.70 -55.34
N LYS B 264 31.38 -24.89 -54.92
CA LYS B 264 30.81 -25.49 -53.72
C LYS B 264 31.15 -24.68 -52.47
N PHE B 265 32.30 -23.99 -52.48
CA PHE B 265 32.62 -23.09 -51.38
C PHE B 265 31.81 -21.81 -51.44
N ILE B 266 31.64 -21.25 -52.64
CA ILE B 266 30.85 -20.02 -52.78
C ILE B 266 29.40 -20.28 -52.42
N ILE B 267 28.87 -21.46 -52.79
CA ILE B 267 27.51 -21.80 -52.41
C ILE B 267 27.37 -21.84 -50.90
N GLU B 268 28.32 -22.49 -50.22
CA GLU B 268 28.32 -22.49 -48.76
C GLU B 268 28.90 -21.21 -48.19
N GLU B 269 29.58 -20.39 -49.01
CA GLU B 269 29.97 -19.07 -48.56
C GLU B 269 28.74 -18.21 -48.30
N ILE B 270 27.67 -18.44 -49.07
CA ILE B 270 26.39 -17.83 -48.76
C ILE B 270 25.92 -18.25 -47.37
N GLU B 271 26.07 -19.54 -47.06
CA GLU B 271 25.85 -19.98 -45.69
C GLU B 271 26.79 -19.26 -44.73
N ARG B 272 28.05 -19.12 -45.10
CA ARG B 272 28.96 -18.29 -44.33
C ARG B 272 28.51 -16.83 -44.35
N ASP B 273 27.95 -16.38 -45.48
CA ASP B 273 27.35 -15.05 -45.53
C ASP B 273 26.10 -14.95 -44.67
N GLU B 274 25.59 -16.07 -44.16
CA GLU B 274 24.48 -16.05 -43.21
C GLU B 274 24.86 -16.69 -41.88
N ALA B 275 25.34 -17.93 -41.87
CA ALA B 275 25.68 -18.59 -40.60
C ALA B 275 26.90 -17.92 -39.97
N ALA B 276 27.95 -17.69 -40.76
CA ALA B 276 29.10 -16.96 -40.25
C ALA B 276 28.86 -15.46 -40.20
N LEU B 277 27.85 -14.95 -40.91
CA LEU B 277 27.43 -13.57 -40.72
C LEU B 277 26.94 -13.35 -39.29
N ARG B 278 26.11 -14.26 -38.79
CA ARG B 278 25.64 -14.22 -37.42
C ARG B 278 26.45 -15.11 -36.50
N GLU B 279 27.68 -15.46 -36.88
CA GLU B 279 28.49 -16.36 -36.06
C GLU B 279 28.74 -15.75 -34.68
N ASP B 280 29.10 -14.46 -34.64
CA ASP B 280 29.15 -13.76 -33.36
C ASP B 280 27.76 -13.68 -32.75
N LEU B 281 26.74 -13.40 -33.57
CA LEU B 281 25.37 -13.40 -33.09
C LEU B 281 24.95 -14.80 -32.63
N TYR B 282 25.44 -15.85 -33.30
CA TYR B 282 25.14 -17.21 -32.87
C TYR B 282 25.69 -17.48 -31.48
N SER B 283 27.02 -17.39 -31.33
CA SER B 283 27.66 -17.77 -30.09
C SER B 283 27.24 -16.86 -28.93
N ALA B 284 27.13 -15.56 -29.18
CA ALA B 284 26.76 -14.63 -28.11
C ALA B 284 25.38 -14.95 -27.58
N ASP B 285 24.44 -15.29 -28.46
CA ASP B 285 23.11 -15.70 -28.00
C ASP B 285 23.18 -17.00 -27.20
N ARG B 286 24.05 -17.93 -27.60
CA ARG B 286 24.21 -19.15 -26.83
C ARG B 286 24.72 -18.86 -25.43
N LYS B 287 25.74 -18.00 -25.31
CA LYS B 287 26.24 -17.61 -24.01
C LYS B 287 25.31 -16.62 -23.31
N PHE B 288 24.46 -15.92 -24.05
CA PHE B 288 23.35 -15.18 -23.45
C PHE B 288 22.19 -16.10 -23.10
N ALA B 289 22.22 -17.36 -23.54
CA ALA B 289 21.31 -18.38 -23.06
C ALA B 289 21.98 -19.41 -22.17
N GLU B 290 23.32 -19.50 -22.21
CA GLU B 290 24.04 -20.38 -21.31
C GLU B 290 24.06 -19.84 -19.89
N TYR B 291 23.86 -18.54 -19.69
CA TYR B 291 23.86 -17.96 -18.36
C TYR B 291 22.47 -17.92 -17.74
N TYR B 292 21.45 -18.38 -18.45
CA TYR B 292 20.10 -18.40 -17.86
C TYR B 292 19.98 -19.43 -16.74
N ASN B 293 20.91 -20.37 -16.64
CA ASN B 293 20.87 -21.40 -15.61
C ASN B 293 22.06 -21.35 -14.65
N VAL B 294 23.27 -21.04 -15.13
CA VAL B 294 24.40 -20.93 -14.22
C VAL B 294 24.27 -19.69 -13.34
N LEU B 295 23.84 -18.56 -13.93
CA LEU B 295 23.54 -17.38 -13.13
C LEU B 295 22.35 -17.62 -12.21
N GLU B 296 21.52 -18.62 -12.50
CA GLU B 296 20.39 -18.91 -11.63
C GLU B 296 20.84 -19.34 -10.23
N GLN B 297 22.07 -19.79 -10.09
CA GLN B 297 22.62 -20.10 -8.77
C GLN B 297 23.21 -18.88 -8.08
N ILE B 298 23.20 -17.71 -8.74
CA ILE B 298 23.50 -16.44 -8.10
C ILE B 298 22.38 -15.44 -8.34
N LEU B 299 22.04 -15.20 -9.60
CA LEU B 299 20.96 -14.27 -9.93
C LEU B 299 19.60 -14.89 -9.64
N GLY B 300 19.41 -16.15 -10.00
CA GLY B 300 18.14 -16.82 -9.84
C GLY B 300 17.89 -17.43 -8.48
N VAL B 301 18.88 -17.45 -7.60
CA VAL B 301 18.63 -17.87 -6.23
C VAL B 301 18.13 -16.71 -5.39
N LEU B 302 18.46 -15.47 -5.78
CA LEU B 302 18.01 -14.32 -5.02
C LEU B 302 16.54 -14.00 -5.28
N ILE B 303 16.05 -14.21 -6.49
CA ILE B 303 14.61 -14.27 -6.69
C ILE B 303 14.03 -15.45 -5.92
N LYS B 304 14.68 -16.61 -6.00
CA LYS B 304 14.29 -17.73 -5.17
C LYS B 304 14.39 -17.39 -3.69
N LEU B 305 15.34 -16.52 -3.32
CA LEU B 305 15.56 -16.16 -1.92
C LEU B 305 14.36 -15.44 -1.32
N VAL B 306 13.45 -14.93 -2.15
CA VAL B 306 12.18 -14.41 -1.66
C VAL B 306 11.06 -15.36 -2.08
N LYS B 307 11.27 -16.09 -3.18
CA LYS B 307 10.27 -17.05 -3.64
C LYS B 307 10.33 -18.37 -2.90
N ASP B 308 11.42 -18.66 -2.20
CA ASP B 308 11.47 -19.81 -1.30
C ASP B 308 10.81 -19.52 0.04
N LEU B 309 10.13 -18.39 0.16
CA LEU B 309 9.45 -17.92 1.36
C LEU B 309 10.42 -17.58 2.48
N LYS B 310 11.73 -17.53 2.21
CA LYS B 310 12.69 -17.21 3.26
C LYS B 310 12.48 -15.79 3.78
N LEU B 311 12.45 -14.80 2.87
CA LEU B 311 12.24 -13.44 3.33
C LEU B 311 10.77 -13.10 3.43
N GLU B 312 9.93 -13.76 2.62
CA GLU B 312 8.49 -13.51 2.69
C GLU B 312 7.94 -13.85 4.06
N HIS B 313 8.36 -14.99 4.63
CA HIS B 313 7.99 -15.31 5.99
C HIS B 313 8.79 -14.51 7.01
N GLN B 314 10.00 -14.08 6.66
CA GLN B 314 10.86 -13.44 7.65
C GLN B 314 10.73 -11.92 7.66
N HIS B 315 10.36 -11.30 6.54
CA HIS B 315 9.89 -9.93 6.65
C HIS B 315 8.71 -9.86 7.61
N LYS B 316 7.92 -10.92 7.66
CA LYS B 316 6.86 -11.07 8.65
C LYS B 316 7.38 -11.63 9.97
N TYR B 317 8.44 -12.44 9.92
CA TYR B 317 9.02 -12.98 11.16
C TYR B 317 9.63 -11.88 12.01
N ASN B 318 10.42 -10.99 11.41
CA ASN B 318 10.91 -9.84 12.16
C ASN B 318 9.76 -8.91 12.53
N GLU B 319 8.79 -8.76 11.63
CA GLU B 319 7.56 -8.06 11.99
C GLU B 319 6.81 -8.81 13.07
N MET B 320 6.82 -10.14 13.01
CA MET B 320 6.29 -10.93 14.12
C MET B 320 7.04 -10.60 15.41
N GLN B 321 8.37 -10.57 15.34
CA GLN B 321 9.15 -10.13 16.49
C GLN B 321 8.89 -8.67 16.80
N LYS B 322 8.64 -7.85 15.77
CA LYS B 322 8.22 -6.48 16.01
C LYS B 322 6.84 -6.44 16.68
N THR B 323 6.07 -7.52 16.57
CA THR B 323 4.74 -7.58 17.16
C THR B 323 4.62 -8.60 18.29
N TRP B 324 4.98 -9.87 18.05
CA TRP B 324 4.87 -10.87 19.12
C TRP B 324 5.98 -10.69 20.15
N LEU B 325 7.21 -10.48 19.69
CA LEU B 325 8.30 -10.21 20.62
C LEU B 325 8.18 -8.81 21.22
N CYS B 326 7.36 -7.94 20.62
CA CYS B 326 6.94 -6.68 21.23
C CYS B 326 5.42 -6.55 21.37
N LYS B 327 4.75 -7.67 21.61
CA LYS B 327 3.61 -7.67 22.52
C LYS B 327 4.06 -8.11 23.91
N ARG B 328 5.35 -8.38 24.06
CA ARG B 328 5.96 -8.70 25.35
C ARG B 328 7.20 -7.87 25.68
N CYS B 329 7.86 -7.26 24.69
CA CYS B 329 9.03 -6.45 25.00
C CYS B 329 8.65 -5.21 25.79
N GLU B 330 7.40 -4.76 25.66
CA GLU B 330 6.89 -3.77 26.59
C GLU B 330 6.60 -4.37 27.96
N THR B 331 6.32 -5.67 28.01
CA THR B 331 6.05 -6.33 29.28
C THR B 331 7.34 -6.69 30.00
N MET B 332 8.28 -7.34 29.31
CA MET B 332 9.56 -7.64 29.97
C MET B 332 10.35 -6.39 30.25
N ASN B 333 9.96 -5.25 29.66
CA ASN B 333 10.50 -3.97 30.09
C ASN B 333 10.28 -3.77 31.59
N ALA B 334 9.06 -4.05 32.04
CA ALA B 334 8.78 -4.00 33.47
C ALA B 334 9.41 -5.16 34.24
N LYS B 335 9.69 -6.27 33.56
CA LYS B 335 10.39 -7.37 34.22
C LYS B 335 11.78 -6.94 34.67
N LEU B 336 12.50 -6.22 33.80
CA LEU B 336 13.79 -5.66 34.19
C LEU B 336 13.66 -4.31 34.88
N ARG B 337 12.46 -3.74 34.95
CA ARG B 337 12.21 -2.49 35.67
C ARG B 337 11.57 -2.74 37.02
N VAL B 338 10.42 -3.41 37.04
CA VAL B 338 9.65 -3.57 38.26
C VAL B 338 10.15 -4.77 39.07
N LEU B 339 10.52 -5.85 38.38
CA LEU B 339 10.92 -7.09 39.05
C LEU B 339 12.41 -7.17 39.32
N GLU B 340 13.07 -6.02 39.52
CA GLU B 340 14.49 -6.00 39.83
C GLU B 340 14.81 -5.24 41.11
N ASN B 341 14.08 -4.18 41.42
CA ASN B 341 14.34 -3.39 42.62
C ASN B 341 13.74 -4.05 43.85
N VAL B 342 14.06 -5.32 44.07
CA VAL B 342 13.45 -6.10 45.14
C VAL B 342 14.52 -6.74 46.03
N LEU B 343 15.49 -7.42 45.42
CA LEU B 343 16.39 -8.31 46.16
C LEU B 343 17.18 -7.59 47.25
N LEU B 344 17.52 -6.32 47.04
CA LEU B 344 18.37 -5.62 48.01
C LEU B 344 17.70 -5.56 49.37
N LEU B 345 16.41 -5.25 49.40
CA LEU B 345 15.66 -5.20 50.65
C LEU B 345 14.95 -6.51 50.96
N GLU B 346 15.06 -7.52 50.08
CA GLU B 346 14.36 -8.78 50.28
C GLU B 346 15.01 -9.64 51.35
N THR B 347 16.30 -9.44 51.62
CA THR B 347 17.06 -10.31 52.53
C THR B 347 16.58 -10.23 53.97
N TYR B 348 15.74 -9.24 54.32
CA TYR B 348 15.25 -9.08 55.67
C TYR B 348 13.93 -9.81 55.91
N THR B 349 13.66 -10.89 55.16
CA THR B 349 12.45 -11.66 55.39
C THR B 349 12.43 -12.35 56.74
N PRO B 350 13.47 -13.12 57.15
CA PRO B 350 13.33 -13.90 58.39
C PRO B 350 13.57 -13.10 59.65
N ASP B 351 14.39 -12.06 59.57
CA ASP B 351 14.75 -11.31 60.78
C ASP B 351 13.62 -10.42 61.27
N SER B 352 12.52 -10.30 60.52
CA SER B 352 11.43 -9.41 60.90
C SER B 352 10.76 -9.84 62.21
N ILE B 353 10.99 -11.08 62.66
CA ILE B 353 10.50 -11.49 63.97
C ILE B 353 11.11 -10.63 65.08
N SER B 354 12.31 -10.13 64.86
CA SER B 354 12.95 -9.25 65.83
C SER B 354 12.37 -7.83 65.80
N ALA B 355 11.63 -7.48 64.75
CA ALA B 355 11.12 -6.12 64.61
C ALA B 355 9.91 -5.85 65.48
N LEU B 356 9.15 -6.88 65.86
CA LEU B 356 7.91 -6.65 66.59
C LEU B 356 8.14 -6.13 68.00
N HIS B 357 9.37 -6.16 68.50
CA HIS B 357 9.69 -5.65 69.83
C HIS B 357 10.21 -4.21 69.79
N ASN B 358 10.18 -3.54 68.64
CA ASN B 358 10.78 -2.21 68.54
C ASN B 358 10.12 -1.24 69.51
N ILE B 359 8.78 -1.26 69.61
CA ILE B 359 8.08 -0.41 70.57
C ILE B 359 8.64 -0.58 71.97
N ARG B 360 9.26 -1.72 72.25
CA ARG B 360 9.90 -1.93 73.55
C ARG B 360 11.42 -2.01 73.49
N ASN B 361 12.02 -2.43 72.38
CA ASN B 361 13.48 -2.42 72.34
C ASN B 361 14.05 -1.05 72.04
N TYR B 362 13.25 0.00 72.17
CA TYR B 362 13.78 1.34 72.40
C TYR B 362 14.27 1.47 73.84
N LEU B 363 13.65 0.73 74.75
CA LEU B 363 14.07 0.66 76.14
C LEU B 363 15.18 -0.37 76.28
N VAL B 364 16.25 -0.20 75.49
CA VAL B 364 17.44 -1.03 75.60
C VAL B 364 18.67 -0.15 75.69
N GLU B 365 18.46 1.10 76.10
CA GLU B 365 19.54 1.98 76.51
C GLU B 365 20.34 1.36 77.65
N ALA B 366 19.86 0.22 78.16
CA ALA B 366 20.59 -0.52 79.18
C ALA B 366 22.01 -0.83 78.74
N THR B 367 22.24 -0.95 77.43
CA THR B 367 23.60 -1.07 76.93
C THR B 367 24.45 0.12 77.34
N GLU B 368 23.86 1.31 77.36
CA GLU B 368 24.60 2.49 77.79
C GLU B 368 24.94 2.40 79.28
N GLU B 369 24.06 1.82 80.10
CA GLU B 369 24.48 1.42 81.43
C GLU B 369 25.35 0.17 81.41
N ALA B 370 25.10 -0.76 80.49
CA ALA B 370 25.81 -2.04 80.52
C ALA B 370 27.31 -1.84 80.44
N SER B 371 27.76 -0.72 79.89
CA SER B 371 29.16 -0.36 79.98
C SER B 371 29.60 -0.06 81.41
N ALA B 372 28.70 -0.15 82.40
CA ALA B 372 29.13 -0.14 83.79
C ALA B 372 30.02 -1.34 84.08
N ALA B 373 29.88 -2.41 83.29
CA ALA B 373 30.89 -3.45 83.30
C ALA B 373 32.26 -2.86 83.00
N TYR B 374 32.33 -1.95 82.04
CA TYR B 374 33.59 -1.29 81.71
C TYR B 374 34.08 -0.39 82.85
N ASN B 375 33.21 0.50 83.35
CA ASN B 375 33.69 1.50 84.29
C ASN B 375 33.89 0.94 85.70
N LYS B 376 33.43 -0.29 85.95
CA LYS B 376 33.82 -0.99 87.16
C LYS B 376 34.96 -1.98 86.92
N ALA B 377 35.17 -2.38 85.66
CA ALA B 377 36.38 -3.14 85.33
C ALA B 377 37.62 -2.26 85.42
N VAL B 378 37.49 -0.96 85.10
CA VAL B 378 38.62 -0.05 85.25
C VAL B 378 38.92 0.16 86.74
N THR B 379 37.96 -0.08 87.62
CA THR B 379 38.18 -0.03 89.06
C THR B 379 38.62 -1.37 89.63
N ARG B 380 38.73 -2.41 88.79
CA ARG B 380 39.21 -3.70 89.24
C ARG B 380 40.72 -3.72 89.46
N LEU B 381 41.42 -2.66 89.09
CA LEU B 381 42.87 -2.59 89.31
C LEU B 381 43.19 -2.64 90.80
N ARG B 382 42.43 -1.90 91.62
CA ARG B 382 42.64 -1.91 93.05
C ARG B 382 42.18 -3.22 93.70
N GLU B 383 41.32 -3.98 93.01
CA GLU B 383 40.79 -5.21 93.59
C GLU B 383 41.91 -6.21 93.88
N TYR B 384 42.85 -6.38 92.94
CA TYR B 384 43.91 -7.37 93.13
C TYR B 384 44.90 -6.90 94.18
N GLN B 385 45.57 -5.77 93.93
CA GLN B 385 46.62 -5.32 94.84
C GLN B 385 46.07 -4.91 96.21
N GLY B 386 44.76 -4.70 96.31
CA GLY B 386 44.18 -4.29 97.57
C GLY B 386 44.19 -5.37 98.64
N VAL B 387 44.29 -6.64 98.24
CA VAL B 387 44.20 -7.76 99.17
C VAL B 387 45.50 -8.54 99.25
N ASP B 388 46.21 -8.68 98.13
CA ASP B 388 47.37 -9.58 98.07
C ASP B 388 48.39 -9.34 99.18
N PRO B 389 48.83 -8.12 99.49
CA PRO B 389 49.70 -7.93 100.65
C PRO B 389 49.01 -8.22 101.98
N HIS B 390 47.68 -8.15 102.05
CA HIS B 390 46.98 -8.39 103.31
C HIS B 390 46.94 -9.88 103.65
N PHE B 391 46.67 -10.73 102.67
CA PHE B 391 46.46 -12.16 102.90
C PHE B 391 47.65 -13.02 102.53
N ASP B 392 48.83 -12.41 102.34
CA ASP B 392 50.02 -13.18 101.97
C ASP B 392 50.55 -14.00 103.14
N THR B 393 50.12 -13.71 104.36
CA THR B 393 50.61 -14.44 105.53
C THR B 393 50.22 -15.91 105.51
N ILE B 394 49.15 -16.27 104.80
CA ILE B 394 48.78 -17.67 104.65
C ILE B 394 49.79 -18.37 103.77
N ALA B 395 50.21 -19.57 104.18
CA ALA B 395 51.26 -20.28 103.47
C ALA B 395 50.85 -20.62 102.05
N ARG B 396 49.60 -21.08 101.86
CA ARG B 396 49.16 -21.47 100.53
C ARG B 396 48.90 -20.27 99.63
N GLN B 397 48.29 -19.21 100.17
CA GLN B 397 47.88 -18.09 99.35
C GLN B 397 49.05 -17.22 98.87
N TYR B 398 50.26 -17.44 99.39
CA TYR B 398 51.41 -16.72 98.87
C TYR B 398 51.67 -17.06 97.41
N HIS B 399 51.55 -18.34 97.05
CA HIS B 399 51.68 -18.75 95.66
C HIS B 399 50.45 -18.40 94.83
N ASP B 400 49.32 -18.09 95.48
CA ASP B 400 48.10 -17.72 94.78
C ASP B 400 48.14 -16.29 94.24
N ILE B 401 49.29 -15.63 94.33
CA ILE B 401 49.45 -14.27 93.82
C ILE B 401 50.33 -14.22 92.58
N VAL B 402 51.05 -15.31 92.26
CA VAL B 402 51.86 -15.33 91.04
C VAL B 402 50.97 -15.16 89.81
N LYS B 403 49.83 -15.86 89.79
CA LYS B 403 48.86 -15.68 88.72
C LYS B 403 47.97 -14.46 88.93
N LYS B 404 48.04 -13.84 90.10
CA LYS B 404 47.31 -12.59 90.33
C LYS B 404 47.99 -11.39 89.67
N LEU B 405 49.33 -11.38 89.66
CA LEU B 405 50.05 -10.22 89.15
C LEU B 405 49.93 -10.10 87.63
N GLU B 406 49.74 -11.21 86.92
CA GLU B 406 49.58 -11.13 85.48
C GLU B 406 48.26 -10.49 85.06
N ASN B 407 47.35 -10.27 86.00
CA ASN B 407 46.13 -9.50 85.76
C ASN B 407 46.27 -8.04 86.17
N MET B 408 47.47 -7.61 86.56
CA MET B 408 47.70 -6.19 86.81
C MET B 408 47.52 -5.37 85.54
N GLN B 409 48.00 -5.88 84.42
CA GLN B 409 47.80 -5.23 83.12
C GLN B 409 46.44 -5.55 82.51
N TRP B 410 45.65 -6.43 83.14
CA TRP B 410 44.32 -6.73 82.61
C TRP B 410 43.44 -5.48 82.62
N THR B 411 43.35 -4.80 83.76
CA THR B 411 42.51 -3.63 83.88
C THR B 411 42.93 -2.54 82.91
N ILE B 412 44.24 -2.35 82.73
CA ILE B 412 44.74 -1.27 81.90
C ILE B 412 44.33 -1.47 80.45
N HIS B 413 44.53 -2.68 79.92
CA HIS B 413 44.30 -2.88 78.48
C HIS B 413 42.85 -3.23 78.16
N GLN B 414 42.10 -3.76 79.12
CA GLN B 414 40.70 -4.09 78.85
C GLN B 414 39.89 -2.83 78.60
N VAL B 415 40.35 -1.68 79.14
CA VAL B 415 39.66 -0.43 78.89
C VAL B 415 39.62 -0.12 77.40
N GLU B 416 40.71 -0.42 76.69
CA GLU B 416 40.66 -0.38 75.23
C GLU B 416 39.74 -1.46 74.69
N MET B 417 39.73 -2.64 75.33
CA MET B 417 39.05 -3.80 74.78
C MET B 417 37.54 -3.76 74.93
N ASP B 418 37.00 -2.94 75.84
CA ASP B 418 35.54 -2.93 75.98
C ASP B 418 34.85 -2.13 74.89
N LEU B 419 35.54 -1.80 73.81
CA LEU B 419 34.95 -0.98 72.74
C LEU B 419 33.74 -1.69 72.13
N LYS B 420 33.86 -2.99 71.86
CA LYS B 420 32.72 -3.73 71.33
C LYS B 420 31.72 -4.06 72.43
N SER B 421 32.23 -4.32 73.64
CA SER B 421 31.54 -5.09 74.68
C SER B 421 30.04 -4.88 74.76
N HIS B 422 29.59 -3.63 74.72
CA HIS B 422 28.18 -3.32 74.79
C HIS B 422 27.70 -2.52 73.58
N ASP B 423 28.51 -2.43 72.54
CA ASP B 423 28.21 -1.66 71.35
C ASP B 423 27.14 -2.34 70.51
N MET C 1 13.83 4.65 70.22
CA MET C 1 15.26 4.64 70.45
C MET C 1 15.57 5.69 71.52
N GLN C 2 14.54 6.45 71.92
CA GLN C 2 14.64 7.47 72.95
C GLN C 2 13.69 7.24 74.11
N SER C 3 13.24 5.99 74.31
CA SER C 3 12.25 5.73 75.37
C SER C 3 12.82 6.07 76.75
N LEU C 4 13.88 5.36 77.15
CA LEU C 4 14.60 5.65 78.39
C LEU C 4 16.06 6.02 78.10
N SER C 5 16.34 6.46 76.87
CA SER C 5 17.68 6.52 76.32
C SER C 5 18.64 7.46 77.05
N SER C 6 18.36 8.75 77.03
CA SER C 6 19.24 9.75 77.63
C SER C 6 18.77 10.18 79.02
N SER C 7 17.80 9.50 79.61
CA SER C 7 17.27 9.89 80.92
C SER C 7 17.92 9.10 82.05
N ALA C 8 17.75 7.78 82.04
CA ALA C 8 18.26 6.93 83.12
C ALA C 8 19.77 6.69 83.04
N PRO C 9 20.35 6.37 81.86
CA PRO C 9 21.81 6.20 81.81
C PRO C 9 22.59 7.46 82.14
N THR C 10 22.08 8.63 81.75
CA THR C 10 22.87 9.86 81.76
C THR C 10 23.50 10.22 83.11
N PRO C 11 22.78 10.18 84.25
CA PRO C 11 23.38 10.73 85.49
C PRO C 11 24.67 10.08 85.91
N GLU C 12 24.84 8.79 85.63
CA GLU C 12 26.07 8.11 86.03
C GLU C 12 26.77 7.40 84.88
N ALA C 13 26.03 6.86 83.91
CA ALA C 13 26.60 5.96 82.92
C ALA C 13 27.31 6.65 81.77
N ILE C 14 27.30 7.99 81.73
CA ILE C 14 28.01 8.72 80.67
C ILE C 14 29.50 8.36 80.68
N LEU C 15 30.09 8.23 81.87
CA LEU C 15 31.48 7.78 81.98
C LEU C 15 31.65 6.40 81.37
N GLU C 16 30.56 5.66 81.17
CA GLU C 16 30.66 4.27 80.76
C GLU C 16 30.54 4.08 79.24
N TRP C 17 29.42 4.51 78.63
CA TRP C 17 29.25 4.02 77.27
C TRP C 17 30.18 4.74 76.31
N LEU C 18 30.78 5.84 76.78
CA LEU C 18 31.76 6.57 75.97
C LEU C 18 32.84 5.63 75.44
N GLN C 19 33.30 4.71 76.29
CA GLN C 19 34.29 3.76 75.84
C GLN C 19 33.67 2.72 74.91
N LYS C 20 32.46 2.25 75.23
CA LYS C 20 31.81 1.27 74.37
C LYS C 20 31.42 1.86 73.03
N GLU C 21 31.48 3.19 72.89
CA GLU C 21 31.32 3.83 71.59
C GLU C 21 32.51 4.69 71.18
N MET C 22 33.49 4.93 72.06
CA MET C 22 34.81 5.44 71.67
C MET C 22 35.86 4.50 72.25
N GLY C 23 36.16 3.44 71.52
CA GLY C 23 37.36 2.67 71.74
C GLY C 23 38.51 3.11 70.85
N TYR C 24 38.29 4.12 70.02
CA TYR C 24 39.31 4.62 69.10
C TYR C 24 39.47 6.13 69.10
N ARG C 25 38.50 6.90 69.56
CA ARG C 25 38.60 8.35 69.60
C ARG C 25 39.32 8.85 70.84
N GLN C 26 39.10 8.22 71.99
CA GLN C 26 39.70 8.66 73.25
C GLN C 26 40.95 7.86 73.62
N LEU C 27 40.90 6.52 73.50
CA LEU C 27 42.03 5.68 73.87
C LEU C 27 43.19 5.85 72.90
N GLY C 28 43.03 6.78 71.97
CA GLY C 28 44.05 7.07 70.98
C GLY C 28 44.84 8.32 71.34
N PRO C 29 44.43 9.47 70.77
CA PRO C 29 45.21 10.71 70.93
C PRO C 29 45.47 11.10 72.38
N TYR C 30 44.43 11.26 73.20
CA TYR C 30 44.66 11.75 74.55
C TYR C 30 44.90 10.62 75.55
N ASN C 31 44.05 9.60 75.55
CA ASN C 31 44.30 8.46 76.43
C ASN C 31 45.27 7.49 75.76
N GLY C 32 46.38 8.01 75.25
CA GLY C 32 47.46 7.14 74.82
C GLY C 32 48.15 6.47 75.99
N SER C 33 48.25 7.17 77.12
CA SER C 33 48.77 6.61 78.37
C SER C 33 47.67 5.73 78.97
N SER C 34 47.67 4.46 78.55
CA SER C 34 46.70 3.51 79.08
C SER C 34 46.85 3.35 80.58
N LYS C 35 48.06 3.54 81.11
CA LYS C 35 48.27 3.53 82.56
C LYS C 35 47.59 4.72 83.21
N SER C 36 47.71 5.90 82.60
CA SER C 36 47.21 7.15 83.17
C SER C 36 45.85 7.54 82.62
N HIS C 37 45.19 6.65 81.88
CA HIS C 37 43.85 6.96 81.38
C HIS C 37 42.85 7.07 82.51
N VAL C 38 43.06 6.32 83.61
CA VAL C 38 42.06 6.29 84.68
C VAL C 38 41.78 7.67 85.24
N PRO C 39 42.77 8.51 85.58
CA PRO C 39 42.47 9.90 85.93
C PRO C 39 42.27 10.81 84.73
N SER C 40 42.36 10.27 83.51
CA SER C 40 42.23 11.07 82.30
C SER C 40 41.04 10.69 81.43
N ILE C 41 40.58 9.44 81.48
CA ILE C 41 39.46 9.07 80.62
C ILE C 41 38.15 9.56 81.22
N ASP C 42 38.10 9.77 82.53
CA ASP C 42 37.00 10.52 83.13
C ASP C 42 37.15 12.02 82.89
N ALA C 43 38.38 12.48 82.63
CA ALA C 43 38.57 13.87 82.22
C ALA C 43 38.15 14.09 80.77
N ILE C 44 38.48 13.15 79.88
CA ILE C 44 38.04 13.22 78.49
C ILE C 44 36.57 12.84 78.36
N ARG C 45 35.92 12.48 79.47
CA ARG C 45 34.53 12.00 79.43
C ARG C 45 33.58 13.07 78.90
N LYS C 46 33.73 14.31 79.37
CA LYS C 46 32.83 15.38 78.93
C LYS C 46 33.04 15.73 77.46
N ILE C 47 34.29 15.83 77.02
CA ILE C 47 34.51 16.10 75.60
C ILE C 47 34.14 14.89 74.76
N CYS C 48 34.35 13.68 75.28
CA CYS C 48 33.77 12.51 74.63
C CYS C 48 32.25 12.58 74.62
N ARG C 49 31.66 13.04 75.72
CA ARG C 49 30.24 13.36 75.74
C ARG C 49 29.90 14.44 74.72
N GLY C 50 30.88 15.25 74.31
CA GLY C 50 30.64 16.32 73.38
C GLY C 50 31.12 16.09 71.96
N ASN C 51 32.28 15.44 71.78
CA ASN C 51 32.83 15.26 70.43
C ASN C 51 31.92 14.41 69.56
N MET C 52 31.36 13.35 70.14
CA MET C 52 30.46 12.45 69.44
C MET C 52 29.00 12.73 69.84
N ILE C 53 28.74 13.92 70.41
CA ILE C 53 27.37 14.26 70.85
C ILE C 53 26.36 14.28 69.71
N PRO C 54 26.69 14.63 68.47
CA PRO C 54 25.70 14.43 67.40
C PRO C 54 25.36 12.96 67.20
N ILE C 55 26.20 12.06 67.72
CA ILE C 55 25.94 10.65 67.67
C ILE C 55 25.71 10.06 69.06
N TRP C 56 26.21 10.71 70.12
CA TRP C 56 25.89 10.30 71.50
C TRP C 56 24.39 10.19 71.70
N ASN C 57 23.64 11.20 71.28
CA ASN C 57 22.21 11.21 71.41
C ASN C 57 21.50 10.59 70.22
N PHE C 58 22.18 9.70 69.50
CA PHE C 58 21.48 8.73 68.67
C PHE C 58 21.06 7.56 69.55
N LEU C 59 22.06 6.85 70.08
CA LEU C 59 21.95 5.87 71.16
C LEU C 59 21.28 4.59 70.66
N ILE C 60 21.67 3.46 71.25
CA ILE C 60 21.36 2.08 70.85
C ILE C 60 21.47 1.84 69.35
N ASN C 61 20.87 2.70 68.52
CA ASN C 61 20.88 2.46 67.09
C ASN C 61 22.13 3.01 66.40
N ARG C 62 22.38 4.31 66.54
CA ARG C 62 23.46 4.93 65.78
C ARG C 62 24.62 5.43 66.63
N VAL C 63 24.48 5.48 67.96
CA VAL C 63 25.60 5.88 68.80
C VAL C 63 26.77 4.94 68.59
N LYS C 64 26.52 3.75 68.05
CA LYS C 64 27.50 2.67 68.06
C LYS C 64 28.63 3.00 67.12
N SER C 65 29.32 4.12 67.38
CA SER C 65 30.33 4.63 66.47
C SER C 65 31.48 3.64 66.31
N GLU C 66 31.61 2.68 67.22
CA GLU C 66 32.49 1.54 66.98
C GLU C 66 32.09 0.80 65.71
N LYS C 67 30.80 0.76 65.41
CA LYS C 67 30.31 0.15 64.18
C LYS C 67 29.38 1.05 63.38
N THR C 68 29.09 2.27 63.85
CA THR C 68 28.04 3.09 63.24
C THR C 68 28.58 4.49 62.95
N VAL C 69 29.74 4.56 62.32
CA VAL C 69 30.19 5.81 61.74
C VAL C 69 29.70 5.95 60.30
N GLU C 70 29.77 4.86 59.54
CA GLU C 70 29.21 4.81 58.20
C GLU C 70 27.85 4.12 58.15
N ARG C 71 27.49 3.35 59.18
CA ARG C 71 26.19 2.68 59.19
C ARG C 71 25.04 3.66 59.27
N ILE C 72 25.30 4.89 59.76
CA ILE C 72 24.27 5.92 59.79
C ILE C 72 23.71 6.16 58.39
N ARG C 73 24.59 6.18 57.39
CA ARG C 73 24.15 6.32 56.01
C ARG C 73 23.30 5.14 55.57
N ARG C 74 23.68 3.92 55.96
CA ARG C 74 22.89 2.75 55.61
C ARG C 74 21.53 2.77 56.30
N ASN C 75 21.45 3.41 57.47
CA ASN C 75 20.18 3.46 58.20
C ASN C 75 19.11 4.21 57.43
N ILE C 76 19.51 5.12 56.53
CA ILE C 76 18.56 5.96 55.82
C ILE C 76 17.59 5.11 55.01
N THR C 77 18.12 4.18 54.22
CA THR C 77 17.31 3.36 53.32
C THR C 77 17.18 1.92 53.82
N VAL C 78 18.30 1.25 54.08
CA VAL C 78 18.28 -0.14 54.47
C VAL C 78 18.48 -0.30 55.97
N ASP C 119 43.97 -18.36 -12.51
CA ASP C 119 43.84 -18.25 -13.96
C ASP C 119 42.55 -17.53 -14.33
N ARG C 120 41.58 -17.52 -13.40
CA ARG C 120 40.31 -16.87 -13.67
C ARG C 120 40.41 -15.35 -13.64
N GLU C 121 41.25 -14.80 -12.75
CA GLU C 121 41.44 -13.35 -12.70
C GLU C 121 42.42 -12.85 -13.76
N ALA C 122 43.40 -13.68 -14.12
CA ALA C 122 44.27 -13.35 -15.24
C ALA C 122 43.51 -13.36 -16.57
N ALA C 123 42.34 -14.00 -16.61
CA ALA C 123 41.51 -13.96 -17.80
C ALA C 123 41.05 -12.54 -18.11
N LEU C 124 40.67 -11.79 -17.08
CA LEU C 124 40.28 -10.39 -17.29
C LEU C 124 41.41 -9.58 -17.89
N GLN C 125 42.66 -9.92 -17.57
CA GLN C 125 43.79 -9.23 -18.18
C GLN C 125 43.87 -9.51 -19.68
N GLU C 126 43.62 -10.75 -20.09
CA GLU C 126 43.60 -11.08 -21.51
C GLU C 126 42.25 -10.86 -22.15
N ARG C 127 41.24 -10.43 -21.38
CA ARG C 127 39.96 -10.07 -21.97
C ARG C 127 40.12 -8.89 -22.92
N GLU C 128 40.72 -7.81 -22.44
CA GLU C 128 40.98 -6.64 -23.28
C GLU C 128 41.93 -6.97 -24.43
N LEU C 129 42.73 -8.03 -24.29
CA LEU C 129 43.58 -8.47 -25.39
C LEU C 129 42.73 -8.87 -26.60
N ALA C 130 41.60 -9.53 -26.35
CA ALA C 130 40.67 -9.90 -27.41
C ALA C 130 39.47 -8.98 -27.51
N ALA C 131 39.28 -8.07 -26.56
CA ALA C 131 38.13 -7.16 -26.59
C ALA C 131 38.46 -5.86 -27.31
N LYS C 132 39.53 -5.17 -26.86
CA LYS C 132 39.87 -3.88 -27.44
C LYS C 132 40.27 -4.00 -28.90
N GLU C 133 40.76 -5.16 -29.31
CA GLU C 133 41.10 -5.36 -30.73
C GLU C 133 39.87 -5.30 -31.62
N VAL C 134 38.68 -5.50 -31.06
CA VAL C 134 37.45 -5.28 -31.82
C VAL C 134 37.27 -3.79 -32.11
N GLU C 135 37.55 -2.94 -31.12
CA GLU C 135 37.47 -1.50 -31.34
C GLU C 135 38.46 -1.03 -32.40
N ARG C 136 39.61 -1.69 -32.50
CA ARG C 136 40.59 -1.32 -33.52
C ARG C 136 40.03 -1.52 -34.92
N LEU C 137 39.05 -2.43 -35.06
CA LEU C 137 38.30 -2.57 -36.31
C LEU C 137 37.09 -1.65 -36.34
N ARG C 138 36.40 -1.48 -35.20
CA ARG C 138 35.10 -0.83 -35.19
C ARG C 138 35.14 0.58 -35.78
N ASN C 139 36.30 1.24 -35.72
CA ASN C 139 36.44 2.53 -36.37
C ASN C 139 36.57 2.40 -37.88
N ILE C 140 37.12 1.28 -38.36
CA ILE C 140 37.35 1.10 -39.79
C ILE C 140 36.54 -0.03 -40.40
N VAL C 141 36.00 -0.95 -39.60
CA VAL C 141 35.18 -2.02 -40.15
C VAL C 141 33.76 -1.55 -40.44
N ARG C 142 33.39 -0.38 -39.92
CA ARG C 142 32.07 0.18 -40.25
C ARG C 142 32.05 0.78 -41.64
N ARG C 143 33.16 1.36 -42.09
CA ARG C 143 33.23 2.03 -43.38
C ARG C 143 33.35 1.06 -44.56
N GLN C 144 33.48 -0.25 -44.30
CA GLN C 144 33.66 -1.19 -45.41
C GLN C 144 32.42 -1.28 -46.29
N ARG C 145 31.23 -1.13 -45.70
CA ARG C 145 30.01 -1.27 -46.49
C ARG C 145 29.95 -0.25 -47.61
N LYS C 146 30.30 1.01 -47.32
CA LYS C 146 30.27 2.04 -48.36
C LYS C 146 31.46 1.91 -49.30
N ASP C 147 32.63 1.54 -48.77
CA ASP C 147 33.81 1.39 -49.61
C ASP C 147 33.68 0.18 -50.52
N LEU C 148 33.23 -0.95 -49.98
CA LEU C 148 33.26 -2.20 -50.73
C LEU C 148 32.14 -2.29 -51.76
N LYS C 149 31.00 -1.61 -51.56
CA LYS C 149 30.06 -1.52 -52.68
C LYS C 149 30.54 -0.55 -53.75
N ALA C 150 31.27 0.49 -53.35
CA ALA C 150 31.69 1.49 -54.32
C ALA C 150 32.72 0.93 -55.29
N ARG C 151 33.51 -0.04 -54.85
CA ARG C 151 34.46 -0.74 -55.72
C ARG C 151 33.79 -1.77 -56.61
N MET C 152 32.45 -1.81 -56.66
CA MET C 152 31.75 -2.56 -57.69
C MET C 152 31.87 -1.75 -58.98
N LEU C 153 33.00 -1.92 -59.64
CA LEU C 153 33.39 -1.15 -60.83
C LEU C 153 33.71 -2.08 -61.99
N GLU C 154 32.81 -3.05 -62.22
CA GLU C 154 33.03 -4.13 -63.18
C GLU C 154 32.16 -4.05 -64.42
N VAL C 155 30.89 -3.66 -64.28
CA VAL C 155 29.89 -3.51 -65.34
C VAL C 155 30.00 -4.55 -66.46
N SER C 156 29.07 -5.51 -66.46
CA SER C 156 29.08 -6.58 -67.45
C SER C 156 28.49 -6.16 -68.80
N ARG C 157 28.37 -4.86 -69.07
CA ARG C 157 27.94 -4.42 -70.39
C ARG C 157 28.92 -4.89 -71.46
N GLU C 158 30.19 -5.07 -71.10
CA GLU C 158 31.13 -5.69 -72.01
C GLU C 158 30.71 -7.11 -72.37
N GLU C 159 30.24 -7.86 -71.37
CA GLU C 159 29.73 -9.21 -71.64
C GLU C 159 28.53 -9.16 -72.57
N ALA C 160 27.58 -8.26 -72.31
CA ALA C 160 26.45 -8.09 -73.22
C ALA C 160 26.93 -7.77 -74.63
N GLU C 161 28.04 -7.04 -74.74
CA GLU C 161 28.66 -6.78 -76.03
C GLU C 161 29.71 -7.83 -76.41
N ARG C 162 30.18 -8.63 -75.45
CA ARG C 162 31.07 -9.74 -75.80
C ARG C 162 30.35 -10.74 -76.70
N LYS C 163 29.08 -11.00 -76.41
CA LYS C 163 28.24 -11.74 -77.33
C LYS C 163 28.07 -10.99 -78.64
N ARG C 164 28.21 -9.67 -78.61
CA ARG C 164 27.92 -8.81 -79.76
C ARG C 164 29.17 -8.39 -80.53
N MET C 165 30.33 -8.32 -79.88
CA MET C 165 31.46 -7.61 -80.46
C MET C 165 31.97 -8.31 -81.72
N LEU C 166 32.16 -9.62 -81.65
CA LEU C 166 32.82 -10.29 -82.77
C LEU C 166 32.25 -11.67 -83.07
N ASP C 167 31.17 -12.08 -82.40
CA ASP C 167 30.47 -13.30 -82.82
C ASP C 167 29.77 -13.11 -84.15
N GLU C 168 29.51 -11.85 -84.54
CA GLU C 168 29.00 -11.58 -85.87
C GLU C 168 29.99 -11.99 -86.95
N ARG C 169 31.27 -11.71 -86.73
CA ARG C 169 32.29 -12.06 -87.72
C ARG C 169 32.62 -13.55 -87.74
N ALA C 170 32.35 -14.27 -86.65
CA ALA C 170 32.61 -15.70 -86.64
C ALA C 170 31.77 -16.44 -87.67
N ASN C 171 30.66 -15.86 -88.10
CA ASN C 171 29.87 -16.35 -89.22
C ASN C 171 29.45 -15.17 -90.10
N TYR C 172 30.41 -14.31 -90.40
CA TYR C 172 30.15 -13.07 -91.13
C TYR C 172 29.42 -13.30 -92.45
N ARG C 173 29.39 -14.52 -92.95
CA ARG C 173 28.83 -14.82 -94.26
C ARG C 173 27.41 -15.37 -94.22
N HIS C 174 26.81 -15.48 -93.03
CA HIS C 174 25.38 -15.77 -92.95
C HIS C 174 24.57 -14.62 -93.53
N LYS C 175 24.91 -13.39 -93.14
CA LYS C 175 24.16 -12.22 -93.60
C LYS C 175 24.32 -12.01 -95.09
N GLN C 176 25.51 -12.29 -95.64
CA GLN C 176 25.74 -12.08 -97.07
C GLN C 176 24.89 -13.00 -97.91
N ALA C 177 24.58 -14.20 -97.40
CA ALA C 177 23.65 -15.07 -98.11
C ALA C 177 22.26 -14.45 -98.20
N LEU C 178 21.80 -13.83 -97.11
CA LEU C 178 20.52 -13.14 -97.16
C LEU C 178 20.61 -11.87 -97.99
N LEU C 179 21.72 -11.12 -97.85
CA LEU C 179 21.90 -9.94 -98.68
C LEU C 179 21.93 -10.31 -100.16
N GLU C 180 22.43 -11.50 -100.48
CA GLU C 180 22.32 -12.01 -101.85
C GLU C 180 20.85 -12.21 -102.23
N ALA C 181 20.05 -12.72 -101.30
CA ALA C 181 18.62 -12.87 -101.55
C ALA C 181 17.95 -11.52 -101.73
N TYR C 182 18.30 -10.54 -100.88
CA TYR C 182 17.76 -9.20 -101.05
C TYR C 182 18.25 -8.57 -102.35
N ASP C 183 19.54 -8.76 -102.66
CA ASP C 183 20.09 -8.30 -103.93
C ASP C 183 19.65 -9.17 -105.09
N GLN C 184 19.08 -10.35 -104.83
CA GLN C 184 18.59 -11.20 -105.91
C GLN C 184 17.51 -10.49 -106.71
N GLN C 185 16.54 -9.87 -106.02
CA GLN C 185 15.53 -9.09 -106.72
C GLN C 185 16.17 -7.95 -107.50
N CYS C 186 17.20 -7.31 -106.93
CA CYS C 186 17.98 -6.36 -107.70
C CYS C 186 18.71 -7.04 -108.86
N ASP C 187 19.29 -8.22 -108.60
CA ASP C 187 20.01 -8.94 -109.63
C ASP C 187 19.06 -9.49 -110.69
N GLU C 188 17.97 -10.11 -110.26
CA GLU C 188 17.01 -10.66 -111.21
C GLU C 188 16.36 -9.54 -112.04
N ALA C 189 16.09 -8.39 -111.41
CA ALA C 189 15.67 -7.23 -112.20
C ALA C 189 16.77 -6.80 -113.16
N THR C 190 18.02 -6.86 -112.70
CA THR C 190 19.14 -6.66 -113.62
C THR C 190 19.24 -7.79 -114.64
N ARG C 191 18.93 -9.02 -114.23
CA ARG C 191 18.92 -10.13 -115.17
C ARG C 191 17.90 -9.91 -116.28
N ILE C 192 16.70 -9.45 -115.94
CA ILE C 192 15.66 -9.21 -116.93
C ILE C 192 15.82 -7.89 -117.65
N PHE C 193 16.83 -7.10 -117.29
CA PHE C 193 17.15 -5.84 -117.95
C PHE C 193 18.50 -5.92 -118.64
N ALA C 194 18.78 -7.05 -119.29
CA ALA C 194 20.11 -7.37 -119.78
C ALA C 194 20.27 -7.24 -121.28
N GLU C 195 19.43 -7.90 -122.08
CA GLU C 195 19.64 -7.98 -123.51
C GLU C 195 18.63 -7.15 -124.30
N TYR C 196 17.33 -7.42 -124.14
CA TYR C 196 16.33 -6.60 -124.82
C TYR C 196 15.92 -5.40 -124.01
N HIS C 197 15.81 -5.54 -122.69
CA HIS C 197 15.56 -4.40 -121.81
C HIS C 197 16.83 -3.63 -121.49
N LYS C 198 17.94 -3.93 -122.17
CA LYS C 198 19.10 -3.05 -122.11
C LYS C 198 18.75 -1.66 -122.60
N ARG C 199 17.79 -1.55 -123.52
CA ARG C 199 17.31 -0.25 -123.96
C ARG C 199 16.63 0.50 -122.82
N LEU C 200 16.05 -0.23 -121.86
CA LEU C 200 15.35 0.44 -120.75
C LEU C 200 16.29 1.30 -119.93
N GLN C 201 17.58 0.94 -119.88
CA GLN C 201 18.57 1.78 -119.20
C GLN C 201 18.76 3.14 -119.87
N VAL C 202 18.34 3.28 -121.13
CA VAL C 202 18.44 4.55 -121.84
C VAL C 202 17.09 5.08 -122.29
N TYR C 203 16.06 4.23 -122.42
CA TYR C 203 14.64 4.66 -122.46
C TYR C 203 14.29 5.56 -121.28
N VAL C 204 14.88 5.31 -120.10
CA VAL C 204 14.62 6.16 -118.96
C VAL C 204 15.16 7.56 -119.18
N ASN C 205 16.20 7.69 -119.99
CA ASN C 205 16.87 8.98 -120.19
C ASN C 205 16.72 9.52 -121.62
N GLN C 206 17.11 8.75 -122.63
CA GLN C 206 17.20 9.26 -124.00
C GLN C 206 16.13 8.70 -124.92
N ALA C 207 15.90 7.39 -124.91
CA ALA C 207 14.93 6.77 -125.80
C ALA C 207 13.49 6.94 -125.31
N ASN C 208 13.26 7.87 -124.39
CA ASN C 208 11.94 8.04 -123.78
C ASN C 208 10.89 8.39 -124.81
N ASP C 209 11.19 9.34 -125.69
CA ASP C 209 10.20 9.86 -126.63
C ASP C 209 10.40 9.37 -128.06
N ALA C 210 11.31 8.42 -128.28
CA ALA C 210 11.64 7.98 -129.63
C ALA C 210 11.25 6.54 -129.91
N GLN C 211 11.73 5.59 -129.10
CA GLN C 211 11.60 4.18 -129.42
C GLN C 211 10.26 3.58 -129.00
N ARG C 212 9.46 4.28 -128.19
CA ARG C 212 8.18 3.72 -127.76
C ARG C 212 7.15 3.80 -128.88
N SER C 213 7.09 4.92 -129.60
CA SER C 213 6.00 5.16 -130.54
C SER C 213 6.32 4.77 -131.98
N VAL C 214 7.59 4.69 -132.36
CA VAL C 214 7.94 4.32 -133.72
C VAL C 214 7.52 2.90 -134.03
N ASN C 215 7.65 2.00 -133.04
CA ASN C 215 7.31 0.60 -133.26
C ASN C 215 5.81 0.43 -133.53
N SER C 216 4.98 1.24 -132.89
CA SER C 216 3.53 1.09 -133.02
C SER C 216 3.05 1.32 -134.44
N SER C 217 3.80 2.07 -135.26
CA SER C 217 3.43 2.32 -136.64
C SER C 217 4.41 1.72 -137.63
N ASN C 218 5.70 2.06 -137.54
CA ASN C 218 6.66 1.60 -138.53
C ASN C 218 6.82 0.08 -138.48
N GLU C 219 6.94 -0.47 -137.27
CA GLU C 219 7.15 -1.91 -137.13
C GLU C 219 5.90 -2.72 -137.46
N VAL C 220 4.75 -2.08 -137.61
CA VAL C 220 3.56 -2.76 -138.09
C VAL C 220 3.22 -2.37 -139.53
N LEU C 221 3.59 -1.16 -139.97
CA LEU C 221 3.43 -0.82 -141.38
C LEU C 221 4.36 -1.68 -142.24
N SER C 222 5.59 -1.91 -141.76
CA SER C 222 6.48 -2.84 -142.45
C SER C 222 5.93 -4.27 -142.39
N SER C 223 5.36 -4.66 -141.25
CA SER C 223 4.81 -5.99 -141.08
C SER C 223 3.64 -6.25 -142.03
N LEU C 224 2.55 -5.50 -141.86
CA LEU C 224 1.35 -5.74 -142.65
C LEU C 224 1.41 -4.98 -143.98
N ALA C 527 3.09 -14.62 -136.15
CA ALA C 527 4.40 -15.06 -135.69
C ALA C 527 5.09 -13.95 -134.90
N THR C 528 4.31 -12.94 -134.49
CA THR C 528 4.87 -11.82 -133.75
C THR C 528 3.96 -11.35 -132.61
N VAL C 529 3.02 -12.17 -132.15
CA VAL C 529 2.08 -11.75 -131.12
C VAL C 529 2.24 -12.52 -129.82
N ILE C 530 2.64 -13.81 -129.83
CA ILE C 530 2.38 -14.71 -128.69
C ILE C 530 3.13 -14.38 -127.39
N PRO C 531 4.45 -14.11 -127.38
CA PRO C 531 5.13 -14.00 -126.09
C PRO C 531 5.15 -12.60 -125.47
N ALA C 532 4.76 -11.57 -126.22
CA ALA C 532 4.87 -10.21 -125.71
C ALA C 532 3.84 -9.93 -124.62
N SER C 533 2.64 -10.50 -124.75
CA SER C 533 1.57 -10.24 -123.79
C SER C 533 1.70 -11.08 -122.52
N GLU C 534 2.66 -11.99 -122.45
CA GLU C 534 2.83 -12.87 -121.30
C GLU C 534 3.98 -12.47 -120.40
N VAL C 535 5.07 -11.94 -120.95
CA VAL C 535 6.28 -11.68 -120.19
C VAL C 535 6.34 -10.23 -119.70
N VAL C 536 5.84 -9.28 -120.49
CA VAL C 536 5.99 -7.87 -120.14
C VAL C 536 5.21 -7.53 -118.88
N VAL C 537 3.99 -8.05 -118.74
CA VAL C 537 3.23 -7.83 -117.52
C VAL C 537 3.93 -8.46 -116.33
N ASP C 538 4.60 -9.60 -116.54
CA ASP C 538 5.46 -10.16 -115.50
C ASP C 538 6.65 -9.24 -115.22
N ILE C 539 7.21 -8.62 -116.26
CA ILE C 539 8.25 -7.62 -116.06
C ILE C 539 7.67 -6.41 -115.34
N SER C 540 6.47 -5.99 -115.72
CA SER C 540 5.78 -4.92 -115.00
C SER C 540 5.51 -5.33 -113.56
N ASN C 541 5.14 -6.59 -113.34
CA ASN C 541 5.03 -7.11 -111.98
C ASN C 541 6.37 -7.03 -111.27
N SER C 542 7.46 -7.31 -111.97
CA SER C 542 8.79 -7.18 -111.37
C SER C 542 9.06 -5.75 -110.93
N ALA C 543 8.71 -4.78 -111.77
CA ALA C 543 8.83 -3.38 -111.37
C ALA C 543 7.93 -3.07 -110.19
N LYS C 544 6.69 -3.57 -110.21
CA LYS C 544 5.81 -3.41 -109.07
C LYS C 544 6.38 -4.11 -107.85
N ASP C 545 6.96 -5.29 -108.04
CA ASP C 545 7.61 -6.01 -106.94
C ASP C 545 8.98 -5.46 -106.60
N PHE C 546 9.53 -4.56 -107.42
CA PHE C 546 10.81 -3.94 -107.13
C PHE C 546 10.67 -2.71 -106.25
N ILE C 547 9.72 -1.84 -106.55
CA ILE C 547 9.48 -0.66 -105.71
C ILE C 547 9.04 -1.08 -104.31
N GLU C 548 8.23 -2.14 -104.21
CA GLU C 548 7.87 -2.66 -102.91
C GLU C 548 9.02 -3.42 -102.27
N LYS C 549 9.89 -4.03 -103.08
CA LYS C 549 11.14 -4.57 -102.53
C LYS C 549 12.01 -3.45 -101.99
N GLU C 550 12.12 -2.35 -102.73
CA GLU C 550 12.94 -1.23 -102.29
C GLU C 550 12.40 -0.65 -100.99
N VAL C 551 11.07 -0.50 -100.89
CA VAL C 551 10.47 -0.10 -99.63
C VAL C 551 10.78 -1.12 -98.55
N SER C 552 10.67 -2.41 -98.87
CA SER C 552 11.08 -3.45 -97.94
C SER C 552 12.57 -3.38 -97.66
N ALA C 553 13.38 -3.29 -98.72
CA ALA C 553 14.84 -3.25 -98.55
C ALA C 553 15.28 -2.03 -97.77
N PHE C 554 14.51 -0.94 -97.84
CA PHE C 554 14.78 0.21 -96.98
C PHE C 554 14.53 -0.10 -95.52
N PHE C 555 13.85 -1.21 -95.22
CA PHE C 555 13.56 -1.61 -93.84
C PHE C 555 13.92 -3.07 -93.58
N GLN C 556 14.49 -3.77 -94.56
CA GLN C 556 14.85 -5.18 -94.40
C GLN C 556 16.33 -5.46 -94.65
N SER C 557 16.93 -4.77 -95.62
CA SER C 557 18.37 -4.94 -95.84
C SER C 557 19.21 -4.63 -94.60
N PRO C 558 18.93 -3.61 -93.81
CA PRO C 558 19.64 -3.49 -92.52
C PRO C 558 19.41 -4.67 -91.60
N ASP C 559 18.23 -5.30 -91.66
CA ASP C 559 17.87 -6.32 -90.67
C ASP C 559 18.78 -7.55 -90.76
N ASN C 560 18.92 -8.13 -91.95
CA ASN C 560 19.65 -9.38 -92.06
C ASN C 560 21.12 -9.20 -91.71
N SER C 561 21.74 -8.12 -92.19
CA SER C 561 23.14 -7.86 -91.88
C SER C 561 23.33 -7.57 -90.40
N LEU C 562 22.43 -6.79 -89.81
CA LEU C 562 22.55 -6.49 -88.39
C LEU C 562 22.29 -7.73 -87.54
N TYR C 563 21.32 -8.57 -87.93
CA TYR C 563 20.89 -9.67 -87.06
C TYR C 563 21.99 -10.69 -86.81
N MET C 564 23.06 -10.71 -87.61
CA MET C 564 24.16 -11.59 -87.27
C MET C 564 24.90 -11.11 -86.03
N LEU C 565 24.85 -9.82 -85.73
CA LEU C 565 25.40 -9.32 -84.47
C LEU C 565 24.68 -9.91 -83.26
N PRO C 566 23.33 -9.96 -83.19
CA PRO C 566 22.69 -10.66 -82.08
C PRO C 566 22.60 -12.17 -82.27
N ALA C 567 23.39 -12.76 -83.17
CA ALA C 567 23.35 -14.21 -83.34
C ALA C 567 23.62 -14.92 -82.01
N THR C 568 24.80 -14.70 -81.44
CA THR C 568 25.06 -15.21 -80.09
C THR C 568 24.14 -14.58 -79.05
N PRO C 569 23.99 -13.23 -78.95
CA PRO C 569 23.00 -12.66 -78.01
C PRO C 569 21.58 -12.62 -78.59
N GLN C 570 21.15 -13.73 -79.18
CA GLN C 570 19.77 -13.83 -79.63
C GLN C 570 18.79 -13.78 -78.47
N GLY C 571 19.24 -14.17 -77.27
CA GLY C 571 18.47 -13.87 -76.08
C GLY C 571 18.27 -12.39 -75.91
N LEU C 572 19.34 -11.60 -76.07
CA LEU C 572 19.21 -10.15 -76.04
C LEU C 572 18.34 -9.65 -77.19
N ALA C 573 18.32 -10.38 -78.31
CA ALA C 573 17.44 -10.03 -79.41
C ALA C 573 15.98 -10.30 -79.04
N ARG C 574 15.68 -11.57 -78.72
CA ARG C 574 14.30 -11.94 -78.39
C ARG C 574 13.85 -11.28 -77.09
N ASP C 575 12.57 -10.92 -77.05
CA ASP C 575 12.01 -10.28 -75.86
C ASP C 575 12.07 -11.16 -74.61
N PRO C 576 11.64 -12.45 -74.63
CA PRO C 576 11.54 -13.19 -73.37
C PRO C 576 12.87 -13.67 -72.82
N SER C 577 13.98 -13.25 -73.43
CA SER C 577 15.28 -13.71 -72.94
C SER C 577 16.35 -12.62 -72.98
N ALA C 578 15.98 -11.36 -73.15
CA ALA C 578 16.94 -10.27 -73.02
C ALA C 578 17.14 -9.85 -71.57
N ILE C 579 16.19 -10.17 -70.70
CA ILE C 579 16.22 -9.84 -69.28
C ILE C 579 17.49 -10.32 -68.60
N PRO C 580 17.99 -11.54 -68.86
CA PRO C 580 19.23 -11.97 -68.18
C PRO C 580 20.41 -11.02 -68.35
N SER C 581 20.60 -10.47 -69.56
CA SER C 581 21.65 -9.49 -69.78
C SER C 581 21.19 -8.08 -69.46
N ILE C 582 19.93 -7.89 -69.11
CA ILE C 582 19.46 -6.59 -68.64
C ILE C 582 19.06 -6.61 -67.17
N CYS C 583 18.82 -7.78 -66.57
CA CYS C 583 18.60 -7.89 -65.13
C CYS C 583 19.59 -8.79 -64.44
N ARG C 584 19.81 -10.01 -64.96
CA ARG C 584 20.50 -11.03 -64.19
C ARG C 584 22.00 -10.80 -64.14
N ILE C 585 22.68 -10.83 -65.29
CA ILE C 585 24.04 -10.30 -65.28
C ILE C 585 23.90 -8.82 -65.61
N SER C 586 23.37 -8.06 -64.64
CA SER C 586 23.21 -6.63 -64.86
C SER C 586 23.28 -5.80 -63.60
N ALA C 587 23.54 -6.37 -62.42
CA ALA C 587 23.59 -5.55 -61.22
C ALA C 587 24.75 -4.56 -61.28
N ALA C 588 25.69 -4.77 -62.20
CA ALA C 588 26.67 -3.77 -62.58
C ALA C 588 26.55 -3.35 -64.04
N LEU C 589 25.95 -4.18 -64.90
CA LEU C 589 25.76 -3.82 -66.30
C LEU C 589 24.83 -2.63 -66.45
N GLN C 590 23.86 -2.48 -65.55
CA GLN C 590 22.90 -1.39 -65.64
C GLN C 590 23.45 -0.07 -65.11
N TYR C 591 24.73 -0.01 -64.75
CA TYR C 591 25.32 1.24 -64.32
C TYR C 591 25.33 2.30 -65.42
N PRO C 592 25.78 2.02 -66.66
CA PRO C 592 25.65 3.04 -67.72
C PRO C 592 24.21 3.44 -67.97
N ALA C 593 23.29 2.49 -67.93
CA ALA C 593 21.85 2.79 -68.01
C ALA C 593 21.26 2.93 -66.60
N GLY C 594 21.86 3.80 -65.79
CA GLY C 594 21.45 3.92 -64.41
C GLY C 594 20.00 4.34 -64.26
N LEU C 595 19.56 5.31 -65.08
CA LEU C 595 18.16 5.70 -65.08
C LEU C 595 17.27 4.54 -65.52
N GLU C 596 17.68 3.83 -66.58
CA GLU C 596 16.91 2.68 -67.04
C GLU C 596 17.02 1.51 -66.07
N GLY C 597 18.25 1.19 -65.65
CA GLY C 597 18.50 -0.01 -64.88
C GLY C 597 18.41 0.17 -63.37
N SER C 598 17.19 0.35 -62.86
CA SER C 598 16.98 0.44 -61.43
C SER C 598 16.83 -0.93 -60.77
N ASP C 599 16.90 -2.02 -61.55
CA ASP C 599 16.62 -3.35 -61.02
C ASP C 599 17.52 -3.68 -59.84
N ALA C 600 18.83 -3.56 -60.01
CA ALA C 600 19.78 -3.84 -58.94
C ALA C 600 20.84 -2.77 -58.76
N SER C 601 21.03 -1.87 -59.73
CA SER C 601 21.95 -0.76 -59.53
C SER C 601 21.44 0.20 -58.46
N LEU C 602 20.14 0.22 -58.22
CA LEU C 602 19.53 1.06 -57.20
C LEU C 602 19.41 0.35 -55.85
N ALA C 603 19.91 -0.90 -55.75
CA ALA C 603 19.82 -1.62 -54.49
C ALA C 603 20.64 -0.97 -53.39
N SER C 604 21.68 -0.22 -53.74
CA SER C 604 22.46 0.49 -52.73
C SER C 604 21.64 1.61 -52.10
N VAL C 605 20.99 2.44 -52.93
CA VAL C 605 20.06 3.44 -52.40
C VAL C 605 18.86 2.76 -51.76
N LEU C 606 18.43 1.62 -52.31
CA LEU C 606 17.36 0.84 -51.71
C LEU C 606 17.70 0.42 -50.28
N GLU C 607 18.98 0.28 -49.97
CA GLU C 607 19.44 0.00 -48.62
C GLU C 607 20.34 1.12 -48.10
N SER C 608 20.15 2.34 -48.60
CA SER C 608 20.91 3.48 -48.09
C SER C 608 20.58 3.73 -46.62
N LEU C 609 19.30 3.65 -46.26
CA LEU C 609 18.90 3.74 -44.86
C LEU C 609 19.08 2.40 -44.14
N GLU C 610 19.25 1.32 -44.88
CA GLU C 610 19.50 -0.01 -44.31
C GLU C 610 21.00 -0.30 -44.38
N PHE C 611 21.74 0.30 -43.44
CA PHE C 611 23.19 0.27 -43.52
C PHE C 611 23.80 -1.06 -43.10
N CYS C 612 23.07 -1.91 -42.36
CA CYS C 612 23.54 -3.27 -42.15
C CYS C 612 23.58 -4.04 -43.46
N LEU C 613 22.51 -3.92 -44.27
CA LEU C 613 22.38 -4.64 -45.53
C LEU C 613 22.96 -3.86 -46.71
N ARG C 614 23.93 -2.98 -46.45
CA ARG C 614 24.48 -2.13 -47.50
C ARG C 614 25.29 -2.95 -48.50
N VAL C 615 26.36 -3.58 -48.05
CA VAL C 615 27.24 -4.37 -48.91
C VAL C 615 26.87 -5.85 -48.88
N ARG C 616 25.70 -6.17 -48.33
CA ARG C 616 25.20 -7.54 -48.27
C ARG C 616 24.04 -7.79 -49.22
N GLY C 617 22.99 -6.98 -49.14
CA GLY C 617 21.81 -7.20 -49.95
C GLY C 617 21.76 -6.34 -51.19
N SER C 618 22.93 -5.90 -51.68
CA SER C 618 22.98 -5.03 -52.84
C SER C 618 23.02 -5.82 -54.14
N GLU C 619 24.07 -6.64 -54.36
CA GLU C 619 24.15 -7.49 -55.56
C GLU C 619 24.51 -8.90 -55.12
N ALA C 620 23.52 -9.66 -54.65
CA ALA C 620 23.75 -11.04 -54.25
C ALA C 620 22.82 -11.99 -55.00
N CYS C 621 21.52 -11.74 -54.92
CA CYS C 621 20.52 -12.66 -55.45
C CYS C 621 20.36 -12.44 -56.95
N VAL C 622 21.13 -11.50 -57.50
CA VAL C 622 20.98 -11.16 -58.90
C VAL C 622 21.40 -12.33 -59.78
N LEU C 623 22.29 -13.18 -59.31
CA LEU C 623 22.70 -14.30 -60.15
C LEU C 623 22.65 -15.66 -59.47
N GLU C 624 23.05 -15.75 -58.20
CA GLU C 624 23.19 -17.07 -57.59
C GLU C 624 22.54 -17.17 -56.21
N ASP C 625 22.43 -16.05 -55.50
CA ASP C 625 21.98 -16.09 -54.12
C ASP C 625 20.46 -16.04 -53.98
N LEU C 626 19.73 -15.97 -55.08
CA LEU C 626 18.27 -16.02 -55.02
C LEU C 626 17.77 -17.41 -54.68
N ALA C 627 18.65 -18.43 -54.71
CA ALA C 627 18.29 -19.78 -54.32
C ALA C 627 18.87 -20.20 -52.97
N LYS C 628 19.87 -19.48 -52.47
CA LYS C 628 20.58 -19.89 -51.26
C LYS C 628 20.34 -18.96 -50.07
N ALA C 629 20.21 -17.66 -50.30
CA ALA C 629 20.00 -16.73 -49.18
C ALA C 629 18.64 -16.94 -48.53
N ILE C 630 17.61 -17.26 -49.31
CA ILE C 630 16.25 -17.30 -48.78
C ILE C 630 16.13 -18.39 -47.73
N ASP C 631 16.81 -19.52 -47.92
CA ASP C 631 16.76 -20.59 -46.93
C ASP C 631 17.41 -20.16 -45.61
N LEU C 632 18.31 -19.19 -45.65
CA LEU C 632 19.09 -18.79 -44.50
C LEU C 632 18.61 -17.48 -43.88
N VAL C 633 17.48 -16.93 -44.34
CA VAL C 633 16.89 -15.77 -43.70
C VAL C 633 15.94 -16.16 -42.58
N HIS C 634 15.38 -17.37 -42.61
CA HIS C 634 14.55 -17.83 -41.50
C HIS C 634 15.39 -18.22 -40.30
N ILE C 635 16.57 -18.80 -40.54
CA ILE C 635 17.50 -19.04 -39.42
C ILE C 635 18.04 -17.72 -38.90
N ARG C 636 18.26 -16.75 -39.79
CA ARG C 636 18.57 -15.40 -39.34
C ARG C 636 17.42 -14.83 -38.52
N GLN C 637 16.20 -14.97 -39.03
CA GLN C 637 15.03 -14.44 -38.35
C GLN C 637 14.87 -15.07 -36.98
N ASP C 638 15.09 -16.39 -36.88
CA ASP C 638 14.95 -17.08 -35.62
C ASP C 638 16.16 -16.93 -34.71
N LEU C 639 17.31 -16.50 -35.23
CA LEU C 639 18.47 -16.25 -34.40
C LEU C 639 18.67 -14.78 -34.07
N VAL C 640 18.20 -13.87 -34.93
CA VAL C 640 18.22 -12.45 -34.57
C VAL C 640 17.31 -12.19 -33.38
N GLU C 641 16.19 -12.92 -33.29
CA GLU C 641 15.36 -12.84 -32.09
C GLU C 641 16.08 -13.39 -30.88
N SER C 642 16.96 -14.39 -31.08
CA SER C 642 17.84 -14.79 -29.99
C SER C 642 18.81 -13.67 -29.63
N GLY C 643 19.20 -12.86 -30.62
CA GLY C 643 19.84 -11.60 -30.34
C GLY C 643 18.90 -10.55 -29.80
N HIS C 644 17.60 -10.72 -30.02
CA HIS C 644 16.61 -9.94 -29.29
C HIS C 644 16.30 -10.59 -27.94
N SER C 645 16.47 -11.91 -27.85
CA SER C 645 16.25 -12.62 -26.59
C SER C 645 17.37 -12.38 -25.58
N LEU C 646 18.58 -12.03 -26.04
CA LEU C 646 19.61 -11.61 -25.10
C LEU C 646 19.17 -10.34 -24.38
N LEU C 647 18.53 -9.42 -25.11
CA LEU C 647 17.87 -8.30 -24.47
C LEU C 647 16.76 -8.79 -23.54
N ASP C 648 15.97 -9.77 -24.00
CA ASP C 648 14.96 -10.35 -23.14
C ASP C 648 15.60 -11.03 -21.93
N HIS C 649 16.57 -11.92 -22.18
CA HIS C 649 17.20 -12.65 -21.08
C HIS C 649 17.87 -11.70 -20.11
N ALA C 650 18.54 -10.65 -20.62
CA ALA C 650 19.15 -9.66 -19.73
C ALA C 650 18.10 -8.96 -18.89
N PHE C 651 16.99 -8.52 -19.51
CA PHE C 651 15.91 -7.94 -18.73
C PHE C 651 15.28 -8.97 -17.81
N ARG C 652 15.14 -10.21 -18.26
CA ARG C 652 14.76 -11.28 -17.35
C ARG C 652 15.80 -11.43 -16.24
N ALA C 653 17.09 -11.32 -16.60
CA ALA C 653 18.14 -11.35 -15.60
C ALA C 653 18.23 -10.04 -14.83
N GLN C 654 17.72 -8.95 -15.39
CA GLN C 654 17.76 -7.66 -14.71
C GLN C 654 16.47 -7.39 -13.93
N GLN C 655 15.34 -7.31 -14.63
CA GLN C 655 14.10 -6.93 -13.98
C GLN C 655 13.52 -8.08 -13.16
N LYS C 656 13.63 -9.31 -13.65
CA LYS C 656 13.07 -10.46 -12.95
C LYS C 656 14.10 -11.21 -12.13
N TYR C 657 15.40 -11.01 -12.37
CA TYR C 657 16.42 -11.62 -11.53
C TYR C 657 17.21 -10.58 -10.74
N GLU C 658 17.85 -9.63 -11.42
CA GLU C 658 18.69 -8.66 -10.70
C GLU C 658 17.85 -7.72 -9.86
N ARG C 659 16.72 -7.25 -10.38
CA ARG C 659 15.85 -6.42 -9.55
C ARG C 659 15.25 -7.22 -8.39
N THR C 660 15.12 -8.54 -8.54
CA THR C 660 14.78 -9.37 -7.40
C THR C 660 15.98 -9.58 -6.47
N THR C 661 17.20 -9.61 -7.01
CA THR C 661 18.37 -9.47 -6.15
C THR C 661 18.33 -8.14 -5.43
N ASN C 662 18.00 -7.06 -6.15
CA ASN C 662 17.73 -5.79 -5.49
C ASN C 662 16.55 -5.91 -4.55
N TYR C 663 15.48 -6.60 -4.98
CA TYR C 663 14.33 -6.81 -4.11
C TYR C 663 14.70 -7.64 -2.89
N CYS C 664 15.38 -8.78 -3.10
CA CYS C 664 15.80 -9.57 -1.96
C CYS C 664 16.83 -8.85 -1.11
N LEU C 665 17.46 -7.81 -1.64
CA LEU C 665 18.20 -6.86 -0.84
C LEU C 665 17.33 -5.74 -0.30
N ASP C 666 16.35 -5.28 -1.09
CA ASP C 666 15.40 -4.28 -0.60
C ASP C 666 14.42 -4.89 0.40
N LEU C 667 13.88 -6.07 0.09
CA LEU C 667 12.95 -6.71 1.03
C LEU C 667 13.67 -7.12 2.30
N ALA C 668 14.92 -7.60 2.18
CA ALA C 668 15.70 -7.89 3.37
C ALA C 668 16.04 -6.61 4.13
N SER C 669 15.96 -5.47 3.46
CA SER C 669 16.16 -4.17 4.10
C SER C 669 14.88 -3.33 4.10
N GLU C 670 13.75 -3.89 3.67
CA GLU C 670 12.50 -3.15 3.69
C GLU C 670 12.09 -2.82 5.12
N GLN C 671 12.21 -3.80 6.02
CA GLN C 671 11.96 -3.53 7.43
C GLN C 671 13.08 -2.69 8.04
N GLU C 672 14.31 -2.83 7.54
CA GLU C 672 15.38 -1.92 7.94
C GLU C 672 14.98 -0.47 7.71
N ASN C 673 14.51 -0.15 6.50
CA ASN C 673 14.15 1.22 6.19
C ASN C 673 13.03 1.71 7.10
N THR C 674 12.03 0.87 7.35
CA THR C 674 11.03 1.19 8.36
C THR C 674 11.68 1.30 9.73
N ILE C 675 12.53 0.33 10.08
CA ILE C 675 13.25 0.41 11.35
C ILE C 675 14.16 1.62 11.38
N SER C 676 14.82 1.91 10.26
CA SER C 676 15.61 3.13 10.17
C SER C 676 14.74 4.37 10.33
N ASP C 677 13.55 4.35 9.72
CA ASP C 677 12.60 5.44 9.93
C ASP C 677 12.20 5.55 11.40
N GLN C 678 11.79 4.42 11.99
CA GLN C 678 11.43 4.39 13.41
C GLN C 678 12.62 3.98 14.28
N TRP C 679 13.78 4.62 14.08
CA TRP C 679 15.00 4.13 14.71
C TRP C 679 14.91 4.26 16.23
N LEU C 680 14.50 5.43 16.72
CA LEU C 680 14.30 5.58 18.16
C LEU C 680 13.17 4.71 18.69
N PRO C 681 11.94 4.73 18.12
CA PRO C 681 10.90 3.84 18.65
C PRO C 681 11.21 2.35 18.50
N GLU C 682 11.93 1.95 17.45
CA GLU C 682 12.41 0.57 17.39
C GLU C 682 13.38 0.29 18.53
N LEU C 683 14.28 1.24 18.80
CA LEU C 683 15.08 1.16 20.01
C LEU C 683 14.22 1.20 21.26
N ARG C 684 13.11 1.96 21.23
CA ARG C 684 12.20 1.97 22.37
C ARG C 684 11.55 0.61 22.58
N THR C 685 11.40 -0.19 21.53
CA THR C 685 10.71 -1.48 21.63
C THR C 685 11.67 -2.66 21.44
N ALA C 686 12.36 -2.72 20.30
CA ALA C 686 13.20 -3.89 20.03
C ALA C 686 14.36 -3.99 21.02
N VAL C 687 14.87 -2.86 21.49
CA VAL C 687 15.91 -2.84 22.49
C VAL C 687 15.37 -2.35 23.83
N GLN C 688 14.07 -2.57 24.07
CA GLN C 688 13.42 -2.11 25.29
C GLN C 688 14.04 -2.73 26.54
N ASN C 689 14.68 -3.89 26.42
CA ASN C 689 15.29 -4.56 27.55
C ASN C 689 16.70 -4.03 27.86
N ALA C 690 17.03 -2.84 27.37
CA ALA C 690 18.33 -2.22 27.64
C ALA C 690 18.24 -1.18 28.76
N GLN C 691 17.35 -0.21 28.62
CA GLN C 691 17.20 0.80 29.67
C GLN C 691 16.73 0.18 30.97
N ALA C 692 15.80 -0.77 30.90
CA ALA C 692 15.33 -1.44 32.11
C ALA C 692 16.45 -2.23 32.76
N SER C 693 17.26 -2.91 31.97
CA SER C 693 18.45 -3.57 32.51
C SER C 693 19.54 -2.57 32.87
N SER C 694 19.46 -1.35 32.35
CA SER C 694 20.42 -0.32 32.74
C SER C 694 20.11 0.23 34.12
N GLU C 695 18.85 0.17 34.56
CA GLU C 695 18.48 0.72 35.86
C GLU C 695 19.17 -0.03 37.00
N HIS C 696 19.50 -1.30 36.80
CA HIS C 696 20.13 -2.10 37.83
C HIS C 696 21.64 -2.20 37.66
N CYS C 697 22.24 -1.39 36.77
CA CYS C 697 23.69 -1.35 36.70
C CYS C 697 24.30 -0.80 37.98
N LYS C 698 23.79 0.34 38.44
CA LYS C 698 24.17 0.85 39.76
C LYS C 698 23.50 0.06 40.87
N TYR C 699 22.23 -0.30 40.68
CA TYR C 699 21.49 -1.12 41.63
C TYR C 699 21.95 -2.57 41.45
N VAL C 700 23.07 -2.88 42.11
CA VAL C 700 23.77 -4.14 41.86
C VAL C 700 22.89 -5.34 42.15
N ARG C 701 22.07 -5.25 43.21
CA ARG C 701 21.24 -6.37 43.62
C ARG C 701 20.18 -6.75 42.59
N GLY C 702 19.91 -5.90 41.61
CA GLY C 702 19.00 -6.21 40.54
C GLY C 702 19.58 -6.98 39.38
N LEU C 703 20.86 -7.37 39.47
CA LEU C 703 21.53 -8.06 38.37
C LEU C 703 21.03 -9.48 38.16
N LEU C 704 20.19 -10.01 39.06
CA LEU C 704 19.66 -11.36 38.93
C LEU C 704 18.16 -11.45 39.08
N ASP C 705 17.49 -10.41 39.59
CA ASP C 705 16.09 -10.54 39.99
C ASP C 705 15.18 -10.86 38.81
N GLU C 706 15.37 -10.19 37.67
CA GLU C 706 14.46 -10.39 36.54
C GLU C 706 14.55 -11.80 35.99
N TRP C 707 15.76 -12.36 35.93
CA TRP C 707 16.01 -13.64 35.29
C TRP C 707 15.42 -14.83 36.04
N TRP C 708 14.69 -14.61 37.14
CA TRP C 708 14.03 -15.69 37.85
C TRP C 708 12.65 -16.01 37.31
N GLU C 709 12.19 -15.31 36.28
CA GLU C 709 10.84 -15.44 35.73
C GLU C 709 9.82 -15.07 36.81
N GLN C 710 9.72 -15.88 37.85
CA GLN C 710 9.08 -15.46 39.08
C GLN C 710 10.15 -14.75 39.90
N PRO C 711 10.07 -13.41 40.02
CA PRO C 711 11.29 -12.63 40.35
C PRO C 711 11.98 -13.05 41.64
N ALA C 712 11.23 -13.37 42.68
CA ALA C 712 11.84 -13.72 43.95
C ALA C 712 12.49 -15.10 43.87
N SER C 713 13.66 -15.24 44.49
CA SER C 713 14.38 -16.50 44.43
C SER C 713 13.77 -17.54 45.36
N THR C 714 13.20 -17.10 46.48
CA THR C 714 12.67 -18.03 47.48
C THR C 714 11.15 -18.12 47.51
N VAL C 715 10.44 -17.22 46.84
CA VAL C 715 8.98 -17.35 46.76
C VAL C 715 8.62 -18.54 45.88
N VAL C 716 9.36 -18.76 44.80
CA VAL C 716 9.21 -20.01 44.05
C VAL C 716 9.62 -21.19 44.92
N ASP C 717 10.57 -20.98 45.83
CA ASP C 717 10.95 -22.01 46.80
C ASP C 717 10.04 -22.03 48.01
N TRP C 718 9.14 -21.05 48.15
CA TRP C 718 8.35 -20.91 49.37
C TRP C 718 7.58 -22.18 49.71
N VAL C 719 7.15 -22.92 48.70
CA VAL C 719 6.47 -24.19 48.94
C VAL C 719 7.39 -25.15 49.67
N THR C 720 8.65 -25.23 49.22
CA THR C 720 9.64 -26.03 49.95
C THR C 720 10.04 -25.35 51.26
N VAL C 721 10.13 -24.02 51.26
CA VAL C 721 10.51 -23.29 52.47
C VAL C 721 9.35 -23.23 53.46
N ASP C 722 8.13 -23.58 53.04
CA ASP C 722 6.97 -23.47 53.92
C ASP C 722 7.14 -24.32 55.17
N GLY C 723 7.81 -25.48 55.04
CA GLY C 723 8.05 -26.31 56.21
C GLY C 723 8.87 -25.60 57.27
N GLN C 724 9.86 -24.82 56.85
CA GLN C 724 10.68 -24.07 57.80
C GLN C 724 9.88 -22.98 58.51
N SER C 725 8.96 -22.33 57.78
CA SER C 725 8.11 -21.33 58.40
C SER C 725 7.18 -21.94 59.43
N VAL C 726 6.64 -23.13 59.14
CA VAL C 726 5.73 -23.81 60.05
C VAL C 726 6.46 -24.44 61.22
N ALA C 727 7.81 -24.37 61.24
CA ALA C 727 8.56 -24.96 62.34
C ALA C 727 8.08 -24.46 63.70
N ALA C 728 7.71 -23.17 63.77
CA ALA C 728 7.08 -22.66 64.99
C ALA C 728 5.72 -23.31 65.21
N TRP C 729 4.96 -23.51 64.14
CA TRP C 729 3.64 -24.13 64.21
C TRP C 729 3.69 -25.65 64.12
N GLN C 730 4.88 -26.23 63.91
CA GLN C 730 4.99 -27.68 63.92
C GLN C 730 4.63 -28.25 65.29
N ASN C 731 5.05 -27.58 66.36
CA ASN C 731 4.65 -28.01 67.70
C ASN C 731 3.15 -27.90 67.87
N HIS C 732 2.52 -26.89 67.26
CA HIS C 732 1.06 -26.79 67.33
C HIS C 732 0.40 -28.03 66.74
N VAL C 733 0.98 -28.58 65.68
CA VAL C 733 0.52 -29.86 65.15
C VAL C 733 0.69 -30.95 66.21
N LYS C 734 1.79 -30.90 66.96
CA LYS C 734 1.97 -31.81 68.08
C LYS C 734 0.90 -31.57 69.15
N GLN C 735 0.56 -30.31 69.41
CA GLN C 735 -0.53 -30.03 70.34
C GLN C 735 -1.91 -30.27 69.71
N LEU C 736 -2.00 -30.32 68.39
CA LEU C 736 -3.31 -30.42 67.74
C LEU C 736 -3.85 -31.85 67.81
N LEU C 737 -3.16 -32.79 67.19
CA LEU C 737 -3.60 -34.18 67.14
C LEU C 737 -2.69 -35.13 67.93
N ALA C 738 -1.38 -34.90 67.90
CA ALA C 738 -0.47 -35.80 68.60
C ALA C 738 -0.67 -35.73 70.11
N PHE C 739 -0.84 -34.53 70.67
CA PHE C 739 -1.21 -34.43 72.08
C PHE C 739 -2.56 -35.05 72.34
N TYR C 740 -3.53 -34.82 71.43
CA TYR C 740 -4.82 -35.48 71.55
C TYR C 740 -4.66 -36.99 71.44
N ASP C 741 -3.80 -37.45 70.54
CA ASP C 741 -3.48 -38.87 70.48
C ASP C 741 -2.77 -39.33 71.75
N LYS C 742 -1.84 -38.52 72.25
CA LYS C 742 -1.09 -38.91 73.45
C LYS C 742 -2.00 -39.06 74.65
N GLU C 743 -2.92 -38.12 74.85
CA GLU C 743 -3.80 -38.15 76.01
C GLU C 743 -4.69 -39.39 75.98
N SER C 744 -5.20 -39.75 74.80
CA SER C 744 -6.06 -40.92 74.69
C SER C 744 -5.31 -42.20 75.03
N LEU C 745 -4.11 -42.36 74.49
CA LEU C 745 -3.32 -43.56 74.78
C LEU C 745 -2.70 -43.53 76.16
N ARG C 746 -2.56 -42.35 76.77
CA ARG C 746 -2.08 -42.28 78.15
C ARG C 746 -3.05 -43.00 79.09
N THR C 747 -4.35 -42.92 78.80
CA THR C 747 -5.35 -43.64 79.58
C THR C 747 -5.23 -45.14 79.37
N MET D 1 20.75 12.67 52.21
CA MET D 1 21.02 11.28 52.52
C MET D 1 21.10 11.08 54.03
N SER D 2 22.24 11.44 54.61
CA SER D 2 22.43 11.29 56.06
C SER D 2 21.52 12.20 56.87
N SER D 3 20.90 13.20 56.22
CA SER D 3 20.02 14.11 56.93
C SER D 3 18.82 13.41 57.56
N ALA D 4 18.43 12.25 57.03
CA ALA D 4 17.30 11.52 57.60
C ALA D 4 17.60 11.09 59.03
N ARG D 5 18.81 10.60 59.28
CA ARG D 5 19.22 10.33 60.66
C ARG D 5 19.67 11.59 61.38
N LEU D 6 20.28 12.54 60.66
CA LEU D 6 20.77 13.76 61.29
C LEU D 6 19.67 14.54 61.99
N CYS D 7 18.42 14.39 61.56
CA CYS D 7 17.29 14.97 62.26
C CYS D 7 16.70 14.03 63.30
N SER D 8 17.22 12.80 63.41
CA SER D 8 16.77 11.86 64.43
C SER D 8 17.71 11.79 65.62
N LEU D 9 18.90 12.40 65.53
CA LEU D 9 19.79 12.46 66.68
C LEU D 9 19.35 13.51 67.70
N VAL D 10 18.65 14.56 67.24
CA VAL D 10 18.13 15.58 68.13
C VAL D 10 16.99 15.06 69.00
N ALA D 11 16.57 13.82 68.78
CA ALA D 11 15.48 13.24 69.55
C ALA D 11 15.80 13.21 71.04
N GLU D 12 17.03 12.84 71.39
CA GLU D 12 17.50 12.94 72.76
C GLU D 12 18.70 13.87 72.90
N LEU D 13 18.99 14.68 71.87
CA LEU D 13 19.98 15.75 72.01
C LEU D 13 19.32 17.04 72.49
N GLY D 14 18.23 17.45 71.83
CA GLY D 14 17.42 18.54 72.33
C GLY D 14 16.44 18.15 73.40
N TYR D 15 16.37 16.87 73.73
CA TYR D 15 15.46 16.34 74.75
C TYR D 15 16.18 15.33 75.63
N GLU D 16 17.42 15.66 76.03
CA GLU D 16 18.26 14.68 76.71
C GLU D 16 17.68 14.29 78.07
N GLY D 17 17.16 15.25 78.81
CA GLY D 17 16.70 14.98 80.16
C GLY D 17 15.51 14.03 80.26
N ALA D 18 14.33 14.49 79.85
CA ALA D 18 13.14 13.66 79.95
C ALA D 18 12.21 13.71 78.75
N GLY D 19 12.26 14.74 77.91
CA GLY D 19 11.27 14.93 76.86
C GLY D 19 11.44 14.11 75.61
N LYS D 20 12.48 13.28 75.55
CA LYS D 20 12.78 12.46 74.39
C LYS D 20 11.76 11.34 74.16
N LEU D 21 10.87 11.08 75.12
CA LEU D 21 9.93 9.97 74.96
C LEU D 21 8.99 10.20 73.77
N ASP D 22 8.53 11.44 73.59
CA ASP D 22 7.71 11.73 72.42
C ASP D 22 8.49 11.59 71.12
N PRO D 23 9.71 12.12 70.98
CA PRO D 23 10.50 11.80 69.77
C PRO D 23 10.84 10.32 69.64
N ASP D 24 10.76 9.55 70.73
CA ASP D 24 11.03 8.11 70.63
C ASP D 24 10.01 7.42 69.75
N SER D 25 8.73 7.74 69.92
CA SER D 25 7.72 7.27 68.98
C SER D 25 7.74 8.07 67.68
N PHE D 26 8.48 9.17 67.65
CA PHE D 26 8.57 10.04 66.49
C PHE D 26 9.93 9.93 65.79
N GLU D 27 10.78 9.02 66.25
CA GLU D 27 12.13 8.88 65.70
C GLU D 27 12.11 8.53 64.22
N TRP D 28 11.16 7.70 63.81
CA TRP D 28 11.02 7.34 62.40
C TRP D 28 10.33 8.46 61.62
N PRO D 29 9.33 9.17 62.18
CA PRO D 29 8.77 10.33 61.46
C PRO D 29 9.47 11.68 61.57
N PHE D 30 10.74 11.80 61.96
CA PHE D 30 11.43 13.08 61.74
C PHE D 30 11.47 13.45 60.27
N GLN D 31 11.65 12.47 59.39
CA GLN D 31 11.61 12.75 57.96
C GLN D 31 10.25 13.26 57.52
N TYR D 32 9.21 13.02 58.33
CA TYR D 32 7.88 13.58 58.10
C TYR D 32 7.73 14.98 58.68
N ASP D 33 8.71 15.47 59.43
CA ASP D 33 8.66 16.78 60.06
C ASP D 33 9.25 17.88 59.19
N ASP D 34 9.76 17.56 58.01
CA ASP D 34 10.41 18.53 57.14
C ASP D 34 9.43 19.46 56.42
N ALA D 35 8.14 19.43 56.79
CA ALA D 35 7.17 20.30 56.14
C ALA D 35 7.47 21.77 56.42
N ARG D 36 7.60 22.12 57.70
CA ARG D 36 7.94 23.50 58.06
C ARG D 36 9.33 23.91 57.58
N PRO D 37 10.41 23.13 57.81
CA PRO D 37 11.73 23.57 57.30
C PRO D 37 11.98 23.17 55.84
N ILE D 38 11.38 23.94 54.93
CA ILE D 38 11.61 23.72 53.52
C ILE D 38 12.79 24.54 52.98
N LEU D 39 13.19 25.59 53.70
CA LEU D 39 14.32 26.39 53.26
C LEU D 39 15.62 25.60 53.29
N ASP D 40 15.84 24.83 54.36
CA ASP D 40 17.05 24.04 54.51
C ASP D 40 16.94 22.65 53.89
N TRP D 41 15.75 22.26 53.42
CA TRP D 41 15.58 20.97 52.77
C TRP D 41 15.84 21.03 51.28
N ILE D 42 15.46 22.13 50.62
CA ILE D 42 15.66 22.25 49.17
C ILE D 42 17.13 22.31 48.83
N CYS D 43 17.93 22.98 49.67
CA CYS D 43 19.37 23.05 49.43
C CYS D 43 20.04 21.69 49.53
N SER D 44 19.47 20.77 50.29
CA SER D 44 20.01 19.42 50.43
C SER D 44 19.07 18.35 49.89
N SER D 45 18.06 18.74 49.13
CA SER D 45 17.11 17.76 48.57
C SER D 45 17.78 16.85 47.54
N LEU D 46 18.92 17.26 46.98
CA LEU D 46 19.60 16.41 46.01
C LEU D 46 20.30 15.23 46.69
N ARG D 47 20.68 15.39 47.96
CA ARG D 47 21.44 14.34 48.65
C ARG D 47 20.71 13.02 48.77
N PRO D 48 19.45 12.95 49.24
CA PRO D 48 18.83 11.64 49.47
C PRO D 48 18.64 10.82 48.21
N SER D 49 18.63 11.43 47.02
CA SER D 49 18.33 10.72 45.79
C SER D 49 19.43 10.75 44.75
N ASN D 50 20.51 11.51 44.97
CA ASN D 50 21.57 11.59 43.97
C ASN D 50 22.29 10.25 43.78
N VAL D 51 22.17 9.33 44.73
CA VAL D 51 22.79 8.01 44.59
C VAL D 51 22.13 7.26 43.44
N LEU D 52 20.82 7.45 43.26
CA LEU D 52 20.06 6.73 42.24
C LEU D 52 19.60 7.60 41.08
N SER D 53 19.41 8.90 41.30
CA SER D 53 18.82 9.75 40.26
C SER D 53 19.76 9.87 39.06
N LEU D 54 21.03 10.22 39.30
CA LEU D 54 21.96 10.37 38.19
C LEU D 54 22.28 9.03 37.55
N ALA D 55 22.24 7.94 38.32
CA ALA D 55 22.53 6.63 37.76
C ALA D 55 21.47 6.21 36.76
N GLU D 56 20.19 6.31 37.15
CA GLU D 56 19.12 5.87 36.25
C GLU D 56 18.97 6.81 35.05
N LEU D 57 19.28 8.09 35.23
CA LEU D 57 19.13 9.04 34.13
C LEU D 57 20.22 8.88 33.08
N SER D 58 21.46 8.69 33.52
CA SER D 58 22.59 8.64 32.58
C SER D 58 22.67 7.31 31.85
N LEU D 59 22.29 6.21 32.50
CA LEU D 59 22.42 4.89 31.91
C LEU D 59 21.39 4.63 30.81
N TYR D 60 20.41 5.52 30.63
CA TYR D 60 19.48 5.40 29.51
C TYR D 60 20.06 5.91 28.21
N GLU D 61 21.23 6.56 28.24
CA GLU D 61 21.82 7.08 27.02
C GLU D 61 22.28 5.96 26.09
N GLN D 62 22.91 4.92 26.65
CA GLN D 62 23.30 3.77 25.83
C GLN D 62 22.08 3.10 25.22
N PHE D 63 20.98 3.03 25.98
CA PHE D 63 19.72 2.56 25.42
C PHE D 63 19.21 3.51 24.34
N GLN D 64 19.35 4.83 24.56
CA GLN D 64 18.93 5.80 23.57
C GLN D 64 19.76 5.68 22.30
N ARG D 65 21.06 5.46 22.44
CA ARG D 65 21.95 5.27 21.30
C ARG D 65 21.68 3.90 20.66
N ILE D 102 36.95 -23.56 -13.27
CA ILE D 102 37.81 -23.50 -14.45
C ILE D 102 37.00 -23.07 -15.67
N LYS D 103 35.68 -23.12 -15.56
CA LYS D 103 34.77 -22.77 -16.63
C LYS D 103 33.79 -21.69 -16.18
N GLU D 104 34.27 -20.75 -15.36
CA GLU D 104 33.39 -19.79 -14.72
C GLU D 104 33.66 -18.35 -15.15
N VAL D 105 34.90 -17.88 -15.02
CA VAL D 105 35.23 -16.50 -15.37
C VAL D 105 35.68 -16.36 -16.82
N ARG D 106 36.18 -17.44 -17.43
CA ARG D 106 36.58 -17.37 -18.83
C ARG D 106 35.43 -16.97 -19.74
N ASP D 107 34.20 -17.27 -19.34
CA ASP D 107 33.04 -16.85 -20.13
C ASP D 107 32.95 -15.35 -20.23
N ALA D 108 33.36 -14.63 -19.17
CA ALA D 108 33.46 -13.17 -19.26
C ALA D 108 34.47 -12.75 -20.31
N THR D 109 35.48 -13.59 -20.58
CA THR D 109 36.53 -13.27 -21.52
C THR D 109 36.41 -14.00 -22.85
N LEU D 110 35.94 -15.25 -22.83
CA LEU D 110 35.67 -15.96 -24.08
C LEU D 110 34.51 -15.34 -24.84
N ALA D 111 33.67 -14.54 -24.17
CA ALA D 111 32.59 -13.84 -24.86
C ALA D 111 33.14 -12.89 -25.92
N HIS D 112 34.08 -12.03 -25.53
CA HIS D 112 34.69 -11.12 -26.47
C HIS D 112 35.51 -11.83 -27.54
N LYS D 113 35.93 -13.08 -27.28
CA LYS D 113 36.67 -13.84 -28.26
C LYS D 113 35.81 -14.14 -29.49
N ALA D 114 34.53 -14.43 -29.27
CA ALA D 114 33.64 -14.74 -30.39
C ALA D 114 33.51 -13.56 -31.35
N GLU D 115 33.35 -12.35 -30.81
CA GLU D 115 33.31 -11.18 -31.67
C GLU D 115 34.70 -10.83 -32.21
N ALA D 116 35.76 -11.18 -31.47
CA ALA D 116 37.10 -10.91 -31.94
C ALA D 116 37.38 -11.65 -33.24
N LEU D 117 37.14 -12.96 -33.26
CA LEU D 117 37.31 -13.73 -34.48
C LEU D 117 36.31 -13.32 -35.55
N GLU D 118 35.19 -12.72 -35.15
CA GLU D 118 34.17 -12.32 -36.12
C GLU D 118 34.68 -11.19 -37.01
N LEU D 119 35.24 -10.14 -36.42
CA LEU D 119 35.64 -8.97 -37.18
C LEU D 119 36.92 -9.20 -37.97
N GLN D 120 37.89 -9.95 -37.42
CA GLN D 120 39.07 -10.30 -38.20
C GLN D 120 38.71 -11.22 -39.36
N ARG D 121 37.76 -12.13 -39.16
CA ARG D 121 37.28 -12.95 -40.28
C ARG D 121 36.62 -12.07 -41.33
N GLN D 122 35.87 -11.05 -40.89
CA GLN D 122 35.43 -10.01 -41.82
C GLN D 122 36.63 -9.27 -42.40
N LEU D 123 37.59 -8.91 -41.54
CA LEU D 123 38.72 -8.10 -41.99
C LEU D 123 39.53 -8.81 -43.07
N ARG D 124 39.81 -10.10 -42.89
CA ARG D 124 40.50 -10.84 -43.94
C ARG D 124 39.61 -10.99 -45.17
N ARG D 125 38.30 -11.11 -44.97
CA ARG D 125 37.36 -11.00 -46.09
C ARG D 125 37.36 -9.60 -46.67
N LEU D 126 37.48 -8.58 -45.82
CA LEU D 126 37.72 -7.23 -46.33
C LEU D 126 39.09 -7.12 -46.99
N GLN D 127 40.12 -7.73 -46.37
CA GLN D 127 41.49 -7.57 -46.87
C GLN D 127 41.64 -8.14 -48.27
N THR D 128 41.05 -9.30 -48.53
CA THR D 128 41.06 -9.83 -49.90
C THR D 128 40.16 -9.06 -50.84
N GLN D 129 39.62 -7.89 -50.42
CA GLN D 129 38.75 -7.12 -51.28
C GLN D 129 39.03 -5.62 -51.29
N TYR D 130 40.04 -5.12 -50.57
CA TYR D 130 40.37 -3.70 -50.65
C TYR D 130 40.93 -3.33 -52.01
N ASP D 131 42.11 -3.88 -52.35
CA ASP D 131 42.75 -3.62 -53.62
C ASP D 131 42.69 -4.81 -54.56
N LEU D 132 42.00 -5.87 -54.18
CA LEU D 132 41.84 -7.03 -55.04
C LEU D 132 40.57 -6.95 -55.90
N LEU D 133 39.62 -6.10 -55.53
CA LEU D 133 38.46 -5.86 -56.39
C LEU D 133 38.87 -5.16 -57.68
N THR D 134 39.62 -4.06 -57.55
CA THR D 134 40.05 -3.31 -58.73
C THR D 134 41.01 -4.13 -59.59
N GLY D 135 41.74 -5.06 -58.98
CA GLY D 135 42.65 -5.90 -59.74
C GLY D 135 41.96 -6.84 -60.70
N GLN D 136 40.78 -7.35 -60.32
CA GLN D 136 40.10 -8.35 -61.12
C GLN D 136 38.77 -7.89 -61.71
N SER D 137 38.05 -6.97 -61.06
CA SER D 137 36.76 -6.55 -61.60
C SER D 137 36.91 -5.67 -62.84
N SER D 138 38.11 -5.16 -63.10
CA SER D 138 38.37 -4.33 -64.28
C SER D 138 39.00 -5.12 -65.42
N ALA D 139 38.99 -6.46 -65.34
CA ALA D 139 39.60 -7.27 -66.39
C ALA D 139 38.89 -7.08 -67.72
N LEU D 140 37.57 -7.01 -67.71
CA LEU D 140 36.78 -6.83 -68.92
C LEU D 140 36.40 -5.39 -69.19
N ILE D 141 36.89 -4.44 -68.38
CA ILE D 141 36.63 -3.03 -68.64
C ILE D 141 37.23 -2.62 -69.97
N GLN D 142 38.41 -3.15 -70.31
CA GLN D 142 39.06 -2.82 -71.56
C GLN D 142 38.21 -3.18 -72.76
N GLY D 143 37.34 -4.20 -72.63
CA GLY D 143 36.55 -4.63 -73.77
C GLY D 143 35.55 -3.60 -74.24
N ARG D 144 34.89 -2.91 -73.29
CA ARG D 144 33.77 -2.05 -73.64
C ARG D 144 34.15 -0.93 -74.60
N ARG D 145 35.44 -0.58 -74.69
CA ARG D 145 35.89 0.40 -75.68
C ARG D 145 35.67 -0.13 -77.09
N ALA D 146 36.16 -1.33 -77.37
CA ALA D 146 36.01 -1.93 -78.69
C ALA D 146 34.83 -2.89 -78.79
N ARG D 147 34.16 -3.19 -77.67
CA ARG D 147 33.00 -4.08 -77.72
C ARG D 147 31.79 -3.42 -78.35
N VAL D 148 31.80 -2.10 -78.48
CA VAL D 148 30.73 -1.37 -79.17
C VAL D 148 31.22 -0.68 -80.43
N ALA D 149 32.53 -0.57 -80.64
CA ALA D 149 33.04 0.00 -81.89
C ALA D 149 32.66 -0.86 -83.08
N ALA D 150 32.77 -2.19 -82.94
CA ALA D 150 32.34 -3.09 -84.00
C ALA D 150 30.82 -3.08 -84.15
N THR D 151 30.10 -2.78 -83.07
CA THR D 151 28.65 -2.69 -83.16
C THR D 151 28.22 -1.55 -84.09
N SER D 152 28.93 -0.42 -84.03
CA SER D 152 28.69 0.67 -84.95
C SER D 152 29.33 0.45 -86.32
N ALA D 153 30.21 -0.56 -86.44
CA ALA D 153 30.88 -0.80 -87.72
C ALA D 153 29.94 -1.45 -88.73
N VAL D 154 29.03 -2.31 -88.28
CA VAL D 154 28.13 -2.99 -89.21
C VAL D 154 27.16 -2.00 -89.83
N SER D 155 26.93 -0.85 -89.18
CA SER D 155 26.08 0.18 -89.76
C SER D 155 26.72 0.82 -90.99
N GLY D 156 28.05 0.73 -91.12
CA GLY D 156 28.70 1.29 -92.29
C GLY D 156 28.33 0.58 -93.58
N GLN D 157 28.32 -0.76 -93.55
CA GLN D 157 27.93 -1.53 -94.72
C GLN D 157 26.42 -1.58 -94.90
N ILE D 158 25.65 -1.22 -93.87
CA ILE D 158 24.20 -1.19 -94.00
C ILE D 158 23.78 -0.05 -94.93
N THR D 159 24.44 1.10 -94.83
CA THR D 159 24.11 2.22 -95.70
C THR D 159 24.61 2.02 -97.13
N ALA D 160 25.76 1.34 -97.29
CA ALA D 160 26.32 1.16 -98.62
C ALA D 160 25.41 0.33 -99.51
N ILE D 161 24.85 -0.76 -98.98
CA ILE D 161 23.91 -1.56 -99.76
C ILE D 161 22.63 -0.77 -100.01
N GLU D 162 22.14 -0.06 -99.00
CA GLU D 162 20.95 0.77 -99.18
C GLU D 162 21.21 1.91 -100.16
N ASP D 163 22.44 2.43 -100.20
CA ASP D 163 22.78 3.43 -101.21
C ASP D 163 22.66 2.86 -102.61
N SER D 164 23.17 1.63 -102.82
CA SER D 164 22.95 0.96 -104.10
C SER D 164 21.48 0.66 -104.31
N LEU D 165 20.76 0.28 -103.26
CA LEU D 165 19.33 0.07 -103.36
C LEU D 165 18.61 1.37 -103.71
N SER D 166 18.91 2.45 -102.98
CA SER D 166 18.25 3.73 -103.23
C SER D 166 18.60 4.25 -104.62
N ALA D 167 19.86 4.10 -105.04
CA ALA D 167 20.23 4.50 -106.39
C ALA D 167 19.45 3.71 -107.43
N ARG D 168 19.43 2.38 -107.29
CA ARG D 168 18.63 1.55 -108.19
C ARG D 168 17.14 1.78 -107.99
N ASN D 169 16.73 2.27 -106.82
CA ASN D 169 15.34 2.64 -106.61
C ASN D 169 14.99 3.93 -107.34
N LEU D 170 15.93 4.88 -107.38
CA LEU D 170 15.68 6.18 -107.97
C LEU D 170 15.97 6.25 -109.47
N GLN D 171 16.72 5.30 -110.01
CA GLN D 171 16.94 5.25 -111.45
C GLN D 171 15.98 4.29 -112.16
N MET D 172 15.19 3.53 -111.40
CA MET D 172 13.99 2.84 -111.87
C MET D 172 12.72 3.57 -111.46
N ASN D 173 12.79 4.88 -111.23
CA ASN D 173 11.61 5.63 -110.82
C ASN D 173 10.56 5.70 -111.93
N GLY D 174 10.99 5.92 -113.16
CA GLY D 174 10.06 6.04 -114.27
C GLY D 174 9.55 4.70 -114.76
N VAL D 175 10.36 3.66 -114.60
CA VAL D 175 9.99 2.33 -115.08
C VAL D 175 8.69 1.83 -114.43
N LEU D 176 8.35 2.37 -113.26
CA LEU D 176 7.08 2.02 -112.64
C LEU D 176 5.89 2.35 -113.53
N GLY D 177 6.03 3.36 -114.38
CA GLY D 177 4.97 3.73 -115.30
C GLY D 177 5.43 3.80 -116.74
N ARG D 178 6.67 3.37 -117.00
CA ARG D 178 7.23 3.39 -118.35
C ARG D 178 7.65 2.01 -118.82
N LEU D 179 7.26 0.95 -118.13
CA LEU D 179 7.61 -0.41 -118.51
C LEU D 179 6.62 -1.02 -119.50
N ALA D 180 5.50 -0.34 -119.76
CA ALA D 180 4.57 -0.79 -120.78
C ALA D 180 5.08 -0.54 -122.19
N SER D 181 6.20 0.18 -122.33
CA SER D 181 6.77 0.44 -123.64
C SER D 181 7.18 -0.82 -124.38
N THR D 182 7.51 -1.89 -123.65
CA THR D 182 7.91 -3.16 -124.24
C THR D 182 6.75 -4.12 -124.45
N SER D 183 5.53 -3.71 -124.09
CA SER D 183 4.39 -4.60 -124.22
C SER D 183 4.14 -5.00 -125.67
N GLN D 184 4.26 -4.04 -126.59
CA GLN D 184 4.11 -4.33 -128.00
C GLN D 184 5.35 -4.03 -128.82
N GLU D 185 6.26 -3.17 -128.34
CA GLU D 185 7.51 -2.94 -129.07
C GLU D 185 8.32 -4.23 -129.18
N LEU D 186 8.33 -5.03 -128.11
CA LEU D 186 8.93 -6.36 -128.19
C LEU D 186 8.28 -7.17 -129.30
N ALA D 187 6.95 -7.07 -129.43
CA ALA D 187 6.24 -7.72 -130.53
C ALA D 187 6.45 -6.98 -131.83
N HIS D 188 6.37 -5.64 -131.81
CA HIS D 188 6.47 -4.86 -133.03
C HIS D 188 7.86 -4.97 -133.67
N TYR D 189 8.91 -4.75 -132.87
CA TYR D 189 10.26 -4.75 -133.41
C TYR D 189 10.71 -6.14 -133.87
N HIS D 190 9.86 -7.19 -133.82
CA HIS D 190 10.01 -8.35 -134.70
C HIS D 190 9.05 -8.33 -135.89
N SER D 191 7.88 -7.71 -135.73
CA SER D 191 6.81 -7.84 -136.72
C SER D 191 7.24 -7.29 -138.08
N GLY D 192 7.78 -6.08 -138.10
CA GLY D 192 8.13 -5.45 -139.36
C GLY D 192 9.18 -6.22 -140.15
N GLU D 193 10.19 -6.74 -139.44
CA GLU D 193 11.28 -7.44 -140.12
C GLU D 193 10.82 -8.77 -140.69
N GLU D 194 10.08 -9.57 -139.90
CA GLU D 194 9.69 -10.89 -140.37
C GLU D 194 8.64 -10.80 -141.48
N ASP D 195 7.71 -9.87 -141.36
CA ASP D 195 6.62 -9.75 -142.33
C ASP D 195 6.85 -8.67 -143.37
N GLY D 196 8.07 -8.14 -143.48
CA GLY D 196 8.32 -7.10 -144.46
C GLY D 196 8.05 -7.55 -145.88
N ILE D 197 8.51 -8.75 -146.23
CA ILE D 197 8.28 -9.29 -147.57
C ILE D 197 6.84 -9.75 -147.69
N ASN D 404 12.63 -10.57 -132.50
CA ASN D 404 12.70 -9.96 -131.17
C ASN D 404 12.07 -10.87 -130.11
N MET D 405 11.50 -11.98 -130.56
CA MET D 405 10.81 -12.88 -129.62
C MET D 405 11.78 -13.49 -128.62
N LEU D 406 13.08 -13.48 -128.92
CA LEU D 406 14.05 -14.14 -128.06
C LEU D 406 14.06 -13.52 -126.66
N GLY D 407 13.99 -12.20 -126.58
CA GLY D 407 13.88 -11.55 -125.28
C GLY D 407 12.58 -11.87 -124.58
N ALA D 408 11.49 -11.98 -125.35
CA ALA D 408 10.19 -12.25 -124.75
C ALA D 408 10.11 -13.66 -124.19
N PHE D 409 10.51 -14.66 -124.98
CA PHE D 409 10.41 -16.05 -124.53
C PHE D 409 11.40 -16.35 -123.41
N SER D 410 12.66 -15.96 -123.59
CA SER D 410 13.70 -16.34 -122.64
C SER D 410 13.48 -15.71 -121.28
N LEU D 411 13.02 -14.46 -121.25
CA LEU D 411 12.87 -13.75 -119.99
C LEU D 411 11.77 -14.34 -119.10
N LEU D 412 10.78 -15.01 -119.71
CA LEU D 412 9.70 -15.60 -118.92
C LEU D 412 10.24 -16.62 -117.92
N LYS D 413 11.34 -17.29 -118.25
CA LYS D 413 11.98 -18.20 -117.30
C LYS D 413 12.54 -17.43 -116.11
N VAL D 414 13.12 -16.26 -116.36
CA VAL D 414 13.79 -15.50 -115.30
C VAL D 414 12.79 -14.92 -114.30
N ILE D 415 11.59 -14.55 -114.76
CA ILE D 415 10.60 -13.96 -113.87
C ILE D 415 10.23 -14.92 -112.74
N GLU D 416 10.09 -16.21 -113.08
CA GLU D 416 9.84 -17.21 -112.04
C GLU D 416 10.98 -17.24 -111.03
N SER D 417 12.22 -17.17 -111.51
CA SER D 417 13.35 -16.99 -110.62
C SER D 417 13.35 -15.61 -109.99
N GLU D 418 12.93 -14.59 -110.74
CA GLU D 418 12.80 -13.25 -110.18
C GLU D 418 11.71 -13.22 -109.09
N LEU D 419 10.59 -13.89 -109.34
CA LEU D 419 9.53 -13.96 -108.33
C LEU D 419 10.03 -14.67 -107.07
N GLN D 420 10.75 -15.78 -107.25
CA GLN D 420 11.29 -16.50 -106.09
C GLN D 420 12.28 -15.64 -105.33
N GLY D 421 13.13 -14.91 -106.05
CA GLY D 421 13.98 -13.92 -105.39
C GLY D 421 13.17 -12.83 -104.72
N TYR D 422 12.08 -12.40 -105.37
CA TYR D 422 11.15 -11.47 -104.74
C TYR D 422 10.43 -12.10 -103.56
N LEU D 423 10.14 -13.41 -103.64
CA LEU D 423 9.50 -14.08 -102.51
C LEU D 423 10.36 -13.98 -101.26
N SER D 424 11.67 -14.19 -101.39
CA SER D 424 12.56 -14.06 -100.25
C SER D 424 12.65 -12.62 -99.76
N ALA D 425 12.48 -11.66 -100.67
CA ALA D 425 12.49 -10.25 -100.26
C ALA D 425 11.30 -9.94 -99.34
N THR D 426 10.12 -10.47 -99.68
CA THR D 426 8.92 -10.24 -98.87
C THR D 426 8.77 -11.26 -97.75
N ARG D 427 9.31 -12.47 -97.91
CA ARG D 427 9.31 -13.43 -96.81
C ARG D 427 10.13 -12.93 -95.63
N SER D 428 11.21 -12.19 -95.91
CA SER D 428 12.01 -11.62 -94.84
C SER D 428 11.28 -10.51 -94.09
N ARG D 429 10.21 -9.97 -94.68
CA ARG D 429 9.39 -8.99 -93.96
C ARG D 429 8.75 -9.60 -92.73
N VAL D 430 8.53 -10.91 -92.74
CA VAL D 430 8.11 -11.60 -91.52
C VAL D 430 9.20 -11.52 -90.47
N GLY D 431 10.46 -11.59 -90.89
CA GLY D 431 11.61 -11.41 -90.03
C GLY D 431 12.08 -9.97 -89.92
N ARG D 432 11.25 -9.01 -90.31
CA ARG D 432 11.64 -7.60 -90.20
C ARG D 432 11.82 -7.18 -88.75
N CYS D 433 11.17 -7.87 -87.82
CA CYS D 433 11.26 -7.57 -86.39
C CYS D 433 12.19 -8.52 -85.67
N SER D 434 13.27 -8.92 -86.32
CA SER D 434 14.21 -9.89 -85.76
C SER D 434 15.53 -9.28 -85.31
N ALA D 435 15.99 -8.21 -85.96
CA ALA D 435 17.32 -7.65 -85.70
C ALA D 435 17.28 -6.43 -84.80
N LEU D 436 16.50 -5.41 -85.16
CA LEU D 436 16.46 -4.16 -84.42
C LEU D 436 15.94 -4.33 -83.00
N ILE D 437 15.28 -5.45 -82.70
CA ILE D 437 14.72 -5.65 -81.36
C ILE D 437 15.81 -5.79 -80.32
N GLN D 438 17.00 -6.26 -80.70
CA GLN D 438 18.07 -6.49 -79.74
C GLN D 438 18.41 -5.21 -78.97
N ALA D 439 18.57 -4.10 -79.69
CA ALA D 439 18.76 -2.83 -79.02
C ALA D 439 17.47 -2.35 -78.37
N ALA D 440 16.32 -2.64 -78.99
CA ALA D 440 15.05 -2.21 -78.42
C ALA D 440 14.67 -3.00 -77.18
N SER D 441 14.83 -4.33 -77.24
CA SER D 441 14.43 -5.17 -76.10
C SER D 441 15.32 -4.91 -74.89
N ASP D 442 16.57 -4.51 -75.12
CA ASP D 442 17.50 -4.31 -74.02
C ASP D 442 17.12 -3.14 -73.12
N VAL D 443 16.16 -2.31 -73.55
CA VAL D 443 15.78 -1.10 -72.82
C VAL D 443 14.31 -1.14 -72.40
N GLN D 444 13.41 -1.44 -73.34
CA GLN D 444 11.99 -1.30 -73.10
C GLN D 444 11.43 -2.32 -72.11
N GLU D 445 12.19 -3.38 -71.80
CA GLU D 445 11.72 -4.44 -70.92
C GLU D 445 12.01 -4.17 -69.44
N GLN D 446 12.28 -2.92 -69.07
CA GLN D 446 12.67 -2.61 -67.70
C GLN D 446 11.59 -2.96 -66.69
N GLY D 447 10.34 -3.09 -67.12
CA GLY D 447 9.29 -3.50 -66.19
C GLY D 447 9.53 -4.90 -65.64
N ALA D 448 9.85 -5.84 -66.52
CA ALA D 448 10.19 -7.19 -66.08
C ALA D 448 11.60 -7.27 -65.52
N VAL D 449 12.51 -6.41 -66.00
CA VAL D 449 13.89 -6.40 -65.50
C VAL D 449 13.90 -6.12 -64.00
N ASP D 450 13.20 -5.06 -63.58
CA ASP D 450 13.12 -4.78 -62.15
C ASP D 450 12.32 -5.85 -61.42
N ASP D 451 11.36 -6.49 -62.10
CA ASP D 451 10.55 -7.54 -61.47
C ASP D 451 11.42 -8.72 -61.04
N ARG D 452 12.32 -9.15 -61.90
CA ARG D 452 13.20 -10.27 -61.54
C ARG D 452 14.12 -9.88 -60.39
N ASP D 453 14.62 -8.64 -60.40
CA ASP D 453 15.37 -8.11 -59.27
C ASP D 453 14.47 -7.61 -58.16
N SER D 454 13.15 -7.61 -58.37
CA SER D 454 12.24 -7.32 -57.27
C SER D 454 12.11 -8.51 -56.32
N PHE D 455 12.15 -9.73 -56.85
CA PHE D 455 12.24 -10.90 -55.98
C PHE D 455 13.57 -10.92 -55.25
N LEU D 456 14.62 -10.39 -55.87
CA LEU D 456 15.84 -10.09 -55.14
C LEU D 456 15.54 -9.23 -53.92
N HIS D 457 14.83 -8.12 -54.13
CA HIS D 457 14.39 -7.30 -53.01
C HIS D 457 13.48 -8.09 -52.07
N GLY D 458 12.79 -9.10 -52.59
CA GLY D 458 12.02 -9.98 -51.72
C GLY D 458 12.89 -10.74 -50.74
N VAL D 459 14.11 -11.09 -51.15
CA VAL D 459 15.02 -11.79 -50.24
C VAL D 459 15.51 -10.86 -49.14
N ARG D 460 15.85 -9.62 -49.49
CA ARG D 460 16.49 -8.72 -48.55
C ARG D 460 15.57 -8.37 -47.38
N ASP D 461 14.33 -7.99 -47.66
CA ASP D 461 13.41 -7.69 -46.57
C ASP D 461 12.96 -8.99 -45.92
N LEU D 462 13.90 -9.62 -45.20
CA LEU D 462 13.67 -10.96 -44.67
C LEU D 462 12.66 -10.96 -43.53
N LEU D 463 12.50 -9.85 -42.83
CA LEU D 463 11.45 -9.77 -41.81
C LEU D 463 10.06 -9.81 -42.41
N SER D 464 9.93 -9.54 -43.70
CA SER D 464 8.64 -9.62 -44.38
C SER D 464 8.57 -10.72 -45.44
N ILE D 465 9.69 -11.37 -45.77
CA ILE D 465 9.66 -12.43 -46.77
C ILE D 465 8.87 -13.62 -46.27
N HIS D 466 8.81 -13.82 -44.95
CA HIS D 466 8.12 -14.99 -44.41
C HIS D 466 6.60 -14.87 -44.48
N SER D 467 6.06 -13.69 -44.79
CA SER D 467 4.61 -13.52 -44.82
C SER D 467 4.07 -13.22 -46.21
N ASN D 468 4.48 -12.11 -46.83
CA ASN D 468 3.84 -11.77 -48.10
C ASN D 468 4.80 -11.41 -49.21
N THR D 469 5.90 -10.72 -48.90
CA THR D 469 6.76 -10.17 -49.96
C THR D 469 7.45 -11.23 -50.79
N GLN D 470 7.44 -12.49 -50.35
CA GLN D 470 8.04 -13.56 -51.12
C GLN D 470 7.23 -13.92 -52.36
N ALA D 471 5.95 -13.55 -52.41
CA ALA D 471 5.06 -14.03 -53.46
C ALA D 471 4.51 -12.93 -54.34
N GLY D 472 3.93 -11.87 -53.76
CA GLY D 472 3.28 -10.87 -54.58
C GLY D 472 3.57 -9.42 -54.25
N LEU D 473 4.25 -9.16 -53.12
CA LEU D 473 4.45 -7.78 -52.70
C LEU D 473 5.78 -7.22 -53.18
N SER D 474 6.90 -7.80 -52.74
CA SER D 474 8.20 -7.28 -53.14
C SER D 474 8.54 -7.64 -54.57
N THR D 475 8.28 -8.88 -54.98
CA THR D 475 8.68 -9.34 -56.30
C THR D 475 7.86 -8.70 -57.42
N TYR D 476 6.73 -8.08 -57.10
CA TYR D 476 5.86 -7.48 -58.12
C TYR D 476 5.77 -5.97 -57.97
N VAL D 477 5.37 -5.48 -56.79
CA VAL D 477 5.10 -4.05 -56.63
C VAL D 477 6.39 -3.24 -56.73
N SER D 478 7.51 -3.77 -56.24
CA SER D 478 8.73 -3.00 -56.13
C SER D 478 9.38 -2.69 -57.47
N ALA D 479 8.91 -3.30 -58.57
CA ALA D 479 9.55 -3.03 -59.86
C ALA D 479 9.21 -1.64 -60.40
N PRO D 480 7.93 -1.29 -60.68
CA PRO D 480 7.67 0.05 -61.20
C PRO D 480 7.87 1.14 -60.15
N ALA D 481 7.25 0.95 -58.98
CA ALA D 481 7.37 1.90 -57.87
C ALA D 481 8.48 1.46 -56.91
N ILE D 482 9.71 1.51 -57.42
CA ILE D 482 10.86 1.12 -56.61
C ILE D 482 11.08 2.07 -55.44
N ILE D 483 10.54 3.29 -55.52
CA ILE D 483 10.65 4.22 -54.40
C ILE D 483 9.92 3.66 -53.18
N GLN D 484 8.84 2.91 -53.39
CA GLN D 484 8.15 2.28 -52.28
C GLN D 484 9.03 1.27 -51.56
N GLN D 485 9.79 0.48 -52.33
CA GLN D 485 10.66 -0.53 -51.73
C GLN D 485 11.80 0.08 -50.93
N ILE D 486 12.13 1.35 -51.17
CA ILE D 486 13.18 2.01 -50.39
C ILE D 486 12.81 2.01 -48.91
N VAL D 487 11.54 2.32 -48.62
CA VAL D 487 11.07 2.30 -47.23
C VAL D 487 10.48 0.94 -46.86
N ALA D 488 10.02 0.17 -47.85
CA ALA D 488 9.42 -1.13 -47.56
C ALA D 488 10.44 -2.21 -47.24
N LEU D 489 11.71 -1.99 -47.58
CA LEU D 489 12.75 -2.98 -47.33
C LEU D 489 13.74 -2.57 -46.26
N GLN D 490 14.01 -1.28 -46.10
CA GLN D 490 14.89 -0.85 -45.03
C GLN D 490 14.20 -0.89 -43.67
N SER D 491 12.88 -0.67 -43.64
CA SER D 491 12.17 -0.56 -42.36
C SER D 491 12.21 -1.87 -41.58
N ASP D 492 12.01 -3.00 -42.26
CA ASP D 492 11.95 -4.27 -41.56
C ASP D 492 13.32 -4.83 -41.20
N LEU D 493 14.40 -4.17 -41.65
CA LEU D 493 15.75 -4.51 -41.19
C LEU D 493 16.41 -3.40 -40.38
N SER D 494 16.08 -2.14 -40.63
CA SER D 494 16.59 -1.07 -39.77
C SER D 494 15.87 -1.05 -38.43
N SER D 495 14.64 -1.55 -38.37
CA SER D 495 14.03 -1.83 -37.07
C SER D 495 14.62 -3.10 -36.47
N LEU D 496 14.96 -4.07 -37.31
CA LEU D 496 15.58 -5.30 -36.84
C LEU D 496 16.87 -5.00 -36.06
N GLN D 497 17.76 -4.20 -36.66
CA GLN D 497 18.95 -3.76 -35.93
C GLN D 497 18.57 -2.89 -34.74
N SER D 498 17.64 -1.95 -34.93
CA SER D 498 17.29 -1.03 -33.87
C SER D 498 16.74 -1.78 -32.66
N ASP D 499 15.92 -2.80 -32.91
CA ASP D 499 15.46 -3.66 -31.83
C ASP D 499 16.49 -4.72 -31.44
N LEU D 500 17.54 -4.89 -32.25
CA LEU D 500 18.67 -5.74 -31.87
C LEU D 500 19.69 -4.90 -31.11
N GLU D 501 19.23 -4.19 -30.09
CA GLU D 501 20.02 -3.34 -29.20
C GLU D 501 21.10 -2.56 -29.94
N ASN D 502 20.80 -2.09 -31.15
CA ASN D 502 21.71 -1.24 -31.90
C ASN D 502 21.34 0.23 -31.83
N SER D 503 20.05 0.56 -31.79
CA SER D 503 19.60 1.93 -31.59
C SER D 503 19.42 2.28 -30.12
N LEU D 504 19.50 1.30 -29.22
CA LEU D 504 19.52 1.53 -27.78
C LEU D 504 20.69 0.78 -27.16
N PRO D 505 21.93 1.19 -27.46
CA PRO D 505 23.09 0.56 -26.81
C PRO D 505 23.35 1.16 -25.43
N ASP D 506 23.06 2.45 -25.28
CA ASP D 506 23.27 3.11 -24.00
C ASP D 506 22.36 2.55 -22.92
N ASP D 507 21.09 2.33 -23.25
CA ASP D 507 20.17 1.72 -22.29
C ASP D 507 20.62 0.31 -21.95
N ARG D 508 20.95 -0.50 -22.96
CA ARG D 508 21.32 -1.88 -22.72
C ARG D 508 22.60 -1.99 -21.92
N ASN D 509 23.59 -1.12 -22.20
CA ASN D 509 24.80 -1.08 -21.40
C ASN D 509 24.47 -0.82 -19.93
N ARG D 510 23.83 0.32 -19.66
CA ARG D 510 23.59 0.73 -18.28
C ARG D 510 22.60 -0.21 -17.58
N CYS D 511 21.61 -0.72 -18.31
CA CYS D 511 20.71 -1.70 -17.71
C CYS D 511 21.47 -2.95 -17.28
N ILE D 512 22.47 -3.36 -18.05
CA ILE D 512 23.34 -4.43 -17.59
C ILE D 512 24.44 -3.89 -16.68
N ASN D 513 24.92 -2.68 -16.94
CA ASN D 513 25.98 -2.11 -16.09
C ASN D 513 25.50 -1.93 -14.66
N GLU D 514 24.25 -1.46 -14.48
CA GLU D 514 23.69 -1.43 -13.13
C GLU D 514 23.58 -2.83 -12.55
N LEU D 515 23.33 -3.83 -13.39
CA LEU D 515 23.47 -5.22 -12.97
C LEU D 515 24.93 -5.56 -12.69
N CYS D 516 25.84 -5.07 -13.53
CA CYS D 516 27.26 -5.37 -13.37
C CYS D 516 27.79 -4.87 -12.03
N THR D 517 27.56 -3.59 -11.74
CA THR D 517 27.94 -3.05 -10.44
C THR D 517 27.21 -3.73 -9.30
N HIS D 518 26.10 -4.41 -9.61
CA HIS D 518 25.30 -5.13 -8.64
C HIS D 518 25.71 -6.60 -8.54
N ILE D 519 25.84 -7.29 -9.68
CA ILE D 519 26.09 -8.72 -9.69
C ILE D 519 27.42 -9.05 -9.01
N GLN D 520 28.44 -8.21 -9.19
CA GLN D 520 29.71 -8.44 -8.53
C GLN D 520 29.62 -8.28 -7.02
N ASN D 521 28.65 -7.50 -6.54
CA ASN D 521 28.48 -7.25 -5.12
C ASN D 521 27.42 -8.14 -4.47
N LEU D 522 26.86 -9.10 -5.21
CA LEU D 522 25.89 -10.02 -4.61
C LEU D 522 26.53 -10.85 -3.50
N GLN D 523 27.73 -11.37 -3.76
CA GLN D 523 28.37 -12.26 -2.80
C GLN D 523 28.89 -11.52 -1.57
N GLN D 524 29.07 -10.19 -1.65
CA GLN D 524 29.69 -9.43 -0.58
C GLN D 524 28.74 -8.46 0.11
N LEU D 525 27.82 -7.85 -0.62
CA LEU D 525 26.87 -6.91 -0.02
C LEU D 525 25.46 -7.46 0.09
N LEU D 526 25.02 -8.26 -0.88
CA LEU D 526 23.68 -8.82 -0.82
C LEU D 526 23.64 -10.12 -0.03
N PHE D 527 24.42 -11.12 -0.46
CA PHE D 527 24.40 -12.42 0.19
C PHE D 527 24.88 -12.33 1.63
N ALA D 528 25.88 -11.49 1.89
CA ALA D 528 26.31 -11.28 3.26
C ALA D 528 25.21 -10.69 4.13
N SER D 529 24.20 -10.09 3.52
CA SER D 529 23.02 -9.59 4.24
C SER D 529 21.76 -10.40 3.96
N SER D 530 21.40 -10.60 2.70
CA SER D 530 20.15 -11.30 2.37
C SER D 530 20.10 -12.69 2.97
N THR D 531 21.26 -13.32 3.19
CA THR D 531 21.29 -14.58 3.92
C THR D 531 20.84 -14.39 5.36
N THR D 532 21.30 -13.31 6.01
CA THR D 532 21.11 -13.13 7.44
C THR D 532 20.42 -11.84 7.84
N ALA D 533 19.99 -11.00 6.88
CA ALA D 533 19.29 -9.78 7.26
C ALA D 533 17.97 -10.10 7.94
N GLN D 534 17.01 -10.63 7.19
CA GLN D 534 15.69 -10.92 7.73
C GLN D 534 15.70 -11.91 8.90
N PRO D 535 16.52 -12.97 8.93
CA PRO D 535 16.54 -13.80 10.13
C PRO D 535 17.26 -13.14 11.30
N ILE D 536 18.34 -12.40 11.03
CA ILE D 536 19.14 -11.83 12.12
C ILE D 536 19.23 -10.31 12.00
N LEU D 537 19.84 -9.81 10.92
CA LEU D 537 20.19 -8.38 10.88
C LEU D 537 18.98 -7.48 10.82
N THR D 538 17.93 -7.86 10.09
CA THR D 538 16.70 -7.06 10.12
C THR D 538 16.09 -7.03 11.52
N PRO D 539 15.90 -8.16 12.22
CA PRO D 539 15.49 -8.09 13.61
C PRO D 539 16.66 -8.01 14.58
N TRP D 540 17.83 -7.58 14.11
CA TRP D 540 18.99 -7.45 14.99
C TRP D 540 18.70 -6.66 16.26
N PRO D 541 17.99 -5.53 16.24
CA PRO D 541 17.52 -4.96 17.51
C PRO D 541 16.60 -5.89 18.27
N LEU D 542 15.84 -6.74 17.57
CA LEU D 542 15.03 -7.75 18.23
C LEU D 542 15.84 -8.99 18.59
N MET D 543 16.96 -9.23 17.90
CA MET D 543 17.86 -10.32 18.27
C MET D 543 18.41 -10.14 19.67
N LYS D 544 18.81 -8.92 20.03
CA LYS D 544 19.37 -8.72 21.35
C LYS D 544 18.33 -8.84 22.46
N GLU D 545 17.05 -9.04 22.13
CA GLU D 545 16.06 -9.42 23.12
C GLU D 545 15.52 -10.83 22.88
N LEU D 546 16.18 -11.63 22.03
CA LEU D 546 15.92 -13.06 22.02
C LEU D 546 16.55 -13.74 23.23
N ASP D 547 17.56 -13.11 23.85
CA ASP D 547 18.10 -13.65 25.08
C ASP D 547 17.09 -13.61 26.22
N GLU D 548 16.03 -12.81 26.09
CA GLU D 548 14.88 -12.96 26.96
C GLU D 548 13.84 -13.92 26.39
N MET D 549 14.07 -14.48 25.21
CA MET D 549 13.18 -15.50 24.67
C MET D 549 13.67 -16.89 25.07
N GLY D 550 14.84 -17.28 24.57
CA GLY D 550 15.34 -18.62 24.85
C GLY D 550 15.63 -18.88 26.31
N LYS D 551 15.94 -17.83 27.05
CA LYS D 551 16.30 -17.96 28.47
C LYS D 551 15.15 -17.61 29.41
N ILE D 552 14.22 -16.75 29.01
CA ILE D 552 13.17 -16.34 29.93
C ILE D 552 11.79 -16.75 29.43
N ASN D 553 11.35 -16.18 28.31
CA ASN D 553 9.95 -16.35 27.90
C ASN D 553 9.71 -17.67 27.18
N SER D 554 10.72 -18.22 26.50
CA SER D 554 10.62 -19.63 26.12
C SER D 554 10.80 -20.54 27.32
N LYS D 555 11.48 -20.06 28.36
CA LYS D 555 11.51 -20.78 29.63
C LYS D 555 10.22 -20.63 30.40
N LEU D 556 9.40 -19.62 30.09
CA LEU D 556 8.03 -19.59 30.59
C LEU D 556 7.25 -20.80 30.11
N SER D 557 7.39 -21.14 28.83
CA SER D 557 6.76 -22.35 28.32
C SER D 557 7.30 -23.59 29.03
N THR D 558 8.54 -23.53 29.51
CA THR D 558 9.07 -24.60 30.35
C THR D 558 8.84 -24.34 31.84
N ALA D 559 8.54 -23.10 32.23
CA ALA D 559 8.18 -22.81 33.61
C ALA D 559 6.87 -23.48 34.01
N VAL D 560 6.10 -23.96 33.03
CA VAL D 560 4.92 -24.77 33.32
C VAL D 560 5.30 -26.03 34.09
N GLU D 561 6.55 -26.47 33.98
CA GLU D 561 7.03 -27.63 34.74
C GLU D 561 8.22 -27.32 35.63
N GLU D 562 9.24 -26.61 35.12
CA GLU D 562 10.53 -26.61 35.80
C GLU D 562 10.48 -25.90 37.15
N VAL D 563 9.87 -24.71 37.20
CA VAL D 563 9.60 -24.11 38.51
C VAL D 563 8.32 -24.63 39.12
N THR D 564 7.39 -25.13 38.31
CA THR D 564 6.13 -25.63 38.83
C THR D 564 6.34 -26.88 39.67
N LEU D 565 7.17 -27.82 39.19
CA LEU D 565 7.43 -29.03 39.98
C LEU D 565 8.09 -28.69 41.31
N GLU D 566 8.81 -27.57 41.36
CA GLU D 566 9.43 -27.12 42.61
C GLU D 566 8.47 -26.33 43.48
N HIS D 567 7.33 -25.86 42.94
CA HIS D 567 6.40 -25.08 43.73
C HIS D 567 4.94 -25.53 43.60
N ARG D 568 4.68 -26.66 42.95
CA ARG D 568 3.32 -27.21 42.89
C ARG D 568 3.25 -28.65 43.36
N ASN D 569 4.27 -29.46 43.06
CA ASN D 569 4.26 -30.85 43.49
C ASN D 569 4.23 -30.97 45.01
N LYS D 570 4.78 -29.97 45.70
CA LYS D 570 4.85 -30.03 47.16
C LYS D 570 3.73 -29.29 47.87
N ARG D 571 2.92 -28.48 47.17
CA ARG D 571 1.84 -27.77 47.85
C ARG D 571 0.86 -28.74 48.50
N GLU D 572 0.49 -29.80 47.77
CA GLU D 572 -0.44 -30.77 48.33
C GLU D 572 0.15 -31.48 49.55
N ILE D 573 1.42 -31.86 49.47
CA ILE D 573 2.05 -32.58 50.57
C ILE D 573 2.23 -31.67 51.77
N VAL D 574 2.43 -30.37 51.56
CA VAL D 574 2.51 -29.43 52.67
C VAL D 574 1.25 -29.49 53.52
N LYS D 575 0.09 -29.50 52.87
CA LYS D 575 -1.17 -29.63 53.58
C LYS D 575 -1.53 -31.09 53.88
N HIS D 576 -0.74 -32.04 53.38
CA HIS D 576 -0.92 -33.44 53.74
C HIS D 576 -0.23 -33.80 55.05
N HIS D 577 0.46 -32.85 55.67
CA HIS D 577 1.15 -33.13 56.93
C HIS D 577 0.17 -33.56 58.02
N ALA D 578 -1.09 -33.14 57.93
CA ALA D 578 -2.11 -33.63 58.85
C ALA D 578 -2.31 -35.13 58.71
N LYS D 579 -2.02 -35.69 57.54
CA LYS D 579 -2.10 -37.13 57.32
C LYS D 579 -0.73 -37.80 57.30
N ASP D 580 0.31 -37.10 56.85
CA ASP D 580 1.64 -37.70 56.78
C ASP D 580 2.24 -37.90 58.16
N VAL D 581 2.07 -36.92 59.05
CA VAL D 581 2.74 -36.97 60.35
C VAL D 581 2.17 -38.09 61.21
N GLU D 582 0.84 -38.18 61.30
CA GLU D 582 0.22 -39.07 62.27
C GLU D 582 0.39 -40.54 61.87
N LEU D 583 0.22 -40.86 60.59
CA LEU D 583 0.20 -42.27 60.18
C LEU D 583 1.56 -42.92 60.36
N GLN D 584 2.64 -42.25 59.94
CA GLN D 584 3.97 -42.82 60.13
C GLN D 584 4.36 -42.89 61.59
N ARG D 585 3.78 -42.03 62.42
CA ARG D 585 4.05 -42.06 63.85
C ARG D 585 3.43 -43.28 64.53
N ARG D 586 2.51 -43.97 63.86
CA ARG D 586 1.92 -45.20 64.37
C ARG D 586 2.63 -46.44 63.85
N VAL D 587 3.90 -46.32 63.48
CA VAL D 587 4.59 -47.42 62.78
C VAL D 587 5.75 -47.96 63.59
N PHE D 588 6.65 -47.08 64.05
CA PHE D 588 7.88 -47.53 64.68
C PHE D 588 8.27 -46.75 65.93
N VAL D 589 7.44 -45.82 66.39
CA VAL D 589 7.74 -45.01 67.56
C VAL D 589 6.68 -45.16 68.64
N ASP D 590 5.40 -45.14 68.28
CA ASP D 590 4.33 -45.06 69.26
C ASP D 590 3.90 -46.41 69.81
N PHE D 591 4.49 -47.52 69.36
CA PHE D 591 4.11 -48.82 69.89
C PHE D 591 4.43 -48.96 71.37
N PHE D 592 5.63 -48.52 71.78
CA PHE D 592 6.06 -48.71 73.16
C PHE D 592 6.31 -47.41 73.91
N CYS D 593 6.34 -46.26 73.23
CA CYS D 593 6.55 -44.99 73.91
C CYS D 593 5.27 -44.45 74.56
N ASN D 594 4.22 -45.27 74.64
CA ASN D 594 2.99 -44.83 75.29
C ASN D 594 3.18 -44.45 76.76
N PRO D 595 3.87 -45.24 77.59
CA PRO D 595 4.16 -44.77 78.95
C PRO D 595 5.14 -43.61 79.00
N GLU D 596 5.79 -43.28 77.88
CA GLU D 596 6.73 -42.18 77.82
C GLU D 596 6.16 -40.95 77.12
N ARG D 597 4.93 -41.02 76.61
CA ARG D 597 4.39 -39.90 75.83
C ARG D 597 4.31 -38.63 76.66
N LEU D 598 3.81 -38.73 77.89
CA LEU D 598 3.83 -37.60 78.79
C LEU D 598 5.26 -37.21 79.13
N ARG D 599 6.13 -38.21 79.31
CA ARG D 599 7.55 -37.94 79.52
C ARG D 599 8.19 -37.33 78.28
N ASN D 600 7.62 -37.58 77.10
CA ASN D 600 8.16 -37.10 75.84
C ASN D 600 7.62 -35.73 75.43
N GLN D 601 6.82 -35.09 76.29
CA GLN D 601 6.16 -33.84 75.90
C GLN D 601 7.16 -32.78 75.47
N VAL D 602 8.40 -32.86 75.96
CA VAL D 602 9.44 -31.96 75.47
C VAL D 602 10.21 -32.59 74.30
N ARG D 603 10.22 -33.92 74.21
CA ARG D 603 10.99 -34.62 73.18
C ARG D 603 10.16 -35.06 71.99
N GLU D 604 8.91 -35.47 72.20
CA GLU D 604 8.10 -35.98 71.10
C GLU D 604 7.77 -34.90 70.07
N LEU D 605 7.81 -33.63 70.47
CA LEU D 605 7.63 -32.55 69.50
C LEU D 605 8.77 -32.56 68.47
N ASN D 606 9.95 -33.04 68.86
CA ASN D 606 11.04 -33.24 67.90
C ASN D 606 10.80 -34.45 67.02
N ALA D 607 9.92 -35.36 67.42
CA ALA D 607 9.55 -36.50 66.59
C ALA D 607 8.52 -36.14 65.52
N LEU D 608 8.10 -34.88 65.46
CA LEU D 608 7.19 -34.41 64.43
C LEU D 608 7.89 -33.59 63.36
N VAL D 609 9.04 -33.00 63.68
CA VAL D 609 9.70 -32.07 62.75
C VAL D 609 10.21 -32.80 61.51
N ARG D 610 10.55 -34.08 61.62
CA ARG D 610 11.14 -34.80 60.49
C ARG D 610 10.09 -35.41 59.57
N ALA D 611 8.80 -35.21 59.84
CA ALA D 611 7.73 -35.62 58.94
C ALA D 611 7.05 -34.44 58.27
N ARG D 612 6.73 -33.38 59.01
CA ARG D 612 6.15 -32.19 58.40
C ARG D 612 7.14 -31.52 57.46
N GLN D 613 8.41 -31.44 57.84
CA GLN D 613 9.43 -30.94 56.93
C GLN D 613 9.58 -31.85 55.72
N ALA D 614 9.51 -33.17 55.94
CA ALA D 614 9.52 -34.11 54.82
C ALA D 614 8.31 -33.91 53.93
N SER D 615 7.19 -33.46 54.50
CA SER D 615 6.02 -33.13 53.69
C SER D 615 6.30 -31.94 52.78
N SER D 616 6.99 -30.92 53.30
CA SER D 616 7.34 -29.76 52.49
C SER D 616 8.40 -30.07 51.45
N SER D 617 9.11 -31.18 51.57
CA SER D 617 10.14 -31.55 50.61
C SER D 617 9.74 -32.78 49.80
N ASP E 19 -17.63 -19.84 53.84
CA ASP E 19 -19.07 -19.88 53.65
C ASP E 19 -19.78 -18.86 54.53
N ALA E 20 -19.52 -17.58 54.29
CA ALA E 20 -20.11 -16.53 55.11
C ALA E 20 -20.77 -15.44 54.27
N ALA E 21 -20.28 -15.22 53.05
CA ALA E 21 -20.75 -14.10 52.25
C ALA E 21 -22.23 -14.21 51.94
N ARG E 22 -22.69 -15.39 51.53
CA ARG E 22 -24.10 -15.64 51.30
C ARG E 22 -24.65 -16.80 52.11
N ILE E 23 -23.81 -17.76 52.49
CA ILE E 23 -24.27 -18.87 53.32
C ILE E 23 -24.73 -18.37 54.68
N SER E 24 -23.95 -17.48 55.29
CA SER E 24 -24.38 -16.86 56.54
C SER E 24 -25.47 -15.82 56.30
N GLU E 25 -25.45 -15.15 55.14
CA GLU E 25 -26.52 -14.21 54.81
C GLU E 25 -27.84 -14.92 54.64
N VAL E 26 -27.86 -16.03 53.89
CA VAL E 26 -29.07 -16.84 53.78
C VAL E 26 -29.40 -17.50 55.12
N LYS E 27 -28.38 -17.78 55.93
CA LYS E 27 -28.61 -18.38 57.24
C LYS E 27 -29.59 -17.55 58.07
N ALA E 28 -29.58 -16.23 57.89
CA ALA E 28 -30.61 -15.39 58.49
C ALA E 28 -31.97 -15.66 57.85
N TRP E 29 -32.00 -15.79 56.51
CA TRP E 29 -33.25 -16.05 55.82
C TRP E 29 -33.71 -17.49 56.02
N LEU E 30 -32.77 -18.44 55.95
CA LEU E 30 -33.10 -19.86 55.91
C LEU E 30 -33.71 -20.37 57.21
N THR E 31 -33.64 -19.61 58.30
CA THR E 31 -34.25 -20.05 59.55
C THR E 31 -35.75 -20.27 59.38
N SER E 32 -36.42 -19.35 58.71
CA SER E 32 -37.82 -19.50 58.38
C SER E 32 -38.02 -20.19 57.03
N GLN E 33 -36.94 -20.50 56.31
CA GLN E 33 -37.01 -21.13 55.00
C GLN E 33 -36.37 -22.52 55.01
N PHE E 34 -36.41 -23.21 56.16
CA PHE E 34 -35.88 -24.56 56.24
C PHE E 34 -36.66 -25.51 55.33
N GLU E 35 -37.98 -25.37 55.29
CA GLU E 35 -38.77 -26.17 54.35
C GLU E 35 -38.60 -25.66 52.92
N ALA E 36 -38.30 -24.37 52.76
CA ALA E 36 -38.03 -23.78 51.46
C ALA E 36 -36.54 -23.79 51.12
N VAL E 37 -35.79 -24.75 51.66
CA VAL E 37 -34.36 -24.82 51.42
C VAL E 37 -34.04 -25.15 49.97
N GLY E 38 -35.01 -25.67 49.22
CA GLY E 38 -34.77 -26.00 47.83
C GLY E 38 -34.38 -24.81 46.98
N LYS E 39 -34.95 -23.64 47.27
CA LYS E 39 -34.62 -22.43 46.54
C LYS E 39 -33.57 -21.56 47.24
N GLU E 40 -33.41 -21.71 48.56
CA GLU E 40 -32.42 -20.93 49.28
C GLU E 40 -31.01 -21.46 49.05
N VAL E 41 -30.86 -22.77 48.82
CA VAL E 41 -29.53 -23.32 48.52
C VAL E 41 -28.92 -22.67 47.28
N PRO E 42 -29.63 -22.50 46.17
CA PRO E 42 -29.05 -21.69 45.07
C PRO E 42 -28.72 -20.27 45.48
N ASN E 43 -29.43 -19.72 46.46
CA ASN E 43 -29.18 -18.35 46.88
C ASN E 43 -27.84 -18.18 47.59
N PHE E 44 -27.26 -19.26 48.12
CA PHE E 44 -25.94 -19.15 48.74
C PHE E 44 -24.91 -20.09 48.13
N GLU E 45 -25.29 -21.30 47.72
CA GLU E 45 -24.31 -22.20 47.15
C GLU E 45 -23.95 -21.79 45.72
N TYR E 46 -24.95 -21.43 44.91
CA TYR E 46 -24.65 -21.00 43.55
C TYR E 46 -24.04 -19.61 43.52
N THR E 47 -24.42 -18.74 44.45
CA THR E 47 -23.77 -17.44 44.58
C THR E 47 -22.39 -17.54 45.21
N HIS E 48 -22.09 -18.67 45.87
CA HIS E 48 -20.74 -18.88 46.39
C HIS E 48 -19.72 -19.02 45.27
N ARG E 49 -20.17 -19.30 44.04
CA ARG E 49 -19.25 -19.33 42.90
C ARG E 49 -18.59 -17.98 42.70
N SER E 50 -19.37 -16.89 42.84
CA SER E 50 -18.78 -15.56 42.84
C SER E 50 -17.89 -15.37 44.07
N ILE E 51 -18.20 -16.04 45.18
CA ILE E 51 -17.40 -15.92 46.39
C ILE E 51 -16.13 -16.76 46.31
N THR E 52 -16.04 -17.70 45.37
CA THR E 52 -14.83 -18.51 45.25
C THR E 52 -13.62 -17.65 44.92
N HIS E 53 -13.78 -16.68 44.01
CA HIS E 53 -12.73 -15.70 43.77
C HIS E 53 -12.69 -14.65 44.88
N LEU E 54 -13.82 -14.41 45.53
CA LEU E 54 -13.97 -13.39 46.55
C LEU E 54 -13.78 -13.93 47.97
N TYR E 55 -13.08 -15.06 48.11
CA TYR E 55 -12.96 -15.69 49.43
C TYR E 55 -12.23 -14.79 50.41
N ASN E 56 -11.15 -14.14 49.97
CA ASN E 56 -10.44 -13.21 50.85
C ASN E 56 -11.31 -11.99 51.17
N LEU E 57 -12.05 -11.50 50.19
CA LEU E 57 -12.87 -10.30 50.35
C LEU E 57 -14.27 -10.59 50.87
N ALA E 58 -14.46 -11.74 51.54
CA ALA E 58 -15.77 -12.09 52.08
C ALA E 58 -15.69 -12.73 53.46
N THR E 59 -14.54 -12.66 54.13
CA THR E 59 -14.35 -13.35 55.39
C THR E 59 -15.28 -12.85 56.48
N ALA E 60 -15.02 -11.64 56.98
CA ALA E 60 -15.85 -11.05 58.04
C ALA E 60 -16.94 -10.16 57.45
N SER E 61 -17.72 -10.70 56.52
CA SER E 61 -18.70 -9.89 55.80
C SER E 61 -19.99 -9.73 56.61
N GLN E 62 -20.70 -10.84 56.84
CA GLN E 62 -21.93 -10.80 57.62
C GLN E 62 -21.73 -11.10 59.09
N ALA E 63 -20.51 -11.45 59.51
CA ALA E 63 -20.23 -11.57 60.93
C ALA E 63 -20.39 -10.24 61.63
N LYS E 64 -19.93 -9.16 61.00
CA LYS E 64 -20.12 -7.81 61.49
C LYS E 64 -21.36 -7.14 60.89
N SER E 65 -22.14 -7.88 60.09
CA SER E 65 -23.33 -7.33 59.46
C SER E 65 -24.61 -8.02 59.93
N GLN E 66 -24.68 -9.35 59.83
CA GLN E 66 -25.89 -10.04 60.26
C GLN E 66 -25.91 -10.32 61.75
N ALA E 67 -24.77 -10.75 62.31
CA ALA E 67 -24.69 -10.92 63.76
C ALA E 67 -24.71 -9.59 64.49
N ALA E 68 -24.42 -8.49 63.79
CA ALA E 68 -24.49 -7.15 64.35
C ALA E 68 -25.84 -6.48 64.13
N THR E 69 -26.74 -7.10 63.38
CA THR E 69 -28.04 -6.50 63.12
C THR E 69 -28.94 -6.59 64.35
N ILE E 70 -28.89 -7.71 65.07
CA ILE E 70 -29.79 -7.90 66.20
C ILE E 70 -29.28 -7.15 67.43
N VAL E 71 -27.99 -7.26 67.74
CA VAL E 71 -27.43 -6.71 68.97
C VAL E 71 -26.71 -5.39 68.73
N ALA E 72 -25.84 -5.34 67.72
CA ALA E 72 -25.05 -4.14 67.48
C ALA E 72 -25.79 -3.06 66.71
N ASN E 73 -26.91 -3.41 66.07
CA ASN E 73 -27.70 -2.42 65.36
C ASN E 73 -28.94 -1.99 66.12
N ASP E 74 -29.38 -2.76 67.11
CA ASP E 74 -30.55 -2.36 67.87
C ASP E 74 -30.19 -1.62 69.16
N PHE E 75 -29.42 -2.26 70.04
CA PHE E 75 -29.26 -1.77 71.41
C PHE E 75 -27.79 -1.61 71.80
N ARG E 76 -26.90 -1.39 70.84
CA ARG E 76 -25.48 -1.29 71.21
C ARG E 76 -24.86 0.06 70.86
N LEU E 77 -24.94 0.50 69.60
CA LEU E 77 -24.16 1.65 69.19
C LEU E 77 -24.76 2.96 69.68
N LYS E 78 -25.95 3.31 69.19
CA LYS E 78 -26.56 4.58 69.56
C LYS E 78 -27.71 4.46 70.54
N ALA E 79 -28.35 3.29 70.64
CA ALA E 79 -29.31 3.09 71.70
C ALA E 79 -28.66 3.25 73.07
N SER E 80 -27.49 2.62 73.26
CA SER E 80 -26.71 2.86 74.47
C SER E 80 -26.30 4.31 74.58
N GLU E 81 -26.14 4.99 73.44
CA GLU E 81 -25.83 6.41 73.41
C GLU E 81 -27.09 7.27 73.51
N TYR E 82 -28.27 6.67 73.59
CA TYR E 82 -29.52 7.39 73.81
C TYR E 82 -30.30 6.87 75.01
N ARG E 83 -30.35 5.56 75.21
CA ARG E 83 -31.12 5.02 76.33
C ARG E 83 -30.43 5.28 77.67
N ALA E 84 -29.13 5.51 77.66
CA ALA E 84 -28.43 5.84 78.90
C ALA E 84 -28.98 7.14 79.49
N GLN E 85 -29.17 8.15 78.67
CA GLN E 85 -29.83 9.35 79.15
C GLN E 85 -31.27 9.08 79.55
N ALA E 86 -31.93 8.14 78.86
CA ALA E 86 -33.30 7.80 79.19
C ALA E 86 -33.44 7.24 80.60
N ALA E 87 -32.36 6.73 81.18
CA ALA E 87 -32.42 6.22 82.55
C ALA E 87 -32.92 7.29 83.50
N ARG E 88 -32.39 8.50 83.39
CA ARG E 88 -32.90 9.61 84.20
C ARG E 88 -34.21 10.14 83.64
N ILE E 89 -34.43 10.05 82.33
CA ILE E 89 -35.70 10.49 81.75
C ILE E 89 -36.83 9.68 82.34
N ARG E 90 -36.61 8.38 82.56
CA ARG E 90 -37.61 7.55 83.20
C ARG E 90 -37.89 8.00 84.63
N GLU E 91 -36.93 8.64 85.28
CA GLU E 91 -37.14 9.14 86.63
C GLU E 91 -38.18 10.26 86.65
N ILE E 92 -37.94 11.31 85.85
CA ILE E 92 -38.84 12.46 85.85
C ILE E 92 -40.20 12.08 85.27
N LEU E 93 -40.22 11.18 84.27
CA LEU E 93 -41.48 10.70 83.75
C LEU E 93 -42.22 9.85 84.77
N GLU E 94 -41.50 9.06 85.55
CA GLU E 94 -42.10 8.35 86.68
C GLU E 94 -42.11 9.19 87.95
N SER E 95 -41.47 10.36 87.94
CA SER E 95 -41.70 11.33 89.01
C SER E 95 -43.17 11.76 89.04
N ALA E 96 -43.87 11.62 87.92
CA ALA E 96 -45.31 11.74 87.87
C ALA E 96 -46.03 10.44 88.23
N GLY E 97 -45.28 9.35 88.45
CA GLY E 97 -45.88 8.06 88.73
C GLY E 97 -46.79 8.02 89.93
N MET E 98 -46.25 8.34 91.11
CA MET E 98 -47.07 8.37 92.31
C MET E 98 -48.11 9.49 92.24
N SER E 99 -47.77 10.60 91.59
CA SER E 99 -48.72 11.69 91.36
C SER E 99 -49.59 11.29 90.17
N GLN E 100 -50.55 10.39 90.45
CA GLN E 100 -51.29 9.71 89.38
C GLN E 100 -51.96 10.68 88.44
N GLU E 101 -52.32 11.88 88.92
CA GLU E 101 -52.92 12.88 88.05
C GLU E 101 -51.94 13.37 86.99
N SER E 102 -50.64 13.41 87.30
CA SER E 102 -49.64 13.93 86.38
C SER E 102 -49.04 12.86 85.47
N LEU E 103 -49.33 11.58 85.69
CA LEU E 103 -48.91 10.55 84.74
C LEU E 103 -49.45 10.79 83.34
N PRO E 104 -50.75 11.05 83.13
CA PRO E 104 -51.20 11.34 81.76
C PRO E 104 -50.75 12.70 81.24
N SER E 105 -50.22 13.56 82.11
CA SER E 105 -49.81 14.90 81.67
C SER E 105 -48.42 14.89 81.07
N ASN E 106 -47.41 14.50 81.86
CA ASN E 106 -46.02 14.60 81.40
C ASN E 106 -45.68 13.53 80.38
N VAL E 107 -46.30 12.36 80.46
CA VAL E 107 -45.95 11.27 79.56
C VAL E 107 -46.35 11.61 78.12
N VAL E 108 -47.57 12.10 77.93
CA VAL E 108 -48.01 12.44 76.58
C VAL E 108 -47.28 13.67 76.07
N SER E 109 -46.88 14.57 76.97
CA SER E 109 -46.22 15.81 76.55
C SER E 109 -44.95 15.52 75.78
N SER E 110 -44.15 14.57 76.27
CA SER E 110 -43.02 14.08 75.48
C SER E 110 -43.49 13.18 74.34
N ALA E 111 -44.49 12.32 74.62
CA ALA E 111 -44.95 11.38 73.60
C ALA E 111 -45.55 12.11 72.40
N GLN E 112 -46.33 13.16 72.63
CA GLN E 112 -46.89 13.92 71.52
C GLN E 112 -45.79 14.56 70.68
N VAL E 113 -44.73 15.04 71.33
CA VAL E 113 -43.58 15.54 70.60
C VAL E 113 -42.88 14.40 69.86
N LEU E 114 -42.69 13.27 70.54
CA LEU E 114 -42.03 12.09 69.97
C LEU E 114 -42.85 11.41 68.89
N ALA E 115 -43.99 11.96 68.48
CA ALA E 115 -44.70 11.42 67.32
C ALA E 115 -43.92 11.62 66.03
N ASN E 116 -42.90 12.48 66.04
CA ASN E 116 -42.06 12.71 64.87
C ASN E 116 -41.03 11.59 64.76
N VAL E 117 -41.53 10.41 64.39
CA VAL E 117 -40.67 9.24 64.29
C VAL E 117 -39.72 9.36 63.10
N ALA E 118 -40.22 9.87 61.97
CA ALA E 118 -39.44 9.86 60.74
C ALA E 118 -38.34 10.91 60.75
N ASN E 119 -38.64 12.12 61.23
CA ASN E 119 -37.68 13.23 61.13
C ASN E 119 -36.43 13.01 61.96
N LEU E 120 -36.48 12.10 62.94
CA LEU E 120 -35.34 11.89 63.82
C LEU E 120 -34.11 11.40 63.05
N LEU E 121 -34.30 10.78 61.89
CA LEU E 121 -33.22 10.08 61.20
C LEU E 121 -32.03 10.98 60.97
N ASN E 122 -32.27 12.27 60.71
CA ASN E 122 -31.19 13.24 60.61
C ASN E 122 -31.01 14.06 61.88
N ILE E 123 -32.06 14.19 62.70
CA ILE E 123 -31.93 14.69 64.07
C ILE E 123 -30.94 13.88 64.88
N ARG E 124 -30.54 12.72 64.37
CA ARG E 124 -30.03 11.58 65.12
C ARG E 124 -29.20 11.95 66.34
N ASP E 125 -28.20 12.83 66.19
CA ASP E 125 -27.36 13.11 67.36
C ASP E 125 -28.03 14.11 68.31
N THR E 126 -28.14 15.37 67.90
CA THR E 126 -28.81 16.38 68.70
C THR E 126 -29.53 17.40 67.82
N GLU E 127 -30.03 16.95 66.66
CA GLU E 127 -30.51 17.80 65.57
C GLU E 127 -29.32 18.46 64.87
N LEU E 128 -28.11 18.27 65.42
CA LEU E 128 -26.91 18.79 64.76
C LEU E 128 -26.60 18.03 63.49
N SER E 129 -26.80 16.72 63.49
CA SER E 129 -26.64 15.95 62.26
C SER E 129 -27.63 16.42 61.21
N SER E 130 -28.88 16.68 61.61
CA SER E 130 -29.83 17.32 60.70
C SER E 130 -29.26 18.64 60.17
N PHE E 131 -28.68 19.44 61.07
CA PHE E 131 -28.00 20.66 60.65
C PHE E 131 -26.73 20.34 59.87
N LEU E 132 -26.26 19.10 59.94
CA LEU E 132 -25.06 18.65 59.25
C LEU E 132 -25.36 17.84 57.99
N VAL E 133 -26.46 17.08 57.99
CA VAL E 133 -26.72 16.18 56.86
C VAL E 133 -28.15 16.28 56.32
N ALA E 134 -29.12 16.85 57.05
CA ALA E 134 -30.49 16.93 56.52
C ALA E 134 -30.64 18.01 55.47
N MET E 135 -29.86 19.09 55.57
CA MET E 135 -29.79 20.08 54.50
C MET E 135 -28.38 20.56 54.21
N GLY E 136 -27.45 20.44 55.15
CA GLY E 136 -26.11 20.96 54.94
C GLY E 136 -25.37 20.28 53.80
N ASP E 137 -25.52 18.97 53.67
CA ASP E 137 -24.78 18.22 52.66
C ASP E 137 -25.67 17.55 51.63
N ILE E 138 -26.86 17.06 52.01
CA ILE E 138 -27.72 16.38 51.04
C ILE E 138 -28.15 17.36 49.95
N SER E 139 -28.54 18.57 50.34
CA SER E 139 -28.79 19.61 49.36
C SER E 139 -27.50 20.05 48.69
N LEU E 140 -26.36 19.82 49.32
CA LEU E 140 -25.06 20.10 48.74
C LEU E 140 -24.45 18.90 48.03
N ARG E 141 -24.96 17.70 48.29
CA ARG E 141 -24.48 16.51 47.58
C ARG E 141 -24.73 16.64 46.09
N LYS E 142 -25.94 17.08 45.72
CA LYS E 142 -26.23 17.32 44.32
C LYS E 142 -25.41 18.49 43.76
N THR E 143 -25.43 19.62 44.46
CA THR E 143 -24.82 20.83 43.92
C THR E 143 -23.30 20.76 43.92
N GLY E 144 -22.71 19.89 44.73
CA GLY E 144 -21.28 19.67 44.63
C GLY E 144 -20.87 19.19 43.26
N VAL E 145 -21.61 18.21 42.73
CA VAL E 145 -21.32 17.66 41.41
C VAL E 145 -22.17 18.29 40.32
N GLU E 146 -23.07 19.22 40.65
CA GLU E 146 -23.91 19.86 39.66
C GLU E 146 -23.22 21.03 38.95
N GLU E 147 -21.89 21.08 39.01
CA GLU E 147 -21.09 21.93 38.16
C GLU E 147 -20.01 21.16 37.41
N LYS E 148 -19.45 20.11 38.02
CA LYS E 148 -18.45 19.29 37.34
C LYS E 148 -19.08 18.52 36.18
N ARG E 149 -20.33 18.07 36.37
CA ARG E 149 -21.05 17.41 35.28
C ARG E 149 -21.21 18.33 34.07
N ALA E 150 -21.35 19.64 34.31
CA ALA E 150 -21.46 20.58 33.20
C ALA E 150 -20.19 20.64 32.38
N LYS E 151 -19.04 20.36 33.00
CA LYS E 151 -17.77 20.34 32.30
C LYS E 151 -17.52 19.01 31.59
N ALA E 152 -18.37 18.01 31.78
CA ALA E 152 -18.18 16.70 31.18
C ALA E 152 -19.06 16.50 29.94
N GLN E 153 -20.38 16.61 30.08
CA GLN E 153 -21.28 16.37 28.96
C GLN E 153 -21.87 17.64 28.38
N LYS E 154 -22.07 18.68 29.19
CA LYS E 154 -22.70 19.90 28.69
C LYS E 154 -21.79 20.62 27.69
N GLU E 155 -20.48 20.57 27.87
CA GLU E 155 -19.59 21.06 26.83
C GLU E 155 -19.63 20.14 25.61
N SER E 156 -19.79 18.84 25.83
CA SER E 156 -19.90 17.91 24.72
C SER E 156 -21.28 18.01 24.05
N ASN E 157 -22.33 18.15 24.85
CA ASN E 157 -23.67 18.30 24.29
C ASN E 157 -23.77 19.57 23.47
N ALA E 158 -23.07 20.62 23.87
CA ALA E 158 -22.98 21.82 23.04
C ALA E 158 -22.28 21.50 21.72
N LEU E 159 -21.25 20.64 21.76
CA LEU E 159 -20.65 20.15 20.53
C LEU E 159 -21.49 19.06 19.89
N LEU E 160 -22.21 18.26 20.70
CA LEU E 160 -23.02 17.15 20.21
C LEU E 160 -24.24 17.63 19.42
N ASP E 161 -24.56 18.92 19.45
CA ASP E 161 -25.70 19.43 18.69
C ASP E 161 -25.55 19.17 17.20
N TYR E 162 -24.31 19.20 16.69
CA TYR E 162 -24.09 18.87 15.28
C TYR E 162 -24.36 17.39 15.02
N THR E 163 -24.09 16.52 15.98
CA THR E 163 -24.51 15.13 15.85
C THR E 163 -26.02 15.01 15.90
N ARG E 164 -26.67 15.89 16.67
CA ARG E 164 -28.13 15.98 16.60
C ARG E 164 -28.58 16.51 15.24
N LYS E 165 -27.80 17.42 14.65
CA LYS E 165 -28.10 17.91 13.32
C LYS E 165 -27.97 16.83 12.25
N ALA E 166 -27.35 15.69 12.58
CA ALA E 166 -27.29 14.58 11.64
C ALA E 166 -28.68 14.02 11.35
N ILE E 167 -29.65 14.24 12.23
CA ILE E 167 -31.02 13.87 11.93
C ILE E 167 -31.58 14.67 10.76
N GLN E 168 -30.87 15.71 10.32
CA GLN E 168 -31.08 16.32 9.02
C GLN E 168 -29.96 16.01 8.03
N ARG E 169 -28.71 15.97 8.49
CA ARG E 169 -27.60 15.67 7.60
C ARG E 169 -27.49 14.17 7.33
N LEU E 170 -27.35 13.37 8.39
CA LEU E 170 -27.19 11.93 8.18
C LEU E 170 -28.50 11.25 7.77
N THR E 171 -29.66 11.87 8.03
CA THR E 171 -30.87 11.39 7.38
C THR E 171 -30.81 11.68 5.89
N TYR E 172 -30.24 12.81 5.51
CA TYR E 172 -29.88 13.03 4.11
C TYR E 172 -28.81 12.04 3.67
N LEU E 173 -27.95 11.61 4.58
CA LEU E 173 -26.99 10.55 4.24
C LEU E 173 -27.70 9.24 3.96
N LYS E 174 -28.84 8.98 4.60
CA LYS E 174 -29.65 7.84 4.19
C LYS E 174 -29.94 7.91 2.69
N LYS E 175 -30.32 9.10 2.22
CA LYS E 175 -30.46 9.33 0.79
C LYS E 175 -29.10 9.20 0.09
N ILE E 176 -28.05 9.76 0.69
CA ILE E 176 -26.70 9.62 0.12
C ILE E 176 -26.32 8.15 0.07
N LEU E 177 -26.62 7.41 1.13
CA LEU E 177 -26.44 5.96 1.11
C LEU E 177 -27.47 5.26 0.24
N ALA E 178 -28.46 5.99 -0.28
CA ALA E 178 -29.49 5.44 -1.16
C ALA E 178 -29.40 5.93 -2.60
N GLN E 179 -29.22 7.24 -2.85
CA GLN E 179 -29.19 7.70 -4.22
C GLN E 179 -27.91 7.23 -4.91
N LEU E 180 -26.84 7.06 -4.13
CA LEU E 180 -25.66 6.37 -4.65
C LEU E 180 -25.92 4.87 -4.74
N GLU E 181 -26.72 4.33 -3.81
CA GLU E 181 -27.14 2.93 -3.93
C GLU E 181 -28.01 2.74 -5.17
N ASP E 182 -28.78 3.75 -5.55
CA ASP E 182 -29.51 3.69 -6.80
C ASP E 182 -28.57 3.61 -8.00
N ASP E 183 -27.43 4.30 -7.93
CA ASP E 183 -26.43 4.25 -8.99
C ASP E 183 -25.75 2.89 -9.09
N VAL E 184 -25.91 2.02 -8.09
CA VAL E 184 -25.26 0.71 -8.12
C VAL E 184 -25.76 -0.11 -9.29
N VAL E 185 -27.08 -0.06 -9.54
CA VAL E 185 -27.64 -0.84 -10.65
C VAL E 185 -27.01 -0.49 -11.99
N PRO E 186 -26.89 0.79 -12.37
CA PRO E 186 -26.06 1.10 -13.55
C PRO E 186 -24.60 0.68 -13.37
N CYS E 187 -24.06 0.77 -12.15
CA CYS E 187 -22.69 0.35 -11.91
C CYS E 187 -22.57 -1.17 -11.85
N GLU E 188 -23.61 -1.87 -11.41
CA GLU E 188 -23.59 -3.33 -11.44
C GLU E 188 -23.52 -3.85 -12.87
N SER E 189 -23.98 -3.07 -13.84
CA SER E 189 -23.97 -3.51 -15.23
C SER E 189 -22.55 -3.74 -15.73
N GLN E 190 -21.60 -2.88 -15.34
CA GLN E 190 -20.27 -2.93 -15.91
C GLN E 190 -19.47 -4.16 -15.51
N MET E 191 -19.89 -4.89 -14.48
CA MET E 191 -19.29 -6.19 -14.19
C MET E 191 -20.29 -7.33 -14.28
N GLU E 192 -21.40 -7.26 -13.52
CA GLU E 192 -22.32 -8.39 -13.45
C GLU E 192 -22.98 -8.64 -14.81
N ASN E 193 -23.45 -7.57 -15.46
CA ASN E 193 -23.98 -7.73 -16.81
C ASN E 193 -22.85 -7.88 -17.83
N TRP E 194 -21.67 -7.36 -17.53
CA TRP E 194 -20.54 -7.48 -18.44
C TRP E 194 -19.71 -8.73 -18.19
N LYS E 195 -20.00 -9.49 -17.13
CA LYS E 195 -19.43 -10.83 -17.00
C LYS E 195 -19.93 -11.71 -18.14
N THR E 196 -21.21 -11.59 -18.48
CA THR E 196 -21.73 -12.24 -19.68
C THR E 196 -21.07 -11.67 -20.94
N ASN E 197 -20.80 -10.36 -20.94
CA ASN E 197 -20.14 -9.73 -22.08
C ASN E 197 -18.72 -10.24 -22.27
N LEU E 198 -18.13 -10.85 -21.24
CA LEU E 198 -16.76 -11.36 -21.36
C LEU E 198 -16.66 -12.43 -22.44
N GLU E 199 -17.62 -13.36 -22.46
CA GLU E 199 -17.65 -14.34 -23.54
C GLU E 199 -18.15 -13.72 -24.84
N VAL E 200 -18.97 -12.68 -24.75
CA VAL E 200 -19.35 -11.92 -25.92
C VAL E 200 -18.16 -11.20 -26.54
N MET E 201 -17.17 -10.84 -25.72
CA MET E 201 -15.95 -10.20 -26.20
C MET E 201 -14.84 -11.17 -26.49
N ALA E 202 -15.11 -12.48 -26.45
CA ALA E 202 -14.09 -13.47 -26.77
C ALA E 202 -13.64 -13.38 -28.22
N VAL E 203 -14.60 -13.22 -29.14
CA VAL E 203 -14.27 -13.12 -30.56
C VAL E 203 -14.85 -11.90 -31.24
N LYS E 204 -15.92 -11.30 -30.72
CA LYS E 204 -16.51 -10.13 -31.36
C LYS E 204 -15.65 -8.88 -31.23
N GLU E 205 -14.59 -8.92 -30.43
CA GLU E 205 -13.64 -7.82 -30.38
C GLU E 205 -12.83 -7.69 -31.66
N GLU E 206 -12.92 -8.67 -32.57
CA GLU E 206 -12.16 -8.62 -33.82
C GLU E 206 -12.48 -7.35 -34.60
N GLN E 207 -13.77 -7.08 -34.82
CA GLN E 207 -14.16 -5.83 -35.47
C GLN E 207 -13.82 -4.63 -34.61
N TYR E 208 -13.75 -4.80 -33.29
CA TYR E 208 -13.34 -3.72 -32.39
C TYR E 208 -11.84 -3.45 -32.46
N ILE E 209 -11.03 -4.50 -32.65
CA ILE E 209 -9.58 -4.32 -32.75
C ILE E 209 -9.11 -4.11 -34.17
N GLN E 210 -9.99 -4.27 -35.17
CA GLN E 210 -9.63 -4.01 -36.56
C GLN E 210 -9.68 -2.53 -36.91
N GLN E 211 -10.13 -1.67 -35.99
CA GLN E 211 -10.20 -0.24 -36.25
C GLN E 211 -8.84 0.43 -36.30
N TYR E 212 -7.78 -0.26 -35.89
CA TYR E 212 -6.45 0.35 -35.84
C TYR E 212 -5.67 0.16 -37.13
N LYS E 213 -5.84 -0.97 -37.82
CA LYS E 213 -5.11 -1.21 -39.06
C LYS E 213 -5.52 -0.23 -40.17
N LYS E 214 -6.67 0.43 -40.02
CA LYS E 214 -7.15 1.39 -41.00
C LYS E 214 -6.87 2.84 -40.58
N TYR E 215 -5.77 3.06 -39.84
CA TYR E 215 -5.43 4.41 -39.41
C TYR E 215 -4.84 5.25 -40.53
N GLU E 216 -4.18 4.62 -41.50
CA GLU E 216 -3.57 5.32 -42.63
C GLU E 216 -4.59 5.71 -43.69
N MET E 217 -5.88 5.65 -43.35
CA MET E 217 -6.97 5.91 -44.27
C MET E 217 -7.24 7.41 -44.44
N LEU E 218 -6.56 8.25 -43.65
CA LEU E 218 -6.73 9.71 -43.69
C LEU E 218 -6.46 10.31 -45.07
N LEU E 219 -5.97 9.52 -46.02
CA LEU E 219 -5.60 9.94 -47.38
C LEU E 219 -6.83 10.22 -48.28
N ASN E 220 -8.05 10.26 -47.72
CA ASN E 220 -9.26 10.41 -48.52
C ASN E 220 -9.36 11.76 -49.23
N ARG E 221 -8.51 12.73 -48.88
CA ARG E 221 -8.51 14.02 -49.56
C ARG E 221 -8.22 13.87 -51.05
N VAL E 222 -7.66 12.75 -51.46
CA VAL E 222 -7.31 12.47 -52.85
C VAL E 222 -8.60 12.20 -53.64
N GLY E 223 -9.75 12.29 -52.98
CA GLY E 223 -11.01 12.09 -53.67
C GLY E 223 -11.24 13.07 -54.80
N TYR E 224 -10.71 14.30 -54.65
CA TYR E 224 -10.81 15.28 -55.72
C TYR E 224 -9.97 14.89 -56.93
N THR E 225 -8.92 14.09 -56.72
CA THR E 225 -8.02 13.72 -57.81
C THR E 225 -8.74 13.06 -58.99
N PRO E 226 -9.62 12.06 -58.80
CA PRO E 226 -10.45 11.65 -59.94
C PRO E 226 -11.44 12.72 -60.35
N LYS E 227 -12.07 13.39 -59.36
CA LYS E 227 -12.95 14.52 -59.67
C LYS E 227 -12.21 15.59 -60.44
N ILE E 228 -10.91 15.75 -60.18
CA ILE E 228 -10.08 16.64 -60.99
C ILE E 228 -10.16 16.22 -62.45
N SER E 229 -10.06 14.93 -62.71
CA SER E 229 -10.00 14.42 -64.08
C SER E 229 -11.37 14.00 -64.62
N HIS E 230 -12.02 13.05 -63.94
CA HIS E 230 -13.21 12.42 -64.54
C HIS E 230 -14.32 13.43 -64.79
N ARG E 231 -14.35 14.51 -64.02
CA ARG E 231 -15.33 15.56 -64.29
C ARG E 231 -15.06 16.20 -65.64
N GLU E 232 -13.79 16.43 -65.98
CA GLU E 232 -13.45 16.82 -67.34
C GLU E 232 -13.80 15.70 -68.31
N LEU E 233 -13.55 14.44 -67.92
CA LEU E 233 -13.88 13.33 -68.78
C LEU E 233 -15.40 13.23 -69.01
N VAL E 234 -16.18 13.47 -67.96
CA VAL E 234 -17.63 13.55 -68.14
C VAL E 234 -18.05 14.93 -68.62
N GLU E 235 -17.17 15.93 -68.53
CA GLU E 235 -17.42 17.17 -69.24
C GLU E 235 -17.52 16.93 -70.74
N MET E 236 -16.69 16.01 -71.26
CA MET E 236 -16.86 15.56 -72.63
C MET E 236 -18.28 15.09 -72.86
N ALA E 237 -18.82 14.31 -71.92
CA ALA E 237 -20.24 13.99 -71.95
C ALA E 237 -21.09 15.24 -71.72
N GLU E 238 -20.67 16.11 -70.79
CA GLU E 238 -21.40 17.35 -70.57
C GLU E 238 -21.36 18.25 -71.80
N HIS E 239 -20.31 18.14 -72.62
CA HIS E 239 -20.27 18.91 -73.85
C HIS E 239 -21.30 18.42 -74.86
N ARG E 240 -21.56 17.11 -74.90
CA ARG E 240 -22.51 16.57 -75.85
C ARG E 240 -23.92 17.12 -75.61
N LYS E 241 -24.34 17.22 -74.35
CA LYS E 241 -25.61 17.88 -74.08
C LYS E 241 -25.53 19.37 -74.38
N GLU E 242 -24.35 19.96 -74.22
CA GLU E 242 -24.14 21.33 -74.69
C GLU E 242 -23.96 21.37 -76.21
N LEU E 243 -23.44 20.29 -76.81
CA LEU E 243 -23.60 20.11 -78.25
C LEU E 243 -25.07 19.97 -78.61
N ASP E 244 -25.83 19.22 -77.81
CA ASP E 244 -27.26 19.08 -78.04
C ASP E 244 -28.01 20.39 -77.84
N LYS E 245 -27.40 21.35 -77.12
CA LYS E 245 -28.00 22.68 -77.00
C LYS E 245 -27.93 23.47 -78.30
N MET E 246 -27.19 22.98 -79.30
CA MET E 246 -27.18 23.65 -80.60
C MET E 246 -28.58 23.79 -81.16
N THR E 247 -29.40 22.74 -80.99
CA THR E 247 -30.72 22.68 -81.60
C THR E 247 -31.83 23.13 -80.67
N LYS E 248 -31.55 23.35 -79.38
CA LYS E 248 -32.64 23.69 -78.46
C LYS E 248 -33.28 25.03 -78.80
N PRO E 249 -32.59 26.02 -79.41
CA PRO E 249 -33.32 27.13 -80.03
C PRO E 249 -33.70 26.80 -81.46
N VAL E 250 -32.93 25.90 -82.08
CA VAL E 250 -33.11 25.55 -83.48
C VAL E 250 -34.20 24.51 -83.68
N LEU E 251 -34.65 23.85 -82.60
CA LEU E 251 -35.75 22.92 -82.73
C LEU E 251 -36.99 23.60 -83.30
N ASP E 252 -37.17 24.89 -82.99
CA ASP E 252 -38.20 25.68 -83.65
C ASP E 252 -37.77 26.14 -85.03
N THR E 253 -36.47 26.12 -85.33
CA THR E 253 -36.01 26.47 -86.68
C THR E 253 -36.22 25.30 -87.64
N LEU E 254 -36.12 24.06 -87.15
CA LEU E 254 -36.48 22.91 -87.98
C LEU E 254 -37.92 23.01 -88.46
N ARG E 255 -38.79 23.67 -87.68
CA ARG E 255 -40.12 23.99 -88.18
C ARG E 255 -40.04 24.88 -89.41
N SER E 256 -39.16 25.88 -89.37
CA SER E 256 -38.91 26.70 -90.56
C SER E 256 -38.08 25.93 -91.59
N TYR E 257 -37.07 25.19 -91.13
CA TYR E 257 -36.28 24.37 -92.04
C TYR E 257 -37.10 23.30 -92.75
N GLN E 258 -38.20 22.85 -92.14
CA GLN E 258 -39.06 21.88 -92.81
C GLN E 258 -39.70 22.50 -94.05
N ASP E 259 -40.00 23.79 -93.99
CA ASP E 259 -40.67 24.48 -95.10
C ASP E 259 -39.72 24.89 -96.22
N LEU E 260 -38.40 24.74 -96.02
CA LEU E 260 -37.47 25.17 -97.07
C LEU E 260 -37.46 24.21 -98.27
N PRO E 261 -37.19 22.91 -98.11
CA PRO E 261 -37.07 22.04 -99.29
C PRO E 261 -38.31 22.04 -100.17
N PRO E 262 -39.53 22.07 -99.60
CA PRO E 262 -40.71 22.21 -100.48
C PRO E 262 -40.70 23.47 -101.31
N ASP E 263 -40.19 24.58 -100.78
CA ASP E 263 -40.16 25.84 -101.50
C ASP E 263 -38.76 26.19 -101.99
N LYS E 264 -37.78 26.25 -101.09
CA LYS E 264 -36.40 26.54 -101.45
C LYS E 264 -35.63 25.23 -101.67
N ALA E 265 -36.06 24.48 -102.68
CA ALA E 265 -35.49 23.17 -102.95
C ALA E 265 -34.00 23.26 -103.25
N LEU E 266 -33.63 24.19 -104.16
CA LEU E 266 -32.22 24.36 -104.48
C LEU E 266 -31.48 25.03 -103.32
N ALA E 267 -32.14 25.95 -102.62
CA ALA E 267 -31.53 26.61 -101.47
C ALA E 267 -31.48 25.72 -100.24
N ALA E 268 -32.14 24.56 -100.27
CA ALA E 268 -32.06 23.62 -99.17
C ALA E 268 -30.68 23.00 -98.99
N LEU E 269 -29.80 23.17 -99.98
CA LEU E 269 -28.43 22.69 -99.89
C LEU E 269 -27.44 23.81 -99.57
N ALA E 270 -27.94 24.99 -99.20
CA ALA E 270 -27.08 26.11 -98.83
C ALA E 270 -27.45 26.75 -97.50
N ILE E 271 -28.61 26.44 -96.93
CA ILE E 271 -29.04 26.98 -95.64
C ILE E 271 -29.20 25.88 -94.60
N GLU E 272 -29.74 24.73 -94.99
CA GLU E 272 -29.96 23.64 -94.05
C GLU E 272 -28.65 23.20 -93.41
N ASP E 273 -27.70 22.72 -94.22
CA ASP E 273 -26.42 22.27 -93.70
C ASP E 273 -25.63 23.40 -93.06
N LYS E 274 -25.96 24.65 -93.37
CA LYS E 274 -25.27 25.77 -92.74
C LYS E 274 -25.54 25.82 -91.25
N LYS E 275 -26.75 25.41 -90.82
CA LYS E 275 -26.99 25.20 -89.41
C LYS E 275 -26.11 24.08 -88.86
N ARG E 276 -25.96 23.01 -89.63
CA ARG E 276 -25.12 21.89 -89.19
C ARG E 276 -23.65 22.27 -89.14
N GLN E 277 -23.28 23.42 -89.70
CA GLN E 277 -21.87 23.80 -89.75
C GLN E 277 -21.31 24.04 -88.35
N PHE E 278 -22.11 24.60 -87.44
CA PHE E 278 -21.66 24.74 -86.06
C PHE E 278 -21.90 23.49 -85.23
N THR E 279 -22.61 22.49 -85.76
CA THR E 279 -22.68 21.19 -85.13
C THR E 279 -21.65 20.22 -85.70
N ALA E 280 -21.28 20.41 -86.97
CA ALA E 280 -20.19 19.65 -87.58
C ALA E 280 -18.83 20.29 -87.33
N ALA E 281 -18.80 21.45 -86.67
CA ALA E 281 -17.55 22.09 -86.27
C ALA E 281 -16.87 21.35 -85.13
N GLU E 282 -17.49 20.30 -84.59
CA GLU E 282 -16.90 19.48 -83.55
C GLU E 282 -16.78 18.01 -83.94
N LYS E 283 -17.56 17.54 -84.92
CA LYS E 283 -17.65 16.11 -85.20
C LYS E 283 -16.30 15.50 -85.60
N TYR E 284 -15.42 16.29 -86.21
CA TYR E 284 -14.16 15.72 -86.70
C TYR E 284 -13.25 15.27 -85.56
N LEU E 285 -13.44 15.79 -84.34
CA LEU E 285 -12.81 15.22 -83.15
C LEU E 285 -13.84 14.88 -82.08
N GLU E 286 -15.07 14.55 -82.50
CA GLU E 286 -16.08 14.07 -81.56
C GLU E 286 -16.00 12.57 -81.32
N GLU E 287 -15.53 11.80 -82.31
CA GLU E 287 -15.45 10.36 -82.14
C GLU E 287 -14.49 9.98 -81.01
N VAL E 288 -13.36 10.66 -80.91
CA VAL E 288 -12.44 10.39 -79.81
C VAL E 288 -12.98 11.01 -78.52
N LEU E 289 -13.77 12.07 -78.62
CA LEU E 289 -14.50 12.55 -77.45
C LEU E 289 -15.44 11.48 -76.93
N GLN E 290 -16.20 10.85 -77.83
CA GLN E 290 -17.06 9.74 -77.43
C GLN E 290 -16.24 8.57 -76.91
N SER E 291 -15.00 8.41 -77.40
CA SER E 291 -14.16 7.30 -76.99
C SER E 291 -13.83 7.33 -75.50
N ALA E 292 -13.92 8.49 -74.85
CA ALA E 292 -13.61 8.60 -73.44
C ALA E 292 -14.78 9.01 -72.57
N LEU E 293 -15.72 9.80 -73.09
CA LEU E 293 -16.93 10.06 -72.32
C LEU E 293 -17.82 8.83 -72.21
N GLU E 294 -17.57 7.80 -73.03
CA GLU E 294 -18.26 6.54 -72.86
C GLU E 294 -17.90 5.89 -71.53
N THR E 295 -16.64 6.04 -71.10
CA THR E 295 -16.28 5.64 -69.74
C THR E 295 -17.00 6.46 -68.69
N ASN E 296 -17.56 7.62 -69.08
CA ASN E 296 -18.43 8.40 -68.21
C ASN E 296 -19.90 8.16 -68.47
N ASP E 297 -20.27 7.74 -69.68
CA ASP E 297 -21.66 7.51 -70.05
C ASP E 297 -21.99 6.04 -70.31
N GLU E 298 -21.25 5.40 -71.22
CA GLU E 298 -21.54 4.02 -71.60
C GLU E 298 -21.26 3.06 -70.45
N GLN F 6 -6.90 6.33 19.55
CA GLN F 6 -7.21 7.45 20.42
C GLN F 6 -8.58 7.29 21.07
N GLY F 7 -9.56 6.83 20.28
CA GLY F 7 -10.90 6.65 20.81
C GLY F 7 -10.96 5.59 21.89
N ALA F 8 -10.29 4.46 21.66
CA ALA F 8 -10.26 3.40 22.67
C ALA F 8 -9.56 3.87 23.94
N ALA F 9 -8.57 4.75 23.81
CA ALA F 9 -7.93 5.31 24.99
C ALA F 9 -8.88 6.18 25.79
N GLN F 10 -9.80 6.86 25.12
CA GLN F 10 -10.79 7.68 25.83
C GLN F 10 -11.68 6.83 26.71
N ASN F 11 -12.09 5.66 26.22
CA ASN F 11 -12.96 4.77 26.97
C ASN F 11 -12.24 4.03 28.09
N LEU F 12 -10.90 3.99 28.06
CA LEU F 12 -10.16 3.17 29.02
C LEU F 12 -10.46 3.53 30.47
N PRO F 13 -10.47 4.80 30.89
CA PRO F 13 -10.88 5.10 32.27
C PRO F 13 -12.29 4.63 32.58
N ALA F 14 -13.20 4.70 31.61
CA ALA F 14 -14.51 4.10 31.79
C ALA F 14 -14.46 2.59 31.66
N ASP F 15 -13.59 2.08 30.79
CA ASP F 15 -13.47 0.63 30.62
C ASP F 15 -12.93 -0.03 31.87
N VAL F 16 -11.91 0.55 32.49
CA VAL F 16 -11.35 -0.04 33.71
C VAL F 16 -12.37 0.02 34.84
N ASN F 17 -13.21 1.06 34.85
CA ASN F 17 -14.25 1.16 35.87
C ASN F 17 -15.23 0.00 35.75
N GLN F 18 -15.79 -0.20 34.55
CA GLN F 18 -16.89 -1.13 34.35
C GLN F 18 -16.49 -2.59 34.58
N LEU F 19 -15.20 -2.89 34.66
CA LEU F 19 -14.76 -4.27 34.82
C LEU F 19 -15.28 -4.87 36.12
N ILE F 20 -15.21 -4.10 37.21
CA ILE F 20 -15.66 -4.57 38.52
C ILE F 20 -16.87 -3.80 39.02
N ASP F 21 -17.24 -2.69 38.37
CA ASP F 21 -18.35 -1.88 38.85
C ASP F 21 -19.66 -2.67 38.90
N GLN F 22 -19.97 -3.40 37.83
CA GLN F 22 -21.21 -4.17 37.79
C GLN F 22 -21.20 -5.27 38.85
N LEU F 23 -20.08 -5.97 39.01
CA LEU F 23 -20.00 -7.05 39.97
C LEU F 23 -20.00 -6.55 41.41
N GLU F 24 -19.72 -5.27 41.64
CA GLU F 24 -19.61 -4.79 43.01
C GLU F 24 -20.97 -4.75 43.70
N ARG F 25 -22.06 -4.77 42.94
CA ARG F 25 -23.37 -5.03 43.53
C ARG F 25 -23.43 -6.44 44.10
N HIS F 26 -22.93 -7.43 43.34
CA HIS F 26 -22.78 -8.77 43.87
C HIS F 26 -21.59 -8.88 44.82
N CYS F 27 -20.66 -7.91 44.76
CA CYS F 27 -19.57 -7.83 45.72
C CYS F 27 -19.97 -7.08 46.98
N LEU F 28 -21.15 -6.45 46.99
CA LEU F 28 -21.60 -5.72 48.16
C LEU F 28 -21.83 -6.65 49.34
N ALA F 29 -22.48 -7.79 49.09
CA ALA F 29 -22.69 -8.77 50.16
C ALA F 29 -21.39 -9.32 50.75
N PRO F 30 -20.36 -9.64 49.98
CA PRO F 30 -19.07 -9.99 50.59
C PRO F 30 -18.48 -8.82 51.37
N ASP F 31 -17.36 -9.12 52.05
CA ASP F 31 -16.70 -8.15 52.91
C ASP F 31 -15.96 -7.07 52.14
N GLY F 32 -15.84 -7.20 50.81
CA GLY F 32 -15.20 -6.16 50.01
C GLY F 32 -15.89 -4.82 50.11
N SER F 33 -17.15 -4.80 50.54
CA SER F 33 -17.89 -3.57 50.73
C SER F 33 -18.45 -3.40 52.14
N LEU F 34 -18.83 -4.48 52.82
CA LEU F 34 -19.51 -4.35 54.10
C LEU F 34 -18.60 -3.85 55.22
N VAL F 35 -17.29 -3.78 55.00
CA VAL F 35 -16.43 -3.19 56.02
C VAL F 35 -16.83 -1.74 56.26
N THR F 36 -17.28 -1.05 55.21
CA THR F 36 -17.98 0.22 55.35
C THR F 36 -19.47 0.08 55.10
N LYS F 37 -19.87 -0.61 54.04
CA LYS F 37 -21.26 -0.69 53.60
C LYS F 37 -22.09 -1.68 54.43
N SER F 38 -21.65 -2.04 55.63
CA SER F 38 -22.45 -2.92 56.48
C SER F 38 -23.81 -2.32 56.80
N VAL F 39 -23.96 -1.01 56.66
CA VAL F 39 -25.23 -0.35 56.98
C VAL F 39 -26.36 -0.92 56.12
N TYR F 40 -26.06 -1.24 54.86
CA TYR F 40 -27.07 -1.84 54.00
C TYR F 40 -27.45 -3.24 54.49
N SER F 41 -26.44 -4.06 54.79
CA SER F 41 -26.71 -5.37 55.38
C SER F 41 -27.29 -5.23 56.77
N ASP F 42 -26.92 -4.18 57.49
CA ASP F 42 -27.52 -3.85 58.77
C ASP F 42 -28.82 -3.08 58.64
N LEU F 43 -29.24 -2.75 57.42
CA LEU F 43 -30.52 -2.09 57.16
C LEU F 43 -30.62 -0.77 57.93
N GLN F 44 -29.81 0.20 57.49
CA GLN F 44 -29.65 1.47 58.17
C GLN F 44 -29.09 1.25 59.58
N LEU F 45 -27.81 0.85 59.59
CA LEU F 45 -27.05 0.46 60.77
C LEU F 45 -27.16 1.48 61.90
N ALA F 46 -27.69 2.68 61.61
CA ALA F 46 -27.87 3.65 62.67
C ALA F 46 -28.67 3.05 63.82
N ARG F 47 -29.99 2.79 63.62
CA ARG F 47 -30.75 1.97 64.55
C ARG F 47 -31.86 1.19 63.86
N GLU F 48 -31.67 0.80 62.60
CA GLU F 48 -32.78 0.45 61.71
C GLU F 48 -33.81 1.59 61.68
N GLU F 49 -33.37 2.72 61.17
CA GLU F 49 -34.16 3.96 61.20
C GLU F 49 -34.43 4.28 62.67
N MET F 50 -35.61 4.83 62.99
CA MET F 50 -36.00 5.11 64.36
C MET F 50 -37.27 4.34 64.72
N SER F 51 -37.19 3.51 65.77
CA SER F 51 -38.38 3.00 66.43
C SER F 51 -38.44 3.46 67.88
N ARG F 52 -37.39 3.23 68.67
CA ARG F 52 -37.41 3.61 70.08
C ARG F 52 -36.12 4.25 70.57
N GLU F 53 -34.98 4.04 69.91
CA GLU F 53 -33.70 4.40 70.52
C GLU F 53 -33.51 5.92 70.60
N ARG F 54 -33.53 6.61 69.46
CA ARG F 54 -33.44 8.05 69.50
C ARG F 54 -34.66 8.69 70.15
N LEU F 55 -35.76 7.94 70.25
CA LEU F 55 -36.90 8.40 71.04
C LEU F 55 -36.50 8.57 72.50
N ARG F 56 -35.64 7.70 73.01
CA ARG F 56 -35.17 7.81 74.39
C ARG F 56 -34.37 9.08 74.63
N TYR F 57 -33.78 9.64 73.57
CA TYR F 57 -33.00 10.87 73.70
C TYR F 57 -33.74 12.10 73.22
N LEU F 58 -34.65 11.97 72.25
CA LEU F 58 -35.51 13.11 71.94
C LEU F 58 -36.48 13.38 73.08
N GLU F 59 -36.82 12.35 73.85
CA GLU F 59 -37.51 12.55 75.12
C GLU F 59 -36.63 13.25 76.14
N ALA F 60 -35.31 13.20 75.95
CA ALA F 60 -34.41 13.93 76.84
C ALA F 60 -34.43 15.43 76.56
N MET F 61 -34.68 15.83 75.30
CA MET F 61 -34.93 17.24 75.01
C MET F 61 -36.02 17.81 75.90
N ALA F 62 -37.03 17.00 76.23
CA ALA F 62 -38.02 17.41 77.21
C ALA F 62 -37.38 17.72 78.55
N ILE F 63 -36.29 17.02 78.89
CA ILE F 63 -35.79 16.96 80.26
C ILE F 63 -34.48 17.72 80.41
N TYR F 64 -33.42 17.30 79.71
CA TYR F 64 -32.11 17.90 79.93
C TYR F 64 -32.04 19.35 79.47
N CYS F 65 -33.04 19.84 78.74
CA CYS F 65 -33.00 21.21 78.27
C CYS F 65 -33.46 22.19 79.35
N GLU F 66 -34.67 21.99 79.87
CA GLU F 66 -35.15 22.90 80.92
C GLU F 66 -35.69 22.15 82.12
N ALA F 67 -36.26 20.96 81.92
CA ALA F 67 -36.72 20.16 83.06
C ALA F 67 -35.57 19.66 83.91
N VAL F 68 -34.37 19.56 83.36
CA VAL F 68 -33.18 19.33 84.18
C VAL F 68 -32.56 20.66 84.62
N ALA F 69 -32.82 21.74 83.88
CA ALA F 69 -32.48 23.06 84.38
C ALA F 69 -33.23 23.37 85.66
N MET F 70 -34.33 22.66 85.93
CA MET F 70 -35.11 22.89 87.13
C MET F 70 -34.30 22.68 88.39
N VAL F 71 -33.67 21.52 88.53
CA VAL F 71 -32.98 21.19 89.77
C VAL F 71 -31.72 22.02 89.92
N GLU F 72 -30.95 22.17 88.84
CA GLU F 72 -29.73 22.97 88.90
C GLU F 72 -30.01 24.46 89.01
N GLU F 73 -31.27 24.90 88.87
CA GLU F 73 -31.56 26.32 88.96
C GLU F 73 -31.43 26.82 90.40
N TYR F 74 -31.70 25.96 91.40
CA TYR F 74 -31.44 26.34 92.77
C TYR F 74 -29.95 26.60 93.00
N GLN F 75 -29.09 25.74 92.46
CA GLN F 75 -27.65 25.94 92.60
C GLN F 75 -27.21 27.21 91.88
N GLN F 76 -27.78 27.51 90.71
CA GLN F 76 -27.44 28.74 90.01
C GLN F 76 -27.86 29.98 90.79
N ALA F 77 -29.03 29.93 91.44
CA ALA F 77 -29.53 31.11 92.14
C ALA F 77 -28.53 31.60 93.18
N ILE F 78 -27.99 30.69 93.99
CA ILE F 78 -26.95 31.08 94.93
C ILE F 78 -25.62 31.33 94.20
N SER F 79 -25.34 30.57 93.13
CA SER F 79 -24.14 30.81 92.35
C SER F 79 -24.18 32.16 91.65
N VAL F 80 -25.35 32.53 91.12
CA VAL F 80 -25.52 33.86 90.54
C VAL F 80 -25.37 34.92 91.62
N ALA F 81 -25.82 34.63 92.84
CA ALA F 81 -25.72 35.57 93.94
C ALA F 81 -24.27 35.96 94.25
N ASN F 82 -23.30 35.15 93.86
CA ASN F 82 -21.90 35.43 94.17
C ASN F 82 -21.25 36.35 93.13
N HIS F 83 -21.24 35.92 91.87
CA HIS F 83 -20.58 36.69 90.82
C HIS F 83 -21.53 37.47 89.94
N GLY F 84 -22.75 36.96 89.73
CA GLY F 84 -23.73 37.68 88.93
C GLY F 84 -24.64 38.54 89.77
N GLY F 85 -24.08 39.55 90.44
CA GLY F 85 -24.87 40.39 91.34
C GLY F 85 -26.02 41.11 90.66
N ILE F 86 -25.94 41.31 89.34
CA ILE F 86 -27.03 41.95 88.61
C ILE F 86 -28.28 41.07 88.64
N ARG F 87 -28.10 39.76 88.46
CA ARG F 87 -29.21 38.81 88.43
C ARG F 87 -29.45 38.15 89.78
N ASP F 88 -28.77 38.61 90.83
CA ASP F 88 -28.99 38.05 92.16
C ASP F 88 -30.43 38.26 92.62
N VAL F 89 -30.97 39.45 92.37
CA VAL F 89 -32.37 39.71 92.71
C VAL F 89 -33.31 38.82 91.91
N GLN F 90 -33.01 38.63 90.62
CA GLN F 90 -33.83 37.79 89.77
C GLN F 90 -33.59 36.30 89.99
N GLY F 91 -32.58 35.94 90.78
CA GLY F 91 -32.29 34.53 91.03
C GLY F 91 -33.43 33.86 91.79
N LEU F 92 -34.01 34.55 92.77
CA LEU F 92 -35.08 33.96 93.56
C LEU F 92 -36.34 33.74 92.73
N TYR F 93 -36.69 34.70 91.86
CA TYR F 93 -37.90 34.57 91.08
C TYR F 93 -37.83 33.38 90.12
N PRO F 94 -36.68 33.20 89.47
CA PRO F 94 -36.54 32.12 88.50
C PRO F 94 -36.42 30.76 89.18
N GLN F 95 -35.69 30.69 90.29
CA GLN F 95 -35.43 29.42 90.96
C GLN F 95 -36.34 29.20 92.17
N LEU F 96 -36.30 30.12 93.15
CA LEU F 96 -37.05 29.92 94.37
C LEU F 96 -38.54 30.17 94.20
N GLY F 97 -38.95 30.81 93.09
CA GLY F 97 -40.36 31.06 92.83
C GLY F 97 -40.86 30.33 91.60
N LEU F 98 -40.23 30.53 90.43
CA LEU F 98 -40.68 29.83 89.23
C LEU F 98 -40.36 28.36 89.29
N LYS F 99 -39.14 28.01 89.73
CA LYS F 99 -38.72 26.63 89.86
C LYS F 99 -38.99 26.07 91.26
N ASN F 100 -39.78 26.77 92.07
CA ASN F 100 -40.14 26.25 93.39
C ASN F 100 -40.88 24.92 93.30
N SER F 101 -41.47 24.62 92.15
CA SER F 101 -42.16 23.35 91.97
C SER F 101 -41.18 22.18 91.99
N PRO F 102 -39.89 22.45 91.80
CA PRO F 102 -38.87 21.41 91.90
C PRO F 102 -38.68 20.90 93.32
N GLN F 103 -39.10 21.67 94.34
CA GLN F 103 -38.83 21.29 95.72
C GLN F 103 -39.41 19.92 96.04
N VAL F 104 -40.62 19.63 95.56
CA VAL F 104 -41.14 18.28 95.63
C VAL F 104 -40.32 17.34 94.75
N TYR F 105 -39.92 17.80 93.56
CA TYR F 105 -39.23 16.94 92.61
C TYR F 105 -37.79 16.64 93.04
N GLU F 106 -37.19 17.48 93.90
CA GLU F 106 -35.83 17.22 94.34
C GLU F 106 -35.72 15.88 95.06
N THR F 107 -36.72 15.57 95.90
CA THR F 107 -36.72 14.29 96.61
C THR F 107 -36.81 13.12 95.64
N LEU F 108 -37.63 13.25 94.60
CA LEU F 108 -37.77 12.18 93.62
C LEU F 108 -36.50 11.99 92.79
N GLU F 109 -35.62 12.99 92.74
CA GLU F 109 -34.35 12.81 92.08
C GLU F 109 -33.47 11.80 92.81
N HIS F 110 -33.48 11.85 94.14
CA HIS F 110 -32.67 10.92 94.93
C HIS F 110 -33.40 9.62 95.25
N ARG F 111 -34.71 9.55 95.03
CA ARG F 111 -35.37 8.24 95.10
C ARG F 111 -34.99 7.35 93.93
N LEU F 112 -34.34 7.93 92.91
CA LEU F 112 -33.69 7.15 91.87
C LEU F 112 -32.49 6.36 92.38
N VAL F 113 -32.20 6.41 93.69
CA VAL F 113 -31.13 5.59 94.24
C VAL F 113 -31.55 4.13 94.33
N VAL F 114 -32.68 3.86 94.97
CA VAL F 114 -33.21 2.50 95.05
C VAL F 114 -34.67 2.45 94.62
N ALA F 115 -35.48 3.37 95.14
CA ALA F 115 -36.93 3.36 94.90
C ALA F 115 -37.25 3.48 93.42
N GLU F 116 -36.93 4.64 92.83
CA GLU F 116 -37.12 4.81 91.40
C GLU F 116 -36.09 4.05 90.57
N ALA F 117 -35.02 3.58 91.20
CA ALA F 117 -34.03 2.76 90.51
C ALA F 117 -34.53 1.34 90.25
N ALA F 118 -35.50 0.86 91.01
CA ALA F 118 -35.95 -0.51 90.90
C ALA F 118 -37.22 -0.67 90.08
N GLN F 119 -37.73 0.39 89.48
CA GLN F 119 -38.96 0.23 88.71
C GLN F 119 -38.87 0.74 87.28
N LYS F 120 -38.15 1.84 87.04
CA LYS F 120 -38.03 2.34 85.67
C LYS F 120 -36.62 2.78 85.29
N LEU F 121 -35.69 2.95 86.24
CA LEU F 121 -34.33 3.32 85.88
C LEU F 121 -33.60 2.19 85.16
N ARG F 122 -33.92 0.94 85.51
CA ARG F 122 -33.27 -0.22 84.92
C ARG F 122 -33.90 -0.64 83.60
N LEU F 123 -34.95 0.04 83.15
CA LEU F 123 -35.55 -0.29 81.86
C LEU F 123 -34.58 -0.14 80.70
N PRO F 124 -33.80 0.94 80.57
CA PRO F 124 -32.83 1.01 79.47
C PRO F 124 -31.55 0.24 79.72
N LEU F 125 -31.44 -0.52 80.81
CA LEU F 125 -30.24 -1.32 81.07
C LEU F 125 -30.07 -2.46 80.07
N ILE F 126 -31.11 -2.80 79.30
CA ILE F 126 -30.97 -3.82 78.26
C ILE F 126 -30.00 -3.37 77.18
N SER F 127 -29.74 -2.06 77.07
CA SER F 127 -28.74 -1.53 76.17
C SER F 127 -27.61 -0.81 76.89
N ASP F 128 -27.77 -0.45 78.16
CA ASP F 128 -26.77 0.30 78.90
C ASP F 128 -25.94 -0.68 79.72
N GLY F 129 -25.02 -1.36 79.04
CA GLY F 129 -24.17 -2.33 79.73
C GLY F 129 -23.24 -1.68 80.73
N GLY F 130 -22.60 -0.58 80.33
CA GLY F 130 -21.73 0.17 81.22
C GLY F 130 -22.08 1.65 81.21
N GLU F 131 -22.98 2.02 80.30
CA GLU F 131 -23.37 3.42 80.16
C GLU F 131 -24.16 3.91 81.36
N ILE F 132 -24.99 3.05 81.95
CA ILE F 132 -25.66 3.36 83.20
C ILE F 132 -25.13 2.55 84.38
N HIS F 133 -24.46 1.41 84.12
CA HIS F 133 -23.74 0.69 85.15
C HIS F 133 -22.79 1.59 85.95
N GLU F 134 -22.39 2.73 85.37
CA GLU F 134 -21.54 3.68 86.08
C GLU F 134 -22.27 4.32 87.26
N GLU F 135 -23.56 4.60 87.10
CA GLU F 135 -24.29 5.30 88.15
C GLU F 135 -24.97 4.36 89.13
N GLU F 136 -25.30 3.14 88.72
CA GLU F 136 -25.86 2.19 89.68
C GLU F 136 -24.80 1.71 90.66
N ILE F 137 -23.55 1.60 90.20
CA ILE F 137 -22.46 1.25 91.10
C ILE F 137 -22.22 2.38 92.09
N GLU F 138 -22.60 3.61 91.72
CA GLU F 138 -22.68 4.68 92.71
C GLU F 138 -23.78 4.38 93.73
N LYS F 139 -24.87 3.77 93.26
CA LYS F 139 -26.04 3.52 94.11
C LYS F 139 -25.95 2.19 94.85
N TRP F 140 -25.47 1.14 94.16
CA TRP F 140 -25.37 -0.17 94.80
C TRP F 140 -24.41 -0.14 95.97
N LEU F 196 -23.27 0.52 95.81
CA LEU F 196 -22.31 0.66 96.90
C LEU F 196 -22.58 1.89 97.75
N GLY F 197 -23.48 2.77 97.33
CA GLY F 197 -23.90 3.90 98.14
C GLY F 197 -25.26 3.68 98.75
N ILE F 198 -25.73 2.43 98.76
CA ILE F 198 -27.07 2.14 99.27
C ILE F 198 -27.14 2.36 100.77
N THR F 199 -26.07 2.01 101.50
CA THR F 199 -26.08 2.19 102.95
C THR F 199 -26.18 3.65 103.37
N PRO F 200 -25.40 4.59 102.81
CA PRO F 200 -25.63 6.00 103.16
C PRO F 200 -27.02 6.49 102.78
N ALA F 201 -27.58 5.99 101.67
CA ALA F 201 -28.95 6.33 101.33
C ALA F 201 -29.93 5.83 102.37
N TYR F 202 -29.70 4.63 102.89
CA TYR F 202 -30.59 4.07 103.91
C TYR F 202 -30.63 4.94 105.16
N LEU F 203 -29.57 5.72 105.41
CA LEU F 203 -29.59 6.67 106.51
C LEU F 203 -30.62 7.77 106.31
N SER F 204 -31.10 7.97 105.08
CA SER F 204 -32.13 8.96 104.80
C SER F 204 -33.27 8.42 103.94
N TYR F 205 -33.14 7.21 103.38
CA TYR F 205 -34.20 6.67 102.54
C TYR F 205 -35.44 6.27 103.32
N VAL F 206 -35.30 6.02 104.63
CA VAL F 206 -36.45 5.58 105.43
C VAL F 206 -37.49 6.70 105.53
N GLN F 207 -37.03 7.95 105.60
CA GLN F 207 -37.95 9.09 105.69
C GLN F 207 -38.38 9.62 104.33
N LEU F 208 -37.80 9.14 103.23
CA LEU F 208 -38.19 9.61 101.91
C LEU F 208 -39.63 9.24 101.60
N GLN F 209 -40.03 8.01 101.90
CA GLN F 209 -41.34 7.50 101.48
C GLN F 209 -42.49 8.32 102.07
N ASN F 210 -42.24 9.10 103.11
CA ASN F 210 -43.23 10.06 103.59
C ASN F 210 -43.21 11.36 102.79
N THR F 211 -42.30 11.49 101.82
CA THR F 211 -42.23 12.68 100.99
C THR F 211 -42.62 12.43 99.54
N ILE F 212 -42.37 11.23 99.03
CA ILE F 212 -42.92 10.86 97.72
C ILE F 212 -44.45 10.99 97.73
N SER F 213 -45.08 10.59 98.84
CA SER F 213 -46.54 10.73 98.93
C SER F 213 -46.95 12.19 98.89
N MET F 214 -46.20 13.07 99.55
CA MET F 214 -46.54 14.49 99.53
C MET F 214 -46.32 15.09 98.14
N ASP F 215 -45.41 14.51 97.35
CA ASP F 215 -45.20 14.95 95.98
C ASP F 215 -46.35 14.56 95.06
N MET F 216 -47.28 13.74 95.52
CA MET F 216 -48.45 13.40 94.71
C MET F 216 -49.37 14.60 94.56
N ALA F 217 -49.89 15.11 95.68
CA ALA F 217 -50.84 16.22 95.63
C ALA F 217 -50.16 17.55 95.33
N ASP F 218 -48.89 17.70 95.71
CA ASP F 218 -48.19 18.95 95.46
C ASP F 218 -47.95 19.21 93.98
N TYR F 219 -48.08 18.18 93.14
CA TYR F 219 -47.83 18.33 91.71
C TYR F 219 -48.97 18.99 90.96
N GLN F 220 -49.99 19.49 91.65
CA GLN F 220 -51.00 20.33 91.00
C GLN F 220 -50.39 21.61 90.45
N MET F 221 -49.34 22.13 91.09
CA MET F 221 -48.61 23.30 90.62
C MET F 221 -47.25 22.95 90.03
N PHE F 222 -46.87 21.66 90.03
CA PHE F 222 -45.70 21.22 89.29
C PHE F 222 -45.99 21.15 87.79
N LEU F 223 -47.18 20.68 87.42
CA LEU F 223 -47.60 20.59 86.03
C LEU F 223 -48.21 21.89 85.50
N ALA F 224 -47.95 23.01 86.16
CA ALA F 224 -48.42 24.30 85.67
C ALA F 224 -47.46 24.90 84.64
N ARG F 225 -46.19 25.05 85.01
CA ARG F 225 -45.20 25.63 84.12
C ARG F 225 -43.93 24.80 84.11
N GLU F 226 -43.71 24.06 85.20
CA GLU F 226 -42.39 23.47 85.46
C GLU F 226 -42.21 22.10 84.80
N ILE F 227 -43.00 21.10 85.21
CA ILE F 227 -42.85 19.78 84.62
C ILE F 227 -43.77 19.59 83.42
N GLU F 228 -44.81 20.40 83.28
CA GLU F 228 -45.61 20.35 82.06
C GLU F 228 -45.13 21.35 81.04
N GLY F 229 -44.69 22.52 81.48
CA GLY F 229 -44.12 23.50 80.58
C GLY F 229 -42.75 23.11 80.07
N ARG F 230 -41.74 23.12 80.96
CA ARG F 230 -40.37 22.92 80.54
C ARG F 230 -40.18 21.59 79.83
N LEU F 231 -40.90 20.55 80.28
CA LEU F 231 -40.87 19.28 79.56
C LEU F 231 -41.45 19.44 78.16
N LYS F 232 -42.52 20.21 78.01
CA LYS F 232 -43.16 20.34 76.71
C LYS F 232 -42.50 21.44 75.87
N GLU F 233 -42.24 22.60 76.46
CA GLU F 233 -41.72 23.72 75.67
C GLU F 233 -40.30 23.50 75.19
N LYS F 234 -39.61 22.48 75.69
CA LYS F 234 -38.27 22.15 75.20
C LYS F 234 -38.20 20.84 74.45
N CYS F 235 -39.17 19.94 74.64
CA CYS F 235 -39.19 18.71 73.85
C CYS F 235 -39.47 19.02 72.39
N ASP F 236 -40.51 19.81 72.12
CA ASP F 236 -40.84 20.14 70.74
C ASP F 236 -39.84 21.15 70.17
N LYS F 237 -39.45 22.15 70.97
CA LYS F 237 -38.56 23.19 70.47
C LYS F 237 -37.25 22.60 69.96
N LEU F 238 -36.67 21.68 70.72
CA LEU F 238 -35.51 20.94 70.22
C LEU F 238 -35.90 20.04 69.05
N ALA F 239 -37.06 19.38 69.16
CA ALA F 239 -37.51 18.51 68.07
C ALA F 239 -37.93 19.33 66.84
N ASP F 240 -38.34 20.57 67.04
CA ASP F 240 -38.65 21.46 65.93
C ASP F 240 -37.43 22.24 65.44
N ALA F 241 -36.25 21.96 65.99
CA ALA F 241 -35.04 22.56 65.44
C ALA F 241 -34.75 22.05 64.04
N ILE F 242 -35.18 20.82 63.73
CA ILE F 242 -34.84 20.21 62.45
C ILE F 242 -35.36 21.04 61.29
N VAL F 243 -36.57 21.57 61.41
CA VAL F 243 -37.21 22.29 60.31
C VAL F 243 -36.39 23.48 59.83
N ASP F 244 -35.37 23.89 60.59
CA ASP F 244 -34.43 24.91 60.13
C ASP F 244 -33.59 24.46 58.95
N ASP F 245 -33.85 23.26 58.43
CA ASP F 245 -33.32 22.80 57.15
C ASP F 245 -34.14 23.43 56.04
N THR F 246 -34.06 22.89 54.83
CA THR F 246 -34.78 23.41 53.66
C THR F 246 -36.22 23.81 53.99
N ASP F 247 -36.82 23.16 54.99
CA ASP F 247 -38.14 23.54 55.47
C ASP F 247 -38.16 24.84 56.27
N SER F 248 -37.02 25.53 56.41
CA SER F 248 -36.99 26.72 57.25
C SER F 248 -37.86 27.84 56.68
N SER F 249 -37.87 27.99 55.36
CA SER F 249 -38.64 29.07 54.74
C SER F 249 -40.13 28.92 55.03
N THR F 250 -40.66 27.70 54.96
CA THR F 250 -42.06 27.44 55.23
C THR F 250 -42.24 27.29 56.75
N GLY F 251 -42.28 28.44 57.42
CA GLY F 251 -42.38 28.45 58.88
C GLY F 251 -43.72 28.02 59.42
N ASN F 252 -44.78 28.11 58.61
CA ASN F 252 -46.09 27.65 59.06
C ASN F 252 -46.20 26.14 59.05
N ARG F 253 -45.57 25.48 58.08
CA ARG F 253 -45.64 24.03 57.95
C ARG F 253 -44.75 23.28 58.93
N ASN F 254 -43.88 24.00 59.66
CA ASN F 254 -42.89 23.34 60.50
C ASN F 254 -43.53 22.37 61.49
N SER F 255 -44.74 22.69 61.94
CA SER F 255 -45.46 21.76 62.81
C SER F 255 -45.82 20.48 62.07
N SER F 256 -46.20 20.59 60.80
CA SER F 256 -46.64 19.45 60.00
C SER F 256 -45.61 19.02 58.96
N ALA F 257 -44.42 19.61 58.97
CA ALA F 257 -43.37 19.25 58.01
C ALA F 257 -42.30 18.36 58.62
N ARG F 258 -42.54 17.79 59.80
CA ARG F 258 -41.54 16.96 60.46
C ARG F 258 -41.72 15.48 60.11
N LEU F 259 -42.88 14.90 60.48
CA LEU F 259 -43.08 13.48 60.23
C LEU F 259 -43.16 13.10 58.76
N PRO F 260 -43.92 13.80 57.89
CA PRO F 260 -44.25 13.19 56.60
C PRO F 260 -43.20 13.38 55.51
N GLU F 261 -42.43 14.47 55.55
CA GLU F 261 -41.55 14.81 54.44
C GLU F 261 -40.06 14.81 54.78
N ARG F 262 -39.69 14.81 56.07
CA ARG F 262 -38.27 14.76 56.41
C ARG F 262 -37.66 13.42 55.98
N VAL F 263 -38.40 12.33 56.18
CA VAL F 263 -37.98 11.05 55.63
C VAL F 263 -38.06 11.08 54.11
N LYS F 264 -39.05 11.80 53.57
CA LYS F 264 -39.12 11.97 52.11
C LYS F 264 -37.94 12.76 51.60
N PHE F 265 -37.53 13.80 52.33
CA PHE F 265 -36.49 14.70 51.84
C PHE F 265 -35.12 14.03 51.73
N ILE F 266 -34.94 12.84 52.32
CA ILE F 266 -33.71 12.11 52.07
C ILE F 266 -33.88 11.14 50.90
N ILE F 267 -35.02 10.46 50.81
CA ILE F 267 -35.19 9.43 49.79
C ILE F 267 -35.16 10.04 48.39
N GLU F 268 -35.91 11.13 48.19
CA GLU F 268 -35.92 11.77 46.88
C GLU F 268 -34.61 12.49 46.59
N GLU F 269 -34.04 13.17 47.58
CA GLU F 269 -32.84 13.96 47.33
C GLU F 269 -31.61 13.08 47.18
N ILE F 270 -31.48 12.02 47.99
CA ILE F 270 -30.33 11.13 47.87
C ILE F 270 -30.22 10.61 46.44
N GLU F 271 -31.33 10.12 45.89
CA GLU F 271 -31.36 9.77 44.48
C GLU F 271 -31.11 11.01 43.62
N ARG F 272 -31.72 12.14 43.98
CA ARG F 272 -31.52 13.37 43.21
C ARG F 272 -30.06 13.81 43.26
N ASP F 273 -29.42 13.72 44.42
CA ASP F 273 -27.99 13.98 44.50
C ASP F 273 -27.21 13.01 43.64
N GLU F 274 -27.58 11.73 43.68
CA GLU F 274 -27.03 10.78 42.74
C GLU F 274 -27.41 11.17 41.31
N ALA F 275 -28.71 11.22 41.02
CA ALA F 275 -29.17 11.59 39.68
C ALA F 275 -28.63 12.94 39.23
N ALA F 276 -28.15 13.78 40.15
CA ALA F 276 -27.45 14.99 39.75
C ALA F 276 -26.27 14.66 38.84
N LEU F 277 -25.40 13.77 39.30
CA LEU F 277 -24.26 13.35 38.48
C LEU F 277 -24.55 12.07 37.68
N ARG F 278 -25.63 11.35 38.01
CA ARG F 278 -25.86 10.06 37.36
C ARG F 278 -26.52 10.23 35.99
N GLU F 279 -27.76 10.73 35.98
CA GLU F 279 -28.49 10.80 34.72
C GLU F 279 -28.10 12.02 33.88
N ASP F 280 -27.40 12.99 34.45
CA ASP F 280 -26.91 14.10 33.63
C ASP F 280 -25.79 13.65 32.71
N LEU F 281 -24.88 12.81 33.21
CA LEU F 281 -23.91 12.19 32.33
C LEU F 281 -24.55 11.19 31.38
N TYR F 282 -25.78 10.76 31.67
CA TYR F 282 -26.55 9.94 30.75
C TYR F 282 -27.43 10.77 29.82
N SER F 283 -27.51 12.08 30.03
CA SER F 283 -28.32 12.93 29.16
C SER F 283 -27.77 12.92 27.73
N ALA F 284 -26.45 13.03 27.59
CA ALA F 284 -25.84 12.89 26.27
C ALA F 284 -25.97 11.47 25.74
N ASP F 285 -25.92 10.48 26.64
CA ASP F 285 -25.95 9.08 26.22
C ASP F 285 -27.24 8.75 25.49
N ARG F 286 -28.37 9.25 25.98
CA ARG F 286 -29.63 9.06 25.26
C ARG F 286 -29.59 9.75 23.91
N LYS F 287 -28.82 10.84 23.80
CA LYS F 287 -28.72 11.54 22.53
C LYS F 287 -27.71 10.89 21.59
N PHE F 288 -26.71 10.19 22.14
CA PHE F 288 -25.84 9.39 21.27
C PHE F 288 -26.63 8.30 20.57
N ALA F 289 -27.56 7.66 21.28
CA ALA F 289 -28.40 6.64 20.65
C ALA F 289 -29.22 7.22 19.51
N GLU F 290 -29.79 8.41 19.71
CA GLU F 290 -30.49 9.09 18.63
C GLU F 290 -29.54 9.50 17.50
N TYR F 291 -28.25 9.58 17.77
CA TYR F 291 -27.27 9.77 16.71
C TYR F 291 -26.72 8.46 16.19
N TYR F 292 -26.69 7.42 17.02
CA TYR F 292 -26.21 6.13 16.56
C TYR F 292 -27.16 5.49 15.54
N ASN F 293 -28.47 5.69 15.71
CA ASN F 293 -29.42 5.13 14.75
C ASN F 293 -29.29 5.83 13.40
N VAL F 294 -29.29 7.17 13.40
CA VAL F 294 -29.11 7.90 12.15
C VAL F 294 -27.71 7.66 11.59
N LEU F 295 -26.75 7.31 12.44
CA LEU F 295 -25.46 6.82 11.96
C LEU F 295 -25.62 5.48 11.25
N GLU F 296 -26.52 4.64 11.73
CA GLU F 296 -26.71 3.30 11.18
C GLU F 296 -27.84 3.24 10.15
N GLN F 297 -28.89 4.03 10.32
CA GLN F 297 -30.05 4.01 9.42
C GLN F 297 -29.72 4.54 8.03
N ILE F 298 -28.46 4.82 7.72
CA ILE F 298 -28.07 5.28 6.39
C ILE F 298 -28.00 4.06 5.48
N LEU F 299 -29.12 3.73 4.85
CA LEU F 299 -29.33 2.44 4.20
C LEU F 299 -28.95 1.31 5.15
N GLY F 300 -29.70 1.23 6.26
CA GLY F 300 -29.36 0.29 7.32
C GLY F 300 -29.45 -1.16 6.90
N VAL F 301 -30.33 -1.48 5.96
CA VAL F 301 -30.53 -2.86 5.55
C VAL F 301 -29.28 -3.44 4.89
N LEU F 302 -28.43 -2.62 4.29
CA LEU F 302 -27.22 -3.08 3.63
C LEU F 302 -26.05 -2.17 3.95
N ILE F 303 -25.93 -1.76 5.22
CA ILE F 303 -24.97 -0.73 5.60
C ILE F 303 -23.54 -1.19 5.35
N LYS F 304 -23.22 -2.45 5.68
CA LYS F 304 -21.85 -2.93 5.54
C LYS F 304 -21.42 -2.96 4.08
N LEU F 305 -22.31 -3.38 3.19
CA LEU F 305 -21.98 -3.40 1.77
C LEU F 305 -21.94 -2.00 1.17
N VAL F 306 -22.69 -1.06 1.73
CA VAL F 306 -22.72 0.32 1.24
C VAL F 306 -21.80 1.22 2.04
N LYS F 307 -20.93 0.65 2.87
CA LYS F 307 -19.90 1.41 3.56
C LYS F 307 -18.49 1.08 3.07
N ASP F 308 -18.18 -0.20 2.87
CA ASP F 308 -16.88 -0.57 2.32
C ASP F 308 -16.76 -0.18 0.85
N LEU F 309 -17.89 -0.06 0.15
CA LEU F 309 -17.89 0.33 -1.26
C LEU F 309 -18.88 1.44 -1.59
N LYS F 310 -19.81 1.78 -0.71
CA LYS F 310 -20.89 2.70 -1.04
C LYS F 310 -21.61 2.17 -2.27
N LEU F 311 -21.23 2.68 -3.45
CA LEU F 311 -21.52 1.98 -4.68
C LEU F 311 -20.93 0.59 -4.63
N GLU F 312 -21.79 -0.44 -4.56
CA GLU F 312 -21.30 -1.80 -4.43
C GLU F 312 -20.54 -2.27 -5.67
N HIS F 313 -20.60 -1.52 -6.77
CA HIS F 313 -19.88 -1.92 -7.98
C HIS F 313 -19.02 -0.80 -8.55
N GLN F 314 -19.33 0.47 -8.28
CA GLN F 314 -18.47 1.52 -8.80
C GLN F 314 -17.11 1.48 -8.11
N HIS F 315 -17.09 1.38 -6.78
CA HIS F 315 -15.83 1.06 -6.10
C HIS F 315 -15.21 -0.22 -6.64
N LYS F 316 -16.03 -1.15 -7.13
CA LYS F 316 -15.50 -2.34 -7.77
C LYS F 316 -14.86 -2.04 -9.13
N TYR F 317 -15.28 -0.98 -9.83
CA TYR F 317 -14.61 -0.63 -11.08
C TYR F 317 -13.97 0.75 -11.11
N ASN F 318 -14.33 1.68 -10.22
CA ASN F 318 -13.80 3.04 -10.33
C ASN F 318 -12.28 3.06 -10.27
N GLU F 319 -11.67 2.16 -9.48
CA GLU F 319 -10.23 2.02 -9.50
C GLU F 319 -9.74 1.55 -10.86
N MET F 320 -10.38 0.51 -11.40
CA MET F 320 -9.98 -0.05 -12.69
C MET F 320 -10.69 0.59 -13.87
N GLN F 321 -11.61 1.54 -13.63
CA GLN F 321 -12.26 2.20 -14.75
C GLN F 321 -11.33 3.24 -15.40
N LYS F 322 -10.39 3.78 -14.62
CA LYS F 322 -9.36 4.63 -15.21
C LYS F 322 -8.39 3.84 -16.06
N THR F 323 -8.43 2.51 -15.99
CA THR F 323 -7.56 1.64 -16.76
C THR F 323 -8.31 0.85 -17.84
N TRP F 324 -9.37 0.12 -17.46
CA TRP F 324 -10.10 -0.69 -18.43
C TRP F 324 -11.36 0.00 -18.96
N LEU F 325 -12.10 0.73 -18.13
CA LEU F 325 -13.12 1.57 -18.73
C LEU F 325 -12.52 2.71 -19.51
N CYS F 326 -11.21 2.94 -19.37
CA CYS F 326 -10.49 3.94 -20.12
C CYS F 326 -9.46 3.33 -21.07
N LYS F 327 -9.33 2.00 -21.12
CA LYS F 327 -8.53 1.43 -22.20
C LYS F 327 -9.21 1.65 -23.54
N ARG F 328 -10.49 1.98 -23.54
CA ARG F 328 -11.20 2.41 -24.74
C ARG F 328 -11.20 3.93 -24.91
N CYS F 329 -10.59 4.67 -23.98
CA CYS F 329 -10.33 6.08 -24.23
C CYS F 329 -9.38 6.23 -25.41
N GLU F 330 -8.47 5.28 -25.58
CA GLU F 330 -7.59 5.25 -26.75
C GLU F 330 -8.10 4.33 -27.85
N THR F 331 -9.38 3.98 -27.83
CA THR F 331 -10.02 3.28 -28.96
C THR F 331 -11.16 4.07 -29.56
N MET F 332 -12.05 4.65 -28.74
CA MET F 332 -13.09 5.53 -29.29
C MET F 332 -12.48 6.73 -30.00
N ASN F 333 -11.28 7.15 -29.60
CA ASN F 333 -10.56 8.16 -30.36
C ASN F 333 -10.21 7.65 -31.75
N ALA F 334 -9.81 6.37 -31.84
CA ALA F 334 -9.35 5.77 -33.09
C ALA F 334 -10.51 5.24 -33.93
N LYS F 335 -11.39 4.43 -33.32
CA LYS F 335 -12.45 3.79 -34.09
C LYS F 335 -13.37 4.83 -34.73
N LEU F 336 -13.68 5.90 -34.00
CA LEU F 336 -14.49 6.96 -34.58
C LEU F 336 -13.75 7.68 -35.70
N ARG F 337 -12.44 7.89 -35.54
CA ARG F 337 -11.68 8.68 -36.48
C ARG F 337 -11.39 7.94 -37.78
N VAL F 338 -11.04 6.64 -37.69
CA VAL F 338 -10.50 5.95 -38.85
C VAL F 338 -11.53 5.83 -39.96
N LEU F 339 -12.79 5.54 -39.60
CA LEU F 339 -13.81 5.35 -40.63
C LEU F 339 -14.26 6.66 -41.26
N GLU F 340 -13.85 7.81 -40.71
CA GLU F 340 -14.32 9.09 -41.25
C GLU F 340 -13.78 9.34 -42.65
N ASN F 341 -12.53 8.98 -42.92
CA ASN F 341 -11.90 9.27 -44.20
C ASN F 341 -12.09 8.12 -45.20
N VAL F 342 -13.34 7.68 -45.36
CA VAL F 342 -13.66 6.50 -46.17
C VAL F 342 -14.61 6.84 -47.31
N LEU F 343 -15.72 7.51 -47.00
CA LEU F 343 -16.75 7.77 -48.00
C LEU F 343 -16.24 8.67 -49.12
N LEU F 344 -15.43 9.67 -48.80
CA LEU F 344 -15.01 10.66 -49.79
C LEU F 344 -14.29 9.99 -50.96
N LEU F 345 -13.38 9.06 -50.66
CA LEU F 345 -12.72 8.33 -51.73
C LEU F 345 -13.70 7.44 -52.49
N GLU F 346 -14.63 6.81 -51.76
CA GLU F 346 -15.57 5.88 -52.37
C GLU F 346 -16.64 6.57 -53.21
N THR F 347 -16.77 7.90 -53.12
CA THR F 347 -17.74 8.62 -53.92
C THR F 347 -17.23 8.94 -55.31
N TYR F 348 -16.00 8.54 -55.65
CA TYR F 348 -15.44 8.84 -56.95
C TYR F 348 -14.93 7.61 -57.71
N THR F 349 -14.95 6.44 -57.10
CA THR F 349 -14.52 5.23 -57.81
C THR F 349 -15.38 4.89 -59.04
N PRO F 350 -16.72 5.02 -59.04
CA PRO F 350 -17.44 4.66 -60.27
C PRO F 350 -17.13 5.58 -61.43
N ASP F 351 -16.82 6.85 -61.16
CA ASP F 351 -16.39 7.78 -62.18
C ASP F 351 -14.89 7.74 -62.44
N SER F 352 -14.12 7.13 -61.54
CA SER F 352 -12.66 7.07 -61.69
C SER F 352 -12.21 6.25 -62.88
N ILE F 353 -13.11 5.47 -63.49
CA ILE F 353 -12.74 4.68 -64.66
C ILE F 353 -12.26 5.60 -65.78
N SER F 354 -13.02 6.67 -66.05
CA SER F 354 -12.63 7.60 -67.10
C SER F 354 -11.34 8.33 -66.77
N ALA F 355 -11.02 8.51 -65.49
CA ALA F 355 -9.74 9.08 -65.11
C ALA F 355 -8.60 8.08 -65.22
N LEU F 356 -8.90 6.80 -65.33
CA LEU F 356 -7.89 5.76 -65.40
C LEU F 356 -7.92 4.92 -66.67
N HIS F 357 -9.11 4.62 -67.21
CA HIS F 357 -9.21 3.94 -68.49
C HIS F 357 -8.82 4.85 -69.65
N ASN F 358 -8.66 6.14 -69.40
CA ASN F 358 -8.37 7.09 -70.47
C ASN F 358 -7.02 7.78 -70.25
N ILE F 359 -5.98 7.01 -69.93
CA ILE F 359 -4.66 7.59 -69.69
C ILE F 359 -4.15 8.29 -70.95
N ARG F 360 -4.18 7.59 -72.08
CA ARG F 360 -3.94 8.26 -73.35
C ARG F 360 -5.23 8.82 -73.93
N ASN F 361 -6.38 8.32 -73.48
CA ASN F 361 -7.68 8.75 -73.99
C ASN F 361 -8.22 9.95 -73.21
N TYR F 362 -7.34 10.80 -72.66
CA TYR F 362 -7.80 12.06 -72.10
C TYR F 362 -8.15 13.00 -73.23
N LEU F 363 -9.12 12.60 -74.06
CA LEU F 363 -9.59 13.42 -75.16
C LEU F 363 -10.54 14.50 -74.70
N VAL F 364 -10.49 14.82 -73.41
CA VAL F 364 -10.86 16.12 -72.89
C VAL F 364 -10.13 17.17 -73.72
N GLU F 365 -8.96 16.78 -74.25
CA GLU F 365 -8.28 17.60 -75.25
C GLU F 365 -9.13 17.72 -76.51
N ALA F 366 -9.79 16.65 -76.93
CA ALA F 366 -10.64 16.72 -78.11
C ALA F 366 -11.83 17.65 -77.91
N THR F 367 -12.18 17.95 -76.67
CA THR F 367 -13.13 19.03 -76.42
C THR F 367 -12.64 20.32 -77.06
N GLU F 368 -11.37 20.64 -76.86
CA GLU F 368 -10.79 21.83 -77.45
C GLU F 368 -10.23 21.58 -78.86
N GLU F 369 -10.06 20.31 -79.24
CA GLU F 369 -9.91 20.00 -80.65
C GLU F 369 -11.24 20.05 -81.39
N ALA F 370 -12.36 19.95 -80.66
CA ALA F 370 -13.68 20.11 -81.23
C ALA F 370 -14.33 21.42 -80.79
N SER F 371 -13.61 22.27 -80.06
CA SER F 371 -14.18 23.52 -79.56
C SER F 371 -14.60 24.46 -80.68
N ALA F 372 -14.30 24.14 -81.94
CA ALA F 372 -14.62 24.99 -83.07
C ALA F 372 -16.12 25.19 -83.25
N ALA F 373 -16.93 24.57 -82.38
CA ALA F 373 -18.36 24.82 -82.38
C ALA F 373 -18.69 26.27 -82.06
N TYR F 374 -17.77 27.01 -81.46
CA TYR F 374 -18.05 28.39 -81.07
C TYR F 374 -18.03 29.33 -82.27
N ASN F 375 -16.88 29.43 -82.96
CA ASN F 375 -16.65 30.53 -83.89
C ASN F 375 -17.61 30.52 -85.07
N LYS F 376 -18.32 29.41 -85.29
CA LYS F 376 -19.33 29.38 -86.34
C LYS F 376 -20.58 30.19 -85.96
N ALA F 377 -20.58 30.87 -84.81
CA ALA F 377 -21.63 31.82 -84.54
C ALA F 377 -21.61 32.98 -85.55
N VAL F 378 -20.42 33.31 -86.06
CA VAL F 378 -20.33 34.27 -87.15
C VAL F 378 -21.09 33.75 -88.38
N THR F 379 -20.94 32.45 -88.67
CA THR F 379 -21.69 31.86 -89.76
C THR F 379 -23.19 31.89 -89.51
N ARG F 380 -23.62 31.99 -88.24
CA ARG F 380 -25.03 32.11 -87.93
C ARG F 380 -25.56 33.51 -88.24
N LEU F 381 -24.70 34.53 -88.23
CA LEU F 381 -25.14 35.85 -88.69
C LEU F 381 -25.50 35.86 -90.17
N ARG F 382 -24.87 35.00 -90.96
CA ARG F 382 -25.09 34.97 -92.41
C ARG F 382 -25.61 33.62 -92.89
N GLU F 383 -26.31 32.88 -92.02
CA GLU F 383 -26.80 31.55 -92.39
C GLU F 383 -28.16 31.63 -93.06
N TYR F 384 -29.06 32.48 -92.56
CA TYR F 384 -30.40 32.61 -93.13
C TYR F 384 -30.45 33.52 -94.34
N GLN F 385 -29.32 34.13 -94.71
CA GLN F 385 -29.26 35.04 -95.85
C GLN F 385 -29.25 34.32 -97.19
N GLY F 386 -29.40 33.00 -97.21
CA GLY F 386 -29.63 32.29 -98.45
C GLY F 386 -31.04 32.42 -98.99
N VAL F 387 -31.96 32.92 -98.17
CA VAL F 387 -33.31 33.22 -98.64
C VAL F 387 -33.29 34.41 -99.59
N ASP F 388 -32.42 35.39 -99.33
CA ASP F 388 -32.41 36.63 -100.11
C ASP F 388 -32.16 36.41 -101.60
N PRO F 389 -31.17 35.62 -102.04
CA PRO F 389 -30.99 35.44 -103.49
C PRO F 389 -32.22 34.88 -104.18
N HIS F 390 -32.91 33.93 -103.56
CA HIS F 390 -34.17 33.42 -104.08
C HIS F 390 -35.34 34.11 -103.37
N PHE F 391 -35.48 35.40 -103.67
CA PHE F 391 -36.50 36.21 -103.01
C PHE F 391 -37.90 35.81 -103.42
N ASP F 392 -38.09 35.35 -104.66
CA ASP F 392 -39.42 34.96 -105.13
C ASP F 392 -39.92 33.69 -104.47
N THR F 393 -39.05 32.94 -103.77
CA THR F 393 -39.48 31.72 -103.11
C THR F 393 -40.42 32.02 -101.96
N ILE F 394 -40.10 33.02 -101.14
CA ILE F 394 -40.92 33.37 -99.98
C ILE F 394 -42.11 34.21 -100.42
N ALA F 395 -42.13 34.60 -101.70
CA ALA F 395 -43.30 35.31 -102.23
C ALA F 395 -44.54 34.43 -102.15
N ARG F 396 -44.41 33.16 -102.53
CA ARG F 396 -45.49 32.20 -102.37
C ARG F 396 -45.45 31.50 -101.01
N GLN F 397 -44.41 31.72 -100.22
CA GLN F 397 -44.28 31.10 -98.91
C GLN F 397 -44.05 32.16 -97.84
N TYR F 398 -44.90 33.19 -97.84
CA TYR F 398 -44.76 34.32 -96.92
C TYR F 398 -45.02 33.94 -95.47
N HIS F 399 -45.57 32.75 -95.20
CA HIS F 399 -45.90 32.36 -93.84
C HIS F 399 -44.71 31.80 -93.06
N ASP F 400 -43.69 31.27 -93.76
CA ASP F 400 -42.58 30.62 -93.06
C ASP F 400 -41.66 31.64 -92.40
N ILE F 401 -41.58 32.86 -92.93
CA ILE F 401 -40.63 33.83 -92.40
C ILE F 401 -40.97 34.24 -90.97
N VAL F 402 -42.24 34.07 -90.57
CA VAL F 402 -42.63 34.40 -89.21
C VAL F 402 -41.89 33.50 -88.21
N LYS F 403 -41.80 32.21 -88.51
CA LYS F 403 -41.07 31.30 -87.63
C LYS F 403 -39.57 31.60 -87.66
N LYS F 404 -39.06 32.07 -88.79
CA LYS F 404 -37.64 32.40 -88.91
C LYS F 404 -37.24 33.63 -88.11
N LEU F 405 -38.20 34.41 -87.62
CA LEU F 405 -37.87 35.64 -86.90
C LEU F 405 -37.10 35.35 -85.62
N GLU F 406 -37.51 34.34 -84.87
CA GLU F 406 -36.90 34.05 -83.57
C GLU F 406 -35.54 33.36 -83.69
N ASN F 407 -34.99 33.24 -84.88
CA ASN F 407 -33.71 32.56 -85.09
C ASN F 407 -32.58 33.48 -85.54
N MET F 408 -32.89 34.71 -85.94
CA MET F 408 -31.85 35.60 -86.47
C MET F 408 -30.92 36.09 -85.37
N GLN F 409 -31.47 36.36 -84.18
CA GLN F 409 -30.69 36.97 -83.09
C GLN F 409 -30.15 35.95 -82.11
N TRP F 410 -30.31 34.66 -82.36
CA TRP F 410 -29.81 33.66 -81.42
C TRP F 410 -28.29 33.64 -81.38
N THR F 411 -27.63 34.00 -82.49
CA THR F 411 -26.18 33.95 -82.55
C THR F 411 -25.52 34.86 -81.53
N ILE F 412 -26.21 35.91 -81.07
CA ILE F 412 -25.65 36.79 -80.04
C ILE F 412 -25.46 36.02 -78.75
N HIS F 413 -26.50 35.32 -78.30
CA HIS F 413 -26.40 34.48 -77.11
C HIS F 413 -25.95 33.06 -77.40
N GLN F 414 -25.91 32.66 -78.68
CA GLN F 414 -25.31 31.37 -79.02
C GLN F 414 -23.85 31.34 -78.61
N VAL F 415 -23.18 32.49 -78.63
CA VAL F 415 -21.80 32.62 -78.21
C VAL F 415 -21.60 31.96 -76.86
N GLU F 416 -22.42 32.32 -75.88
CA GLU F 416 -22.29 31.73 -74.54
C GLU F 416 -22.41 30.22 -74.60
N MET F 417 -23.26 29.70 -75.49
CA MET F 417 -23.53 28.27 -75.52
C MET F 417 -22.59 27.52 -76.46
N ASP F 418 -22.40 28.03 -77.69
CA ASP F 418 -21.63 27.27 -78.67
C ASP F 418 -20.17 27.12 -78.27
N LEU F 419 -19.67 27.95 -77.37
CA LEU F 419 -18.40 27.66 -76.73
C LEU F 419 -18.58 26.88 -75.44
N LYS F 420 -19.70 27.09 -74.74
CA LYS F 420 -20.08 26.16 -73.67
C LYS F 420 -20.27 24.76 -74.23
N SER F 421 -20.65 24.66 -75.51
CA SER F 421 -20.60 23.39 -76.22
C SER F 421 -19.27 22.68 -76.03
N HIS F 422 -18.20 23.43 -75.74
CA HIS F 422 -16.94 22.85 -75.35
C HIS F 422 -16.26 23.61 -74.21
N ASP F 423 -17.03 24.36 -73.41
CA ASP F 423 -16.51 24.99 -72.20
C ASP F 423 -17.50 24.85 -71.04
N MET G 1 -3.93 18.70 -68.71
CA MET G 1 -3.86 19.99 -69.36
C MET G 1 -2.61 20.04 -70.24
N GLN G 2 -2.07 18.86 -70.54
CA GLN G 2 -0.78 18.72 -71.19
C GLN G 2 -0.90 17.64 -72.26
N SER G 3 0.26 17.20 -72.78
CA SER G 3 0.37 16.15 -73.79
C SER G 3 -0.18 16.61 -75.13
N LEU G 4 -1.14 15.87 -75.69
CA LEU G 4 -1.76 16.29 -76.94
C LEU G 4 -2.61 17.51 -76.66
N SER G 5 -1.95 18.62 -76.36
CA SER G 5 -2.63 19.80 -75.82
C SER G 5 -2.43 21.04 -76.68
N SER G 6 -1.18 21.40 -76.99
CA SER G 6 -0.91 22.58 -77.78
C SER G 6 -0.72 22.25 -79.26
N SER G 7 -1.13 21.06 -79.70
CA SER G 7 -0.96 20.64 -81.08
C SER G 7 -2.29 20.52 -81.82
N ALA G 8 -3.19 19.65 -81.36
CA ALA G 8 -4.53 19.62 -81.92
C ALA G 8 -5.50 20.61 -81.26
N PRO G 9 -5.60 20.65 -79.92
CA PRO G 9 -6.66 21.49 -79.31
C PRO G 9 -6.42 22.99 -79.45
N THR G 10 -5.19 23.46 -79.37
CA THR G 10 -4.92 24.90 -79.34
C THR G 10 -5.14 25.60 -80.67
N PRO G 11 -4.50 25.18 -81.77
CA PRO G 11 -4.46 26.06 -82.95
C PRO G 11 -5.75 26.10 -83.76
N GLU G 12 -6.46 24.97 -83.93
CA GLU G 12 -7.66 25.02 -84.74
C GLU G 12 -8.76 25.83 -84.05
N ALA G 13 -8.68 25.96 -82.73
CA ALA G 13 -9.68 26.65 -81.93
C ALA G 13 -9.08 27.84 -81.20
N ILE G 14 -8.24 28.62 -81.90
CA ILE G 14 -7.69 29.83 -81.31
C ILE G 14 -8.80 30.83 -81.00
N LEU G 15 -9.79 30.93 -81.89
CA LEU G 15 -10.96 31.75 -81.60
C LEU G 15 -11.96 31.02 -80.71
N GLU G 16 -11.78 29.73 -80.49
CA GLU G 16 -12.78 28.92 -79.80
C GLU G 16 -12.28 28.37 -78.47
N TRP G 17 -11.11 27.75 -78.43
CA TRP G 17 -10.62 27.19 -77.17
C TRP G 17 -10.26 28.27 -76.16
N LEU G 18 -9.39 29.19 -76.53
CA LEU G 18 -8.74 30.02 -75.51
C LEU G 18 -9.58 31.20 -75.04
N GLN G 19 -10.77 31.41 -75.60
CA GLN G 19 -11.67 32.44 -75.10
C GLN G 19 -12.99 31.88 -74.60
N LYS G 20 -13.26 30.58 -74.79
CA LYS G 20 -14.52 30.01 -74.34
C LYS G 20 -14.65 30.02 -72.83
N GLU G 21 -13.55 30.24 -72.11
CA GLU G 21 -13.59 30.17 -70.65
C GLU G 21 -14.51 31.23 -70.10
N MET G 22 -14.38 32.46 -70.62
CA MET G 22 -15.16 33.62 -70.20
C MET G 22 -16.16 34.06 -71.26
N GLY G 23 -16.44 33.20 -72.25
CA GLY G 23 -17.44 33.55 -73.25
C GLY G 23 -18.80 33.84 -72.64
N TYR G 24 -19.16 33.10 -71.59
CA TYR G 24 -20.35 33.44 -70.81
C TYR G 24 -20.13 34.66 -69.93
N ARG G 25 -18.88 34.90 -69.50
CA ARG G 25 -18.60 36.05 -68.64
C ARG G 25 -18.72 37.36 -69.41
N GLN G 26 -18.14 37.43 -70.61
CA GLN G 26 -18.05 38.67 -71.36
C GLN G 26 -19.18 38.87 -72.36
N LEU G 27 -20.07 37.90 -72.53
CA LEU G 27 -21.12 38.02 -73.54
C LEU G 27 -22.00 39.23 -73.28
N GLY G 28 -22.52 39.35 -72.06
CA GLY G 28 -23.37 40.46 -71.70
C GLY G 28 -22.63 41.77 -71.68
N PRO G 29 -21.69 41.94 -70.74
CA PRO G 29 -21.01 43.23 -70.59
C PRO G 29 -20.13 43.62 -71.75
N TYR G 30 -19.23 42.73 -72.19
CA TYR G 30 -18.14 43.14 -73.07
C TYR G 30 -18.25 42.66 -74.51
N ASN G 31 -18.90 41.53 -74.78
CA ASN G 31 -19.04 41.03 -76.13
C ASN G 31 -20.24 41.63 -76.86
N GLY G 32 -20.84 42.69 -76.32
CA GLY G 32 -22.02 43.27 -76.93
C GLY G 32 -21.88 44.74 -77.25
N SER G 33 -20.80 45.37 -76.78
CA SER G 33 -20.60 46.79 -77.03
C SER G 33 -20.43 47.08 -78.52
N SER G 34 -19.65 46.25 -79.21
CA SER G 34 -19.47 46.41 -80.64
C SER G 34 -20.71 45.94 -81.40
N LYS G 35 -20.94 46.53 -82.58
CA LYS G 35 -22.09 46.14 -83.39
C LYS G 35 -22.00 44.68 -83.81
N SER G 36 -20.81 44.25 -84.24
CA SER G 36 -20.57 42.85 -84.58
C SER G 36 -20.24 42.10 -83.30
N HIS G 37 -21.28 41.50 -82.69
CA HIS G 37 -21.13 40.86 -81.40
C HIS G 37 -20.09 39.74 -81.46
N VAL G 38 -20.36 38.70 -82.25
CA VAL G 38 -19.46 37.55 -82.35
C VAL G 38 -18.12 37.96 -82.98
N PRO G 39 -18.10 38.67 -84.11
CA PRO G 39 -16.78 39.01 -84.70
C PRO G 39 -15.90 39.86 -83.81
N SER G 40 -16.48 40.70 -82.95
CA SER G 40 -15.66 41.46 -82.01
C SER G 40 -14.96 40.54 -81.02
N ILE G 41 -15.60 39.43 -80.64
CA ILE G 41 -14.96 38.49 -79.72
C ILE G 41 -13.72 37.87 -80.34
N ASP G 42 -13.59 37.89 -81.67
CA ASP G 42 -12.32 37.50 -82.28
C ASP G 42 -11.21 38.46 -81.87
N ALA G 43 -11.51 39.76 -81.81
CA ALA G 43 -10.56 40.71 -81.25
C ALA G 43 -10.56 40.64 -79.72
N ILE G 44 -11.72 40.43 -79.12
CA ILE G 44 -11.80 40.22 -77.67
C ILE G 44 -11.07 38.96 -77.28
N ARG G 45 -10.96 38.00 -78.19
CA ARG G 45 -10.18 36.79 -77.97
C ARG G 45 -8.75 37.14 -77.55
N LYS G 46 -8.20 38.23 -78.09
CA LYS G 46 -6.90 38.72 -77.64
C LYS G 46 -6.96 39.26 -76.22
N ILE G 47 -7.93 40.14 -75.93
CA ILE G 47 -7.97 40.80 -74.63
C ILE G 47 -8.47 39.87 -73.54
N CYS G 48 -9.06 38.73 -73.91
CA CYS G 48 -9.51 37.77 -72.90
C CYS G 48 -8.35 37.26 -72.06
N ARG G 49 -7.12 37.33 -72.58
CA ARG G 49 -5.96 36.90 -71.81
C ARG G 49 -5.69 37.84 -70.64
N GLY G 50 -5.85 39.15 -70.86
CA GLY G 50 -5.52 40.11 -69.82
C GLY G 50 -6.41 39.98 -68.60
N ASN G 51 -7.73 39.83 -68.83
CA ASN G 51 -8.65 39.73 -67.71
C ASN G 51 -8.54 38.39 -66.98
N MET G 52 -8.01 37.36 -67.63
CA MET G 52 -8.00 36.03 -67.03
C MET G 52 -6.90 35.20 -67.69
N ILE G 53 -5.81 34.98 -66.96
CA ILE G 53 -4.68 34.16 -67.41
C ILE G 53 -4.89 32.66 -67.19
N PRO G 54 -5.18 32.19 -65.94
CA PRO G 54 -4.79 30.81 -65.58
C PRO G 54 -5.55 29.70 -66.30
N ILE G 55 -6.87 29.80 -66.44
CA ILE G 55 -7.64 28.70 -66.98
C ILE G 55 -7.27 28.42 -68.43
N TRP G 56 -6.73 29.43 -69.13
CA TRP G 56 -6.15 29.18 -70.44
C TRP G 56 -5.11 28.08 -70.38
N ASN G 57 -4.39 27.98 -69.27
CA ASN G 57 -3.41 26.91 -69.09
C ASN G 57 -4.06 25.60 -68.68
N PHE G 58 -5.37 25.57 -68.48
CA PHE G 58 -6.00 24.32 -68.08
C PHE G 58 -6.48 23.55 -69.31
N LEU G 59 -5.60 23.40 -70.30
CA LEU G 59 -6.00 23.11 -71.67
C LEU G 59 -6.85 21.86 -71.87
N ILE G 60 -6.27 20.66 -71.76
CA ILE G 60 -7.06 19.49 -72.14
C ILE G 60 -8.16 19.23 -71.11
N ASN G 61 -7.82 19.30 -69.83
CA ASN G 61 -8.75 18.83 -68.80
C ASN G 61 -9.78 19.89 -68.43
N ARG G 62 -9.33 20.99 -67.82
CA ARG G 62 -10.25 21.85 -67.09
C ARG G 62 -10.20 23.29 -67.58
N VAL G 63 -9.94 23.51 -68.88
CA VAL G 63 -10.13 24.84 -69.44
C VAL G 63 -11.59 25.21 -69.52
N LYS G 64 -12.48 24.22 -69.33
CA LYS G 64 -13.92 24.39 -69.53
C LYS G 64 -14.54 25.12 -68.33
N SER G 65 -14.00 26.32 -68.07
CA SER G 65 -14.34 27.06 -66.86
C SER G 65 -15.80 27.45 -66.77
N GLU G 66 -16.53 27.46 -67.89
CA GLU G 66 -17.96 27.79 -67.82
C GLU G 66 -18.74 26.78 -66.99
N LYS G 67 -18.23 25.55 -66.90
CA LYS G 67 -18.78 24.55 -65.99
C LYS G 67 -17.72 23.91 -65.12
N THR G 68 -16.47 24.36 -65.20
CA THR G 68 -15.39 23.91 -64.33
C THR G 68 -15.04 24.98 -63.30
N VAL G 69 -15.89 26.01 -63.17
CA VAL G 69 -15.56 27.16 -62.33
C VAL G 69 -15.40 26.73 -60.87
N GLU G 70 -16.21 25.77 -60.41
CA GLU G 70 -16.05 25.21 -59.09
C GLU G 70 -14.88 24.24 -59.00
N ARG G 71 -14.27 23.89 -60.13
CA ARG G 71 -13.18 22.93 -60.19
C ARG G 71 -11.85 23.55 -60.62
N ILE G 72 -11.88 24.63 -61.41
CA ILE G 72 -10.65 25.36 -61.73
C ILE G 72 -10.03 25.93 -60.45
N ARG G 73 -10.85 26.52 -59.58
CA ARG G 73 -10.34 27.18 -58.40
C ARG G 73 -9.95 26.19 -57.31
N ARG G 74 -10.71 25.09 -57.18
CA ARG G 74 -10.39 24.11 -56.15
C ARG G 74 -9.13 23.31 -56.47
N ASN G 75 -8.62 23.39 -57.70
CA ASN G 75 -7.31 22.81 -58.00
C ASN G 75 -6.17 23.58 -57.37
N ILE G 76 -6.41 24.79 -56.84
CA ILE G 76 -5.39 25.50 -56.10
C ILE G 76 -5.07 24.78 -54.81
N THR G 77 -6.10 24.41 -54.04
CA THR G 77 -5.92 23.84 -52.71
C THR G 77 -6.48 22.43 -52.58
N VAL G 78 -7.74 22.23 -52.93
CA VAL G 78 -8.39 20.93 -52.77
C VAL G 78 -7.75 19.92 -53.72
N ASP G 119 -38.91 24.59 11.54
CA ASP G 119 -38.84 24.60 13.00
C ASP G 119 -37.39 24.73 13.46
N ARG G 120 -36.45 24.62 12.52
CA ARG G 120 -35.03 24.73 12.86
C ARG G 120 -34.72 26.12 13.41
N GLU G 121 -35.23 27.16 12.75
CA GLU G 121 -34.98 28.53 13.22
C GLU G 121 -35.61 28.75 14.59
N ALA G 122 -36.82 28.24 14.80
CA ALA G 122 -37.42 28.29 16.13
C ALA G 122 -36.60 27.49 17.14
N ALA G 123 -36.08 26.33 16.72
CA ALA G 123 -35.22 25.55 17.60
C ALA G 123 -33.87 26.23 17.79
N LEU G 124 -33.40 26.99 16.81
CA LEU G 124 -32.09 27.63 16.90
C LEU G 124 -32.09 28.73 17.97
N GLN G 125 -33.15 29.54 18.01
CA GLN G 125 -33.18 30.64 18.96
C GLN G 125 -33.29 30.14 20.40
N GLU G 126 -34.01 29.04 20.61
CA GLU G 126 -34.11 28.46 21.94
C GLU G 126 -32.91 27.59 22.29
N ARG G 127 -32.09 27.22 21.30
CA ARG G 127 -30.90 26.41 21.60
C ARG G 127 -29.84 27.23 22.31
N GLU G 128 -29.58 28.45 21.84
CA GLU G 128 -28.52 29.26 22.45
C GLU G 128 -28.86 29.62 23.89
N LEU G 129 -30.12 29.96 24.17
CA LEU G 129 -30.53 30.22 25.54
C LEU G 129 -30.41 28.96 26.39
N ALA G 130 -30.76 27.81 25.82
CA ALA G 130 -30.54 26.53 26.47
C ALA G 130 -29.06 26.19 26.60
N ALA G 131 -28.19 26.88 25.85
CA ALA G 131 -26.75 26.68 25.96
C ALA G 131 -26.04 27.78 26.74
N LYS G 132 -26.59 29.01 26.73
CA LYS G 132 -25.98 30.10 27.47
C LYS G 132 -26.06 29.87 28.98
N GLU G 133 -26.98 29.02 29.44
CA GLU G 133 -27.11 28.78 30.87
C GLU G 133 -25.92 28.04 31.45
N VAL G 134 -25.20 27.26 30.64
CA VAL G 134 -24.08 26.47 31.15
C VAL G 134 -23.00 27.37 31.73
N GLU G 135 -22.70 28.48 31.03
CA GLU G 135 -21.68 29.40 31.52
C GLU G 135 -22.09 30.04 32.83
N ARG G 136 -23.38 30.35 33.00
CA ARG G 136 -23.87 30.94 34.23
C ARG G 136 -24.29 29.91 35.27
N LEU G 137 -24.11 28.61 34.98
CA LEU G 137 -24.42 27.56 35.93
C LEU G 137 -23.20 26.71 36.26
N ARG G 138 -22.00 27.25 36.05
CA ARG G 138 -20.75 26.61 36.46
C ARG G 138 -19.99 27.43 37.50
N ASN G 139 -19.72 28.69 37.21
CA ASN G 139 -18.89 29.50 38.09
C ASN G 139 -19.60 29.84 39.40
N ILE G 140 -20.89 30.21 39.32
CA ILE G 140 -21.64 30.50 40.54
C ILE G 140 -21.78 29.24 41.38
N VAL G 141 -21.94 28.08 40.73
CA VAL G 141 -21.90 26.81 41.46
C VAL G 141 -20.49 26.55 41.98
N ARG G 142 -19.47 26.88 41.18
CA ARG G 142 -18.09 26.75 41.64
C ARG G 142 -17.77 27.69 42.79
N ARG G 143 -18.62 28.68 43.06
CA ARG G 143 -18.42 29.63 44.14
C ARG G 143 -19.31 29.39 45.34
N GLN G 144 -20.49 28.80 45.15
CA GLN G 144 -21.43 28.64 46.26
C GLN G 144 -21.23 27.30 46.97
N ARG G 145 -21.42 26.18 46.27
CA ARG G 145 -21.37 24.89 46.96
C ARG G 145 -20.00 24.67 47.61
N LYS G 146 -18.97 25.34 47.11
CA LYS G 146 -17.68 25.33 47.80
C LYS G 146 -17.77 26.05 49.14
N ASP G 147 -18.46 27.19 49.19
CA ASP G 147 -18.54 27.97 50.42
C ASP G 147 -19.78 27.68 51.25
N LEU G 148 -20.63 26.73 50.82
CA LEU G 148 -21.67 26.18 51.68
C LEU G 148 -21.15 25.09 52.60
N LYS G 149 -19.83 24.98 52.75
CA LYS G 149 -19.21 24.03 53.66
C LYS G 149 -18.60 24.69 54.90
N ALA G 150 -18.24 25.96 54.82
CA ALA G 150 -17.72 26.65 55.99
C ALA G 150 -18.77 26.77 57.09
N ARG G 151 -20.04 26.91 56.71
CA ARG G 151 -21.12 26.97 57.67
C ARG G 151 -21.46 25.60 58.25
N MET G 152 -20.90 24.53 57.72
CA MET G 152 -21.23 23.19 58.19
C MET G 152 -20.77 22.97 59.62
N LEU G 153 -19.56 23.42 59.95
CA LEU G 153 -18.90 23.07 61.20
C LEU G 153 -19.33 23.95 62.38
N GLU G 154 -20.22 24.92 62.16
CA GLU G 154 -20.68 25.75 63.27
C GLU G 154 -21.44 24.92 64.30
N VAL G 155 -22.38 24.09 63.83
CA VAL G 155 -23.15 23.25 64.74
C VAL G 155 -22.31 22.13 65.32
N SER G 156 -21.11 21.89 64.76
CA SER G 156 -20.25 20.84 65.29
C SER G 156 -19.83 21.12 66.73
N ARG G 157 -19.42 22.36 67.01
CA ARG G 157 -18.99 22.71 68.36
C ARG G 157 -20.11 22.57 69.38
N GLU G 158 -21.36 22.51 68.93
CA GLU G 158 -22.48 22.35 69.86
C GLU G 158 -22.39 21.02 70.60
N GLU G 159 -22.05 19.94 69.90
CA GLU G 159 -22.03 18.63 70.53
C GLU G 159 -21.03 18.60 71.69
N ALA G 160 -19.86 19.21 71.50
CA ALA G 160 -18.84 19.20 72.54
C ALA G 160 -19.37 19.78 73.85
N GLU G 161 -20.08 20.89 73.79
CA GLU G 161 -20.74 21.40 74.98
C GLU G 161 -22.03 20.63 75.28
N ARG G 162 -22.67 20.09 74.24
CA ARG G 162 -23.80 19.17 74.47
C ARG G 162 -23.32 17.86 75.07
N LYS G 163 -22.04 17.52 74.93
CA LYS G 163 -21.47 16.45 75.75
C LYS G 163 -21.50 16.83 77.22
N ARG G 164 -21.31 18.12 77.52
CA ARG G 164 -21.29 18.63 78.89
C ARG G 164 -22.60 19.31 79.25
N MET G 165 -23.72 18.77 78.80
CA MET G 165 -25.01 19.42 79.04
C MET G 165 -25.48 19.17 80.47
N LEU G 166 -26.75 19.48 80.73
CA LEU G 166 -27.27 19.67 82.08
C LEU G 166 -27.25 18.41 82.93
N ASP G 167 -26.80 17.29 82.37
CA ASP G 167 -26.37 16.10 83.10
C ASP G 167 -27.50 15.36 83.82
N GLU G 168 -28.76 15.72 83.60
CA GLU G 168 -29.89 14.93 84.10
C GLU G 168 -29.80 14.77 85.62
N ARG G 169 -29.97 15.91 86.30
CA ARG G 169 -29.42 16.14 87.62
C ARG G 169 -29.83 15.09 88.65
N ALA G 170 -30.86 14.29 88.38
CA ALA G 170 -31.08 13.11 89.22
C ALA G 170 -29.91 12.14 89.13
N ASN G 171 -29.14 12.21 88.05
CA ASN G 171 -27.89 11.46 87.97
C ASN G 171 -26.90 11.96 89.02
N TYR G 172 -26.84 13.28 89.23
CA TYR G 172 -25.98 13.82 90.28
C TYR G 172 -26.42 13.34 91.65
N ARG G 173 -27.71 13.03 91.82
CA ARG G 173 -28.22 12.53 93.09
C ARG G 173 -27.77 11.11 93.39
N HIS G 174 -27.34 10.36 92.37
CA HIS G 174 -26.77 9.04 92.60
C HIS G 174 -25.46 9.12 93.36
N LYS G 175 -24.66 10.15 93.10
CA LYS G 175 -23.40 10.34 93.81
C LYS G 175 -23.65 10.72 95.27
N GLN G 176 -24.76 11.40 95.56
CA GLN G 176 -25.07 11.73 96.95
C GLN G 176 -25.20 10.47 97.81
N ALA G 177 -25.69 9.38 97.23
CA ALA G 177 -25.66 8.10 97.93
C ALA G 177 -24.23 7.64 98.15
N LEU G 178 -23.36 7.85 97.17
CA LEU G 178 -21.96 7.46 97.26
C LEU G 178 -21.07 8.52 97.91
N LEU G 179 -21.45 9.80 97.83
CA LEU G 179 -20.67 10.83 98.51
C LEU G 179 -20.72 10.64 100.02
N GLU G 180 -21.90 10.36 100.56
CA GLU G 180 -22.03 10.15 101.99
C GLU G 180 -21.32 8.88 102.45
N ALA G 181 -21.03 7.95 101.53
CA ALA G 181 -20.14 6.85 101.86
C ALA G 181 -18.75 7.37 102.18
N TYR G 182 -18.25 8.33 101.40
CA TYR G 182 -16.99 8.96 101.76
C TYR G 182 -17.14 9.89 102.95
N ASP G 183 -18.34 10.45 103.16
CA ASP G 183 -18.63 11.05 104.46
C ASP G 183 -18.57 10.01 105.55
N GLN G 184 -19.10 8.81 105.29
CA GLN G 184 -18.88 7.69 106.20
C GLN G 184 -17.41 7.30 106.23
N GLN G 185 -16.71 7.46 105.11
CA GLN G 185 -15.27 7.17 105.08
C GLN G 185 -14.45 8.28 105.73
N CYS G 186 -14.87 9.54 105.60
CA CYS G 186 -14.12 10.67 106.14
C CYS G 186 -14.88 11.41 107.22
N ASP G 187 -16.08 11.92 106.94
CA ASP G 187 -16.77 12.77 107.89
C ASP G 187 -17.30 11.97 109.08
N GLU G 188 -17.93 10.83 108.82
CA GLU G 188 -18.37 9.97 109.91
C GLU G 188 -17.24 9.14 110.50
N ALA G 189 -16.10 9.05 109.82
CA ALA G 189 -14.92 8.47 110.43
C ALA G 189 -14.39 9.35 111.56
N THR G 190 -14.71 10.64 111.55
CA THR G 190 -14.41 11.48 112.70
C THR G 190 -15.22 11.05 113.91
N ARG G 191 -16.43 10.51 113.69
CA ARG G 191 -17.25 10.04 114.81
C ARG G 191 -16.55 8.92 115.56
N ILE G 192 -16.06 7.90 114.82
CA ILE G 192 -15.30 6.84 115.49
C ILE G 192 -13.98 7.38 116.01
N PHE G 193 -13.49 8.49 115.45
CA PHE G 193 -12.35 9.18 116.04
C PHE G 193 -12.76 9.98 117.27
N ALA G 194 -13.97 10.54 117.26
CA ALA G 194 -14.39 11.45 118.32
C ALA G 194 -15.00 10.75 119.53
N GLU G 195 -15.55 9.55 119.36
CA GLU G 195 -16.33 8.94 120.44
C GLU G 195 -15.44 8.57 121.63
N TYR G 196 -14.35 7.85 121.38
CA TYR G 196 -13.44 7.48 122.45
C TYR G 196 -12.00 7.79 122.08
N HIS G 197 -11.68 7.72 120.79
CA HIS G 197 -10.32 8.01 120.35
C HIS G 197 -9.95 9.46 120.59
N LYS G 198 -10.88 10.39 120.32
CA LYS G 198 -10.66 11.78 120.68
C LYS G 198 -10.67 11.96 122.19
N ARG G 199 -11.51 11.20 122.90
CA ARG G 199 -11.43 11.15 124.35
C ARG G 199 -10.04 10.75 124.80
N LEU G 200 -9.41 9.81 124.08
CA LEU G 200 -8.01 9.50 124.32
C LEU G 200 -7.11 10.60 123.78
N GLN G 201 -7.43 11.14 122.59
CA GLN G 201 -6.55 12.13 121.96
C GLN G 201 -6.41 13.38 122.82
N VAL G 202 -7.53 14.06 123.09
CA VAL G 202 -7.49 15.31 123.84
C VAL G 202 -7.03 15.10 125.28
N TYR G 203 -7.10 13.83 125.84
CA TYR G 203 -6.39 13.41 127.11
C TYR G 203 -4.87 13.43 126.98
N VAL G 204 -4.28 13.85 125.86
CA VAL G 204 -2.83 13.93 125.76
C VAL G 204 -2.27 14.91 126.77
N ASN G 205 -3.08 15.90 127.19
CA ASN G 205 -2.66 16.85 128.21
C ASN G 205 -3.76 17.08 129.24
N GLN G 206 -4.71 16.17 129.36
CA GLN G 206 -5.81 16.29 130.31
C GLN G 206 -5.82 15.19 131.35
N ALA G 207 -5.70 13.92 130.92
CA ALA G 207 -5.74 12.79 131.85
C ALA G 207 -4.49 12.65 132.70
N ASN G 208 -3.44 13.40 132.41
CA ASN G 208 -2.19 13.28 133.15
C ASN G 208 -2.27 13.85 134.56
N ASP G 209 -3.30 14.65 134.86
CA ASP G 209 -3.43 15.27 136.18
C ASP G 209 -4.79 15.10 136.82
N ALA G 210 -5.84 14.78 136.05
CA ALA G 210 -7.17 14.57 136.60
C ALA G 210 -7.55 13.10 136.66
N GLN G 211 -7.24 12.33 135.62
CA GLN G 211 -7.52 10.90 135.62
C GLN G 211 -6.75 10.16 136.70
N ARG G 212 -5.64 10.73 137.17
CA ARG G 212 -4.86 10.08 138.22
C ARG G 212 -5.69 9.90 139.49
N SER G 213 -6.47 10.91 139.85
CA SER G 213 -7.39 10.77 140.97
C SER G 213 -8.63 9.97 140.61
N VAL G 214 -8.90 9.79 139.31
CA VAL G 214 -10.06 9.03 138.87
C VAL G 214 -9.74 7.54 138.80
N ASN G 215 -8.64 7.18 138.15
CA ASN G 215 -8.28 5.77 138.06
C ASN G 215 -7.89 5.21 139.43
N SER G 216 -7.22 6.02 140.26
CA SER G 216 -6.95 5.62 141.63
C SER G 216 -8.24 5.42 142.41
N SER G 217 -9.23 6.30 142.19
CA SER G 217 -10.56 6.07 142.75
C SER G 217 -11.17 4.82 142.16
N ASN G 218 -10.91 4.54 140.88
CA ASN G 218 -11.34 3.28 140.29
C ASN G 218 -10.44 2.13 140.75
N GLU G 219 -9.18 2.42 141.07
CA GLU G 219 -8.31 1.39 141.65
C GLU G 219 -8.83 0.95 143.01
N VAL G 220 -9.14 1.92 143.89
CA VAL G 220 -9.73 1.57 145.18
C VAL G 220 -11.14 1.05 145.00
N LEU G 221 -11.83 1.47 143.93
CA LEU G 221 -13.14 0.90 143.62
C LEU G 221 -13.04 -0.61 143.42
N SER G 222 -12.02 -1.05 142.66
CA SER G 222 -11.76 -2.47 142.52
C SER G 222 -11.13 -3.04 143.78
N SER G 223 -10.27 -2.27 144.45
CA SER G 223 -9.62 -2.74 145.66
C SER G 223 -10.64 -2.97 146.79
N LEU G 224 -11.58 -2.05 146.95
CA LEU G 224 -12.61 -2.19 147.98
C LEU G 224 -13.57 -3.32 147.62
N ALA G 527 -14.63 -5.65 136.57
CA ALA G 527 -15.87 -5.46 135.82
C ALA G 527 -15.62 -4.60 134.60
N THR G 528 -14.35 -4.35 134.28
CA THR G 528 -13.95 -3.52 133.15
C THR G 528 -12.87 -4.22 132.34
N VAL G 529 -13.08 -5.51 132.04
CA VAL G 529 -12.07 -6.27 131.32
C VAL G 529 -12.41 -6.45 129.84
N ILE G 530 -13.69 -6.43 129.46
CA ILE G 530 -14.12 -6.29 128.05
C ILE G 530 -13.64 -4.99 127.41
N PRO G 531 -13.99 -3.80 127.93
CA PRO G 531 -13.91 -2.58 127.10
C PRO G 531 -12.51 -2.28 126.56
N ALA G 532 -11.46 -2.57 127.32
CA ALA G 532 -10.11 -2.25 126.88
C ALA G 532 -9.73 -3.01 125.62
N SER G 533 -10.21 -4.25 125.48
CA SER G 533 -9.83 -5.08 124.34
C SER G 533 -10.34 -4.48 123.03
N GLU G 534 -11.60 -4.03 123.01
CA GLU G 534 -12.14 -3.46 121.79
C GLU G 534 -11.51 -2.12 121.45
N VAL G 535 -11.17 -1.31 122.46
CA VAL G 535 -10.50 -0.05 122.20
C VAL G 535 -9.14 -0.28 121.58
N VAL G 536 -8.42 -1.30 122.05
CA VAL G 536 -7.10 -1.61 121.48
C VAL G 536 -7.23 -2.02 120.02
N VAL G 537 -8.23 -2.82 119.69
CA VAL G 537 -8.42 -3.24 118.30
C VAL G 537 -9.17 -2.21 117.47
N ASP G 538 -9.92 -1.31 118.10
CA ASP G 538 -10.62 -0.28 117.34
C ASP G 538 -9.64 0.67 116.65
N ILE G 539 -8.60 1.09 117.37
CA ILE G 539 -7.65 2.02 116.78
C ILE G 539 -6.93 1.38 115.60
N SER G 540 -6.61 0.08 115.72
CA SER G 540 -6.12 -0.65 114.55
C SER G 540 -7.20 -0.78 113.49
N ASN G 541 -8.44 -1.06 113.90
CA ASN G 541 -9.55 -1.08 112.95
C ASN G 541 -9.76 0.30 112.34
N SER G 542 -9.69 1.35 113.15
CA SER G 542 -9.81 2.70 112.63
C SER G 542 -8.56 3.15 111.87
N ALA G 543 -7.41 2.54 112.15
CA ALA G 543 -6.19 2.89 111.41
C ALA G 543 -6.34 2.54 109.93
N LYS G 544 -6.89 1.36 109.63
CA LYS G 544 -7.16 1.03 108.24
C LYS G 544 -8.33 1.87 107.71
N ASP G 545 -9.24 2.28 108.59
CA ASP G 545 -10.21 3.30 108.22
C ASP G 545 -9.53 4.65 108.05
N PHE G 546 -8.52 4.94 108.88
CA PHE G 546 -7.80 6.21 108.80
C PHE G 546 -7.09 6.35 107.46
N ILE G 547 -6.30 5.35 107.07
CA ILE G 547 -5.54 5.44 105.83
C ILE G 547 -6.49 5.55 104.64
N GLU G 548 -7.63 4.85 104.69
CA GLU G 548 -8.62 4.98 103.63
C GLU G 548 -9.37 6.31 103.71
N LYS G 549 -9.47 6.90 104.89
CA LYS G 549 -10.23 8.14 105.05
C LYS G 549 -9.58 9.28 104.27
N GLU G 550 -8.29 9.51 104.47
CA GLU G 550 -7.62 10.63 103.81
C GLU G 550 -7.50 10.40 102.31
N VAL G 551 -7.10 9.19 101.90
CA VAL G 551 -6.88 8.94 100.48
C VAL G 551 -8.19 8.97 99.71
N SER G 552 -9.30 8.54 100.32
CA SER G 552 -10.59 8.59 99.63
C SER G 552 -10.94 10.02 99.24
N ALA G 553 -10.78 10.97 100.16
CA ALA G 553 -11.01 12.37 99.83
C ALA G 553 -10.00 12.86 98.80
N PHE G 554 -8.75 12.43 98.91
CA PHE G 554 -7.78 12.73 97.86
C PHE G 554 -8.20 12.15 96.52
N PHE G 555 -8.98 11.08 96.53
CA PHE G 555 -9.50 10.50 95.30
C PHE G 555 -10.92 10.98 94.99
N GLN G 556 -11.73 11.22 96.03
CA GLN G 556 -13.10 11.69 95.81
C GLN G 556 -13.12 13.07 95.15
N SER G 557 -12.26 13.97 95.60
CA SER G 557 -12.31 15.35 95.12
C SER G 557 -12.13 15.48 93.61
N PRO G 558 -11.14 14.84 92.97
CA PRO G 558 -11.00 15.02 91.52
C PRO G 558 -11.77 14.02 90.68
N ASP G 559 -12.27 12.94 91.30
CA ASP G 559 -12.83 11.83 90.53
C ASP G 559 -14.32 11.61 90.72
N ASN G 560 -14.93 12.13 91.79
CA ASN G 560 -16.31 11.74 92.10
C ASN G 560 -17.33 12.65 91.41
N SER G 561 -17.32 13.94 91.73
CA SER G 561 -18.38 14.83 91.25
C SER G 561 -18.29 15.06 89.74
N LEU G 562 -17.08 15.19 89.22
CA LEU G 562 -16.91 15.45 87.79
C LEU G 562 -17.28 14.25 86.92
N TYR G 563 -17.48 13.07 87.51
CA TYR G 563 -17.67 11.86 86.72
C TYR G 563 -18.99 11.86 85.97
N MET G 564 -20.06 12.33 86.61
CA MET G 564 -21.38 12.23 85.96
C MET G 564 -21.50 13.19 84.79
N LEU G 565 -20.82 14.34 84.84
CA LEU G 565 -21.00 15.37 83.82
C LEU G 565 -20.84 14.84 82.40
N PRO G 566 -19.89 13.94 82.09
CA PRO G 566 -19.95 13.26 80.80
C PRO G 566 -20.64 11.90 80.81
N ALA G 567 -20.94 11.34 81.98
CA ALA G 567 -21.38 9.95 82.06
C ALA G 567 -22.68 9.69 81.30
N THR G 568 -23.79 10.26 81.78
CA THR G 568 -25.07 10.06 81.11
C THR G 568 -25.30 10.98 79.92
N PRO G 569 -24.95 12.29 79.97
CA PRO G 569 -25.44 13.21 78.94
C PRO G 569 -24.51 13.31 77.72
N GLN G 570 -24.28 12.17 77.07
CA GLN G 570 -23.56 12.06 75.81
C GLN G 570 -22.06 12.30 75.97
N GLY G 571 -21.64 12.79 77.14
CA GLY G 571 -20.26 13.22 77.29
C GLY G 571 -19.26 12.08 77.26
N LEU G 572 -19.59 10.98 77.92
CA LEU G 572 -18.76 9.78 77.89
C LEU G 572 -18.75 9.12 76.52
N ALA G 573 -19.64 9.55 75.63
CA ALA G 573 -19.97 8.94 74.35
C ALA G 573 -20.72 7.64 74.52
N ARG G 574 -20.93 7.19 75.76
CA ARG G 574 -21.71 5.99 76.05
C ARG G 574 -21.16 4.78 75.30
N ASP G 575 -19.97 4.35 75.76
CA ASP G 575 -19.14 3.33 75.14
C ASP G 575 -18.64 3.82 73.78
N PRO G 576 -17.71 4.79 73.75
CA PRO G 576 -17.23 5.35 72.47
C PRO G 576 -16.73 4.30 71.49
N SER G 577 -16.59 3.04 71.92
CA SER G 577 -16.44 1.95 70.97
C SER G 577 -17.67 1.81 70.10
N ALA G 578 -18.79 2.43 70.49
CA ALA G 578 -19.95 2.59 69.63
C ALA G 578 -19.59 3.64 68.59
N ILE G 579 -18.93 3.18 67.53
CA ILE G 579 -18.27 4.09 66.60
C ILE G 579 -19.25 5.04 65.90
N PRO G 580 -20.37 4.58 65.34
CA PRO G 580 -21.24 5.51 64.58
C PRO G 580 -21.75 6.69 65.39
N SER G 581 -21.76 6.60 66.72
CA SER G 581 -22.12 7.75 67.52
C SER G 581 -21.12 8.88 67.30
N ILE G 582 -19.87 8.68 67.72
CA ILE G 582 -18.89 9.77 67.71
C ILE G 582 -18.06 9.73 66.44
N CYS G 583 -18.56 9.04 65.42
CA CYS G 583 -17.92 9.05 64.10
C CYS G 583 -18.83 9.59 63.01
N ARG G 584 -20.13 9.35 63.08
CA ARG G 584 -21.08 9.89 62.11
C ARG G 584 -21.81 11.12 62.66
N ILE G 585 -22.36 11.02 63.86
CA ILE G 585 -23.26 12.03 64.40
C ILE G 585 -22.62 12.81 65.55
N SER G 586 -22.25 12.12 66.64
CA SER G 586 -21.58 12.76 67.76
C SER G 586 -20.12 13.03 67.46
N ALA G 587 -19.68 12.77 66.23
CA ALA G 587 -18.39 13.24 65.76
C ALA G 587 -18.34 14.76 65.66
N ALA G 588 -19.47 15.44 65.88
CA ALA G 588 -19.48 16.90 65.85
C ALA G 588 -18.51 17.47 66.87
N LEU G 589 -18.23 16.76 67.96
CA LEU G 589 -17.11 17.15 68.80
C LEU G 589 -15.80 17.03 68.03
N GLN G 590 -15.64 15.96 67.26
CA GLN G 590 -14.44 15.73 66.49
C GLN G 590 -14.34 16.58 65.23
N TYR G 591 -15.47 17.10 64.72
CA TYR G 591 -15.44 17.83 63.46
C TYR G 591 -14.57 19.08 63.50
N PRO G 592 -14.71 19.99 64.49
CA PRO G 592 -13.82 21.17 64.51
C PRO G 592 -12.55 20.98 65.31
N ALA G 593 -12.46 19.93 66.12
CA ALA G 593 -11.26 19.65 66.90
C ALA G 593 -10.22 19.05 65.96
N GLY G 594 -9.47 19.93 65.30
CA GLY G 594 -8.44 19.47 64.38
C GLY G 594 -7.36 18.64 65.06
N LEU G 595 -7.03 19.00 66.30
CA LEU G 595 -6.04 18.25 67.07
C LEU G 595 -6.57 16.92 67.57
N GLU G 596 -7.89 16.77 67.67
CA GLU G 596 -8.51 15.57 68.20
C GLU G 596 -9.28 14.78 67.15
N GLY G 597 -10.17 15.42 66.41
CA GLY G 597 -11.01 14.73 65.46
C GLY G 597 -10.45 14.64 64.06
N SER G 598 -9.43 13.81 63.88
CA SER G 598 -8.84 13.63 62.55
C SER G 598 -9.84 12.99 61.59
N ASP G 599 -10.48 11.90 62.00
CA ASP G 599 -11.35 11.16 61.09
C ASP G 599 -12.57 11.99 60.68
N ALA G 600 -13.16 12.73 61.62
CA ALA G 600 -14.33 13.54 61.29
C ALA G 600 -13.99 14.64 60.30
N SER G 601 -12.87 15.33 60.53
CA SER G 601 -12.46 16.40 59.62
C SER G 601 -12.01 15.85 58.28
N LEU G 602 -11.14 14.83 58.30
CA LEU G 602 -10.61 14.28 57.06
C LEU G 602 -11.67 13.60 56.21
N ALA G 603 -12.78 13.17 56.80
CA ALA G 603 -13.88 12.64 55.99
C ALA G 603 -14.51 13.73 55.15
N SER G 604 -14.78 14.89 55.75
CA SER G 604 -15.37 15.99 54.99
C SER G 604 -14.37 16.59 54.01
N VAL G 605 -13.10 16.65 54.40
CA VAL G 605 -12.07 17.29 53.59
C VAL G 605 -11.37 16.21 52.75
N LEU G 606 -12.03 15.05 52.64
CA LEU G 606 -11.44 13.93 51.89
C LEU G 606 -11.29 14.27 50.42
N GLU G 607 -12.26 14.97 49.85
CA GLU G 607 -12.34 15.21 48.42
C GLU G 607 -11.90 16.63 48.04
N SER G 608 -10.84 17.13 48.68
CA SER G 608 -10.36 18.47 48.36
C SER G 608 -9.97 18.58 46.89
N LEU G 609 -9.23 17.58 46.38
CA LEU G 609 -8.92 17.55 44.96
C LEU G 609 -10.17 17.31 44.13
N GLU G 610 -10.99 16.34 44.53
CA GLU G 610 -12.29 16.10 43.89
C GLU G 610 -13.31 17.06 44.49
N PHE G 611 -13.08 18.35 44.23
CA PHE G 611 -13.85 19.38 44.90
C PHE G 611 -15.34 19.32 44.57
N CYS G 612 -15.72 18.62 43.51
CA CYS G 612 -17.13 18.36 43.27
C CYS G 612 -17.70 17.38 44.31
N LEU G 613 -16.93 16.39 44.71
CA LEU G 613 -17.35 15.42 45.71
C LEU G 613 -17.06 15.88 47.14
N ARG G 614 -16.48 17.07 47.32
CA ARG G 614 -16.04 17.48 48.65
C ARG G 614 -17.21 17.89 49.52
N VAL G 615 -17.96 18.92 49.11
CA VAL G 615 -19.16 19.28 49.84
C VAL G 615 -20.20 18.18 49.71
N ARG G 616 -20.15 17.41 48.62
CA ARG G 616 -21.00 16.22 48.50
C ARG G 616 -20.56 15.15 49.49
N GLY G 617 -19.25 14.95 49.65
CA GLY G 617 -18.75 13.97 50.58
C GLY G 617 -18.29 14.58 51.88
N SER G 618 -19.02 15.58 52.35
CA SER G 618 -18.70 16.22 53.63
C SER G 618 -19.17 15.34 54.79
N GLU G 619 -20.47 15.05 54.84
CA GLU G 619 -21.06 14.22 55.88
C GLU G 619 -22.08 13.24 55.31
N ALA G 620 -21.81 12.64 54.16
CA ALA G 620 -22.81 11.87 53.44
C ALA G 620 -23.32 10.68 54.24
N CYS G 621 -22.42 9.88 54.83
CA CYS G 621 -22.84 8.67 55.51
C CYS G 621 -23.65 8.96 56.78
N VAL G 622 -23.60 10.19 57.30
CA VAL G 622 -24.46 10.54 58.42
C VAL G 622 -25.93 10.41 58.03
N LEU G 623 -26.22 10.56 56.73
CA LEU G 623 -27.56 10.41 56.19
C LEU G 623 -28.04 8.97 56.20
N GLU G 624 -27.16 8.02 56.51
CA GLU G 624 -27.40 6.59 56.30
C GLU G 624 -27.64 6.27 54.83
N ASP G 625 -27.19 7.16 53.94
CA ASP G 625 -27.28 6.91 52.51
C ASP G 625 -26.34 5.80 52.06
N LEU G 626 -25.38 5.42 52.90
CA LEU G 626 -24.55 4.26 52.60
C LEU G 626 -25.36 2.99 52.54
N ALA G 627 -26.59 3.01 53.05
CA ALA G 627 -27.56 1.96 52.81
C ALA G 627 -28.56 2.32 51.71
N LYS G 628 -28.60 3.58 51.30
CA LYS G 628 -29.53 4.05 50.28
C LYS G 628 -28.83 4.53 49.01
N ALA G 629 -27.90 5.48 49.13
CA ALA G 629 -27.17 5.96 47.95
C ALA G 629 -26.29 4.88 47.34
N ILE G 630 -25.83 3.90 48.13
CA ILE G 630 -25.07 2.80 47.58
C ILE G 630 -25.92 1.95 46.64
N ASP G 631 -27.24 1.90 46.87
CA ASP G 631 -28.12 1.30 45.87
C ASP G 631 -28.13 2.08 44.57
N LEU G 632 -27.66 3.33 44.58
CA LEU G 632 -27.59 4.15 43.38
C LEU G 632 -26.19 4.26 42.80
N VAL G 633 -25.14 4.12 43.61
CA VAL G 633 -23.79 4.13 43.07
C VAL G 633 -23.57 2.89 42.21
N HIS G 634 -24.27 1.79 42.51
CA HIS G 634 -24.09 0.56 41.74
C HIS G 634 -24.62 0.72 40.32
N ILE G 635 -25.86 1.21 40.19
CA ILE G 635 -26.42 1.44 38.87
C ILE G 635 -25.70 2.59 38.17
N ARG G 636 -25.00 3.43 38.92
CA ARG G 636 -24.18 4.48 38.32
C ARG G 636 -22.94 3.88 37.66
N GLN G 637 -22.26 2.98 38.36
CA GLN G 637 -20.92 2.60 37.98
C GLN G 637 -20.88 1.48 36.95
N ASP G 638 -21.84 0.56 36.99
CA ASP G 638 -21.97 -0.38 35.88
C ASP G 638 -22.36 0.32 34.59
N LEU G 639 -22.85 1.55 34.68
CA LEU G 639 -23.22 2.35 33.52
C LEU G 639 -22.18 3.44 33.22
N VAL G 640 -20.99 3.37 33.84
CA VAL G 640 -19.89 4.23 33.45
C VAL G 640 -19.50 3.98 32.00
N GLU G 641 -19.77 2.76 31.50
CA GLU G 641 -19.60 2.47 30.08
C GLU G 641 -20.36 3.44 29.19
N SER G 642 -21.31 4.20 29.76
CA SER G 642 -21.98 5.28 29.05
C SER G 642 -21.78 6.62 29.73
N GLY G 643 -21.96 6.70 31.04
CA GLY G 643 -21.88 7.95 31.76
C GLY G 643 -20.58 8.72 31.61
N HIS G 644 -19.50 8.18 32.17
CA HIS G 644 -18.20 8.82 31.95
C HIS G 644 -17.72 8.66 30.52
N SER G 645 -18.04 7.54 29.87
CA SER G 645 -17.50 7.14 28.57
C SER G 645 -17.99 8.01 27.43
N LEU G 646 -18.71 9.11 27.64
CA LEU G 646 -19.14 9.94 26.53
C LEU G 646 -17.99 10.69 25.88
N LEU G 647 -16.81 10.70 26.49
CA LEU G 647 -15.62 11.16 25.79
C LEU G 647 -15.27 10.23 24.64
N ASP G 648 -15.58 8.94 24.78
CA ASP G 648 -15.39 7.96 23.73
C ASP G 648 -16.65 7.69 22.92
N HIS G 649 -17.84 7.99 23.46
CA HIS G 649 -19.06 7.80 22.70
C HIS G 649 -19.06 8.63 21.42
N ALA G 650 -18.52 9.85 21.49
CA ALA G 650 -18.31 10.63 20.27
C ALA G 650 -17.31 9.93 19.36
N PHE G 651 -16.23 9.40 19.93
CA PHE G 651 -15.33 8.53 19.17
C PHE G 651 -16.04 7.25 18.75
N ARG G 652 -16.85 6.68 19.64
CA ARG G 652 -17.69 5.56 19.24
C ARG G 652 -18.67 5.97 18.15
N ALA G 653 -19.26 7.16 18.27
CA ALA G 653 -20.00 7.72 17.17
C ALA G 653 -19.12 7.85 15.93
N GLN G 654 -17.84 8.16 16.13
CA GLN G 654 -16.90 8.26 15.02
C GLN G 654 -16.45 6.88 14.55
N GLN G 655 -15.80 6.13 15.44
CA GLN G 655 -15.14 4.88 15.02
C GLN G 655 -16.17 3.84 14.58
N LYS G 656 -17.19 3.60 15.40
CA LYS G 656 -18.14 2.53 15.09
C LYS G 656 -18.94 2.85 13.82
N TYR G 657 -19.37 4.10 13.66
CA TYR G 657 -20.26 4.36 12.55
C TYR G 657 -19.84 5.52 11.65
N GLU G 658 -19.31 6.61 12.22
CA GLU G 658 -18.99 7.76 11.37
C GLU G 658 -17.77 7.49 10.49
N ARG G 659 -16.81 6.71 10.97
CA ARG G 659 -15.75 6.22 10.09
C ARG G 659 -16.34 5.43 8.93
N THR G 660 -17.38 4.64 9.22
CA THR G 660 -18.09 3.96 8.13
C THR G 660 -18.75 4.98 7.20
N THR G 661 -19.34 6.04 7.75
CA THR G 661 -19.84 7.12 6.90
C THR G 661 -18.71 7.74 6.10
N ASN G 662 -17.53 7.89 6.73
CA ASN G 662 -16.35 8.29 5.97
C ASN G 662 -15.99 7.22 4.95
N TYR G 663 -16.12 5.94 5.32
CA TYR G 663 -16.00 4.89 4.31
C TYR G 663 -17.09 5.04 3.25
N CYS G 664 -18.26 5.54 3.64
CA CYS G 664 -19.31 5.85 2.66
C CYS G 664 -19.00 7.13 1.89
N LEU G 665 -18.44 8.14 2.55
CA LEU G 665 -18.26 9.46 1.96
C LEU G 665 -16.81 9.78 1.64
N ASP G 666 -15.92 9.72 2.64
CA ASP G 666 -14.50 10.03 2.41
C ASP G 666 -13.86 9.00 1.49
N LEU G 667 -14.12 7.71 1.72
CA LEU G 667 -13.51 6.66 0.93
C LEU G 667 -14.02 6.67 -0.51
N ALA G 668 -15.23 7.21 -0.75
CA ALA G 668 -15.74 7.34 -2.10
C ALA G 668 -14.85 8.26 -2.94
N SER G 669 -14.01 9.06 -2.29
CA SER G 669 -13.03 9.88 -2.98
C SER G 669 -11.60 9.39 -2.79
N GLU G 670 -11.35 8.54 -1.78
CA GLU G 670 -10.00 8.05 -1.55
C GLU G 670 -9.49 7.23 -2.71
N GLN G 671 -10.38 6.61 -3.48
CA GLN G 671 -9.99 5.86 -4.66
C GLN G 671 -9.91 6.74 -5.90
N GLU G 672 -10.14 8.05 -5.76
CA GLU G 672 -10.07 8.98 -6.88
C GLU G 672 -9.31 10.26 -6.57
N ASN G 673 -9.00 10.55 -5.31
CA ASN G 673 -8.34 11.82 -4.99
C ASN G 673 -6.91 11.86 -5.53
N THR G 674 -6.16 10.78 -5.36
CA THR G 674 -4.81 10.72 -5.94
C THR G 674 -4.87 10.63 -7.45
N ILE G 675 -5.92 10.01 -7.99
CA ILE G 675 -6.11 9.91 -9.44
C ILE G 675 -6.64 11.21 -10.04
N SER G 676 -7.10 12.15 -9.20
CA SER G 676 -7.49 13.45 -9.71
C SER G 676 -6.35 14.13 -10.46
N ASP G 677 -5.10 13.88 -10.03
CA ASP G 677 -3.96 14.33 -10.82
C ASP G 677 -3.76 13.46 -12.05
N GLN G 678 -4.08 12.16 -11.96
CA GLN G 678 -4.02 11.30 -13.12
C GLN G 678 -5.06 11.69 -14.17
N TRP G 679 -6.05 12.50 -13.80
CA TRP G 679 -7.02 12.99 -14.77
C TRP G 679 -6.35 13.80 -15.87
N LEU G 680 -5.25 14.49 -15.56
CA LEU G 680 -4.56 15.27 -16.59
C LEU G 680 -4.02 14.39 -17.71
N PRO G 681 -3.30 13.29 -17.45
CA PRO G 681 -3.00 12.35 -18.54
C PRO G 681 -4.23 11.59 -19.00
N GLU G 682 -5.16 11.31 -18.08
CA GLU G 682 -6.42 10.69 -18.48
C GLU G 682 -7.22 11.61 -19.39
N LEU G 683 -7.04 12.92 -19.25
CA LEU G 683 -7.60 13.86 -20.23
C LEU G 683 -7.02 13.60 -21.60
N ARG G 684 -5.71 13.40 -21.68
CA ARG G 684 -5.07 13.12 -22.97
C ARG G 684 -5.62 11.85 -23.58
N THR G 685 -6.07 10.90 -22.75
CA THR G 685 -6.79 9.75 -23.27
C THR G 685 -8.24 10.11 -23.62
N ALA G 686 -8.79 11.12 -22.96
CA ALA G 686 -10.17 11.54 -23.17
C ALA G 686 -10.30 12.68 -24.17
N VAL G 687 -9.41 13.68 -24.12
CA VAL G 687 -9.42 14.73 -25.12
C VAL G 687 -9.05 14.16 -26.49
N GLN G 688 -8.28 13.06 -26.51
CA GLN G 688 -8.02 12.38 -27.77
C GLN G 688 -9.33 11.86 -28.38
N ASN G 689 -10.30 11.51 -27.52
CA ASN G 689 -11.65 11.25 -28.00
C ASN G 689 -12.36 12.55 -28.39
N ALA G 690 -12.06 13.64 -27.69
CA ALA G 690 -12.67 14.92 -28.03
C ALA G 690 -12.23 15.40 -29.42
N GLN G 691 -10.95 15.22 -29.75
CA GLN G 691 -10.49 15.56 -31.09
C GLN G 691 -10.99 14.57 -32.13
N ALA G 692 -11.35 13.35 -31.72
CA ALA G 692 -12.02 12.44 -32.63
C ALA G 692 -13.37 12.99 -33.07
N SER G 693 -14.04 13.75 -32.19
CA SER G 693 -15.22 14.49 -32.60
C SER G 693 -14.84 15.61 -33.57
N SER G 694 -13.69 16.24 -33.35
CA SER G 694 -13.25 17.32 -34.24
C SER G 694 -12.83 16.80 -35.60
N GLU G 695 -12.30 15.57 -35.65
CA GLU G 695 -11.84 15.03 -36.93
C GLU G 695 -13.00 14.83 -37.90
N HIS G 696 -14.15 14.36 -37.40
CA HIS G 696 -15.31 14.17 -38.26
C HIS G 696 -16.11 15.44 -38.46
N CYS G 697 -15.69 16.57 -37.87
CA CYS G 697 -16.33 17.84 -38.18
C CYS G 697 -16.15 18.20 -39.64
N LYS G 698 -14.95 17.97 -40.19
CA LYS G 698 -14.69 18.20 -41.60
C LYS G 698 -14.96 16.95 -42.43
N TYR G 699 -14.42 15.81 -42.02
CA TYR G 699 -14.61 14.55 -42.74
C TYR G 699 -15.79 13.77 -42.16
N VAL G 700 -16.97 14.42 -42.22
CA VAL G 700 -18.20 13.80 -41.75
C VAL G 700 -18.70 12.71 -42.70
N ARG G 701 -18.11 12.62 -43.90
CA ARG G 701 -18.60 11.68 -44.91
C ARG G 701 -18.56 10.25 -44.39
N GLY G 702 -17.50 9.88 -43.69
CA GLY G 702 -17.35 8.54 -43.16
C GLY G 702 -17.96 8.30 -41.79
N LEU G 703 -18.83 9.21 -41.32
CA LEU G 703 -19.46 9.01 -40.02
C LEU G 703 -20.31 7.74 -40.00
N LEU G 704 -21.07 7.49 -41.08
CA LEU G 704 -21.84 6.26 -41.17
C LEU G 704 -20.96 5.03 -41.28
N ASP G 705 -19.72 5.18 -41.74
CA ASP G 705 -18.83 4.03 -41.87
C ASP G 705 -18.42 3.47 -40.51
N GLU G 706 -18.36 4.31 -39.47
CA GLU G 706 -18.19 3.79 -38.12
C GLU G 706 -19.42 3.00 -37.68
N TRP G 707 -20.61 3.50 -38.04
CA TRP G 707 -21.83 2.72 -37.85
C TRP G 707 -21.93 1.57 -38.84
N TRP G 708 -21.01 1.49 -39.81
CA TRP G 708 -20.86 0.32 -40.65
C TRP G 708 -19.96 -0.74 -40.02
N GLU G 709 -19.49 -0.53 -38.80
CA GLU G 709 -18.61 -1.51 -38.15
C GLU G 709 -19.39 -2.48 -37.27
N GLN G 710 -19.96 -1.99 -36.17
CA GLN G 710 -20.75 -2.85 -35.30
C GLN G 710 -22.15 -3.05 -35.87
N PRO G 711 -22.87 -1.98 -36.27
CA PRO G 711 -24.14 -2.21 -37.00
C PRO G 711 -23.91 -2.35 -38.50
N ALA G 712 -23.27 -3.46 -38.88
CA ALA G 712 -22.78 -3.64 -40.24
C ALA G 712 -23.73 -4.45 -41.10
N SER G 713 -25.05 -4.30 -40.89
CA SER G 713 -26.01 -4.91 -41.79
C SER G 713 -25.88 -4.35 -43.20
N THR G 714 -25.57 -3.06 -43.32
CA THR G 714 -25.37 -2.46 -44.63
C THR G 714 -24.15 -3.05 -45.34
N VAL G 715 -23.06 -3.26 -44.59
CA VAL G 715 -21.83 -3.77 -45.20
C VAL G 715 -22.07 -5.11 -45.87
N VAL G 716 -22.76 -6.02 -45.18
CA VAL G 716 -23.12 -7.30 -45.79
C VAL G 716 -24.32 -7.18 -46.72
N ASP G 717 -24.99 -6.04 -46.73
CA ASP G 717 -26.15 -5.89 -47.61
C ASP G 717 -25.73 -5.68 -49.06
N TRP G 718 -24.67 -4.90 -49.29
CA TRP G 718 -24.26 -4.56 -50.64
C TRP G 718 -23.26 -5.54 -51.24
N VAL G 719 -23.00 -6.67 -50.56
CA VAL G 719 -22.18 -7.71 -51.18
C VAL G 719 -22.89 -8.39 -52.35
N THR G 720 -24.15 -8.04 -52.59
CA THR G 720 -24.92 -8.56 -53.71
C THR G 720 -25.06 -7.56 -54.85
N VAL G 721 -25.05 -6.25 -54.56
CA VAL G 721 -25.21 -5.25 -55.61
C VAL G 721 -23.99 -5.23 -56.52
N ASP G 722 -22.79 -5.40 -55.95
CA ASP G 722 -21.61 -5.60 -56.80
C ASP G 722 -21.67 -6.95 -57.50
N GLY G 723 -22.25 -7.96 -56.85
CA GLY G 723 -22.58 -9.18 -57.55
C GLY G 723 -23.66 -8.94 -58.59
N GLN G 724 -24.62 -8.05 -58.29
CA GLN G 724 -25.57 -7.61 -59.30
C GLN G 724 -24.88 -6.77 -60.37
N SER G 725 -23.83 -6.04 -60.00
CA SER G 725 -23.05 -5.30 -60.99
C SER G 725 -22.37 -6.22 -61.98
N VAL G 726 -22.09 -7.45 -61.60
CA VAL G 726 -21.53 -8.45 -62.51
C VAL G 726 -22.58 -9.48 -62.93
N ALA G 727 -23.87 -9.11 -62.85
CA ALA G 727 -24.92 -9.98 -63.35
C ALA G 727 -24.81 -10.17 -64.86
N ALA G 728 -24.28 -9.16 -65.57
CA ALA G 728 -23.96 -9.34 -66.97
C ALA G 728 -22.91 -10.41 -67.17
N TRP G 729 -21.89 -10.43 -66.30
CA TRP G 729 -20.94 -11.53 -66.28
C TRP G 729 -21.57 -12.83 -65.81
N GLN G 730 -22.66 -12.75 -65.05
CA GLN G 730 -23.41 -13.94 -64.63
C GLN G 730 -24.27 -14.50 -65.75
N ASN G 731 -24.40 -13.77 -66.87
CA ASN G 731 -25.12 -14.32 -68.02
C ASN G 731 -24.44 -15.58 -68.55
N HIS G 732 -23.11 -15.63 -68.46
CA HIS G 732 -22.41 -16.88 -68.77
C HIS G 732 -22.79 -17.97 -67.78
N VAL G 733 -22.87 -17.63 -66.49
CA VAL G 733 -23.40 -18.58 -65.52
C VAL G 733 -24.84 -18.92 -65.85
N LYS G 734 -25.62 -17.92 -66.28
CA LYS G 734 -26.93 -18.17 -66.84
C LYS G 734 -26.85 -19.03 -68.10
N GLN G 735 -25.78 -18.89 -68.87
CA GLN G 735 -25.67 -19.61 -70.13
C GLN G 735 -25.54 -21.12 -69.92
N LEU G 736 -24.80 -21.54 -68.88
CA LEU G 736 -24.58 -22.97 -68.66
C LEU G 736 -25.86 -23.74 -68.40
N LEU G 737 -26.94 -23.09 -67.98
CA LEU G 737 -28.21 -23.79 -67.77
C LEU G 737 -29.33 -23.25 -68.63
N ALA G 738 -29.53 -21.93 -68.69
CA ALA G 738 -30.61 -21.37 -69.50
C ALA G 738 -30.35 -21.60 -70.98
N PHE G 739 -29.15 -21.24 -71.45
CA PHE G 739 -28.83 -21.41 -72.86
C PHE G 739 -28.73 -22.88 -73.26
N TYR G 740 -28.62 -23.79 -72.28
CA TYR G 740 -28.74 -25.20 -72.59
C TYR G 740 -30.17 -25.58 -72.94
N ASP G 741 -31.15 -24.79 -72.51
CA ASP G 741 -32.53 -24.98 -72.96
C ASP G 741 -32.77 -24.36 -74.33
N LYS G 742 -31.86 -23.51 -74.81
CA LYS G 742 -31.96 -23.00 -76.17
C LYS G 742 -31.80 -24.12 -77.19
N GLU G 743 -30.90 -25.06 -76.93
CA GLU G 743 -30.73 -26.21 -77.81
C GLU G 743 -31.89 -27.20 -77.70
N SER G 744 -32.73 -27.07 -76.66
CA SER G 744 -33.87 -27.97 -76.53
C SER G 744 -34.83 -27.80 -77.69
N LEU G 745 -35.08 -26.56 -78.13
CA LEU G 745 -35.90 -26.33 -79.31
C LEU G 745 -35.06 -26.10 -80.56
N ARG G 746 -33.82 -25.62 -80.41
CA ARG G 746 -32.93 -25.50 -81.57
C ARG G 746 -32.60 -26.86 -82.15
N THR G 747 -32.33 -27.85 -81.29
CA THR G 747 -32.02 -29.20 -81.74
C THR G 747 -33.16 -30.15 -81.43
N MET H 1 -0.41 21.89 -53.76
CA MET H 1 -1.46 21.58 -54.72
C MET H 1 -1.50 22.68 -55.79
N SER H 2 -1.01 23.87 -55.43
CA SER H 2 -0.92 24.95 -56.41
C SER H 2 0.07 24.62 -57.52
N SER H 3 1.06 23.75 -57.25
CA SER H 3 1.97 23.31 -58.29
C SER H 3 1.29 22.50 -59.38
N ALA H 4 0.09 21.98 -59.11
CA ALA H 4 -0.71 21.36 -60.17
C ALA H 4 -1.08 22.39 -61.22
N ARG H 5 -1.39 23.61 -60.79
CA ARG H 5 -1.66 24.69 -61.72
C ARG H 5 -0.40 25.19 -62.39
N LEU H 6 0.77 24.94 -61.79
CA LEU H 6 2.04 25.19 -62.47
C LEU H 6 2.20 24.26 -63.66
N CYS H 7 1.85 22.98 -63.49
CA CYS H 7 1.86 22.07 -64.62
C CYS H 7 0.80 22.42 -65.66
N SER H 8 -0.23 23.17 -65.26
CA SER H 8 -1.17 23.69 -66.24
C SER H 8 -0.48 24.63 -67.22
N LEU H 9 0.45 25.44 -66.72
CA LEU H 9 1.20 26.35 -67.58
C LEU H 9 1.94 25.64 -68.71
N VAL H 10 1.97 24.31 -68.71
CA VAL H 10 2.59 23.52 -69.76
C VAL H 10 1.53 23.24 -70.82
N ALA H 11 0.41 23.95 -70.75
CA ALA H 11 -0.65 23.78 -71.74
C ALA H 11 -0.22 24.35 -73.09
N GLU H 12 0.04 25.66 -73.15
CA GLU H 12 0.53 26.26 -74.38
C GLU H 12 1.88 25.69 -74.77
N LEU H 13 2.67 25.25 -73.80
CA LEU H 13 3.89 24.49 -74.05
C LEU H 13 3.58 22.99 -74.05
N GLY H 14 2.59 22.60 -74.85
CA GLY H 14 2.07 21.24 -74.77
C GLY H 14 3.07 20.18 -75.24
N TYR H 15 3.89 20.51 -76.23
CA TYR H 15 4.85 19.54 -76.75
C TYR H 15 5.87 19.12 -75.70
N GLU H 16 6.04 19.92 -74.65
CA GLU H 16 6.89 19.54 -73.53
C GLU H 16 6.13 18.80 -72.44
N GLY H 17 4.80 18.84 -72.46
CA GLY H 17 3.98 18.18 -71.46
C GLY H 17 3.49 16.81 -71.89
N ALA H 18 4.17 16.20 -72.88
CA ALA H 18 3.79 14.88 -73.34
C ALA H 18 3.89 13.86 -72.21
N GLY H 19 4.94 13.95 -71.39
CA GLY H 19 5.05 13.10 -70.22
C GLY H 19 3.98 13.36 -69.18
N LYS H 20 3.39 14.55 -69.18
CA LYS H 20 2.31 14.89 -68.27
C LYS H 20 0.95 14.55 -68.88
N LEU H 21 0.82 13.31 -69.35
CA LEU H 21 -0.42 12.81 -69.91
C LEU H 21 -1.20 11.96 -68.90
N ASP H 22 -0.53 10.99 -68.29
CA ASP H 22 -1.12 10.26 -67.16
C ASP H 22 -1.46 11.16 -65.98
N PRO H 23 -0.60 12.12 -65.55
CA PRO H 23 -0.96 12.94 -64.38
C PRO H 23 -2.15 13.85 -64.61
N ASP H 24 -2.78 13.76 -65.78
CA ASP H 24 -4.05 14.47 -66.00
C ASP H 24 -5.12 14.03 -65.02
N SER H 25 -5.00 12.82 -64.47
CA SER H 25 -5.82 12.41 -63.34
C SER H 25 -5.10 12.70 -62.03
N PHE H 26 -3.92 12.12 -61.85
CA PHE H 26 -3.14 12.31 -60.63
C PHE H 26 -2.56 13.73 -60.66
N GLU H 27 -3.41 14.68 -60.28
CA GLU H 27 -3.08 16.09 -60.30
C GLU H 27 -2.79 16.67 -58.91
N TRP H 28 -3.44 16.15 -57.88
CA TRP H 28 -3.02 16.47 -56.51
C TRP H 28 -1.56 16.12 -56.25
N PRO H 29 -1.01 14.96 -56.68
CA PRO H 29 0.37 14.63 -56.34
C PRO H 29 1.42 15.30 -57.22
N PHE H 30 1.05 16.35 -57.97
CA PHE H 30 2.02 17.06 -58.80
C PHE H 30 3.20 17.62 -58.02
N GLN H 31 3.13 17.63 -56.69
CA GLN H 31 4.28 18.11 -55.90
C GLN H 31 5.50 17.22 -56.13
N TYR H 32 5.32 15.91 -56.07
CA TYR H 32 6.43 14.99 -56.32
C TYR H 32 6.76 14.87 -57.80
N ASP H 33 5.80 15.19 -58.68
CA ASP H 33 6.11 15.23 -60.10
C ASP H 33 7.12 16.33 -60.42
N ASP H 34 7.08 17.42 -59.66
CA ASP H 34 8.06 18.50 -59.73
C ASP H 34 9.03 18.46 -58.56
N ALA H 35 9.44 17.26 -58.14
CA ALA H 35 10.30 17.12 -56.98
C ALA H 35 11.68 17.73 -57.23
N ARG H 36 12.20 17.59 -58.45
CA ARG H 36 13.53 18.11 -58.75
C ARG H 36 13.64 19.62 -58.55
N PRO H 37 12.71 20.46 -59.05
CA PRO H 37 12.83 21.90 -58.79
C PRO H 37 12.49 22.30 -57.36
N ILE H 38 12.06 21.38 -56.50
CA ILE H 38 11.68 21.75 -55.14
C ILE H 38 12.88 22.29 -54.38
N LEU H 39 14.04 21.63 -54.50
CA LEU H 39 15.23 22.06 -53.77
C LEU H 39 15.72 23.43 -54.20
N ASP H 40 15.31 23.89 -55.39
CA ASP H 40 15.71 25.21 -55.87
C ASP H 40 14.62 26.26 -55.70
N TRP H 41 13.38 25.86 -55.40
CA TRP H 41 12.28 26.79 -55.23
C TRP H 41 11.44 26.41 -54.01
N ILE H 42 12.10 25.89 -52.97
CA ILE H 42 11.38 25.57 -51.74
C ILE H 42 10.92 26.84 -51.04
N CYS H 43 11.70 27.91 -51.13
CA CYS H 43 11.35 29.15 -50.46
C CYS H 43 10.05 29.73 -51.02
N SER H 44 9.88 29.70 -52.34
CA SER H 44 8.64 30.16 -52.95
C SER H 44 7.48 29.22 -52.63
N SER H 45 7.75 27.93 -52.50
CA SER H 45 6.71 26.93 -52.31
C SER H 45 6.53 26.51 -50.86
N LEU H 46 7.21 27.14 -49.91
CA LEU H 46 7.01 26.78 -48.51
C LEU H 46 5.70 27.35 -47.97
N ARG H 47 5.34 28.56 -48.39
CA ARG H 47 4.17 29.21 -47.82
C ARG H 47 2.83 28.64 -48.30
N PRO H 48 2.67 28.19 -49.58
CA PRO H 48 1.36 27.66 -49.97
C PRO H 48 1.07 26.30 -49.34
N SER H 49 2.07 25.41 -49.38
CA SER H 49 1.88 24.06 -48.85
C SER H 49 1.73 24.03 -47.33
N ASN H 50 2.30 25.02 -46.63
CA ASN H 50 2.15 25.06 -45.18
C ASN H 50 0.70 25.27 -44.77
N VAL H 51 0.12 26.41 -45.18
CA VAL H 51 -1.24 26.74 -44.77
C VAL H 51 -2.24 25.74 -45.35
N LEU H 52 -1.97 25.23 -46.55
CA LEU H 52 -2.84 24.22 -47.15
C LEU H 52 -2.88 22.97 -46.28
N SER H 53 -1.73 22.55 -45.74
CA SER H 53 -1.69 21.42 -44.83
C SER H 53 -2.19 21.77 -43.44
N LEU H 54 -2.18 23.05 -43.07
CA LEU H 54 -2.68 23.46 -41.75
C LEU H 54 -4.19 23.32 -41.64
N ALA H 55 -4.92 23.32 -42.76
CA ALA H 55 -6.37 23.19 -42.71
C ALA H 55 -6.78 21.87 -42.08
N GLU H 56 -6.13 20.78 -42.50
CA GLU H 56 -6.38 19.49 -41.87
C GLU H 56 -5.67 19.38 -40.53
N LEU H 57 -4.52 20.04 -40.38
CA LEU H 57 -3.77 19.99 -39.14
C LEU H 57 -4.42 20.82 -38.03
N SER H 58 -5.26 21.79 -38.39
CA SER H 58 -5.89 22.65 -37.38
C SER H 58 -6.83 21.88 -36.48
N LEU H 59 -7.31 20.71 -36.90
CA LEU H 59 -8.21 19.92 -36.07
C LEU H 59 -7.54 19.40 -34.82
N TYR H 60 -6.21 19.28 -34.82
CA TYR H 60 -5.47 18.79 -33.67
C TYR H 60 -4.99 19.90 -32.74
N GLU H 61 -5.18 21.17 -33.12
CA GLU H 61 -4.71 22.28 -32.29
C GLU H 61 -5.47 22.33 -30.97
N GLN H 62 -6.78 22.08 -30.99
CA GLN H 62 -7.59 22.17 -29.79
C GLN H 62 -7.38 21.00 -28.84
N PHE H 63 -6.59 19.99 -29.23
CA PHE H 63 -6.33 18.86 -28.35
C PHE H 63 -5.64 19.27 -27.05
N GLN H 64 -4.93 20.40 -27.05
CA GLN H 64 -4.29 20.87 -25.82
C GLN H 64 -5.33 21.21 -24.77
N ARG H 65 -6.42 21.84 -25.17
CA ARG H 65 -7.49 22.21 -24.24
C ARG H 65 -8.22 20.98 -23.72
N ILE H 102 -35.23 21.06 9.46
CA ILE H 102 -36.35 21.45 10.30
C ILE H 102 -36.22 20.84 11.69
N LYS H 103 -35.93 19.54 11.74
CA LYS H 103 -35.89 18.80 12.99
C LYS H 103 -34.48 18.54 13.49
N GLU H 104 -33.47 19.19 12.91
CA GLU H 104 -32.09 18.97 13.32
C GLU H 104 -31.77 19.69 14.63
N VAL H 105 -31.93 21.01 14.66
CA VAL H 105 -31.74 21.75 15.90
C VAL H 105 -32.83 21.40 16.89
N ARG H 106 -34.00 20.98 16.41
CA ARG H 106 -35.03 20.47 17.29
C ARG H 106 -34.53 19.24 18.06
N ASP H 107 -33.82 18.35 17.37
CA ASP H 107 -33.13 17.27 18.08
C ASP H 107 -32.01 17.83 18.94
N ALA H 108 -31.35 18.89 18.49
CA ALA H 108 -30.30 19.52 19.28
C ALA H 108 -30.86 20.24 20.49
N THR H 109 -32.11 20.70 20.43
CA THR H 109 -32.70 21.34 21.59
C THR H 109 -32.80 20.36 22.76
N LEU H 110 -33.14 19.10 22.48
CA LEU H 110 -33.16 18.09 23.53
C LEU H 110 -31.77 17.92 24.15
N ALA H 111 -30.73 17.92 23.33
CA ALA H 111 -29.37 17.93 23.86
C ALA H 111 -29.02 19.24 24.54
N HIS H 112 -29.77 20.31 24.25
CA HIS H 112 -29.51 21.62 24.84
C HIS H 112 -30.52 21.99 25.93
N LYS H 113 -31.77 21.55 25.83
CA LYS H 113 -32.67 21.69 26.97
C LYS H 113 -32.19 20.86 28.15
N ALA H 114 -31.70 19.65 27.88
CA ALA H 114 -30.99 18.90 28.92
C ALA H 114 -29.73 19.64 29.35
N GLU H 115 -29.07 20.33 28.41
CA GLU H 115 -27.96 21.20 28.75
C GLU H 115 -28.41 22.41 29.55
N ALA H 116 -29.71 22.66 29.63
CA ALA H 116 -30.28 23.76 30.39
C ALA H 116 -31.10 23.30 31.59
N LEU H 117 -32.08 22.42 31.37
CA LEU H 117 -32.98 22.01 32.44
C LEU H 117 -32.25 21.27 33.55
N GLU H 118 -31.31 20.39 33.18
CA GLU H 118 -30.60 19.60 34.19
C GLU H 118 -29.80 20.49 35.14
N LEU H 119 -29.24 21.58 34.63
CA LEU H 119 -28.50 22.51 35.46
C LEU H 119 -29.35 23.62 36.05
N GLN H 120 -30.68 23.60 35.81
CA GLN H 120 -31.54 24.67 36.26
C GLN H 120 -32.01 24.49 37.70
N ARG H 121 -32.37 23.26 38.09
CA ARG H 121 -32.89 23.00 39.43
C ARG H 121 -31.78 22.86 40.48
N GLN H 122 -30.56 23.29 40.17
CA GLN H 122 -29.47 23.26 41.12
C GLN H 122 -28.99 24.64 41.57
N LEU H 123 -29.15 25.68 40.74
CA LEU H 123 -28.83 27.03 41.19
C LEU H 123 -29.80 27.49 42.27
N ARG H 124 -31.10 27.21 42.08
CA ARG H 124 -32.08 27.52 43.11
C ARG H 124 -31.78 26.74 44.39
N ARG H 125 -31.28 25.51 44.24
CA ARG H 125 -30.87 24.74 45.40
C ARG H 125 -29.75 25.45 46.16
N LEU H 126 -28.70 25.85 45.44
CA LEU H 126 -27.58 26.55 46.09
C LEU H 126 -28.02 27.92 46.60
N GLN H 127 -28.83 28.66 45.82
CA GLN H 127 -29.27 29.97 46.27
C GLN H 127 -30.11 29.86 47.53
N THR H 128 -31.00 28.86 47.60
CA THR H 128 -31.69 28.58 48.85
C THR H 128 -30.70 28.14 49.92
N GLN H 129 -29.72 27.31 49.55
CA GLN H 129 -28.70 26.89 50.50
C GLN H 129 -27.92 28.10 51.02
N TYR H 130 -27.55 29.01 50.12
CA TYR H 130 -26.85 30.22 50.55
C TYR H 130 -27.74 31.13 51.39
N ASP H 131 -29.05 30.88 51.40
CA ASP H 131 -29.98 31.64 52.22
C ASP H 131 -30.62 30.82 53.33
N LEU H 132 -30.26 29.54 53.45
CA LEU H 132 -30.84 28.71 54.52
C LEU H 132 -29.77 27.99 55.32
N LEU H 133 -28.65 27.61 54.67
CA LEU H 133 -27.58 26.92 55.37
C LEU H 133 -26.70 27.87 56.18
N THR H 134 -26.76 29.17 55.92
CA THR H 134 -26.02 30.12 56.73
C THR H 134 -26.51 30.15 58.17
N GLY H 135 -27.71 29.66 58.43
CA GLY H 135 -28.25 29.66 59.78
C GLY H 135 -28.73 28.30 60.25
N GLN H 136 -28.64 27.28 59.41
CA GLN H 136 -29.06 25.94 59.82
C GLN H 136 -28.19 25.41 60.95
N SER H 137 -26.87 25.59 60.84
CA SER H 137 -25.97 25.14 61.89
C SER H 137 -26.13 25.98 63.16
N SER H 138 -26.41 27.27 63.01
CA SER H 138 -26.58 28.14 64.17
C SER H 138 -27.87 27.87 64.93
N ALA H 139 -28.77 27.07 64.36
CA ALA H 139 -30.07 26.78 64.98
C ALA H 139 -29.97 25.82 66.17
N LEU H 140 -28.76 25.47 66.61
CA LEU H 140 -28.58 24.65 67.79
C LEU H 140 -27.55 25.22 68.76
N ILE H 141 -26.71 26.16 68.32
CA ILE H 141 -25.69 26.74 69.20
C ILE H 141 -26.34 27.50 70.35
N GLN H 142 -27.53 28.06 70.13
CA GLN H 142 -28.19 28.86 71.16
C GLN H 142 -28.50 28.04 72.41
N GLY H 143 -28.51 26.71 72.30
CA GLY H 143 -28.71 25.88 73.47
C GLY H 143 -27.50 25.76 74.37
N ARG H 144 -26.36 26.33 73.97
CA ARG H 144 -25.14 26.22 74.75
C ARG H 144 -25.31 26.81 76.14
N ARG H 145 -25.98 27.98 76.24
CA ARG H 145 -26.11 28.65 77.53
C ARG H 145 -26.85 27.79 78.53
N ALA H 146 -27.92 27.12 78.10
CA ALA H 146 -28.67 26.28 79.03
C ALA H 146 -27.86 25.07 79.49
N ARG H 147 -26.96 24.58 78.65
CA ARG H 147 -26.17 23.40 78.97
C ARG H 147 -24.90 23.71 79.74
N VAL H 148 -24.51 24.99 79.84
CA VAL H 148 -23.24 25.36 80.45
C VAL H 148 -23.40 26.04 81.81
N ALA H 149 -24.60 26.53 82.15
CA ALA H 149 -24.75 27.33 83.37
C ALA H 149 -24.34 26.56 84.63
N ALA H 150 -24.78 25.32 84.77
CA ALA H 150 -24.51 24.54 85.98
C ALA H 150 -23.23 23.74 85.90
N THR H 151 -22.61 23.70 84.72
CA THR H 151 -21.29 23.09 84.57
C THR H 151 -20.29 23.78 85.47
N SER H 152 -20.41 25.09 85.65
CA SER H 152 -19.58 25.83 86.58
C SER H 152 -20.13 25.80 87.99
N ALA H 153 -21.01 24.86 88.32
CA ALA H 153 -21.62 24.80 89.65
C ALA H 153 -21.25 23.52 90.40
N VAL H 154 -21.51 22.35 89.82
CA VAL H 154 -21.21 21.10 90.50
C VAL H 154 -19.71 20.91 90.65
N SER H 155 -18.93 21.43 89.70
CA SER H 155 -17.47 21.33 89.80
C SER H 155 -16.95 22.13 90.99
N GLY H 156 -17.57 23.28 91.26
CA GLY H 156 -17.18 24.09 92.41
C GLY H 156 -17.65 23.56 93.74
N GLN H 157 -18.59 22.60 93.73
CA GLN H 157 -19.08 22.04 94.99
C GLN H 157 -18.03 21.19 95.68
N ILE H 158 -17.08 20.63 94.92
CA ILE H 158 -16.11 19.70 95.47
C ILE H 158 -14.95 20.38 96.19
N THR H 159 -14.90 21.71 96.16
CA THR H 159 -13.77 22.41 96.77
C THR H 159 -13.74 22.22 98.28
N ALA H 160 -14.91 22.20 98.92
CA ALA H 160 -14.97 22.17 100.38
C ALA H 160 -14.43 20.87 100.97
N ILE H 161 -14.48 19.77 100.22
CA ILE H 161 -14.02 18.48 100.77
C ILE H 161 -12.52 18.53 101.06
N GLU H 162 -11.73 19.04 100.12
CA GLU H 162 -10.31 19.24 100.41
C GLU H 162 -10.11 20.33 101.46
N ASP H 163 -10.98 21.34 101.49
CA ASP H 163 -10.94 22.31 102.57
C ASP H 163 -11.18 21.64 103.91
N SER H 164 -12.15 20.72 103.97
CA SER H 164 -12.33 19.92 105.17
C SER H 164 -11.11 19.07 105.45
N LEU H 165 -10.54 18.45 104.41
CA LEU H 165 -9.33 17.65 104.59
C LEU H 165 -8.17 18.51 105.05
N SER H 166 -7.93 19.64 104.36
CA SER H 166 -6.80 20.50 104.71
C SER H 166 -6.98 21.13 106.10
N ALA H 167 -8.21 21.24 106.58
CA ALA H 167 -8.45 21.75 107.92
C ALA H 167 -8.47 20.66 108.98
N ARG H 168 -8.80 19.42 108.58
CA ARG H 168 -8.83 18.31 109.52
C ARG H 168 -7.57 17.46 109.50
N ASN H 169 -6.70 17.63 108.51
CA ASN H 169 -5.56 16.73 108.35
C ASN H 169 -4.67 16.71 109.59
N LEU H 170 -4.38 17.90 110.14
CA LEU H 170 -3.64 17.95 111.40
C LEU H 170 -4.48 17.42 112.56
N GLN H 171 -5.79 17.65 112.52
CA GLN H 171 -6.67 17.07 113.53
C GLN H 171 -6.90 15.59 113.27
N MET H 172 -6.87 15.16 112.00
CA MET H 172 -7.04 13.76 111.66
C MET H 172 -5.92 12.90 112.24
N ASN H 173 -4.67 13.28 111.99
CA ASN H 173 -3.55 12.50 112.49
C ASN H 173 -3.39 12.61 113.99
N GLY H 174 -3.93 13.67 114.60
CA GLY H 174 -3.80 13.83 116.05
C GLY H 174 -4.55 12.77 116.83
N VAL H 175 -5.74 12.39 116.35
CA VAL H 175 -6.54 11.42 117.08
C VAL H 175 -5.89 10.04 117.05
N LEU H 176 -5.03 9.78 116.07
CA LEU H 176 -4.25 8.54 116.02
C LEU H 176 -2.83 8.72 116.54
N GLY H 177 -2.19 9.86 116.26
CA GLY H 177 -0.83 10.07 116.71
C GLY H 177 -0.70 10.17 118.21
N ARG H 178 -1.63 10.88 118.85
CA ARG H 178 -1.58 11.11 120.28
C ARG H 178 -2.41 10.09 121.07
N LEU H 179 -3.01 9.11 120.40
CA LEU H 179 -3.83 8.12 121.10
C LEU H 179 -3.00 7.23 122.00
N ALA H 180 -1.79 6.85 121.54
CA ALA H 180 -0.98 5.90 122.28
C ALA H 180 -0.53 6.46 123.62
N SER H 181 -0.23 7.76 123.67
CA SER H 181 0.26 8.37 124.90
C SER H 181 -0.77 8.29 126.02
N THR H 182 -2.05 8.52 125.69
CA THR H 182 -3.10 8.51 126.70
C THR H 182 -3.34 7.12 127.25
N SER H 183 -3.25 6.10 126.40
CA SER H 183 -3.67 4.73 126.72
C SER H 183 -3.06 4.19 128.01
N GLN H 184 -2.01 4.83 128.52
CA GLN H 184 -1.49 4.44 129.83
C GLN H 184 -2.48 4.75 130.93
N GLU H 185 -3.35 5.74 130.75
CA GLU H 185 -4.46 5.95 131.66
C GLU H 185 -5.62 5.00 131.38
N LEU H 186 -5.71 4.46 130.16
CA LEU H 186 -6.78 3.51 129.85
C LEU H 186 -6.65 2.23 130.67
N ALA H 187 -5.42 1.74 130.86
CA ALA H 187 -5.19 0.51 131.60
C ALA H 187 -5.15 0.72 133.11
N HIS H 188 -5.10 1.97 133.57
CA HIS H 188 -5.06 2.23 135.01
C HIS H 188 -6.36 1.87 135.70
N TYR H 189 -7.44 1.65 134.95
CA TYR H 189 -8.72 1.30 135.55
C TYR H 189 -8.73 -0.15 136.03
N HIS H 190 -8.14 -1.08 135.25
CA HIS H 190 -8.57 -2.49 135.23
C HIS H 190 -7.66 -3.45 136.01
N SER H 191 -6.72 -2.93 136.79
CA SER H 191 -5.77 -3.80 137.48
C SER H 191 -6.46 -4.66 138.54
N GLY H 192 -7.29 -4.05 139.38
CA GLY H 192 -7.88 -4.74 140.51
C GLY H 192 -9.19 -5.45 140.24
N GLU H 193 -9.66 -5.49 139.00
CA GLU H 193 -10.94 -6.11 138.69
C GLU H 193 -10.91 -7.61 138.95
N ASN H 404 -17.20 6.16 134.16
CA ASN H 404 -16.76 6.69 132.89
C ASN H 404 -16.17 5.60 131.99
N MET H 405 -15.52 4.61 132.61
CA MET H 405 -14.97 3.50 131.85
C MET H 405 -16.05 2.63 131.23
N LEU H 406 -17.19 2.48 131.92
CA LEU H 406 -18.28 1.65 131.42
C LEU H 406 -18.93 2.19 130.16
N GLY H 407 -18.68 3.45 129.81
CA GLY H 407 -19.28 4.02 128.62
C GLY H 407 -18.64 3.63 127.31
N ALA H 408 -17.56 2.84 127.35
CA ALA H 408 -16.89 2.42 126.13
C ALA H 408 -17.67 1.36 125.37
N PHE H 409 -18.63 0.68 126.02
CA PHE H 409 -19.41 -0.34 125.33
C PHE H 409 -20.18 0.24 124.16
N SER H 410 -20.93 1.32 124.40
CA SER H 410 -21.68 1.96 123.32
C SER H 410 -20.74 2.61 122.30
N LEU H 411 -19.55 3.01 122.73
CA LEU H 411 -18.61 3.71 121.87
C LEU H 411 -17.85 2.77 120.94
N LEU H 412 -18.08 1.47 121.04
CA LEU H 412 -17.38 0.47 120.24
C LEU H 412 -18.32 -0.36 119.37
N LYS H 413 -19.50 -0.74 119.88
CA LYS H 413 -20.41 -1.56 119.09
C LYS H 413 -20.97 -0.81 117.90
N VAL H 414 -21.00 0.53 117.96
CA VAL H 414 -21.48 1.31 116.82
C VAL H 414 -20.54 1.18 115.64
N ILE H 415 -19.23 1.01 115.90
CA ILE H 415 -18.26 0.89 114.81
C ILE H 415 -18.57 -0.33 113.95
N GLU H 416 -18.80 -1.48 114.60
CA GLU H 416 -19.12 -2.69 113.86
C GLU H 416 -20.42 -2.52 113.07
N SER H 417 -21.41 -1.85 113.66
CA SER H 417 -22.61 -1.50 112.90
C SER H 417 -22.27 -0.54 111.77
N GLU H 418 -21.38 0.42 112.01
CA GLU H 418 -20.96 1.37 110.99
C GLU H 418 -19.89 0.80 110.07
N LEU H 419 -19.24 -0.32 110.46
CA LEU H 419 -18.29 -0.96 109.57
C LEU H 419 -18.97 -1.46 108.30
N GLN H 420 -20.19 -1.99 108.44
CA GLN H 420 -20.99 -2.31 107.26
C GLN H 420 -21.30 -1.06 106.47
N GLY H 421 -21.62 0.05 107.15
CA GLY H 421 -21.68 1.33 106.47
C GLY H 421 -20.33 1.74 105.91
N TYR H 422 -19.26 1.49 106.68
CA TYR H 422 -17.92 1.73 106.17
C TYR H 422 -17.58 0.77 105.04
N LEU H 423 -18.18 -0.42 105.03
CA LEU H 423 -17.98 -1.33 103.91
C LEU H 423 -18.48 -0.72 102.61
N SER H 424 -19.60 0.00 102.68
CA SER H 424 -20.05 0.78 101.52
C SER H 424 -19.07 1.88 101.19
N ALA H 425 -18.38 2.42 102.20
CA ALA H 425 -17.41 3.49 101.95
C ALA H 425 -16.21 2.99 101.15
N THR H 426 -15.60 1.87 101.60
CA THR H 426 -14.41 1.37 100.93
C THR H 426 -14.74 0.83 99.54
N ARG H 427 -15.81 0.05 99.42
CA ARG H 427 -16.16 -0.53 98.13
C ARG H 427 -16.59 0.54 97.13
N SER H 428 -17.05 1.70 97.59
CA SER H 428 -17.38 2.78 96.67
C SER H 428 -16.18 3.22 95.85
N ARG H 429 -14.98 3.12 96.42
CA ARG H 429 -13.77 3.34 95.64
C ARG H 429 -13.65 2.34 94.50
N VAL H 430 -13.96 1.07 94.77
CA VAL H 430 -13.94 0.06 93.72
C VAL H 430 -14.95 0.40 92.63
N GLY H 431 -16.14 0.86 93.03
CA GLY H 431 -17.11 1.34 92.06
C GLY H 431 -16.58 2.52 91.27
N ARG H 432 -15.90 3.45 91.95
CA ARG H 432 -15.22 4.53 91.24
C ARG H 432 -14.10 3.98 90.36
N CYS H 433 -13.37 2.97 90.86
CA CYS H 433 -12.33 2.35 90.06
C CYS H 433 -12.89 1.62 88.85
N SER H 434 -14.10 1.09 88.96
CA SER H 434 -14.71 0.32 87.89
C SER H 434 -15.57 1.17 86.95
N ALA H 435 -15.62 2.48 87.14
CA ALA H 435 -16.45 3.36 86.33
C ALA H 435 -15.69 4.50 85.69
N LEU H 436 -14.67 5.04 86.36
CA LEU H 436 -13.96 6.21 85.85
C LEU H 436 -13.22 5.92 84.54
N ILE H 437 -12.95 4.65 84.23
CA ILE H 437 -12.21 4.32 83.01
C ILE H 437 -13.02 4.70 81.77
N GLN H 438 -14.35 4.54 81.84
CA GLN H 438 -15.18 4.84 80.69
C GLN H 438 -15.13 6.30 80.30
N ALA H 439 -14.90 7.19 81.27
CA ALA H 439 -14.80 8.62 80.96
C ALA H 439 -13.62 8.93 80.05
N ALA H 440 -12.48 8.30 80.31
CA ALA H 440 -11.29 8.55 79.50
C ALA H 440 -11.37 7.87 78.13
N SER H 441 -12.32 6.95 77.94
CA SER H 441 -12.41 6.24 76.68
C SER H 441 -12.82 7.16 75.53
N ASP H 442 -13.67 8.15 75.81
CA ASP H 442 -14.12 9.06 74.76
C ASP H 442 -13.00 9.93 74.22
N VAL H 443 -11.92 10.13 74.96
CA VAL H 443 -10.82 10.98 74.53
C VAL H 443 -9.63 10.17 74.06
N GLN H 444 -9.33 9.05 74.73
CA GLN H 444 -8.16 8.26 74.37
C GLN H 444 -8.38 7.38 73.14
N GLU H 445 -9.63 7.11 72.78
CA GLU H 445 -9.94 6.24 71.64
C GLU H 445 -10.15 7.00 70.35
N GLN H 446 -10.02 8.33 70.35
CA GLN H 446 -10.35 9.13 69.17
C GLN H 446 -9.52 8.76 67.96
N GLY H 447 -8.36 8.14 68.15
CA GLY H 447 -7.59 7.61 67.04
C GLY H 447 -8.04 6.27 66.52
N ALA H 448 -8.98 5.62 67.21
CA ALA H 448 -9.50 4.32 66.78
C ALA H 448 -10.98 4.37 66.43
N VAL H 449 -11.57 5.56 66.35
CA VAL H 449 -12.98 5.71 66.00
C VAL H 449 -13.13 6.02 64.51
N ASP H 450 -12.10 5.75 63.72
CA ASP H 450 -12.09 6.10 62.30
C ASP H 450 -12.91 5.16 61.43
N ASP H 451 -13.77 4.34 62.01
CA ASP H 451 -14.49 3.33 61.25
C ASP H 451 -15.59 3.95 60.38
N ARG H 452 -16.51 4.68 61.00
CA ARG H 452 -17.65 5.20 60.25
C ARG H 452 -17.36 6.51 59.54
N ASP H 453 -16.24 7.16 59.82
CA ASP H 453 -15.75 8.19 58.90
C ASP H 453 -15.12 7.55 57.67
N SER H 454 -14.70 6.29 57.77
CA SER H 454 -14.40 5.48 56.61
C SER H 454 -15.65 4.87 56.00
N PHE H 455 -16.76 4.85 56.74
CA PHE H 455 -18.06 4.63 56.10
C PHE H 455 -18.36 5.76 55.13
N LEU H 456 -17.97 6.98 55.49
CA LEU H 456 -18.06 8.10 54.57
C LEU H 456 -17.20 7.89 53.34
N HIS H 457 -16.15 7.08 53.45
CA HIS H 457 -15.41 6.69 52.26
C HIS H 457 -16.30 5.86 51.35
N GLY H 458 -17.13 4.98 51.92
CA GLY H 458 -17.96 4.11 51.12
C GLY H 458 -18.93 4.84 50.22
N VAL H 459 -19.60 5.88 50.76
CA VAL H 459 -20.52 6.66 49.94
C VAL H 459 -19.77 7.38 48.84
N ARG H 460 -18.56 7.85 49.13
CA ARG H 460 -17.72 8.50 48.14
C ARG H 460 -16.81 7.53 47.41
N ASP H 461 -16.92 6.24 47.71
CA ASP H 461 -16.18 5.18 47.00
C ASP H 461 -16.78 4.87 45.65
N LEU H 462 -17.64 5.75 45.13
CA LEU H 462 -18.37 5.44 43.89
C LEU H 462 -17.40 5.16 42.74
N LEU H 463 -16.42 6.03 42.53
CA LEU H 463 -15.45 5.75 41.48
C LEU H 463 -14.52 4.62 41.88
N SER H 464 -14.24 4.48 43.19
CA SER H 464 -13.43 3.39 43.70
C SER H 464 -14.10 2.04 43.56
N ILE H 465 -15.39 2.00 43.23
CA ILE H 465 -16.08 0.75 42.95
C ILE H 465 -15.37 -0.04 41.85
N HIS H 466 -14.59 0.63 41.01
CA HIS H 466 -13.73 -0.06 40.05
C HIS H 466 -12.81 -1.05 40.75
N SER H 467 -12.40 -0.75 41.98
CA SER H 467 -11.73 -1.70 42.85
C SER H 467 -12.77 -2.41 43.71
N ASN H 468 -12.43 -3.63 44.14
CA ASN H 468 -13.39 -4.45 44.88
C ASN H 468 -13.28 -4.23 46.39
N THR H 469 -12.06 -4.10 46.89
CA THR H 469 -11.85 -3.85 48.31
C THR H 469 -11.80 -2.37 48.67
N GLN H 470 -12.37 -1.50 47.83
CA GLN H 470 -12.34 -0.07 48.10
C GLN H 470 -13.06 0.27 49.40
N ALA H 471 -14.02 -0.55 49.81
CA ALA H 471 -14.68 -0.41 51.09
C ALA H 471 -14.32 -1.51 52.08
N GLY H 472 -13.73 -2.61 51.61
CA GLY H 472 -13.31 -3.69 52.47
C GLY H 472 -12.01 -3.49 53.17
N LEU H 473 -11.37 -2.34 52.97
CA LEU H 473 -10.06 -2.06 53.56
C LEU H 473 -9.97 -0.69 54.22
N SER H 474 -10.91 0.22 53.95
CA SER H 474 -10.75 1.61 54.36
C SER H 474 -10.73 1.77 55.87
N THR H 475 -11.62 1.08 56.59
CA THR H 475 -11.80 1.37 58.00
C THR H 475 -10.60 0.89 58.83
N TYR H 476 -10.15 -0.34 58.62
CA TYR H 476 -9.10 -0.89 59.48
C TYR H 476 -7.71 -0.43 59.07
N VAL H 477 -7.58 0.34 58.00
CA VAL H 477 -6.33 1.04 57.71
C VAL H 477 -6.38 2.51 58.15
N SER H 478 -7.57 3.09 58.24
CA SER H 478 -7.68 4.49 58.66
C SER H 478 -7.25 4.66 60.12
N ALA H 479 -7.63 3.73 60.99
CA ALA H 479 -7.25 3.83 62.39
C ALA H 479 -5.74 3.81 62.60
N PRO H 480 -4.97 2.86 62.01
CA PRO H 480 -3.51 2.96 62.13
C PRO H 480 -2.93 4.14 61.35
N ALA H 481 -3.32 4.27 60.09
CA ALA H 481 -2.80 5.33 59.21
C ALA H 481 -3.99 6.13 58.68
N ILE H 482 -4.16 7.34 59.20
CA ILE H 482 -5.29 8.18 58.84
C ILE H 482 -4.90 9.19 57.75
N ILE H 483 -3.81 8.93 57.02
CA ILE H 483 -3.43 9.75 55.88
C ILE H 483 -3.56 9.00 54.57
N GLN H 484 -3.28 7.69 54.54
CA GLN H 484 -3.23 6.96 53.28
C GLN H 484 -4.60 6.83 52.63
N GLN H 485 -5.60 6.39 53.41
CA GLN H 485 -6.88 6.03 52.80
C GLN H 485 -7.67 7.26 52.37
N ILE H 486 -7.64 8.33 53.16
CA ILE H 486 -8.39 9.53 52.82
C ILE H 486 -7.94 10.12 51.50
N VAL H 487 -6.63 10.19 51.28
CA VAL H 487 -6.14 10.66 49.98
C VAL H 487 -6.27 9.57 48.91
N ALA H 488 -6.37 8.30 49.31
CA ALA H 488 -6.53 7.23 48.33
C ALA H 488 -7.88 7.35 47.60
N LEU H 489 -8.95 7.63 48.33
CA LEU H 489 -10.23 7.88 47.69
C LEU H 489 -10.22 9.21 46.93
N GLN H 490 -9.50 10.20 47.44
CA GLN H 490 -9.36 11.46 46.73
C GLN H 490 -8.70 11.25 45.37
N SER H 491 -7.64 10.45 45.33
CA SER H 491 -6.97 10.17 44.06
C SER H 491 -7.88 9.39 43.12
N ASP H 492 -8.67 8.46 43.65
CA ASP H 492 -9.58 7.68 42.82
C ASP H 492 -10.62 8.58 42.15
N LEU H 493 -11.42 9.29 42.94
CA LEU H 493 -12.44 10.16 42.38
C LEU H 493 -11.85 11.20 41.44
N SER H 494 -10.65 11.69 41.74
CA SER H 494 -9.99 12.67 40.90
C SER H 494 -9.26 12.03 39.71
N SER H 495 -9.24 10.71 39.62
CA SER H 495 -8.69 10.06 38.44
C SER H 495 -9.55 10.26 37.21
N LEU H 496 -10.76 10.79 37.36
CA LEU H 496 -11.62 11.11 36.24
C LEU H 496 -12.13 12.55 36.23
N GLN H 497 -11.88 13.33 37.28
CA GLN H 497 -12.30 14.72 37.26
C GLN H 497 -11.38 15.56 36.37
N SER H 498 -10.08 15.27 36.40
CA SER H 498 -9.13 15.98 35.56
C SER H 498 -8.74 15.18 34.33
N ASP H 499 -8.79 13.85 34.41
CA ASP H 499 -8.56 13.02 33.23
C ASP H 499 -9.78 13.00 32.31
N LEU H 500 -10.99 13.10 32.86
CA LEU H 500 -12.18 13.21 32.03
C LEU H 500 -12.91 14.54 32.25
N GLU H 501 -13.38 14.82 33.46
CA GLU H 501 -14.33 15.92 33.64
C GLU H 501 -13.71 17.27 33.28
N ASN H 502 -12.44 17.47 33.63
CA ASN H 502 -11.70 18.64 33.18
C ASN H 502 -10.99 18.43 31.86
N SER H 503 -11.08 17.23 31.27
CA SER H 503 -10.46 16.94 29.99
C SER H 503 -11.46 16.64 28.89
N LEU H 504 -12.73 16.39 29.21
CA LEU H 504 -13.78 16.46 28.19
C LEU H 504 -13.78 17.77 27.40
N PRO H 505 -13.66 18.96 28.01
CA PRO H 505 -13.62 20.18 27.18
C PRO H 505 -12.51 20.17 26.14
N ASP H 506 -11.34 19.60 26.46
CA ASP H 506 -10.24 19.58 25.52
C ASP H 506 -10.45 18.57 24.40
N ASP H 507 -10.92 17.37 24.73
CA ASP H 507 -10.97 16.28 23.78
C ASP H 507 -12.23 16.24 22.92
N ARG H 508 -13.27 16.98 23.29
CA ARG H 508 -14.46 17.07 22.45
C ARG H 508 -14.36 18.17 21.40
N ASN H 509 -13.30 18.97 21.46
CA ASN H 509 -12.95 19.89 20.38
C ASN H 509 -12.00 19.25 19.39
N ARG H 510 -11.75 17.94 19.52
CA ARG H 510 -11.01 17.15 18.56
C ARG H 510 -11.81 15.98 18.01
N CYS H 511 -12.58 15.28 18.86
CA CYS H 511 -13.39 14.18 18.39
C CYS H 511 -14.72 14.67 17.81
N ILE H 512 -15.54 15.33 18.63
CA ILE H 512 -16.79 15.88 18.11
C ILE H 512 -16.50 16.92 17.03
N ASN H 513 -15.37 17.62 17.13
CA ASN H 513 -14.97 18.53 16.07
C ASN H 513 -14.92 17.80 14.73
N GLU H 514 -14.34 16.60 14.71
CA GLU H 514 -14.43 15.77 13.53
C GLU H 514 -15.87 15.38 13.25
N LEU H 515 -16.63 15.03 14.29
CA LEU H 515 -18.05 14.75 14.11
C LEU H 515 -18.78 15.99 13.60
N CYS H 516 -18.52 17.16 14.17
CA CYS H 516 -19.18 18.37 13.73
C CYS H 516 -18.86 18.68 12.28
N THR H 517 -17.57 18.71 11.94
CA THR H 517 -17.18 19.05 10.58
C THR H 517 -17.67 18.02 9.58
N HIS H 518 -17.52 16.74 9.90
CA HIS H 518 -17.88 15.69 8.94
C HIS H 518 -19.38 15.71 8.64
N ILE H 519 -20.22 15.74 9.69
CA ILE H 519 -21.65 15.57 9.52
C ILE H 519 -22.21 16.60 8.54
N GLN H 520 -21.80 17.86 8.68
CA GLN H 520 -22.15 18.84 7.67
C GLN H 520 -21.43 18.56 6.35
N ASN H 521 -20.15 18.18 6.43
CA ASN H 521 -19.41 17.81 5.23
C ASN H 521 -20.01 16.59 4.55
N LEU H 522 -20.36 15.57 5.35
CA LEU H 522 -20.92 14.33 4.80
C LEU H 522 -22.21 14.58 4.02
N GLN H 523 -22.91 15.68 4.28
CA GLN H 523 -24.22 15.92 3.72
C GLN H 523 -24.18 16.70 2.41
N GLN H 524 -23.34 17.72 2.30
CA GLN H 524 -23.35 18.58 1.12
C GLN H 524 -22.02 18.63 0.38
N LEU H 525 -20.90 18.80 1.09
CA LEU H 525 -19.61 18.98 0.41
C LEU H 525 -18.91 17.65 0.18
N LEU H 526 -18.67 16.88 1.25
CA LEU H 526 -18.14 15.54 1.07
C LEU H 526 -19.15 14.64 0.36
N PHE H 527 -20.43 15.01 0.40
CA PHE H 527 -21.40 14.43 -0.51
C PHE H 527 -21.02 14.69 -1.96
N ALA H 528 -20.68 15.93 -2.29
CA ALA H 528 -20.13 16.22 -3.61
C ALA H 528 -18.79 15.52 -3.80
N SER H 529 -18.04 15.35 -2.71
CA SER H 529 -16.80 14.60 -2.75
C SER H 529 -17.01 13.10 -2.61
N SER H 530 -18.26 12.63 -2.58
CA SER H 530 -18.55 11.20 -2.67
C SER H 530 -19.43 10.87 -3.86
N THR H 531 -20.59 11.51 -3.98
CA THR H 531 -21.50 11.21 -5.08
C THR H 531 -20.91 11.63 -6.41
N THR H 532 -20.18 12.73 -6.43
CA THR H 532 -19.41 13.13 -7.60
C THR H 532 -17.92 12.83 -7.44
N ALA H 533 -17.59 11.70 -6.80
CA ALA H 533 -16.20 11.25 -6.72
C ALA H 533 -15.97 9.93 -7.43
N GLN H 534 -16.67 8.87 -7.05
CA GLN H 534 -16.45 7.59 -7.70
C GLN H 534 -17.05 7.48 -9.11
N PRO H 535 -18.16 8.11 -9.45
CA PRO H 535 -18.53 8.22 -10.87
C PRO H 535 -18.13 9.54 -11.54
N ILE H 536 -17.44 10.44 -10.85
CA ILE H 536 -17.08 11.73 -11.45
C ILE H 536 -15.59 12.03 -11.30
N LEU H 537 -15.05 12.03 -10.07
CA LEU H 537 -13.73 12.61 -9.81
C LEU H 537 -12.66 12.05 -10.76
N THR H 538 -12.55 10.75 -10.83
CA THR H 538 -11.76 10.19 -11.92
C THR H 538 -12.59 10.17 -13.20
N PRO H 539 -13.84 9.64 -13.18
CA PRO H 539 -14.56 9.46 -14.44
C PRO H 539 -15.47 10.57 -14.96
N TRP H 540 -15.39 11.84 -14.56
CA TRP H 540 -16.33 12.80 -15.16
C TRP H 540 -16.17 12.87 -16.68
N PRO H 541 -14.97 12.76 -17.27
CA PRO H 541 -14.88 12.54 -18.72
C PRO H 541 -14.96 11.07 -19.13
N LEU H 542 -15.00 10.14 -18.18
CA LEU H 542 -15.11 8.73 -18.49
C LEU H 542 -16.52 8.18 -18.36
N MET H 543 -17.51 9.05 -18.11
CA MET H 543 -18.90 8.64 -18.25
C MET H 543 -19.20 8.27 -19.70
N LYS H 544 -18.72 9.08 -20.65
CA LYS H 544 -18.79 8.69 -22.06
C LYS H 544 -17.92 7.47 -22.35
N GLU H 545 -16.90 7.25 -21.53
CA GLU H 545 -16.15 6.00 -21.57
C GLU H 545 -16.74 4.94 -20.66
N LEU H 546 -17.83 5.26 -19.97
CA LEU H 546 -18.60 4.30 -19.18
C LEU H 546 -19.86 3.84 -19.90
N ASP H 547 -20.66 4.78 -20.38
CA ASP H 547 -21.96 4.45 -20.97
C ASP H 547 -21.85 4.14 -22.46
N GLU H 548 -21.22 5.05 -23.22
CA GLU H 548 -21.02 4.78 -24.65
C GLU H 548 -20.12 3.57 -24.88
N MET H 549 -19.19 3.32 -23.96
CA MET H 549 -18.46 2.06 -23.98
C MET H 549 -19.40 0.88 -23.85
N GLY H 550 -20.43 0.99 -23.00
CA GLY H 550 -21.45 -0.03 -22.93
C GLY H 550 -22.47 0.04 -24.04
N LYS H 551 -22.52 1.16 -24.78
CA LYS H 551 -23.44 1.27 -25.89
C LYS H 551 -23.00 0.42 -27.08
N ILE H 552 -21.70 0.39 -27.35
CA ILE H 552 -21.16 -0.31 -28.52
C ILE H 552 -20.63 -1.69 -28.14
N ASN H 553 -19.81 -1.77 -27.10
CA ASN H 553 -19.15 -3.01 -26.73
C ASN H 553 -19.92 -3.83 -25.70
N SER H 554 -21.05 -3.33 -25.21
CA SER H 554 -21.93 -4.10 -24.34
C SER H 554 -23.35 -4.19 -24.84
N LYS H 555 -23.92 -3.09 -25.34
CA LYS H 555 -25.27 -3.13 -25.89
C LYS H 555 -25.24 -3.63 -27.33
N LEU H 556 -24.46 -2.95 -28.19
CA LEU H 556 -24.22 -3.43 -29.54
C LEU H 556 -23.25 -4.59 -29.57
N SER H 557 -22.86 -5.13 -28.42
CA SER H 557 -21.96 -6.29 -28.38
C SER H 557 -22.56 -7.47 -29.13
N THR H 558 -23.82 -7.79 -28.84
CA THR H 558 -24.50 -8.83 -29.60
C THR H 558 -24.68 -8.43 -31.05
N ALA H 559 -24.80 -7.13 -31.32
CA ALA H 559 -24.92 -6.63 -32.68
C ALA H 559 -23.61 -6.73 -33.45
N VAL H 560 -22.48 -6.96 -32.78
CA VAL H 560 -21.23 -7.17 -33.49
C VAL H 560 -21.25 -8.49 -34.24
N GLU H 561 -21.87 -9.52 -33.65
CA GLU H 561 -22.01 -10.80 -34.33
C GLU H 561 -22.88 -10.69 -35.57
N GLU H 562 -23.66 -9.60 -35.70
CA GLU H 562 -24.55 -9.45 -36.83
C GLU H 562 -23.81 -9.44 -38.16
N VAL H 563 -22.68 -8.72 -38.22
CA VAL H 563 -21.89 -8.72 -39.45
C VAL H 563 -21.32 -10.10 -39.71
N THR H 564 -20.82 -10.78 -38.68
CA THR H 564 -20.29 -12.13 -38.86
C THR H 564 -21.40 -13.11 -39.23
N LEU H 565 -22.57 -12.97 -38.61
CA LEU H 565 -23.65 -13.92 -38.85
C LEU H 565 -24.23 -13.76 -40.26
N GLU H 566 -24.50 -12.53 -40.69
CA GLU H 566 -25.12 -12.34 -42.00
C GLU H 566 -24.12 -12.53 -43.12
N HIS H 567 -22.87 -12.11 -42.94
CA HIS H 567 -21.86 -12.34 -43.98
C HIS H 567 -21.66 -13.82 -44.25
N ARG H 568 -22.00 -14.69 -43.29
CA ARG H 568 -22.03 -16.12 -43.55
C ARG H 568 -23.10 -16.46 -44.59
N ASN H 569 -24.23 -15.76 -44.56
CA ASN H 569 -25.31 -16.00 -45.51
C ASN H 569 -25.42 -14.93 -46.59
N LYS H 570 -25.12 -13.66 -46.27
CA LYS H 570 -25.21 -12.62 -47.28
C LYS H 570 -24.18 -12.82 -48.38
N ARG H 571 -22.98 -13.27 -48.03
CA ARG H 571 -21.99 -13.62 -49.04
C ARG H 571 -22.33 -14.95 -49.70
N GLU H 572 -22.87 -15.90 -48.93
CA GLU H 572 -23.21 -17.21 -49.48
C GLU H 572 -24.46 -17.17 -50.35
N ILE H 573 -25.38 -16.24 -50.09
CA ILE H 573 -26.58 -16.14 -50.93
C ILE H 573 -26.20 -15.69 -52.34
N VAL H 574 -25.03 -15.06 -52.51
CA VAL H 574 -24.51 -14.81 -53.85
C VAL H 574 -24.25 -16.12 -54.56
N LYS H 575 -23.66 -17.09 -53.86
CA LYS H 575 -23.44 -18.39 -54.47
C LYS H 575 -24.75 -19.13 -54.70
N HIS H 576 -25.78 -18.86 -53.88
CA HIS H 576 -27.07 -19.48 -54.09
C HIS H 576 -27.73 -19.01 -55.39
N HIS H 577 -27.68 -17.71 -55.68
CA HIS H 577 -28.41 -17.26 -56.87
C HIS H 577 -27.72 -17.69 -58.16
N ALA H 578 -26.50 -18.23 -58.09
CA ALA H 578 -25.90 -18.83 -59.26
C ALA H 578 -26.75 -19.99 -59.78
N LYS H 579 -27.54 -20.61 -58.89
CA LYS H 579 -28.53 -21.61 -59.28
C LYS H 579 -29.96 -21.23 -58.92
N ASP H 580 -30.15 -20.30 -57.98
CA ASP H 580 -31.50 -19.93 -57.57
C ASP H 580 -32.25 -19.19 -58.66
N VAL H 581 -31.56 -18.34 -59.42
CA VAL H 581 -32.19 -17.60 -60.51
C VAL H 581 -32.28 -18.53 -61.73
N GLU H 582 -31.81 -19.76 -61.57
CA GLU H 582 -31.84 -20.78 -62.61
C GLU H 582 -32.91 -21.83 -62.38
N LEU H 583 -33.10 -22.28 -61.14
CA LEU H 583 -34.05 -23.36 -60.87
C LEU H 583 -35.47 -22.93 -61.18
N GLN H 584 -35.91 -21.79 -60.63
CA GLN H 584 -37.25 -21.32 -60.93
C GLN H 584 -37.38 -20.85 -62.38
N ARG H 585 -36.28 -20.38 -62.96
CA ARG H 585 -36.30 -19.99 -64.37
C ARG H 585 -36.48 -21.21 -65.27
N ARG H 586 -35.84 -22.32 -64.93
CA ARG H 586 -35.96 -23.52 -65.76
C ARG H 586 -37.34 -24.17 -65.61
N VAL H 587 -37.88 -24.18 -64.40
CA VAL H 587 -39.11 -24.95 -64.13
C VAL H 587 -40.29 -24.35 -64.88
N PHE H 588 -40.47 -23.03 -64.78
CA PHE H 588 -41.65 -22.40 -65.37
C PHE H 588 -41.32 -21.27 -66.33
N VAL H 589 -40.29 -20.48 -66.02
CA VAL H 589 -39.98 -19.31 -66.85
C VAL H 589 -39.52 -19.73 -68.23
N ASP H 590 -38.70 -20.78 -68.32
CA ASP H 590 -38.22 -21.25 -69.61
C ASP H 590 -39.34 -21.79 -70.48
N PHE H 591 -40.49 -22.14 -69.90
CA PHE H 591 -41.61 -22.61 -70.70
C PHE H 591 -42.12 -21.54 -71.66
N PHE H 592 -41.90 -20.27 -71.35
CA PHE H 592 -42.24 -19.18 -72.26
C PHE H 592 -41.02 -18.33 -72.61
N CYS H 593 -39.82 -18.75 -72.23
CA CYS H 593 -38.61 -18.01 -72.54
C CYS H 593 -37.63 -18.74 -73.44
N ASN H 594 -37.79 -20.05 -73.63
CA ASN H 594 -36.91 -20.81 -74.52
C ASN H 594 -37.08 -20.35 -75.97
N PRO H 595 -38.31 -20.22 -76.49
CA PRO H 595 -38.45 -19.57 -77.80
C PRO H 595 -37.96 -18.12 -77.80
N GLU H 596 -38.08 -17.43 -76.68
CA GLU H 596 -37.60 -16.05 -76.59
C GLU H 596 -36.08 -15.98 -76.64
N ARG H 597 -35.39 -16.98 -76.09
CA ARG H 597 -33.94 -16.93 -75.99
C ARG H 597 -33.26 -16.89 -77.36
N LEU H 598 -33.95 -17.29 -78.41
CA LEU H 598 -33.40 -17.13 -79.76
C LEU H 598 -33.14 -15.66 -80.07
N ARG H 599 -34.09 -14.80 -79.72
CA ARG H 599 -33.87 -13.35 -79.79
C ARG H 599 -33.41 -12.77 -78.46
N ASN H 600 -33.35 -13.58 -77.40
CA ASN H 600 -32.87 -13.15 -76.09
C ASN H 600 -31.54 -13.80 -75.72
N GLN H 601 -30.75 -14.16 -76.74
CA GLN H 601 -29.44 -14.76 -76.50
C GLN H 601 -28.41 -13.77 -76.01
N VAL H 602 -28.72 -12.47 -76.03
CA VAL H 602 -27.84 -11.43 -75.50
C VAL H 602 -28.54 -10.58 -74.45
N ARG H 603 -29.79 -10.22 -74.69
CA ARG H 603 -30.52 -9.26 -73.87
C ARG H 603 -31.17 -9.91 -72.64
N GLU H 604 -30.96 -11.21 -72.43
CA GLU H 604 -31.66 -11.94 -71.38
C GLU H 604 -31.31 -11.45 -69.97
N LEU H 605 -30.25 -10.66 -69.82
CA LEU H 605 -29.91 -10.15 -68.49
C LEU H 605 -31.02 -9.27 -67.93
N ASN H 606 -31.74 -8.55 -68.79
CA ASN H 606 -32.92 -7.83 -68.34
C ASN H 606 -34.01 -8.78 -67.87
N ALA H 607 -34.16 -9.92 -68.55
CA ALA H 607 -35.07 -10.96 -68.07
C ALA H 607 -34.55 -11.63 -66.81
N LEU H 608 -33.30 -11.38 -66.43
CA LEU H 608 -32.69 -11.97 -65.25
C LEU H 608 -32.78 -11.09 -64.02
N VAL H 609 -33.08 -9.79 -64.18
CA VAL H 609 -33.04 -8.87 -63.04
C VAL H 609 -34.15 -9.20 -62.05
N ARG H 610 -35.27 -9.77 -62.49
CA ARG H 610 -36.39 -10.03 -61.60
C ARG H 610 -36.13 -11.17 -60.63
N ALA H 611 -35.04 -11.93 -60.81
CA ALA H 611 -34.71 -13.03 -59.92
C ALA H 611 -33.42 -12.82 -59.15
N ARG H 612 -32.47 -12.04 -59.69
CA ARG H 612 -31.19 -11.85 -59.01
C ARG H 612 -31.32 -10.92 -57.81
N GLN H 613 -32.07 -9.83 -57.95
CA GLN H 613 -32.22 -8.88 -56.85
C GLN H 613 -33.07 -9.44 -55.72
N ALA H 614 -33.93 -10.41 -56.00
CA ALA H 614 -34.66 -11.07 -54.93
C ALA H 614 -33.71 -11.82 -54.00
N SER H 615 -32.67 -12.45 -54.57
CA SER H 615 -31.65 -13.13 -53.79
C SER H 615 -30.77 -12.19 -53.00
N SER H 616 -30.82 -10.88 -53.28
CA SER H 616 -30.01 -9.92 -52.52
C SER H 616 -30.45 -9.84 -51.06
N SER H 617 -31.66 -10.28 -50.74
CA SER H 617 -32.13 -10.27 -49.35
C SER H 617 -31.61 -11.49 -48.61
#